data_4R71
#
_entry.id   4R71
#
_cell.length_a   99.730
_cell.length_b   115.450
_cell.length_c   178.520
_cell.angle_alpha   90.00
_cell.angle_beta   96.14
_cell.angle_gamma   90.00
#
_symmetry.space_group_name_H-M   'P 1 21 1'
#
loop_
_entity.id
_entity.type
_entity.pdbx_description
1 polymer 'Elongation factor Ts, Elongation factor Tu'
2 polymer 'RNA-directed RNA polymerase beta chain'
3 polymer '30S ribosomal protein S1'
#
loop_
_entity_poly.entity_id
_entity_poly.type
_entity_poly.pdbx_seq_one_letter_code
_entity_poly.pdbx_strand_id
1 'polypeptide(L)'
;MAEITASLVKELRERTGAGMMDCKKALTEANGDIELAIENMRKSGAIKAAKKAGNVAADGVIKTKIDGNYGIILEVNCQT
DFVAKDAGFQAFADKVLDAAVAGKITDVEVLKAQFEEERVALVAKIGENINIRRVAALEGDVLGSYQHGARIGVLVAAKG
ADEELVKHIAMHVAASKPEFIKPEDVSAEVVEKEYQVQLDIAMQSGKPKEIAEKMVEGRMKKFTGEVSLTGQPFVMEPSK
TVGQLLKEHNAEVTGFIRFEVGEGIEKVETDFAAEVAAMSKQSHMSKEKFERTKPHVNVGTIGHVDHGKTTLTAAITTVL
AKTYGGAARAFDQIDNAPEEKARGITINTSHVEYDTPTRHYAHVDCPGHADYVKNMITGAAQMDGAILVVAATDGPMPQT
REHILLGRQVGVPYIIVFLNKCDMVDDEELLELVEMEVRELLSQYDFPGDDTPIVRGSALKALEGDAEWEAKILELAGFL
DSYIPEPERAIDKPFLLPIEDVFSISGRGTVVTGRVERGIIKVGEEVEIVGIKETQKSTCTGVEMFRKLLDEGRAGENVG
VLLRGIKREEIERGQVLAKPGTIKPHTKFESEVYILSKDEGGRHTPFFKGYRPQFYFRTTDVTGTIELPEGVEMVMPGDN
IKMVVTLIHPIAMDDGLRFAIREGGRTVGAGVVAKVLSGASGAAGGGGENLYFQ
;
A,C
2 'polypeptide(L)'
;SGGGGSMSKTASSRNSLSAQLRRAANTRIEVEGNLALSIANDLLLAYGQSPFNSEAECISFSPRFDGTPDDFRINYLKAE
IMSKYDDFSLGIDTEAVAWEKFLAAEAECALTNARLYRPDYSEDFNFSLGESCIHMARRKIAKLIGDVPSVEGMLRHCRF
SGGATTTNNRSYGHPSFKFALPQACTPRALKYVLALRASTHFDTRISDISPFNKAVTVPKNSKTDRCIAIEPGWNMFFQL
GIGGILRDRLRCWGIDLNDQTINQRRAHEGSVTNNLATVDLSAASDSISLALCELLLPPGWFEVLMDLRSPKGRLPDGSV
VTYEKISSMGNGYTFELESLIFASLARSVCEILDLDSSEVTVYGDDIILPSCAVPALREVFKYVGFTTNTKKTFSEGPFR
ESCGKHYYSGVDVTPFYIRHRIVSPADLILVLNNLYRWATIDGVWDPRAHSVYLKYRKLLPKQLQRNTIPDGYGDGALVG
SVLINPFAKNRGWIRYVPVITDHTRDRERAELGSYLYDLFSRCLSESNDGLPLRGPSGCDSADLFAIDQLICRSNPTKIS
RSTGKFDIQYIACSSRVLAPYGVFQGTKVASLHEA
;
B,D
3 'polypeptide(L)'
;GTESFAQLFEESLKEIETRPGSIVRGVVVAIDKDVVLVDAGLKSESAIPAEQFKNAQGELEIQVGDEVDVALDAVEDGFG
ETLLSREKAKRHEAWITLEKAYEDAETVTGVINGKVKGGFTVELNGIRAFLPGSLVDVRPVRDTLHLEGKELEFKVIKLD
QKRNNVVVSRR
;
E,F
#
# COMPACT_ATOMS: atom_id res chain seq x y z
N ILE A 4 -23.13 -11.70 -57.36
CA ILE A 4 -24.24 -12.06 -58.21
C ILE A 4 -25.15 -10.84 -58.43
N THR A 5 -25.18 -10.36 -59.68
CA THR A 5 -25.90 -9.14 -60.02
C THR A 5 -25.24 -7.92 -59.39
N ALA A 6 -24.03 -7.61 -59.85
CA ALA A 6 -23.24 -6.54 -59.25
C ALA A 6 -23.73 -5.14 -59.66
N SER A 7 -24.36 -5.01 -60.82
CA SER A 7 -24.92 -3.73 -61.19
C SER A 7 -26.03 -3.32 -60.23
N LEU A 8 -26.83 -4.29 -59.78
CA LEU A 8 -27.93 -3.99 -58.87
C LEU A 8 -27.42 -3.62 -57.48
N VAL A 9 -26.41 -4.34 -57.00
CA VAL A 9 -25.90 -4.08 -55.65
C VAL A 9 -25.33 -2.67 -55.54
N LYS A 10 -24.79 -2.14 -56.63
CA LYS A 10 -24.33 -0.75 -56.63
C LYS A 10 -25.50 0.21 -56.45
N GLU A 11 -26.63 -0.07 -57.11
CA GLU A 11 -27.84 0.69 -56.86
C GLU A 11 -28.33 0.51 -55.43
N LEU A 12 -28.01 -0.64 -54.82
CA LEU A 12 -28.51 -0.97 -53.49
C LEU A 12 -27.83 -0.20 -52.37
N ARG A 13 -26.62 0.34 -52.62
CA ARG A 13 -25.97 1.13 -51.57
C ARG A 13 -26.80 2.34 -51.19
N GLU A 14 -27.57 2.88 -52.14
CA GLU A 14 -28.58 3.88 -51.81
C GLU A 14 -29.92 3.15 -51.63
N ARG A 15 -30.57 3.36 -50.49
CA ARG A 15 -30.13 4.32 -49.48
C ARG A 15 -29.24 3.68 -48.42
N THR A 16 -28.68 4.52 -47.55
CA THR A 16 -27.79 4.10 -46.46
C THR A 16 -26.56 3.38 -46.97
N GLY A 17 -25.43 4.09 -47.02
CA GLY A 17 -24.17 3.48 -47.42
C GLY A 17 -23.85 2.26 -46.59
N ALA A 18 -24.49 1.14 -46.90
CA ALA A 18 -24.23 -0.11 -46.20
C ALA A 18 -22.99 -0.79 -46.79
N GLY A 19 -22.48 -1.77 -46.06
CA GLY A 19 -21.31 -2.49 -46.53
C GLY A 19 -21.54 -3.07 -47.91
N MET A 20 -20.48 -3.06 -48.73
CA MET A 20 -20.58 -3.62 -50.07
C MET A 20 -21.04 -5.07 -50.00
N MET A 21 -20.40 -5.87 -49.14
CA MET A 21 -20.80 -7.27 -48.98
C MET A 21 -22.14 -7.39 -48.26
N ASP A 22 -22.47 -6.43 -47.40
CA ASP A 22 -23.77 -6.45 -46.76
C ASP A 22 -24.89 -6.29 -47.78
N CYS A 23 -24.65 -5.52 -48.84
CA CYS A 23 -25.68 -5.32 -49.86
C CYS A 23 -25.89 -6.59 -50.68
N LYS A 24 -24.80 -7.19 -51.18
CA LYS A 24 -24.96 -8.40 -51.98
C LYS A 24 -25.45 -9.56 -51.12
N LYS A 25 -24.90 -9.72 -49.92
CA LYS A 25 -25.40 -10.77 -49.03
C LYS A 25 -26.87 -10.56 -48.70
N ALA A 26 -27.31 -9.30 -48.63
CA ALA A 26 -28.73 -9.03 -48.39
C ALA A 26 -29.59 -9.38 -49.59
N LEU A 27 -29.02 -9.32 -50.79
CA LEU A 27 -29.73 -9.74 -51.99
C LEU A 27 -29.63 -11.24 -52.21
N THR A 28 -28.52 -11.86 -51.80
CA THR A 28 -28.38 -13.31 -51.90
C THR A 28 -29.51 -14.03 -51.17
N GLU A 29 -30.04 -13.44 -50.09
CA GLU A 29 -31.17 -13.98 -49.36
C GLU A 29 -32.34 -13.03 -49.56
N ALA A 30 -33.27 -13.43 -50.42
CA ALA A 30 -34.32 -12.56 -50.97
C ALA A 30 -33.76 -11.86 -52.19
N ASN A 31 -33.69 -12.57 -53.32
CA ASN A 31 -32.88 -12.16 -54.45
C ASN A 31 -33.70 -11.39 -55.47
N GLY A 32 -33.09 -10.34 -56.01
CA GLY A 32 -33.71 -9.48 -57.01
C GLY A 32 -34.50 -8.33 -56.42
N ASP A 33 -35.35 -8.63 -55.45
CA ASP A 33 -36.22 -7.62 -54.85
C ASP A 33 -35.39 -6.67 -54.00
N ILE A 34 -35.02 -5.53 -54.58
CA ILE A 34 -34.22 -4.55 -53.86
C ILE A 34 -34.99 -3.98 -52.68
N GLU A 35 -36.30 -3.82 -52.81
CA GLU A 35 -37.08 -3.25 -51.72
C GLU A 35 -37.14 -4.19 -50.53
N LEU A 36 -37.35 -5.48 -50.78
CA LEU A 36 -37.29 -6.46 -49.70
C LEU A 36 -35.93 -6.47 -49.04
N ALA A 37 -34.86 -6.40 -49.84
CA ALA A 37 -33.52 -6.40 -49.28
C ALA A 37 -33.30 -5.23 -48.34
N ILE A 38 -33.87 -4.05 -48.68
CA ILE A 38 -33.69 -2.87 -47.84
C ILE A 38 -34.32 -3.07 -46.48
N GLU A 39 -35.48 -3.74 -46.44
CA GLU A 39 -36.26 -3.82 -45.21
C GLU A 39 -35.60 -4.74 -44.19
N ASN A 40 -35.36 -6.00 -44.56
CA ASN A 40 -34.68 -6.90 -43.64
C ASN A 40 -33.23 -6.50 -43.40
N MET A 41 -32.67 -5.64 -44.27
CA MET A 41 -31.38 -5.03 -44.00
C MET A 41 -31.48 -3.88 -43.01
N ARG A 42 -32.66 -3.27 -42.90
CA ARG A 42 -32.87 -2.20 -41.93
C ARG A 42 -33.04 -2.75 -40.51
N LYS A 43 -33.91 -3.74 -40.35
CA LYS A 43 -34.12 -4.34 -39.03
C LYS A 43 -32.89 -5.12 -38.58
N SER A 44 -32.16 -5.73 -39.51
CA SER A 44 -30.90 -6.40 -39.17
C SER A 44 -29.76 -5.42 -38.95
N GLY A 45 -30.06 -4.12 -38.84
CA GLY A 45 -29.06 -3.14 -38.49
C GLY A 45 -29.07 -2.87 -36.99
N ALA A 46 -30.22 -3.10 -36.36
CA ALA A 46 -30.33 -2.88 -34.92
C ALA A 46 -29.36 -3.76 -34.14
N ILE A 47 -29.19 -5.01 -34.57
CA ILE A 47 -28.21 -5.87 -33.92
C ILE A 47 -26.80 -5.35 -34.15
N LYS A 48 -26.51 -4.88 -35.36
CA LYS A 48 -25.21 -4.27 -35.64
C LYS A 48 -24.92 -3.13 -34.68
N ALA A 49 -25.95 -2.39 -34.28
CA ALA A 49 -25.76 -1.24 -33.41
C ALA A 49 -25.44 -1.64 -31.97
N ALA A 50 -26.04 -2.74 -31.49
CA ALA A 50 -25.75 -3.20 -30.14
C ALA A 50 -24.33 -3.73 -30.00
N LYS A 51 -23.71 -4.17 -31.10
CA LYS A 51 -22.35 -4.69 -31.03
C LYS A 51 -21.32 -3.56 -30.96
N LYS A 52 -21.56 -2.46 -31.68
CA LYS A 52 -20.76 -1.26 -31.53
C LYS A 52 -20.99 -0.58 -30.19
N ALA A 53 -21.90 -1.10 -29.37
CA ALA A 53 -22.17 -0.51 -28.06
C ALA A 53 -20.94 -0.59 -27.15
N GLY A 54 -20.20 -1.69 -27.21
CA GLY A 54 -19.05 -1.83 -26.33
C GLY A 54 -17.94 -0.86 -26.63
N ASN A 55 -17.89 -0.33 -27.85
CA ASN A 55 -16.81 0.57 -28.25
C ASN A 55 -16.91 1.88 -27.48
N VAL A 56 -15.85 2.25 -26.77
CA VAL A 56 -15.83 3.50 -26.02
C VAL A 56 -16.00 4.68 -26.98
N ALA A 57 -16.82 5.64 -26.57
CA ALA A 57 -17.12 6.82 -27.38
C ALA A 57 -16.97 8.07 -26.50
N ALA A 58 -15.72 8.43 -26.20
CA ALA A 58 -15.45 9.64 -25.43
C ALA A 58 -15.25 10.87 -26.30
N ASP A 59 -15.72 10.83 -27.54
CA ASP A 59 -15.66 11.98 -28.44
C ASP A 59 -17.08 12.40 -28.82
N GLY A 60 -17.19 13.46 -29.60
CA GLY A 60 -18.50 13.95 -30.01
C GLY A 60 -18.62 15.45 -30.03
N VAL A 61 -19.80 15.96 -29.64
CA VAL A 61 -20.10 17.39 -29.73
C VAL A 61 -20.94 17.82 -28.53
N ILE A 62 -20.87 19.11 -28.25
CA ILE A 62 -21.73 19.77 -27.26
C ILE A 62 -22.51 20.85 -28.01
N LYS A 63 -23.83 20.84 -27.86
CA LYS A 63 -24.69 21.78 -28.58
C LYS A 63 -25.59 22.52 -27.59
N THR A 64 -25.86 23.80 -27.91
CA THR A 64 -26.68 24.67 -27.08
C THR A 64 -27.66 25.45 -27.96
N LYS A 65 -28.89 25.60 -27.48
CA LYS A 65 -29.93 26.36 -28.18
C LYS A 65 -30.72 27.13 -27.14
N ILE A 66 -30.97 28.41 -27.42
CA ILE A 66 -31.68 29.29 -26.49
C ILE A 66 -32.90 29.87 -27.20
N ASP A 67 -34.06 29.72 -26.56
CA ASP A 67 -35.33 30.24 -27.06
C ASP A 67 -35.98 31.05 -25.95
N GLY A 68 -35.64 32.34 -25.88
CA GLY A 68 -36.22 33.21 -24.88
C GLY A 68 -35.57 33.04 -23.54
N ASN A 69 -36.38 32.81 -22.51
CA ASN A 69 -35.91 32.55 -21.15
C ASN A 69 -35.73 31.06 -20.88
N TYR A 70 -35.21 30.31 -21.84
CA TYR A 70 -35.12 28.86 -21.74
C TYR A 70 -34.05 28.37 -22.68
N GLY A 71 -33.02 27.72 -22.14
CA GLY A 71 -31.93 27.20 -22.94
C GLY A 71 -31.69 25.74 -22.65
N ILE A 72 -31.16 25.04 -23.66
CA ILE A 72 -30.91 23.61 -23.58
C ILE A 72 -29.46 23.35 -23.96
N ILE A 73 -28.79 22.49 -23.19
CA ILE A 73 -27.45 22.02 -23.50
C ILE A 73 -27.50 20.51 -23.69
N LEU A 74 -26.69 20.01 -24.63
CA LEU A 74 -26.75 18.61 -25.06
C LEU A 74 -25.36 18.10 -25.39
N GLU A 75 -25.13 16.80 -25.18
CA GLU A 75 -23.88 16.14 -25.53
C GLU A 75 -24.18 14.84 -26.27
N VAL A 76 -23.62 14.69 -27.47
CA VAL A 76 -23.77 13.50 -28.29
C VAL A 76 -22.38 12.93 -28.55
N ASN A 77 -22.21 11.63 -28.32
CA ASN A 77 -20.91 10.98 -28.37
C ASN A 77 -20.78 10.11 -29.61
N CYS A 78 -19.64 10.24 -30.29
CA CYS A 78 -19.21 9.33 -31.33
C CYS A 78 -17.83 8.81 -30.97
N GLN A 79 -17.27 7.96 -31.82
CA GLN A 79 -16.00 7.33 -31.48
C GLN A 79 -14.80 8.21 -31.79
N THR A 80 -14.73 8.75 -33.00
CA THR A 80 -13.62 9.62 -33.39
C THR A 80 -14.16 10.98 -33.81
N ASP A 81 -13.36 12.02 -33.59
CA ASP A 81 -13.75 13.36 -33.99
C ASP A 81 -13.84 13.51 -35.50
N PHE A 82 -13.42 12.50 -36.27
CA PHE A 82 -13.70 12.48 -37.70
C PHE A 82 -15.20 12.38 -37.96
N VAL A 83 -15.89 11.59 -37.15
CA VAL A 83 -17.34 11.46 -37.26
C VAL A 83 -18.03 12.72 -36.75
N ALA A 84 -17.46 13.34 -35.71
CA ALA A 84 -18.06 14.55 -35.16
C ALA A 84 -18.06 15.70 -36.16
N LYS A 85 -17.03 15.80 -36.99
CA LYS A 85 -17.00 16.80 -38.05
C LYS A 85 -17.82 16.39 -39.27
N ASP A 86 -18.52 15.26 -39.19
CA ASP A 86 -19.20 14.67 -40.34
C ASP A 86 -20.62 15.21 -40.47
N ALA A 87 -21.06 15.38 -41.73
CA ALA A 87 -22.34 16.02 -41.99
C ALA A 87 -23.51 15.23 -41.40
N GLY A 88 -23.51 13.91 -41.62
CA GLY A 88 -24.61 13.10 -41.13
C GLY A 88 -24.72 13.13 -39.62
N PHE A 89 -23.60 12.95 -38.93
CA PHE A 89 -23.59 13.03 -37.47
C PHE A 89 -24.13 14.37 -37.00
N GLN A 90 -23.54 15.46 -37.51
CA GLN A 90 -23.99 16.80 -37.15
C GLN A 90 -25.50 16.95 -37.33
N ALA A 91 -26.01 16.56 -38.50
CA ALA A 91 -27.44 16.64 -38.75
C ALA A 91 -28.23 15.87 -37.68
N PHE A 92 -27.66 14.80 -37.14
CA PHE A 92 -28.31 14.07 -36.07
C PHE A 92 -28.40 14.92 -34.80
N ALA A 93 -27.27 15.44 -34.34
CA ALA A 93 -27.25 16.23 -33.12
C ALA A 93 -28.19 17.43 -33.22
N ASP A 94 -28.12 18.16 -34.33
CA ASP A 94 -29.01 19.30 -34.52
C ASP A 94 -30.47 18.89 -34.45
N LYS A 95 -30.80 17.73 -35.02
CA LYS A 95 -32.16 17.22 -34.95
C LYS A 95 -32.58 16.97 -33.50
N VAL A 96 -31.65 16.45 -32.69
CA VAL A 96 -31.96 16.16 -31.29
C VAL A 96 -32.11 17.44 -30.49
N LEU A 97 -31.20 18.40 -30.69
CA LEU A 97 -31.27 19.64 -29.93
C LEU A 97 -32.59 20.35 -30.16
N ASP A 98 -33.00 20.48 -31.43
CA ASP A 98 -34.28 21.11 -31.72
C ASP A 98 -35.41 20.42 -30.99
N ALA A 99 -35.38 19.09 -30.90
CA ALA A 99 -36.44 18.36 -30.21
C ALA A 99 -36.46 18.67 -28.71
N ALA A 100 -35.29 18.89 -28.11
CA ALA A 100 -35.23 19.18 -26.68
C ALA A 100 -35.82 20.56 -26.38
N VAL A 101 -35.36 21.59 -27.09
CA VAL A 101 -35.89 22.93 -26.87
C VAL A 101 -37.37 22.99 -27.24
N ALA A 102 -37.76 22.34 -28.34
CA ALA A 102 -39.13 22.43 -28.81
C ALA A 102 -40.11 21.93 -27.74
N GLY A 103 -39.82 20.78 -27.16
CA GLY A 103 -40.69 20.18 -26.17
C GLY A 103 -40.27 20.39 -24.73
N LYS A 104 -39.21 21.14 -24.47
CA LYS A 104 -38.66 21.28 -23.13
C LYS A 104 -38.38 19.92 -22.52
N ILE A 105 -37.67 19.10 -23.28
CA ILE A 105 -37.36 17.72 -22.88
C ILE A 105 -36.10 17.73 -22.04
N THR A 106 -36.24 17.42 -20.75
CA THR A 106 -35.13 17.41 -19.81
C THR A 106 -34.70 16.01 -19.40
N ASP A 107 -35.60 15.03 -19.46
CA ASP A 107 -35.26 13.64 -19.16
C ASP A 107 -34.53 13.06 -20.37
N VAL A 108 -33.22 12.83 -20.23
CA VAL A 108 -32.44 12.33 -21.35
C VAL A 108 -32.97 10.99 -21.85
N GLU A 109 -33.62 10.21 -20.99
CA GLU A 109 -34.12 8.89 -21.41
C GLU A 109 -35.30 9.02 -22.36
N VAL A 110 -36.18 10.01 -22.13
CA VAL A 110 -37.24 10.28 -23.09
C VAL A 110 -36.64 10.69 -24.43
N LEU A 111 -35.58 11.51 -24.39
CA LEU A 111 -34.91 11.91 -25.62
C LEU A 111 -34.26 10.72 -26.31
N LYS A 112 -33.55 9.87 -25.56
CA LYS A 112 -32.94 8.69 -26.14
C LYS A 112 -33.98 7.82 -26.85
N ALA A 113 -35.06 7.49 -26.16
CA ALA A 113 -36.08 6.61 -26.75
C ALA A 113 -36.70 7.22 -27.99
N GLN A 114 -36.70 8.55 -28.12
CA GLN A 114 -37.34 9.19 -29.26
C GLN A 114 -36.51 9.06 -30.52
N PHE A 115 -35.19 9.25 -30.42
CA PHE A 115 -34.30 9.19 -31.58
C PHE A 115 -33.57 7.86 -31.67
N GLU A 116 -34.18 6.78 -31.19
CA GLU A 116 -33.51 5.48 -31.24
C GLU A 116 -33.43 4.97 -32.67
N GLU A 117 -34.57 4.89 -33.36
CA GLU A 117 -34.55 4.40 -34.75
C GLU A 117 -33.59 5.22 -35.61
N GLU A 118 -33.54 6.53 -35.39
CA GLU A 118 -32.73 7.38 -36.25
C GLU A 118 -31.24 7.15 -36.01
N ARG A 119 -30.82 6.86 -34.78
CA ARG A 119 -29.40 6.70 -34.53
C ARG A 119 -28.87 5.37 -35.07
N VAL A 120 -29.63 4.29 -34.92
CA VAL A 120 -29.14 3.00 -35.40
C VAL A 120 -29.02 3.00 -36.92
N ALA A 121 -29.98 3.62 -37.62
CA ALA A 121 -29.80 3.84 -39.04
C ALA A 121 -28.60 4.73 -39.32
N LEU A 122 -28.20 5.55 -38.35
CA LEU A 122 -26.97 6.31 -38.45
C LEU A 122 -25.76 5.48 -38.03
N VAL A 123 -25.90 4.67 -36.98
CA VAL A 123 -24.81 3.81 -36.55
C VAL A 123 -24.45 2.81 -37.64
N ALA A 124 -25.45 2.07 -38.14
CA ALA A 124 -25.19 1.09 -39.19
C ALA A 124 -24.49 1.72 -40.38
N LYS A 125 -24.78 2.99 -40.68
CA LYS A 125 -24.20 3.65 -41.84
C LYS A 125 -22.78 4.16 -41.57
N ILE A 126 -22.47 4.52 -40.34
CA ILE A 126 -21.17 5.08 -39.99
C ILE A 126 -20.25 4.04 -39.36
N GLY A 127 -20.79 3.15 -38.54
CA GLY A 127 -20.00 2.10 -37.92
C GLY A 127 -19.34 2.47 -36.61
N GLU A 128 -19.68 3.60 -36.02
CA GLU A 128 -19.19 3.97 -34.71
C GLU A 128 -20.34 3.98 -33.70
N ASN A 129 -19.98 3.99 -32.43
CA ASN A 129 -20.96 3.97 -31.34
C ASN A 129 -21.42 5.40 -31.08
N ILE A 130 -22.64 5.72 -31.48
CA ILE A 130 -23.20 7.06 -31.38
C ILE A 130 -24.32 7.05 -30.34
N ASN A 131 -24.22 7.93 -29.34
CA ASN A 131 -25.23 7.97 -28.29
C ASN A 131 -25.47 9.39 -27.80
N ILE A 132 -26.73 9.69 -27.53
CA ILE A 132 -27.13 10.92 -26.84
C ILE A 132 -26.82 10.72 -25.36
N ARG A 133 -25.78 11.39 -24.87
CA ARG A 133 -25.32 11.13 -23.51
C ARG A 133 -26.23 11.79 -22.48
N ARG A 134 -26.35 13.11 -22.52
CA ARG A 134 -27.01 13.84 -21.44
C ARG A 134 -27.59 15.13 -22.02
N VAL A 135 -28.63 15.63 -21.35
CA VAL A 135 -29.27 16.88 -21.74
C VAL A 135 -29.79 17.57 -20.48
N ALA A 136 -29.55 18.87 -20.39
CA ALA A 136 -30.00 19.68 -19.27
C ALA A 136 -30.58 20.98 -19.79
N ALA A 137 -31.53 21.54 -19.02
CA ALA A 137 -32.17 22.80 -19.36
C ALA A 137 -31.90 23.83 -18.27
N LEU A 138 -31.77 25.09 -18.68
CA LEU A 138 -31.50 26.20 -17.76
C LEU A 138 -32.45 27.35 -18.04
N GLU A 139 -32.90 28.01 -16.98
CA GLU A 139 -33.80 29.14 -17.08
C GLU A 139 -33.31 30.30 -16.24
N GLY A 140 -33.76 31.49 -16.59
CA GLY A 140 -33.40 32.70 -15.86
C GLY A 140 -34.02 33.92 -16.49
N ASP A 141 -33.67 35.08 -15.94
CA ASP A 141 -34.15 36.33 -16.51
C ASP A 141 -33.42 36.68 -17.80
N VAL A 142 -32.13 36.40 -17.85
CA VAL A 142 -31.33 36.59 -19.06
C VAL A 142 -30.44 35.37 -19.22
N LEU A 143 -30.57 34.68 -20.35
CA LEU A 143 -29.73 33.53 -20.66
C LEU A 143 -28.71 33.90 -21.73
N GLY A 144 -27.55 33.28 -21.64
CA GLY A 144 -26.54 33.39 -22.67
C GLY A 144 -25.81 32.07 -22.83
N SER A 145 -25.18 31.90 -23.99
CA SER A 145 -24.47 30.67 -24.28
C SER A 145 -23.15 30.99 -24.96
N TYR A 146 -22.13 30.24 -24.59
CA TYR A 146 -20.85 30.27 -25.28
C TYR A 146 -20.49 28.87 -25.74
N GLN A 147 -19.99 28.78 -26.95
CA GLN A 147 -19.59 27.51 -27.55
C GLN A 147 -18.10 27.60 -27.88
N HIS A 148 -17.26 26.97 -27.07
CA HIS A 148 -15.83 26.98 -27.35
C HIS A 148 -15.53 25.82 -28.29
N GLY A 149 -15.58 26.11 -29.59
CA GLY A 149 -15.51 25.01 -30.51
C GLY A 149 -16.69 24.09 -30.30
N ALA A 150 -16.50 22.82 -30.63
CA ALA A 150 -17.53 21.82 -30.40
C ALA A 150 -17.29 21.01 -29.14
N ARG A 151 -16.16 21.24 -28.46
CA ARG A 151 -15.79 20.43 -27.29
C ARG A 151 -16.37 20.95 -25.99
N ILE A 152 -16.65 22.24 -25.90
CA ILE A 152 -17.15 22.87 -24.67
C ILE A 152 -18.32 23.79 -24.99
N GLY A 153 -19.35 23.75 -24.16
CA GLY A 153 -20.49 24.63 -24.30
C GLY A 153 -21.08 24.96 -22.95
N VAL A 154 -21.62 26.19 -22.83
CA VAL A 154 -22.04 26.71 -21.54
C VAL A 154 -23.37 27.46 -21.65
N LEU A 155 -24.14 27.41 -20.56
CA LEU A 155 -25.37 28.18 -20.39
C LEU A 155 -25.29 28.95 -19.08
N VAL A 156 -25.71 30.21 -19.12
CA VAL A 156 -25.59 31.11 -17.97
C VAL A 156 -26.89 31.89 -17.80
N ALA A 157 -27.35 31.99 -16.55
CA ALA A 157 -28.51 32.78 -16.19
C ALA A 157 -28.08 33.92 -15.28
N ALA A 158 -28.70 35.09 -15.44
CA ALA A 158 -28.28 36.26 -14.69
C ALA A 158 -29.46 37.21 -14.53
N LYS A 159 -29.22 38.28 -13.76
CA LYS A 159 -30.21 39.33 -13.52
C LYS A 159 -29.58 40.69 -13.77
N GLY A 160 -30.35 41.59 -14.37
CA GLY A 160 -29.88 42.95 -14.59
C GLY A 160 -28.60 43.04 -15.39
N ALA A 161 -28.28 42.02 -16.19
CA ALA A 161 -27.08 42.01 -17.00
C ALA A 161 -27.46 42.00 -18.48
N ASP A 162 -26.79 42.83 -19.27
CA ASP A 162 -26.97 42.79 -20.71
C ASP A 162 -26.32 41.52 -21.27
N GLU A 163 -26.59 41.25 -22.56
CA GLU A 163 -26.08 40.02 -23.17
C GLU A 163 -24.56 40.00 -23.17
N GLU A 164 -23.93 41.16 -23.37
CA GLU A 164 -22.48 41.22 -23.42
C GLU A 164 -21.86 40.71 -22.12
N LEU A 165 -22.36 41.20 -20.98
CA LEU A 165 -21.80 40.76 -19.71
C LEU A 165 -22.03 39.27 -19.47
N VAL A 166 -23.18 38.75 -19.90
CA VAL A 166 -23.45 37.34 -19.72
C VAL A 166 -22.58 36.50 -20.64
N LYS A 167 -22.44 36.90 -21.90
CA LYS A 167 -21.56 36.19 -22.81
C LYS A 167 -20.14 36.12 -22.24
N HIS A 168 -19.68 37.19 -21.61
CA HIS A 168 -18.36 37.17 -20.98
C HIS A 168 -18.30 36.18 -19.83
N ILE A 169 -19.35 36.13 -19.01
CA ILE A 169 -19.41 35.13 -17.94
C ILE A 169 -19.35 33.73 -18.53
N ALA A 170 -20.16 33.48 -19.56
CA ALA A 170 -20.17 32.18 -20.20
C ALA A 170 -18.78 31.78 -20.67
N MET A 171 -18.08 32.67 -21.38
CA MET A 171 -16.72 32.36 -21.79
C MET A 171 -15.83 32.06 -20.59
N HIS A 172 -15.93 32.89 -19.54
CA HIS A 172 -15.14 32.65 -18.34
C HIS A 172 -15.43 31.29 -17.72
N VAL A 173 -16.71 30.97 -17.57
CA VAL A 173 -17.10 29.66 -17.03
C VAL A 173 -16.47 28.53 -17.85
N ALA A 174 -16.39 28.71 -19.16
CA ALA A 174 -15.83 27.68 -20.01
C ALA A 174 -14.33 27.49 -19.77
N ALA A 175 -13.63 28.55 -19.36
CA ALA A 175 -12.19 28.49 -19.19
C ALA A 175 -11.74 28.20 -17.76
N SER A 176 -12.59 28.46 -16.76
CA SER A 176 -12.21 28.26 -15.36
C SER A 176 -12.97 27.13 -14.68
N LYS A 177 -13.98 26.54 -15.32
CA LYS A 177 -14.69 25.38 -14.81
C LYS A 177 -15.08 25.48 -13.34
N PRO A 178 -15.78 26.53 -12.92
CA PRO A 178 -16.26 26.61 -11.54
C PRO A 178 -17.38 25.60 -11.31
N GLU A 179 -17.59 25.26 -10.04
CA GLU A 179 -18.62 24.30 -9.66
C GLU A 179 -19.80 24.93 -8.93
N PHE A 180 -19.66 26.15 -8.44
CA PHE A 180 -20.73 26.82 -7.69
C PHE A 180 -20.79 28.29 -8.08
N ILE A 181 -21.92 28.91 -7.79
CA ILE A 181 -22.12 30.33 -8.06
C ILE A 181 -21.26 31.13 -7.10
N LYS A 182 -21.71 31.25 -5.86
CA LYS A 182 -21.00 31.91 -4.78
C LYS A 182 -20.30 30.89 -3.90
N PRO A 183 -19.24 31.28 -3.18
CA PRO A 183 -18.58 30.31 -2.28
C PRO A 183 -19.50 29.75 -1.23
N GLU A 184 -20.54 30.49 -0.84
CA GLU A 184 -21.50 29.99 0.13
C GLU A 184 -22.38 28.89 -0.45
N ASP A 185 -22.47 28.79 -1.78
CA ASP A 185 -23.33 27.79 -2.42
C ASP A 185 -22.76 26.38 -2.32
N VAL A 186 -21.47 26.22 -2.01
CA VAL A 186 -20.91 24.90 -1.86
C VAL A 186 -21.62 24.18 -0.71
N SER A 187 -21.66 22.86 -0.79
CA SER A 187 -22.43 22.06 0.18
C SER A 187 -21.91 22.30 1.59
N ALA A 188 -22.81 22.74 2.47
CA ALA A 188 -22.42 23.11 3.84
C ALA A 188 -21.91 21.92 4.64
N GLU A 189 -22.30 20.70 4.28
CA GLU A 189 -21.83 19.51 4.97
C GLU A 189 -20.84 18.68 4.15
N VAL A 190 -20.88 18.80 2.82
CA VAL A 190 -19.91 18.10 1.98
C VAL A 190 -18.53 18.73 2.10
N VAL A 191 -18.48 20.04 2.40
CA VAL A 191 -17.20 20.70 2.61
C VAL A 191 -16.60 20.30 3.96
N GLU A 192 -17.46 19.98 4.93
CA GLU A 192 -16.97 19.56 6.24
C GLU A 192 -16.14 18.28 6.17
N LYS A 193 -16.29 17.51 5.09
CA LYS A 193 -15.45 16.34 4.88
C LYS A 193 -14.05 16.74 4.45
N GLU A 194 -13.95 17.67 3.50
CA GLU A 194 -12.65 18.16 3.06
C GLU A 194 -11.90 18.84 4.21
N TYR A 195 -12.63 19.44 5.14
CA TYR A 195 -12.00 20.03 6.32
C TYR A 195 -11.37 18.94 7.19
N GLN A 196 -11.98 17.76 7.24
CA GLN A 196 -11.42 16.68 8.04
C GLN A 196 -10.20 16.06 7.38
N VAL A 197 -10.15 16.08 6.04
CA VAL A 197 -8.98 15.60 5.32
C VAL A 197 -7.78 16.51 5.56
N GLN A 198 -8.03 17.81 5.74
CA GLN A 198 -6.98 18.78 5.94
C GLN A 198 -6.63 19.00 7.41
N LEU A 199 -7.54 18.64 8.33
CA LEU A 199 -7.22 18.68 9.75
C LEU A 199 -6.31 17.53 10.18
N ASP A 200 -6.31 16.43 9.43
CA ASP A 200 -5.41 15.32 9.73
C ASP A 200 -4.01 15.59 9.15
N ILE A 201 -3.95 16.17 7.95
CA ILE A 201 -2.67 16.51 7.35
C ILE A 201 -1.97 17.61 8.13
N ALA A 202 -2.70 18.35 8.96
CA ALA A 202 -2.12 19.40 9.80
C ALA A 202 -1.82 18.91 11.22
N MET A 203 -2.72 18.14 11.82
CA MET A 203 -2.48 17.54 13.13
C MET A 203 -1.43 16.43 13.07
N GLN A 204 -0.91 16.11 11.89
CA GLN A 204 0.06 15.04 11.75
C GLN A 204 1.33 15.34 12.54
N SER A 205 1.86 16.55 12.41
CA SER A 205 3.19 16.87 12.91
C SER A 205 3.23 17.48 14.31
N GLY A 206 2.48 18.54 14.57
CA GLY A 206 1.58 19.19 13.62
C GLY A 206 0.82 20.25 14.38
N LYS A 207 0.90 20.16 15.71
CA LYS A 207 0.28 21.09 16.63
C LYS A 207 0.73 22.53 16.38
N PRO A 208 0.14 23.51 17.08
CA PRO A 208 -0.92 23.33 18.08
C PRO A 208 -2.30 23.18 17.45
N LYS A 209 -3.31 22.90 18.28
CA LYS A 209 -4.66 22.71 17.78
C LYS A 209 -5.24 24.01 17.26
N GLU A 210 -5.08 25.10 18.02
CA GLU A 210 -5.58 26.40 17.55
C GLU A 210 -4.86 26.85 16.29
N ILE A 211 -3.66 26.36 16.04
CA ILE A 211 -2.92 26.71 14.83
C ILE A 211 -3.22 25.74 13.70
N ALA A 212 -3.34 24.44 14.00
CA ALA A 212 -3.67 23.47 12.97
C ALA A 212 -5.05 23.75 12.37
N GLU A 213 -6.02 24.09 13.21
CA GLU A 213 -7.35 24.42 12.69
C GLU A 213 -7.34 25.75 11.95
N LYS A 214 -6.63 26.75 12.49
CA LYS A 214 -6.60 28.06 11.84
C LYS A 214 -5.95 27.98 10.47
N MET A 215 -4.92 27.15 10.31
CA MET A 215 -4.32 26.99 9.00
C MET A 215 -5.26 26.25 8.05
N VAL A 216 -5.96 25.23 8.56
CA VAL A 216 -6.88 24.46 7.71
C VAL A 216 -8.01 25.36 7.24
N GLU A 217 -8.75 25.98 8.17
CA GLU A 217 -9.80 26.90 7.79
C GLU A 217 -9.28 28.01 6.87
N GLY A 218 -8.00 28.35 6.97
CA GLY A 218 -7.44 29.32 6.05
C GLY A 218 -7.37 28.80 4.62
N ARG A 219 -6.79 27.60 4.45
CA ARG A 219 -6.76 26.98 3.14
C ARG A 219 -8.16 26.64 2.62
N MET A 220 -9.14 26.51 3.52
CA MET A 220 -10.50 26.21 3.10
C MET A 220 -11.11 27.38 2.33
N LYS A 221 -11.15 28.57 2.95
CA LYS A 221 -11.64 29.74 2.23
C LYS A 221 -10.88 29.98 0.94
N LYS A 222 -9.65 29.46 0.83
CA LYS A 222 -8.88 29.59 -0.40
C LYS A 222 -9.39 28.63 -1.48
N PHE A 223 -9.57 27.35 -1.11
CA PHE A 223 -10.03 26.34 -2.05
C PHE A 223 -11.56 26.17 -2.02
N THR A 224 -12.28 27.18 -1.53
CA THR A 224 -13.72 27.30 -1.75
C THR A 224 -14.07 28.62 -2.43
N GLY A 225 -13.05 29.38 -2.85
CA GLY A 225 -13.23 30.52 -3.72
C GLY A 225 -12.60 30.22 -5.06
N GLU A 226 -11.77 29.18 -5.10
CA GLU A 226 -11.26 28.65 -6.36
C GLU A 226 -12.25 27.74 -7.05
N VAL A 227 -13.35 27.40 -6.38
CA VAL A 227 -14.40 26.60 -6.97
C VAL A 227 -15.69 27.38 -7.19
N SER A 228 -15.89 28.49 -6.47
CA SER A 228 -17.03 29.36 -6.69
C SER A 228 -16.75 30.30 -7.86
N LEU A 229 -17.75 30.49 -8.71
CA LEU A 229 -17.61 31.43 -9.82
C LEU A 229 -17.24 32.81 -9.30
N THR A 230 -17.90 33.25 -8.23
CA THR A 230 -17.64 34.58 -7.69
C THR A 230 -16.18 34.74 -7.26
N GLY A 231 -15.56 33.67 -6.75
CA GLY A 231 -14.21 33.78 -6.21
C GLY A 231 -13.10 33.73 -7.25
N GLN A 232 -13.39 33.26 -8.45
CA GLN A 232 -12.37 33.08 -9.48
C GLN A 232 -12.02 34.42 -10.13
N PRO A 233 -10.74 34.65 -10.46
CA PRO A 233 -10.39 35.85 -11.23
C PRO A 233 -11.05 35.82 -12.60
N PHE A 234 -11.72 36.92 -12.94
CA PHE A 234 -12.37 37.04 -14.23
C PHE A 234 -11.35 36.89 -15.35
N VAL A 235 -11.60 35.94 -16.27
CA VAL A 235 -10.61 35.60 -17.28
C VAL A 235 -10.29 36.77 -18.19
N MET A 236 -11.20 37.72 -18.35
CA MET A 236 -10.90 38.90 -19.16
C MET A 236 -10.30 40.04 -18.35
N GLU A 237 -10.28 39.92 -17.02
CA GLU A 237 -9.69 40.93 -16.15
C GLU A 237 -9.26 40.26 -14.86
N PRO A 238 -8.13 39.54 -14.88
CA PRO A 238 -7.77 38.69 -13.73
C PRO A 238 -7.64 39.46 -12.42
N SER A 239 -7.41 40.77 -12.49
CA SER A 239 -7.20 41.56 -11.28
C SER A 239 -8.43 41.58 -10.38
N LYS A 240 -9.62 41.50 -10.96
CA LYS A 240 -10.87 41.48 -10.22
C LYS A 240 -11.51 40.10 -10.31
N THR A 241 -12.30 39.75 -9.30
CA THR A 241 -13.02 38.50 -9.30
C THR A 241 -14.35 38.66 -10.02
N VAL A 242 -14.91 37.53 -10.48
CA VAL A 242 -16.20 37.57 -11.16
C VAL A 242 -17.26 38.18 -10.25
N GLY A 243 -17.21 37.84 -8.95
CA GLY A 243 -18.12 38.49 -8.01
C GLY A 243 -18.04 40.00 -8.08
N GLN A 244 -16.82 40.54 -7.96
CA GLN A 244 -16.65 41.98 -8.06
C GLN A 244 -17.14 42.50 -9.42
N LEU A 245 -16.89 41.73 -10.48
CA LEU A 245 -17.43 42.09 -11.79
C LEU A 245 -18.94 42.19 -11.74
N LEU A 246 -19.61 41.20 -11.16
CA LEU A 246 -21.06 41.23 -11.08
C LEU A 246 -21.55 42.39 -10.21
N LYS A 247 -20.93 42.58 -9.04
CA LYS A 247 -21.38 43.63 -8.14
C LYS A 247 -21.18 45.04 -8.71
N GLU A 248 -20.34 45.18 -9.73
CA GLU A 248 -20.19 46.47 -10.40
C GLU A 248 -21.37 46.75 -11.33
N HIS A 249 -21.66 45.81 -12.22
CA HIS A 249 -22.79 45.97 -13.12
C HIS A 249 -24.12 45.73 -12.43
N ASN A 250 -24.11 45.54 -11.10
CA ASN A 250 -25.32 45.36 -10.32
C ASN A 250 -26.03 44.07 -10.68
N ALA A 251 -25.26 43.08 -11.12
CA ALA A 251 -25.77 41.85 -11.69
C ALA A 251 -25.68 40.71 -10.69
N GLU A 252 -26.29 39.59 -11.06
CA GLU A 252 -26.31 38.40 -10.22
C GLU A 252 -26.50 37.19 -11.12
N VAL A 253 -25.64 36.19 -10.96
CA VAL A 253 -25.80 34.93 -11.69
C VAL A 253 -26.81 34.07 -10.95
N THR A 254 -27.79 33.56 -11.70
CA THR A 254 -28.81 32.69 -11.14
C THR A 254 -28.51 31.21 -11.33
N GLY A 255 -27.61 30.88 -12.25
CA GLY A 255 -27.24 29.50 -12.54
C GLY A 255 -26.42 29.39 -13.80
N PHE A 256 -25.74 28.26 -13.97
CA PHE A 256 -24.93 28.02 -15.15
C PHE A 256 -24.74 26.52 -15.30
N ILE A 257 -24.41 26.10 -16.52
CA ILE A 257 -24.16 24.69 -16.84
C ILE A 257 -23.03 24.64 -17.85
N ARG A 258 -22.07 23.73 -17.62
CA ARG A 258 -20.89 23.61 -18.47
C ARG A 258 -20.68 22.16 -18.87
N PHE A 259 -20.88 21.86 -20.15
CA PHE A 259 -20.59 20.54 -20.70
C PHE A 259 -19.27 20.56 -21.46
N GLU A 260 -18.48 19.50 -21.27
CA GLU A 260 -17.26 19.26 -22.02
C GLU A 260 -17.28 17.82 -22.51
N VAL A 261 -16.87 17.60 -23.76
CA VAL A 261 -17.06 16.30 -24.40
C VAL A 261 -16.21 15.25 -23.72
N GLY A 262 -16.85 14.15 -23.31
CA GLY A 262 -16.15 13.05 -22.69
C GLY A 262 -15.87 13.21 -21.21
N GLU A 263 -16.30 14.31 -20.61
CA GLU A 263 -16.16 14.54 -19.18
C GLU A 263 -16.53 13.29 -18.38
N GLY A 264 -15.61 12.82 -17.56
CA GLY A 264 -15.86 11.70 -16.69
C GLY A 264 -15.84 10.35 -17.36
N ILE A 265 -15.65 10.29 -18.67
CA ILE A 265 -15.47 9.02 -19.36
C ILE A 265 -14.03 8.57 -19.21
N GLU A 266 -13.83 7.27 -19.06
CA GLU A 266 -12.49 6.69 -18.96
C GLU A 266 -11.79 6.84 -20.31
N LYS A 267 -10.86 7.81 -20.38
CA LYS A 267 -10.12 8.09 -21.62
C LYS A 267 -9.01 7.06 -21.77
N VAL A 268 -9.38 5.91 -22.34
CA VAL A 268 -8.45 4.79 -22.45
C VAL A 268 -7.28 5.18 -23.33
N GLU A 269 -6.07 5.13 -22.77
CA GLU A 269 -4.87 5.47 -23.53
C GLU A 269 -4.51 4.33 -24.47
N THR A 270 -4.07 4.69 -25.68
CA THR A 270 -3.77 3.71 -26.72
C THR A 270 -2.33 3.87 -27.16
N ASP A 271 -1.62 2.74 -27.25
CA ASP A 271 -0.21 2.71 -27.63
C ASP A 271 -0.12 2.05 -29.00
N PHE A 272 -0.10 2.89 -30.06
CA PHE A 272 -0.07 2.37 -31.41
C PHE A 272 1.14 1.47 -31.65
N ALA A 273 2.32 1.90 -31.22
CA ALA A 273 3.51 1.07 -31.37
C ALA A 273 3.33 -0.27 -30.68
N ALA A 274 2.76 -0.26 -29.46
CA ALA A 274 2.57 -1.50 -28.73
C ALA A 274 1.64 -2.45 -29.48
N GLU A 275 0.52 -1.93 -29.99
CA GLU A 275 -0.44 -2.77 -30.70
C GLU A 275 0.15 -3.34 -31.97
N VAL A 276 0.82 -2.50 -32.76
CA VAL A 276 1.45 -2.98 -33.99
C VAL A 276 2.56 -3.98 -33.66
N ALA A 277 3.45 -3.61 -32.74
CA ALA A 277 4.56 -4.50 -32.39
C ALA A 277 4.07 -5.81 -31.82
N ALA A 278 3.07 -5.76 -30.93
CA ALA A 278 2.58 -6.98 -30.29
C ALA A 278 2.00 -7.96 -31.32
N MET A 279 1.47 -7.43 -32.42
CA MET A 279 0.85 -8.26 -33.45
C MET A 279 1.84 -8.79 -34.48
N SER A 280 3.05 -8.24 -34.51
CA SER A 280 4.02 -8.60 -35.52
C SER A 280 4.56 -10.02 -35.31
N LYS A 281 5.20 -10.54 -36.34
CA LYS A 281 5.82 -11.87 -36.34
C LYS A 281 4.90 -12.90 -35.67
N GLN A 282 3.74 -13.09 -36.28
CA GLN A 282 2.75 -14.04 -35.79
C GLN A 282 2.95 -15.42 -36.41
N SER A 286 28.60 2.75 -53.38
CA SER A 286 29.25 2.13 -52.23
C SER A 286 28.23 1.42 -51.34
N LYS A 287 28.46 0.13 -51.09
CA LYS A 287 27.52 -0.61 -50.24
C LYS A 287 27.54 -0.11 -48.81
N GLU A 288 28.68 0.37 -48.32
CA GLU A 288 28.76 0.91 -46.97
C GLU A 288 28.08 2.27 -46.89
N LYS A 289 28.47 3.19 -47.77
CA LYS A 289 27.89 4.53 -47.79
C LYS A 289 26.44 4.52 -48.25
N PHE A 290 26.01 3.47 -48.96
CA PHE A 290 24.60 3.32 -49.30
C PHE A 290 23.74 3.30 -48.04
N GLU A 291 24.12 2.48 -47.06
CA GLU A 291 23.27 2.25 -45.90
C GLU A 291 23.09 3.52 -45.07
N ARG A 292 24.15 4.30 -44.88
CA ARG A 292 24.04 5.53 -44.10
C ARG A 292 23.47 6.69 -44.92
N THR A 293 23.20 6.49 -46.20
CA THR A 293 22.57 7.51 -47.03
C THR A 293 21.13 7.17 -47.38
N LYS A 294 20.61 6.06 -46.89
CA LYS A 294 19.25 5.65 -47.24
C LYS A 294 18.25 6.73 -46.82
N PRO A 295 17.38 7.16 -47.73
CA PRO A 295 16.43 8.23 -47.40
C PRO A 295 15.47 7.84 -46.27
N HIS A 296 15.06 8.84 -45.50
CA HIS A 296 14.05 8.68 -44.46
C HIS A 296 12.73 9.28 -44.95
N VAL A 297 11.65 8.49 -44.82
CA VAL A 297 10.34 8.90 -45.29
C VAL A 297 9.33 8.65 -44.18
N ASN A 298 8.41 9.58 -44.00
CA ASN A 298 7.36 9.48 -42.99
C ASN A 298 6.02 9.26 -43.67
N VAL A 299 5.26 8.29 -43.16
CA VAL A 299 3.95 7.94 -43.68
C VAL A 299 3.01 7.76 -42.50
N GLY A 300 1.73 7.55 -42.81
CA GLY A 300 0.74 7.31 -41.78
C GLY A 300 -0.51 6.66 -42.32
N THR A 301 -1.11 5.74 -41.56
CA THR A 301 -2.37 5.13 -41.95
C THR A 301 -3.53 5.94 -41.40
N ILE A 302 -4.54 6.16 -42.24
CA ILE A 302 -5.69 6.99 -41.88
C ILE A 302 -6.93 6.40 -42.53
N GLY A 303 -7.86 5.92 -41.71
CA GLY A 303 -9.08 5.33 -42.22
C GLY A 303 -9.99 4.95 -41.07
N HIS A 304 -11.10 4.30 -41.41
CA HIS A 304 -12.06 3.89 -40.39
C HIS A 304 -11.38 3.03 -39.34
N VAL A 305 -11.94 3.03 -38.13
CA VAL A 305 -11.31 2.33 -37.02
C VAL A 305 -11.37 0.82 -37.23
N ASP A 306 -12.57 0.28 -37.46
CA ASP A 306 -12.75 -1.16 -37.60
C ASP A 306 -12.20 -1.71 -38.91
N HIS A 307 -11.59 -0.87 -39.75
CA HIS A 307 -10.99 -1.35 -40.99
C HIS A 307 -9.58 -1.89 -40.77
N GLY A 308 -9.11 -1.90 -39.53
CA GLY A 308 -7.84 -2.54 -39.20
C GLY A 308 -6.63 -1.87 -39.79
N LYS A 309 -6.47 -0.56 -39.58
CA LYS A 309 -5.20 0.08 -39.91
C LYS A 309 -4.07 -0.51 -39.08
N THR A 310 -4.37 -0.89 -37.84
CA THR A 310 -3.35 -1.37 -36.93
C THR A 310 -2.86 -2.77 -37.31
N THR A 311 -3.69 -3.56 -37.98
CA THR A 311 -3.26 -4.88 -38.43
C THR A 311 -2.57 -4.83 -39.80
N LEU A 312 -2.92 -3.87 -40.65
CA LEU A 312 -2.18 -3.65 -41.89
C LEU A 312 -0.75 -3.21 -41.59
N THR A 313 -0.60 -2.23 -40.69
CA THR A 313 0.74 -1.78 -40.32
C THR A 313 1.53 -2.89 -39.65
N ALA A 314 0.86 -3.80 -38.94
CA ALA A 314 1.54 -4.96 -38.38
C ALA A 314 1.94 -5.94 -39.47
N ALA A 315 1.21 -5.97 -40.58
CA ALA A 315 1.58 -6.83 -41.71
C ALA A 315 2.76 -6.24 -42.48
N ILE A 316 2.75 -4.92 -42.70
CA ILE A 316 3.85 -4.26 -43.40
C ILE A 316 5.17 -4.50 -42.68
N THR A 317 5.14 -4.58 -41.35
CA THR A 317 6.38 -4.76 -40.59
C THR A 317 6.90 -6.19 -40.73
N THR A 318 6.00 -7.18 -40.67
CA THR A 318 6.43 -8.57 -40.61
C THR A 318 6.80 -9.11 -41.99
N VAL A 319 6.08 -8.70 -43.04
CA VAL A 319 6.41 -9.18 -44.38
C VAL A 319 7.70 -8.54 -44.87
N LEU A 320 7.93 -7.27 -44.54
CA LEU A 320 9.22 -6.67 -44.86
C LEU A 320 10.35 -7.29 -44.05
N ALA A 321 10.04 -7.85 -42.87
CA ALA A 321 11.05 -8.56 -42.10
C ALA A 321 11.27 -9.97 -42.64
N LYS A 322 10.19 -10.65 -43.03
CA LYS A 322 10.31 -12.00 -43.59
C LYS A 322 11.01 -12.00 -44.94
N THR A 323 10.90 -10.91 -45.70
CA THR A 323 11.46 -10.83 -47.04
C THR A 323 12.85 -10.21 -47.08
N TYR A 324 13.11 -9.20 -46.26
CA TYR A 324 14.39 -8.50 -46.29
C TYR A 324 15.17 -8.59 -44.98
N GLY A 325 14.58 -9.16 -43.93
CA GLY A 325 15.31 -9.37 -42.70
C GLY A 325 15.56 -8.13 -41.85
N GLY A 326 14.57 -7.25 -41.75
CA GLY A 326 14.70 -6.04 -40.96
C GLY A 326 15.60 -5.01 -41.59
N THR A 349 4.66 10.78 -29.81
CA THR A 349 5.25 10.38 -31.08
C THR A 349 5.32 8.86 -31.20
N SER A 350 4.28 8.18 -30.71
CA SER A 350 4.24 6.73 -30.80
C SER A 350 4.25 6.31 -32.26
N HIS A 351 5.44 5.98 -32.77
CA HIS A 351 5.62 5.68 -34.18
C HIS A 351 6.21 4.28 -34.33
N VAL A 352 6.04 3.73 -35.54
CA VAL A 352 6.55 2.42 -35.90
C VAL A 352 7.33 2.58 -37.21
N GLU A 353 8.38 1.78 -37.36
CA GLU A 353 9.26 1.93 -38.52
C GLU A 353 9.64 0.58 -39.09
N TYR A 354 9.80 0.57 -40.42
CA TYR A 354 10.22 -0.61 -41.18
C TYR A 354 11.15 -0.14 -42.30
N ASP A 355 11.68 -1.10 -43.06
CA ASP A 355 12.67 -0.81 -44.08
C ASP A 355 12.34 -1.52 -45.38
N THR A 356 12.48 -0.81 -46.49
CA THR A 356 12.56 -1.39 -47.81
C THR A 356 13.99 -1.26 -48.34
N PRO A 357 14.33 -2.00 -49.40
CA PRO A 357 15.71 -1.96 -49.89
C PRO A 357 16.21 -0.57 -50.21
N THR A 358 15.32 0.33 -50.64
CA THR A 358 15.71 1.64 -51.13
C THR A 358 15.57 2.76 -50.09
N ARG A 359 14.75 2.58 -49.06
CA ARG A 359 14.51 3.68 -48.14
C ARG A 359 13.99 3.15 -46.80
N HIS A 360 14.13 3.98 -45.77
CA HIS A 360 13.69 3.68 -44.42
C HIS A 360 12.45 4.51 -44.08
N TYR A 361 11.44 3.86 -43.51
CA TYR A 361 10.14 4.47 -43.28
C TYR A 361 9.85 4.65 -41.79
N ALA A 362 9.06 5.69 -41.51
CA ALA A 362 8.54 5.95 -40.17
C ALA A 362 7.02 6.02 -40.26
N HIS A 363 6.34 5.10 -39.59
CA HIS A 363 4.91 4.89 -39.76
C HIS A 363 4.18 5.30 -38.49
N VAL A 364 3.28 6.28 -38.61
CA VAL A 364 2.47 6.75 -37.50
C VAL A 364 1.00 6.56 -37.86
N ASP A 365 0.15 6.63 -36.83
CA ASP A 365 -1.28 6.44 -36.99
C ASP A 365 -2.02 7.74 -36.68
N CYS A 366 -3.04 8.04 -37.48
CA CYS A 366 -3.81 9.27 -37.30
C CYS A 366 -5.20 8.96 -36.77
N PRO A 367 -5.35 8.77 -35.47
CA PRO A 367 -6.68 8.43 -34.94
C PRO A 367 -7.66 9.59 -34.92
N GLY A 368 -7.17 10.82 -34.74
CA GLY A 368 -8.06 11.96 -34.62
C GLY A 368 -7.61 13.11 -35.51
N HIS A 369 -8.57 13.98 -35.83
CA HIS A 369 -8.29 15.12 -36.69
C HIS A 369 -7.46 16.17 -35.96
N ALA A 370 -7.88 16.54 -34.74
CA ALA A 370 -7.11 17.52 -33.97
C ALA A 370 -5.77 16.95 -33.53
N ASP A 371 -5.72 15.65 -33.22
CA ASP A 371 -4.47 15.05 -32.77
C ASP A 371 -3.35 15.22 -33.79
N TYR A 372 -3.66 15.00 -35.08
CA TYR A 372 -2.59 15.08 -36.06
C TYR A 372 -2.17 16.51 -36.34
N VAL A 373 -3.12 17.45 -36.39
CA VAL A 373 -2.75 18.84 -36.64
C VAL A 373 -1.88 19.37 -35.53
N LYS A 374 -2.15 18.96 -34.28
CA LYS A 374 -1.28 19.37 -33.18
C LYS A 374 0.15 18.91 -33.43
N ASN A 375 0.31 17.64 -33.82
CA ASN A 375 1.64 17.12 -34.11
C ASN A 375 2.20 17.68 -35.41
N MET A 376 1.33 17.94 -36.40
CA MET A 376 1.79 18.59 -37.62
C MET A 376 2.41 19.95 -37.31
N ILE A 377 1.97 20.59 -36.24
CA ILE A 377 2.45 21.93 -35.90
C ILE A 377 3.73 21.83 -35.08
N THR A 378 3.73 20.99 -34.05
CA THR A 378 4.90 20.87 -33.18
C THR A 378 6.10 20.31 -33.95
N GLY A 379 5.85 19.58 -35.02
CA GLY A 379 6.90 18.88 -35.73
C GLY A 379 7.09 17.44 -35.29
N ALA A 380 6.29 16.97 -34.32
CA ALA A 380 6.37 15.61 -33.79
C ALA A 380 5.73 14.58 -34.70
N ALA A 381 5.34 14.96 -35.92
CA ALA A 381 4.69 14.05 -36.84
C ALA A 381 4.43 14.71 -38.19
N GLN A 382 5.37 14.58 -39.13
CA GLN A 382 5.28 15.22 -40.44
C GLN A 382 5.29 14.16 -41.53
N MET A 383 4.12 13.88 -42.11
CA MET A 383 4.02 12.86 -43.13
C MET A 383 4.44 13.37 -44.50
N ASP A 384 5.12 12.52 -45.25
CA ASP A 384 5.36 12.76 -46.67
C ASP A 384 4.30 12.13 -47.56
N GLY A 385 3.50 11.21 -47.01
CA GLY A 385 2.39 10.61 -47.71
C GLY A 385 1.60 9.77 -46.74
N ALA A 386 0.33 9.54 -47.07
CA ALA A 386 -0.59 8.84 -46.18
C ALA A 386 -1.17 7.63 -46.87
N ILE A 387 -1.54 6.63 -46.07
CA ILE A 387 -2.12 5.39 -46.58
C ILE A 387 -3.58 5.33 -46.14
N LEU A 388 -4.47 5.81 -47.01
CA LEU A 388 -5.90 5.70 -46.76
C LEU A 388 -6.32 4.23 -46.81
N VAL A 389 -6.93 3.74 -45.74
CA VAL A 389 -7.24 2.32 -45.59
C VAL A 389 -8.76 2.16 -45.59
N VAL A 390 -9.28 1.47 -46.61
CA VAL A 390 -10.71 1.22 -46.76
C VAL A 390 -10.93 -0.29 -46.82
N ALA A 391 -11.75 -0.80 -45.91
CA ALA A 391 -12.13 -2.21 -45.96
C ALA A 391 -13.06 -2.45 -47.14
N ALA A 392 -12.62 -3.29 -48.08
CA ALA A 392 -13.44 -3.54 -49.26
C ALA A 392 -14.81 -4.10 -48.90
N THR A 393 -14.90 -4.84 -47.80
CA THR A 393 -16.19 -5.38 -47.36
C THR A 393 -17.18 -4.27 -47.02
N ASP A 394 -16.70 -3.08 -46.68
CA ASP A 394 -17.57 -1.95 -46.38
C ASP A 394 -17.65 -0.93 -47.50
N GLY A 395 -16.56 -0.73 -48.25
CA GLY A 395 -16.44 0.40 -49.14
C GLY A 395 -16.09 1.62 -48.33
N PRO A 396 -16.07 2.79 -48.96
CA PRO A 396 -15.84 4.02 -48.19
C PRO A 396 -16.96 4.26 -47.20
N MET A 397 -16.62 4.91 -46.10
CA MET A 397 -17.58 5.29 -45.07
C MET A 397 -17.99 6.74 -45.24
N PRO A 398 -19.06 7.16 -44.56
CA PRO A 398 -19.40 8.60 -44.59
C PRO A 398 -18.29 9.47 -44.04
N GLN A 399 -17.65 9.05 -42.96
CA GLN A 399 -16.53 9.82 -42.42
C GLN A 399 -15.24 9.61 -43.19
N THR A 400 -15.23 8.76 -44.23
CA THR A 400 -14.07 8.69 -45.09
C THR A 400 -13.82 10.03 -45.78
N ARG A 401 -14.88 10.81 -46.00
CA ARG A 401 -14.72 12.15 -46.56
C ARG A 401 -13.84 13.01 -45.66
N GLU A 402 -14.15 13.04 -44.36
CA GLU A 402 -13.33 13.81 -43.43
C GLU A 402 -11.91 13.28 -43.33
N HIS A 403 -11.73 11.96 -43.41
CA HIS A 403 -10.40 11.39 -43.41
C HIS A 403 -9.55 11.97 -44.54
N ILE A 404 -10.06 11.90 -45.77
CA ILE A 404 -9.31 12.43 -46.91
C ILE A 404 -9.13 13.93 -46.79
N LEU A 405 -10.13 14.63 -46.24
CA LEU A 405 -10.06 16.08 -46.11
C LEU A 405 -8.93 16.51 -45.18
N LEU A 406 -8.79 15.82 -44.05
CA LEU A 406 -7.67 16.07 -43.14
C LEU A 406 -6.36 16.08 -43.91
N GLY A 407 -6.14 15.08 -44.77
CA GLY A 407 -4.94 15.05 -45.58
C GLY A 407 -4.78 16.31 -46.41
N ARG A 408 -5.88 16.87 -46.89
CA ARG A 408 -5.82 18.12 -47.64
C ARG A 408 -5.37 19.27 -46.75
N GLN A 409 -5.90 19.34 -45.52
CA GLN A 409 -5.70 20.51 -44.67
C GLN A 409 -4.33 20.55 -44.01
N VAL A 410 -3.67 19.40 -43.82
CA VAL A 410 -2.28 19.39 -43.37
C VAL A 410 -1.30 19.39 -44.53
N GLY A 411 -1.79 19.33 -45.76
CA GLY A 411 -0.92 19.39 -46.93
C GLY A 411 -0.24 18.08 -47.27
N VAL A 412 -0.92 16.95 -47.08
CA VAL A 412 -0.34 15.65 -47.39
C VAL A 412 -0.05 15.59 -48.89
N PRO A 413 1.21 15.47 -49.30
CA PRO A 413 1.52 15.49 -50.74
C PRO A 413 0.80 14.41 -51.54
N TYR A 414 0.75 13.18 -51.02
CA TYR A 414 0.24 12.06 -51.80
C TYR A 414 -0.50 11.09 -50.90
N ILE A 415 -1.56 10.48 -51.45
CA ILE A 415 -2.35 9.49 -50.76
C ILE A 415 -2.35 8.20 -51.57
N ILE A 416 -2.05 7.10 -50.90
CA ILE A 416 -2.09 5.76 -51.49
C ILE A 416 -3.20 5.00 -50.79
N VAL A 417 -4.02 4.31 -51.57
CA VAL A 417 -5.16 3.57 -51.04
C VAL A 417 -4.79 2.11 -50.90
N PHE A 418 -5.14 1.50 -49.77
CA PHE A 418 -5.00 0.06 -49.57
C PHE A 418 -6.38 -0.50 -49.21
N LEU A 419 -7.01 -1.17 -50.16
CA LEU A 419 -8.27 -1.86 -49.90
C LEU A 419 -7.98 -3.10 -49.05
N ASN A 420 -8.43 -3.08 -47.80
CA ASN A 420 -8.17 -4.17 -46.88
C ASN A 420 -9.32 -5.17 -46.89
N LYS A 421 -9.02 -6.40 -46.47
CA LYS A 421 -10.02 -7.45 -46.34
C LYS A 421 -10.63 -7.82 -47.69
N CYS A 422 -9.83 -7.79 -48.75
CA CYS A 422 -10.31 -8.19 -50.06
C CYS A 422 -10.59 -9.68 -50.17
N ASP A 423 -10.05 -10.48 -49.24
CA ASP A 423 -10.26 -11.92 -49.31
C ASP A 423 -11.71 -12.32 -49.08
N MET A 424 -12.52 -11.44 -48.50
CA MET A 424 -13.91 -11.75 -48.21
C MET A 424 -14.89 -11.11 -49.19
N VAL A 425 -14.38 -10.44 -50.22
CA VAL A 425 -15.21 -9.84 -51.26
C VAL A 425 -15.36 -10.84 -52.39
N ASP A 426 -16.56 -11.39 -52.55
CA ASP A 426 -16.77 -12.50 -53.46
C ASP A 426 -16.58 -12.09 -54.92
N ASP A 427 -17.35 -11.11 -55.36
CA ASP A 427 -17.36 -10.69 -56.76
C ASP A 427 -16.29 -9.64 -57.00
N GLU A 428 -15.53 -9.79 -58.09
CA GLU A 428 -14.47 -8.84 -58.40
C GLU A 428 -15.03 -7.51 -58.90
N GLU A 429 -16.21 -7.53 -59.53
CA GLU A 429 -16.85 -6.28 -59.91
C GLU A 429 -17.12 -5.42 -58.68
N LEU A 430 -17.28 -6.04 -57.51
CA LEU A 430 -17.49 -5.28 -56.28
C LEU A 430 -16.24 -4.53 -55.86
N LEU A 431 -15.07 -5.16 -56.04
CA LEU A 431 -13.81 -4.47 -55.71
C LEU A 431 -13.61 -3.26 -56.61
N GLU A 432 -13.95 -3.37 -57.89
CA GLU A 432 -13.67 -2.28 -58.81
C GLU A 432 -14.57 -1.08 -58.54
N LEU A 433 -15.86 -1.30 -58.31
CA LEU A 433 -16.76 -0.20 -57.99
C LEU A 433 -16.46 0.41 -56.63
N VAL A 434 -15.66 -0.27 -55.79
CA VAL A 434 -15.11 0.38 -54.60
C VAL A 434 -13.99 1.32 -54.98
N GLU A 435 -13.11 0.89 -55.90
CA GLU A 435 -12.06 1.79 -56.40
C GLU A 435 -12.67 3.07 -56.95
N MET A 436 -13.70 2.96 -57.79
CA MET A 436 -14.33 4.14 -58.36
C MET A 436 -14.84 5.08 -57.28
N GLU A 437 -15.41 4.53 -56.21
CA GLU A 437 -15.84 5.37 -55.09
C GLU A 437 -14.65 6.11 -54.48
N VAL A 438 -13.57 5.37 -54.18
CA VAL A 438 -12.40 5.98 -53.55
C VAL A 438 -11.79 7.02 -54.47
N ARG A 439 -11.59 6.66 -55.75
CA ARG A 439 -10.94 7.60 -56.67
C ARG A 439 -11.77 8.86 -56.86
N GLU A 440 -13.11 8.75 -56.83
CA GLU A 440 -13.94 9.95 -56.94
C GLU A 440 -13.81 10.82 -55.70
N LEU A 441 -13.79 10.21 -54.51
CA LEU A 441 -13.61 10.98 -53.29
C LEU A 441 -12.27 11.71 -53.29
N LEU A 442 -11.19 11.03 -53.67
CA LEU A 442 -9.91 11.70 -53.78
C LEU A 442 -9.99 12.86 -54.76
N SER A 443 -10.62 12.64 -55.92
CA SER A 443 -10.75 13.70 -56.90
C SER A 443 -11.56 14.88 -56.35
N GLN A 444 -12.48 14.62 -55.43
CA GLN A 444 -13.26 15.70 -54.82
C GLN A 444 -12.42 16.57 -53.90
N TYR A 445 -11.13 16.28 -53.75
CA TYR A 445 -10.24 17.10 -52.93
C TYR A 445 -8.90 17.31 -53.62
N ASP A 446 -8.91 17.40 -54.95
CA ASP A 446 -7.76 17.77 -55.76
C ASP A 446 -6.68 16.69 -55.78
N PHE A 447 -6.98 15.48 -55.27
CA PHE A 447 -6.03 14.38 -55.30
C PHE A 447 -6.13 13.64 -56.65
N PRO A 448 -4.99 13.25 -57.23
CA PRO A 448 -5.03 12.58 -58.54
C PRO A 448 -5.77 11.25 -58.48
N GLY A 449 -7.10 11.31 -58.45
CA GLY A 449 -7.90 10.10 -58.31
C GLY A 449 -7.67 9.10 -59.42
N ASP A 450 -7.60 9.57 -60.66
CA ASP A 450 -7.37 8.68 -61.79
C ASP A 450 -6.00 8.01 -61.74
N ASP A 451 -5.10 8.51 -60.90
CA ASP A 451 -3.73 7.99 -60.84
C ASP A 451 -3.38 7.40 -59.48
N THR A 452 -4.30 7.44 -58.52
CA THR A 452 -3.98 7.04 -57.15
C THR A 452 -3.74 5.54 -57.07
N PRO A 453 -2.54 5.10 -56.71
CA PRO A 453 -2.29 3.66 -56.55
C PRO A 453 -3.18 3.05 -55.48
N ILE A 454 -3.96 2.04 -55.88
CA ILE A 454 -4.86 1.34 -54.97
C ILE A 454 -4.49 -0.14 -54.99
N VAL A 455 -4.09 -0.66 -53.84
CA VAL A 455 -3.64 -2.04 -53.71
C VAL A 455 -4.79 -2.87 -53.16
N ARG A 456 -5.25 -3.85 -53.94
CA ARG A 456 -6.33 -4.73 -53.52
C ARG A 456 -5.71 -5.92 -52.80
N GLY A 457 -5.57 -5.79 -51.48
CA GLY A 457 -4.94 -6.82 -50.69
C GLY A 457 -5.70 -7.20 -49.45
N SER A 458 -5.03 -7.88 -48.52
CA SER A 458 -5.66 -8.32 -47.28
C SER A 458 -4.62 -8.30 -46.17
N ALA A 459 -4.86 -7.47 -45.14
CA ALA A 459 -3.92 -7.38 -44.03
C ALA A 459 -3.99 -8.61 -43.14
N LEU A 460 -5.16 -8.89 -42.58
CA LEU A 460 -5.33 -10.03 -41.69
C LEU A 460 -4.89 -11.33 -42.33
N LYS A 461 -4.77 -11.37 -43.65
CA LYS A 461 -4.39 -12.58 -44.37
C LYS A 461 -2.89 -12.69 -44.61
N ALA A 462 -2.18 -11.57 -44.65
CA ALA A 462 -0.75 -11.57 -44.90
C ALA A 462 0.08 -11.95 -43.67
N LEU A 463 -0.53 -12.01 -42.49
CA LEU A 463 0.20 -12.35 -41.28
C LEU A 463 0.33 -13.86 -41.08
N GLU A 464 -0.53 -14.66 -41.73
CA GLU A 464 -0.35 -16.11 -41.66
C GLU A 464 0.88 -16.54 -42.45
N GLY A 465 0.97 -16.12 -43.71
CA GLY A 465 2.01 -16.56 -44.61
C GLY A 465 1.46 -16.81 -45.99
N ASP A 466 0.24 -16.35 -46.25
CA ASP A 466 -0.39 -16.49 -47.55
C ASP A 466 0.35 -15.62 -48.55
N ALA A 467 1.22 -16.23 -49.35
CA ALA A 467 2.03 -15.46 -50.30
C ALA A 467 1.16 -14.66 -51.26
N GLU A 468 0.00 -15.19 -51.66
CA GLU A 468 -0.86 -14.45 -52.58
C GLU A 468 -1.24 -13.09 -51.99
N TRP A 469 -1.48 -13.04 -50.69
CA TRP A 469 -1.77 -11.78 -50.01
C TRP A 469 -0.54 -11.14 -49.38
N GLU A 470 0.48 -11.94 -49.04
CA GLU A 470 1.75 -11.37 -48.62
C GLU A 470 2.41 -10.59 -49.75
N ALA A 471 2.16 -10.99 -51.00
CA ALA A 471 2.71 -10.26 -52.13
C ALA A 471 2.03 -8.91 -52.32
N LYS A 472 0.75 -8.81 -51.94
CA LYS A 472 0.05 -7.53 -52.02
C LYS A 472 0.60 -6.53 -51.02
N ILE A 473 1.10 -7.02 -49.88
CA ILE A 473 1.76 -6.14 -48.92
C ILE A 473 3.03 -5.56 -49.52
N LEU A 474 3.82 -6.41 -50.20
CA LEU A 474 5.00 -5.90 -50.88
C LEU A 474 4.62 -4.96 -52.02
N GLU A 475 3.46 -5.18 -52.64
CA GLU A 475 3.01 -4.26 -53.69
C GLU A 475 2.75 -2.87 -53.14
N LEU A 476 2.06 -2.78 -52.00
CA LEU A 476 1.90 -1.49 -51.34
C LEU A 476 3.26 -0.87 -51.02
N ALA A 477 4.18 -1.67 -50.46
CA ALA A 477 5.52 -1.17 -50.17
C ALA A 477 6.19 -0.61 -51.42
N GLY A 478 5.98 -1.26 -52.57
CA GLY A 478 6.55 -0.76 -53.80
C GLY A 478 6.02 0.62 -54.16
N PHE A 479 4.72 0.85 -53.95
CA PHE A 479 4.14 2.16 -54.25
C PHE A 479 4.69 3.23 -53.32
N LEU A 480 4.84 2.92 -52.03
CA LEU A 480 5.49 3.85 -51.12
C LEU A 480 6.85 4.26 -51.65
N ASP A 481 7.61 3.31 -52.18
CA ASP A 481 8.91 3.63 -52.75
C ASP A 481 8.78 4.39 -54.07
N SER A 482 7.74 4.11 -54.84
CA SER A 482 7.57 4.69 -56.17
C SER A 482 6.67 5.92 -56.19
N TYR A 483 5.59 5.93 -55.39
CA TYR A 483 4.65 7.03 -55.44
C TYR A 483 5.05 8.20 -54.53
N ILE A 484 5.53 7.91 -53.33
CA ILE A 484 5.94 8.94 -52.38
C ILE A 484 7.36 9.40 -52.71
N PRO A 485 7.56 10.65 -53.12
CA PRO A 485 8.89 11.08 -53.56
C PRO A 485 9.86 11.25 -52.39
N GLU A 486 11.13 11.14 -52.70
CA GLU A 486 12.18 11.35 -51.70
C GLU A 486 12.15 12.81 -51.27
N PRO A 487 11.93 13.11 -49.99
CA PRO A 487 11.95 14.51 -49.55
C PRO A 487 13.28 15.17 -49.91
N GLU A 488 13.23 16.48 -50.14
CA GLU A 488 14.41 17.21 -50.55
C GLU A 488 15.38 17.32 -49.37
N ARG A 489 16.58 16.77 -49.54
CA ARG A 489 17.57 16.80 -48.47
C ARG A 489 18.06 18.24 -48.25
N ALA A 490 18.34 18.56 -46.98
CA ALA A 490 18.71 19.94 -46.65
C ALA A 490 19.96 20.39 -47.39
N ILE A 491 20.83 19.46 -47.77
CA ILE A 491 22.05 19.82 -48.50
C ILE A 491 21.71 20.38 -49.88
N ASP A 492 20.60 19.93 -50.48
CA ASP A 492 20.21 20.36 -51.82
C ASP A 492 19.49 21.70 -51.84
N LYS A 493 19.13 22.25 -50.68
CA LYS A 493 18.39 23.50 -50.61
C LYS A 493 19.35 24.68 -50.63
N PRO A 494 18.82 25.90 -50.80
CA PRO A 494 19.71 27.08 -50.83
C PRO A 494 20.36 27.33 -49.47
N PHE A 495 21.60 27.81 -49.52
CA PHE A 495 22.37 28.01 -48.31
C PHE A 495 21.68 28.98 -47.34
N LEU A 496 21.68 28.62 -46.06
CA LEU A 496 21.15 29.49 -45.02
C LEU A 496 21.76 29.08 -43.69
N LEU A 497 22.25 30.05 -42.94
CA LEU A 497 22.91 29.80 -41.66
C LEU A 497 22.40 30.77 -40.60
N PRO A 498 21.61 30.29 -39.64
CA PRO A 498 21.12 31.17 -38.57
C PRO A 498 22.24 31.69 -37.69
N ILE A 499 22.49 32.99 -37.76
CA ILE A 499 23.59 33.61 -37.01
C ILE A 499 23.28 33.56 -35.52
N GLU A 500 24.26 33.12 -34.73
CA GLU A 500 24.09 33.06 -33.28
C GLU A 500 24.91 34.11 -32.52
N ASP A 501 25.91 34.70 -33.15
CA ASP A 501 26.74 35.72 -32.49
C ASP A 501 27.73 36.25 -33.52
N VAL A 502 28.26 37.42 -33.25
CA VAL A 502 29.21 38.06 -34.15
C VAL A 502 30.48 38.38 -33.38
N PHE A 503 31.61 38.35 -34.09
CA PHE A 503 32.91 38.59 -33.49
C PHE A 503 33.76 39.46 -34.41
N SER A 504 34.60 40.29 -33.80
CA SER A 504 35.48 41.21 -34.52
C SER A 504 36.93 40.81 -34.25
N ILE A 505 37.40 39.81 -34.98
CA ILE A 505 38.75 39.26 -34.79
C ILE A 505 39.79 40.29 -35.23
N SER A 506 40.35 41.02 -34.26
CA SER A 506 41.34 42.04 -34.56
C SER A 506 42.47 41.47 -35.40
N GLY A 507 42.79 42.18 -36.49
CA GLY A 507 43.80 41.76 -37.44
C GLY A 507 43.26 40.95 -38.61
N ARG A 508 42.06 40.38 -38.49
CA ARG A 508 41.51 39.53 -39.54
C ARG A 508 40.23 40.12 -40.10
N GLY A 509 39.13 40.14 -39.34
CA GLY A 509 37.89 40.67 -39.83
C GLY A 509 36.72 40.14 -39.04
N THR A 510 35.53 40.48 -39.52
CA THR A 510 34.29 40.06 -38.88
C THR A 510 33.99 38.61 -39.21
N VAL A 511 33.44 37.89 -38.23
CA VAL A 511 33.08 36.49 -38.40
C VAL A 511 31.84 36.20 -37.57
N VAL A 512 30.91 35.44 -38.17
CA VAL A 512 29.70 35.02 -37.49
C VAL A 512 29.74 33.50 -37.30
N THR A 513 28.87 33.01 -36.43
CA THR A 513 28.88 31.59 -36.08
C THR A 513 27.46 31.05 -36.02
N GLY A 514 27.38 29.74 -36.16
CA GLY A 514 26.12 29.02 -36.22
C GLY A 514 26.31 27.74 -37.00
N ARG A 515 25.28 26.89 -36.98
CA ARG A 515 25.30 25.66 -37.75
C ARG A 515 24.49 25.86 -39.03
N VAL A 516 25.10 25.52 -40.16
CA VAL A 516 24.46 25.68 -41.47
C VAL A 516 23.19 24.85 -41.51
N GLU A 517 22.04 25.52 -41.65
CA GLU A 517 20.77 24.83 -41.67
C GLU A 517 20.54 24.10 -42.99
N ARG A 518 20.85 24.76 -44.11
CA ARG A 518 20.66 24.16 -45.43
C ARG A 518 21.73 24.67 -46.38
N GLY A 519 22.09 23.82 -47.35
CA GLY A 519 22.94 24.24 -48.44
C GLY A 519 24.43 24.09 -48.16
N ILE A 520 25.20 24.88 -48.89
CA ILE A 520 26.66 24.84 -48.80
C ILE A 520 27.19 26.25 -49.03
N ILE A 521 28.05 26.71 -48.13
CA ILE A 521 28.72 28.00 -48.26
C ILE A 521 30.20 27.75 -48.59
N LYS A 522 30.66 28.34 -49.68
CA LYS A 522 32.04 28.18 -50.14
C LYS A 522 32.76 29.51 -50.04
N VAL A 523 34.09 29.44 -49.85
CA VAL A 523 34.89 30.66 -49.82
C VAL A 523 34.85 31.33 -51.18
N GLY A 524 34.74 32.65 -51.17
CA GLY A 524 34.54 33.41 -52.38
C GLY A 524 33.09 33.60 -52.77
N GLU A 525 32.21 32.71 -52.32
CA GLU A 525 30.79 32.88 -52.58
C GLU A 525 30.24 34.10 -51.84
N GLU A 526 29.31 34.80 -52.47
CA GLU A 526 28.69 35.96 -51.86
C GLU A 526 27.44 35.56 -51.09
N VAL A 527 27.07 36.38 -50.10
CA VAL A 527 25.94 36.09 -49.22
C VAL A 527 25.21 37.37 -48.86
N GLU A 528 24.01 37.20 -48.31
CA GLU A 528 23.18 38.28 -47.77
C GLU A 528 22.95 38.06 -46.27
N ILE A 529 22.84 39.16 -45.53
CA ILE A 529 22.47 39.12 -44.11
C ILE A 529 21.03 39.61 -44.02
N VAL A 530 20.10 38.70 -43.76
CA VAL A 530 18.67 38.96 -43.89
C VAL A 530 18.00 38.92 -42.52
N GLY A 531 17.15 39.91 -42.24
CA GLY A 531 16.33 39.90 -41.06
C GLY A 531 16.64 41.04 -40.11
N ILE A 532 15.65 41.44 -39.31
CA ILE A 532 15.85 42.43 -38.25
C ILE A 532 16.08 43.82 -38.84
N LYS A 533 17.21 44.00 -39.53
CA LYS A 533 17.52 45.27 -40.16
C LYS A 533 17.51 45.12 -41.67
N GLU A 534 17.91 46.17 -42.39
CA GLU A 534 17.99 46.10 -43.84
C GLU A 534 18.92 44.97 -44.25
N THR A 535 18.47 44.15 -45.20
CA THR A 535 19.29 43.04 -45.66
C THR A 535 20.47 43.57 -46.47
N GLN A 536 21.67 43.08 -46.15
CA GLN A 536 22.90 43.56 -46.75
C GLN A 536 23.68 42.37 -47.30
N LYS A 537 24.65 42.66 -48.17
CA LYS A 537 25.41 41.63 -48.86
C LYS A 537 26.88 41.68 -48.44
N SER A 538 27.53 40.53 -48.48
CA SER A 538 28.94 40.41 -48.17
C SER A 538 29.49 39.18 -48.88
N THR A 539 30.82 39.10 -48.94
CA THR A 539 31.51 37.97 -49.55
C THR A 539 32.18 37.12 -48.48
N CYS A 540 32.03 35.81 -48.59
CA CYS A 540 32.64 34.89 -47.63
C CYS A 540 34.14 34.81 -47.88
N THR A 541 34.93 35.25 -46.89
CA THR A 541 36.38 35.23 -46.99
C THR A 541 37.00 33.95 -46.45
N GLY A 542 36.24 33.15 -45.72
CA GLY A 542 36.74 31.88 -45.22
C GLY A 542 35.77 31.21 -44.26
N VAL A 543 35.78 29.88 -44.24
CA VAL A 543 34.97 29.09 -43.33
C VAL A 543 35.91 28.41 -42.34
N GLU A 544 35.49 28.33 -41.08
CA GLU A 544 36.38 27.97 -40.00
C GLU A 544 35.69 27.07 -38.99
N MET A 545 36.44 26.10 -38.47
CA MET A 545 36.07 25.27 -37.33
C MET A 545 37.15 25.36 -36.27
N PHE A 546 36.98 24.61 -35.18
CA PHE A 546 38.04 24.52 -34.20
C PHE A 546 39.09 23.50 -34.64
N ARG A 547 38.64 22.32 -35.07
CA ARG A 547 39.58 21.27 -35.47
C ARG A 547 40.54 21.75 -36.55
N LYS A 548 40.05 22.53 -37.51
CA LYS A 548 40.87 23.01 -38.61
C LYS A 548 40.15 24.18 -39.27
N LEU A 549 40.69 24.63 -40.40
CA LEU A 549 40.02 25.58 -41.27
C LEU A 549 39.58 24.85 -42.53
N LEU A 550 38.42 25.24 -43.05
CA LEU A 550 37.78 24.52 -44.14
C LEU A 550 37.70 25.41 -45.38
N ASP A 551 37.28 24.80 -46.48
CA ASP A 551 36.98 25.54 -47.70
C ASP A 551 35.49 25.81 -47.87
N GLU A 552 34.64 24.91 -47.39
CA GLU A 552 33.20 25.07 -47.52
C GLU A 552 32.54 24.74 -46.18
N GLY A 553 31.32 25.24 -46.01
CA GLY A 553 30.49 24.89 -44.89
C GLY A 553 29.28 24.10 -45.35
N ARG A 554 29.27 22.80 -45.08
CA ARG A 554 28.16 21.95 -45.49
C ARG A 554 27.07 21.93 -44.43
N ALA A 555 25.85 21.61 -44.87
CA ALA A 555 24.70 21.65 -43.98
C ALA A 555 24.87 20.70 -42.81
N GLY A 556 24.52 21.17 -41.62
CA GLY A 556 24.68 20.42 -40.40
C GLY A 556 26.00 20.62 -39.69
N GLU A 557 26.94 21.33 -40.30
CA GLU A 557 28.24 21.59 -39.71
C GLU A 557 28.23 22.93 -38.98
N ASN A 558 28.71 22.93 -37.74
CA ASN A 558 28.91 24.18 -37.01
C ASN A 558 30.18 24.85 -37.47
N VAL A 559 30.09 26.12 -37.84
CA VAL A 559 31.21 26.84 -38.43
C VAL A 559 31.14 28.31 -38.05
N GLY A 560 32.24 29.00 -38.26
CA GLY A 560 32.28 30.45 -38.35
C GLY A 560 32.49 30.82 -39.80
N VAL A 561 31.78 31.85 -40.25
CA VAL A 561 31.90 32.34 -41.61
C VAL A 561 32.53 33.71 -41.55
N LEU A 562 33.77 33.81 -42.04
CA LEU A 562 34.44 35.10 -42.14
C LEU A 562 33.84 35.90 -43.28
N LEU A 563 33.53 37.16 -43.01
CA LEU A 563 32.82 38.01 -43.96
C LEU A 563 33.65 39.23 -44.30
N ARG A 564 33.56 39.65 -45.56
CA ARG A 564 34.34 40.77 -46.07
C ARG A 564 33.59 42.09 -45.86
N GLY A 565 34.32 43.11 -45.44
CA GLY A 565 33.81 44.46 -45.39
C GLY A 565 32.88 44.79 -44.24
N ILE A 566 31.83 44.00 -44.08
CA ILE A 566 30.81 44.29 -43.07
C ILE A 566 31.42 44.25 -41.68
N LYS A 567 30.97 45.16 -40.81
CA LYS A 567 31.46 45.26 -39.45
C LYS A 567 30.53 44.57 -38.47
N ARG A 568 31.08 44.23 -37.29
CA ARG A 568 30.31 43.49 -36.30
C ARG A 568 29.09 44.26 -35.82
N GLU A 569 29.16 45.59 -35.80
CA GLU A 569 28.05 46.39 -35.32
C GLU A 569 26.81 46.27 -36.22
N GLU A 570 27.00 45.84 -37.47
CA GLU A 570 25.92 45.77 -38.45
C GLU A 570 25.27 44.40 -38.54
N ILE A 571 25.70 43.44 -37.72
CA ILE A 571 25.15 42.09 -37.70
C ILE A 571 24.69 41.78 -36.28
N GLU A 572 23.76 40.84 -36.16
CA GLU A 572 23.33 40.46 -34.83
C GLU A 572 22.47 39.20 -34.90
N ARG A 573 22.44 38.48 -33.78
CA ARG A 573 21.71 37.23 -33.68
C ARG A 573 20.25 37.41 -34.11
N GLY A 574 19.69 36.35 -34.69
CA GLY A 574 18.35 36.44 -35.26
C GLY A 574 18.42 36.54 -36.77
N GLN A 575 19.39 37.28 -37.28
CA GLN A 575 19.58 37.32 -38.73
C GLN A 575 20.07 35.96 -39.23
N VAL A 576 20.12 35.83 -40.56
CA VAL A 576 20.62 34.63 -41.20
C VAL A 576 21.50 35.03 -42.37
N LEU A 577 22.58 34.28 -42.58
CA LEU A 577 23.28 34.33 -43.84
C LEU A 577 22.52 33.51 -44.88
N ALA A 578 22.51 33.97 -46.12
CA ALA A 578 21.82 33.20 -47.13
C ALA A 578 22.33 33.61 -48.51
N LYS A 579 22.17 32.71 -49.46
CA LYS A 579 22.56 33.02 -50.82
C LYS A 579 21.75 34.23 -51.29
N PRO A 580 22.40 35.23 -51.87
CA PRO A 580 21.67 36.45 -52.28
C PRO A 580 20.40 36.14 -53.07
N GLY A 581 19.26 36.51 -52.51
CA GLY A 581 17.99 36.38 -53.20
C GLY A 581 17.25 35.09 -52.98
N THR A 582 17.57 34.32 -51.93
CA THR A 582 16.90 33.04 -51.68
C THR A 582 15.77 33.16 -50.68
N ILE A 583 16.08 33.61 -49.46
CA ILE A 583 15.10 33.89 -48.43
C ILE A 583 14.99 35.40 -48.28
N LYS A 584 13.80 35.87 -47.97
CA LYS A 584 13.61 37.31 -47.81
C LYS A 584 12.89 37.62 -46.51
N PRO A 585 12.94 38.87 -46.06
CA PRO A 585 12.36 39.23 -44.77
C PRO A 585 10.87 39.50 -44.87
N HIS A 586 10.17 39.20 -43.78
CA HIS A 586 8.75 39.45 -43.69
C HIS A 586 8.39 39.83 -42.26
N THR A 587 7.23 40.47 -42.12
CA THR A 587 6.78 40.98 -40.83
C THR A 587 5.39 40.46 -40.49
N LYS A 588 4.55 40.26 -41.51
CA LYS A 588 3.17 39.82 -41.37
C LYS A 588 3.00 38.48 -42.06
N PHE A 589 2.32 37.53 -41.40
CA PHE A 589 2.18 36.20 -41.97
C PHE A 589 1.03 35.46 -41.30
N GLU A 590 0.53 34.43 -41.98
CA GLU A 590 -0.49 33.53 -41.48
C GLU A 590 0.16 32.26 -40.93
N SER A 591 -0.48 31.65 -39.92
CA SER A 591 0.15 30.51 -39.26
C SER A 591 -0.88 29.58 -38.64
N GLU A 592 -0.54 28.28 -38.63
CA GLU A 592 -1.19 27.30 -37.76
C GLU A 592 -0.45 27.30 -36.42
N VAL A 593 -1.20 27.26 -35.33
CA VAL A 593 -0.63 27.42 -34.00
C VAL A 593 -1.22 26.43 -33.03
N TYR A 594 -0.40 25.93 -32.12
CA TYR A 594 -0.83 25.14 -30.98
C TYR A 594 -0.37 25.81 -29.69
N ILE A 595 -1.33 26.03 -28.78
CA ILE A 595 -1.08 26.61 -27.47
C ILE A 595 -0.99 25.47 -26.46
N LEU A 596 0.13 25.40 -25.74
CA LEU A 596 0.32 24.31 -24.78
C LEU A 596 -0.78 24.31 -23.72
N SER A 597 -1.07 23.12 -23.20
CA SER A 597 -2.07 22.95 -22.15
C SER A 597 -1.47 23.27 -20.78
N LYS A 598 -2.31 23.18 -19.75
CA LYS A 598 -1.83 23.41 -18.39
C LYS A 598 -0.80 22.36 -17.99
N ASP A 599 -1.16 21.07 -18.07
CA ASP A 599 -0.23 20.01 -17.68
C ASP A 599 1.01 19.95 -18.56
N GLU A 600 1.03 20.62 -19.71
CA GLU A 600 2.21 20.67 -20.56
C GLU A 600 3.14 21.82 -20.18
N GLY A 601 2.96 22.40 -18.98
CA GLY A 601 3.76 23.53 -18.59
C GLY A 601 3.47 24.80 -19.37
N GLY A 602 2.28 24.90 -19.96
CA GLY A 602 1.89 26.05 -20.73
C GLY A 602 1.07 27.04 -19.93
N ARG A 603 0.38 27.92 -20.64
CA ARG A 603 -0.41 28.94 -19.97
C ARG A 603 -1.41 28.32 -19.02
N HIS A 604 -1.72 29.07 -17.97
CA HIS A 604 -2.70 28.68 -16.98
C HIS A 604 -4.11 29.13 -17.34
N THR A 605 -4.22 30.17 -18.18
CA THR A 605 -5.46 30.86 -18.50
C THR A 605 -5.58 31.16 -19.99
N PRO A 606 -6.76 31.56 -20.46
CA PRO A 606 -6.93 31.87 -21.88
C PRO A 606 -6.46 33.29 -22.22
N PHE A 607 -6.16 33.49 -23.50
CA PHE A 607 -5.86 34.82 -24.03
C PHE A 607 -6.88 35.19 -25.10
N PHE A 608 -6.95 36.50 -25.38
CA PHE A 608 -8.00 37.05 -26.24
C PHE A 608 -7.46 37.93 -27.35
N LYS A 609 -8.29 38.89 -27.80
CA LYS A 609 -8.10 39.52 -29.10
C LYS A 609 -6.77 40.24 -29.23
N GLY A 610 -6.21 40.74 -28.14
CA GLY A 610 -5.02 41.55 -28.24
C GLY A 610 -3.70 40.89 -27.87
N TYR A 611 -3.66 39.56 -27.90
CA TYR A 611 -2.48 38.82 -27.43
C TYR A 611 -1.20 39.40 -28.04
N ARG A 612 -0.17 39.55 -27.21
CA ARG A 612 1.09 40.16 -27.62
C ARG A 612 2.26 39.40 -27.00
N PRO A 613 2.53 38.18 -27.47
CA PRO A 613 3.63 37.38 -26.91
C PRO A 613 4.93 37.49 -27.69
N GLN A 614 5.88 36.60 -27.39
CA GLN A 614 7.18 36.56 -28.04
C GLN A 614 7.22 35.40 -29.03
N PHE A 615 7.65 35.67 -30.25
CA PHE A 615 7.78 34.67 -31.30
C PHE A 615 9.25 34.37 -31.53
N TYR A 616 9.65 33.12 -31.32
CA TYR A 616 11.04 32.70 -31.40
C TYR A 616 11.32 32.08 -32.77
N PHE A 617 12.27 32.66 -33.50
CA PHE A 617 12.60 32.22 -34.85
C PHE A 617 14.09 31.85 -34.93
N ARG A 618 14.37 30.56 -34.84
CA ARG A 618 15.72 30.03 -34.99
C ARG A 618 16.60 30.37 -33.81
N THR A 619 17.00 31.64 -33.69
CA THR A 619 17.96 32.03 -32.68
C THR A 619 17.48 33.09 -31.70
N THR A 620 16.36 33.76 -31.96
CA THR A 620 16.03 34.92 -31.15
C THR A 620 14.52 35.13 -31.09
N ASP A 621 14.12 35.92 -30.10
CA ASP A 621 12.72 36.28 -29.90
C ASP A 621 12.41 37.59 -30.61
N VAL A 622 11.21 37.65 -31.20
CA VAL A 622 10.69 38.88 -31.79
C VAL A 622 9.23 39.01 -31.38
N THR A 623 8.89 40.17 -30.83
CA THR A 623 7.54 40.41 -30.34
C THR A 623 6.57 40.57 -31.50
N GLY A 624 5.34 40.08 -31.32
CA GLY A 624 4.33 40.18 -32.35
C GLY A 624 2.93 40.19 -31.77
N THR A 625 1.99 40.56 -32.62
CA THR A 625 0.57 40.65 -32.29
C THR A 625 -0.23 39.74 -33.22
N ILE A 626 -1.37 39.27 -32.73
CA ILE A 626 -2.14 38.23 -33.41
C ILE A 626 -3.48 38.78 -33.89
N GLU A 627 -4.01 38.14 -34.92
CA GLU A 627 -5.36 38.40 -35.42
C GLU A 627 -6.11 37.07 -35.42
N LEU A 628 -7.00 36.89 -34.45
CA LEU A 628 -7.76 35.64 -34.36
C LEU A 628 -8.72 35.52 -35.54
N PRO A 629 -9.00 34.30 -35.99
CA PRO A 629 -9.98 34.12 -37.06
C PRO A 629 -11.34 34.65 -36.64
N GLU A 630 -12.17 34.96 -37.64
CA GLU A 630 -13.53 35.37 -37.36
C GLU A 630 -14.25 34.29 -36.56
N GLY A 631 -15.13 34.72 -35.65
CA GLY A 631 -15.85 33.83 -34.77
C GLY A 631 -15.08 33.52 -33.51
N VAL A 632 -13.76 33.39 -33.61
CA VAL A 632 -12.92 33.10 -32.46
C VAL A 632 -12.70 34.38 -31.67
N GLU A 633 -13.09 34.35 -30.40
CA GLU A 633 -12.80 35.45 -29.49
C GLU A 633 -11.90 35.05 -28.33
N MET A 634 -11.86 33.77 -27.97
CA MET A 634 -11.08 33.30 -26.83
C MET A 634 -10.31 32.05 -27.23
N VAL A 635 -9.00 32.08 -27.01
CA VAL A 635 -8.13 30.92 -27.20
C VAL A 635 -7.80 30.33 -25.84
N MET A 636 -7.99 29.04 -25.70
CA MET A 636 -7.71 28.37 -24.44
C MET A 636 -6.44 27.54 -24.54
N PRO A 637 -5.83 27.20 -23.39
CA PRO A 637 -4.67 26.31 -23.43
C PRO A 637 -5.03 24.97 -24.04
N GLY A 638 -4.13 24.46 -24.89
CA GLY A 638 -4.39 23.22 -25.60
C GLY A 638 -5.29 23.35 -26.81
N ASP A 639 -5.35 24.53 -27.42
CA ASP A 639 -6.20 24.78 -28.57
C ASP A 639 -5.37 24.79 -29.86
N ASN A 640 -5.95 24.24 -30.92
CA ASN A 640 -5.47 24.57 -32.26
C ASN A 640 -6.11 25.87 -32.71
N ILE A 641 -5.40 26.59 -33.57
CA ILE A 641 -5.92 27.86 -34.04
C ILE A 641 -5.06 28.42 -35.16
N LYS A 642 -5.71 29.07 -36.12
CA LYS A 642 -5.03 29.86 -37.12
C LYS A 642 -5.01 31.32 -36.68
N MET A 643 -3.99 32.05 -37.11
CA MET A 643 -3.94 33.46 -36.72
C MET A 643 -2.86 34.18 -37.52
N VAL A 644 -3.11 35.45 -37.81
CA VAL A 644 -2.22 36.26 -38.63
C VAL A 644 -1.36 37.09 -37.68
N VAL A 645 -0.05 36.80 -37.67
CA VAL A 645 0.89 37.42 -36.74
C VAL A 645 1.63 38.54 -37.45
N THR A 646 1.87 39.63 -36.73
CA THR A 646 2.61 40.78 -37.24
C THR A 646 3.74 41.09 -36.27
N LEU A 647 4.98 40.94 -36.74
CA LEU A 647 6.13 41.06 -35.85
C LEU A 647 6.62 42.50 -35.76
N ILE A 648 7.31 42.80 -34.66
CA ILE A 648 7.87 44.14 -34.48
C ILE A 648 9.05 44.36 -35.41
N HIS A 649 9.77 43.29 -35.77
CA HIS A 649 10.91 43.38 -36.66
C HIS A 649 10.76 42.36 -37.78
N PRO A 650 11.32 42.64 -38.94
CA PRO A 650 11.29 41.65 -40.03
C PRO A 650 12.16 40.45 -39.67
N ILE A 651 11.80 39.30 -40.23
CA ILE A 651 12.51 38.07 -39.93
C ILE A 651 12.63 37.24 -41.21
N ALA A 652 13.85 36.78 -41.50
CA ALA A 652 14.07 35.91 -42.64
C ALA A 652 13.25 34.65 -42.50
N MET A 653 12.15 34.55 -43.26
CA MET A 653 11.24 33.43 -43.10
C MET A 653 10.61 33.09 -44.43
N ASP A 654 10.17 31.84 -44.55
CA ASP A 654 9.45 31.37 -45.71
C ASP A 654 8.41 30.36 -45.24
N ASP A 655 7.52 29.98 -46.16
CA ASP A 655 6.42 29.10 -45.78
C ASP A 655 6.94 27.77 -45.24
N GLY A 656 6.36 27.33 -44.13
CA GLY A 656 6.73 26.09 -43.48
C GLY A 656 7.65 26.25 -42.29
N LEU A 657 8.26 27.42 -42.14
CA LEU A 657 9.14 27.67 -41.00
C LEU A 657 8.38 27.54 -39.70
N ARG A 658 8.95 26.82 -38.74
CA ARG A 658 8.34 26.64 -37.44
C ARG A 658 8.92 27.62 -36.43
N PHE A 659 8.12 27.93 -35.41
CA PHE A 659 8.53 28.89 -34.41
C PHE A 659 7.91 28.54 -33.07
N ALA A 660 8.59 28.93 -31.99
CA ALA A 660 8.07 28.82 -30.65
C ALA A 660 7.40 30.14 -30.24
N ILE A 661 6.35 30.03 -29.44
CA ILE A 661 5.69 31.17 -28.84
C ILE A 661 6.01 31.18 -27.36
N ARG A 662 6.68 32.22 -26.90
CA ARG A 662 7.18 32.24 -25.53
C ARG A 662 6.76 33.53 -24.82
N GLU A 663 6.56 33.41 -23.51
CA GLU A 663 6.27 34.53 -22.63
C GLU A 663 7.47 34.72 -21.71
N GLY A 664 8.50 35.38 -22.23
CA GLY A 664 9.70 35.63 -21.45
C GLY A 664 10.41 34.37 -21.01
N GLY A 665 10.76 33.51 -21.96
CA GLY A 665 11.47 32.29 -21.66
C GLY A 665 10.57 31.07 -21.60
N ARG A 666 9.40 31.22 -20.99
CA ARG A 666 8.47 30.10 -20.85
C ARG A 666 7.80 29.82 -22.19
N THR A 667 8.10 28.67 -22.78
CA THR A 667 7.44 28.26 -24.00
C THR A 667 5.97 27.99 -23.72
N VAL A 668 5.08 28.73 -24.39
CA VAL A 668 3.65 28.60 -24.18
C VAL A 668 2.94 27.99 -25.39
N GLY A 669 3.65 27.76 -26.48
CA GLY A 669 3.08 27.14 -27.66
C GLY A 669 4.06 27.27 -28.81
N ALA A 670 3.71 26.65 -29.92
CA ALA A 670 4.50 26.76 -31.13
C ALA A 670 3.58 26.82 -32.33
N GLY A 671 4.13 27.22 -33.48
CA GLY A 671 3.35 27.37 -34.68
C GLY A 671 4.11 27.05 -35.95
N VAL A 672 3.47 27.25 -37.10
CA VAL A 672 4.06 26.98 -38.40
C VAL A 672 3.64 28.08 -39.36
N VAL A 673 4.60 28.78 -39.95
CA VAL A 673 4.30 29.81 -40.94
C VAL A 673 3.58 29.17 -42.12
N ALA A 674 2.29 29.46 -42.27
CA ALA A 674 1.51 28.88 -43.36
C ALA A 674 1.52 29.75 -44.61
N LYS A 675 1.41 31.07 -44.47
CA LYS A 675 1.42 31.97 -45.61
C LYS A 675 2.13 33.25 -45.23
N VAL A 676 3.15 33.61 -46.03
CA VAL A 676 3.78 34.92 -45.90
C VAL A 676 2.85 35.98 -46.47
N LEU A 677 2.96 37.21 -45.95
CA LEU A 677 2.05 38.28 -46.34
C LEU A 677 2.75 39.59 -46.70
N SER A 678 1.97 40.63 -46.95
CA SER A 678 2.47 41.97 -47.23
C SER A 678 1.57 43.04 -46.61
N MET B 7 23.93 55.90 -8.76
CA MET B 7 23.22 55.64 -10.01
C MET B 7 22.16 56.71 -10.26
N SER B 8 21.76 56.84 -11.53
CA SER B 8 20.74 57.83 -11.90
C SER B 8 19.40 57.17 -12.17
N LYS B 9 18.31 57.80 -11.73
CA LYS B 9 18.40 59.10 -11.05
C LYS B 9 17.62 59.10 -9.74
N THR B 10 17.93 60.08 -8.89
CA THR B 10 17.22 60.30 -7.64
C THR B 10 16.60 61.69 -7.55
N ALA B 11 16.71 62.50 -8.60
CA ALA B 11 16.17 63.84 -8.59
C ALA B 11 14.64 63.81 -8.61
N SER B 12 14.05 65.00 -8.48
CA SER B 12 12.60 65.13 -8.56
C SER B 12 12.07 64.93 -9.98
N SER B 13 12.95 64.83 -10.97
CA SER B 13 12.52 64.56 -12.33
C SER B 13 11.96 63.14 -12.43
N ARG B 14 11.05 62.95 -13.37
CA ARG B 14 10.35 61.68 -13.53
C ARG B 14 9.50 61.39 -12.31
N ASN B 15 8.69 60.33 -12.40
CA ASN B 15 7.76 59.96 -11.35
C ASN B 15 7.24 58.57 -11.69
N SER B 16 7.71 58.03 -12.81
CA SER B 16 7.27 56.72 -13.26
C SER B 16 7.44 55.70 -12.14
N LEU B 17 6.53 54.73 -12.11
CA LEU B 17 6.54 53.73 -11.06
C LEU B 17 7.92 53.13 -10.87
N SER B 18 8.65 52.91 -11.97
CA SER B 18 9.99 52.33 -11.87
C SER B 18 10.96 53.26 -11.15
N ALA B 19 10.96 54.55 -11.50
CA ALA B 19 11.85 55.49 -10.84
C ALA B 19 11.61 55.52 -9.34
N GLN B 20 10.35 55.39 -8.93
CA GLN B 20 10.04 55.38 -7.51
C GLN B 20 10.44 54.07 -6.85
N LEU B 21 10.12 52.95 -7.50
CA LEU B 21 10.50 51.65 -6.96
C LEU B 21 12.02 51.46 -6.97
N ARG B 22 12.69 51.94 -8.03
CA ARG B 22 14.14 51.90 -8.06
C ARG B 22 14.73 52.71 -6.92
N ARG B 23 14.29 53.97 -6.79
CA ARG B 23 14.76 54.82 -5.70
C ARG B 23 14.46 54.18 -4.34
N ALA B 24 13.25 53.66 -4.17
CA ALA B 24 12.88 52.96 -2.94
C ALA B 24 13.67 51.67 -2.75
N ALA B 25 14.25 51.12 -3.82
CA ALA B 25 15.07 49.92 -3.71
C ALA B 25 16.49 50.24 -3.28
N ASN B 26 16.95 51.46 -3.49
CA ASN B 26 18.29 51.88 -3.12
C ASN B 26 18.35 52.55 -1.74
N THR B 27 17.23 52.60 -1.03
CA THR B 27 17.25 53.09 0.35
C THR B 27 17.86 52.03 1.27
N ARG B 28 18.04 52.40 2.53
CA ARG B 28 18.68 51.53 3.51
C ARG B 28 17.78 51.33 4.72
N ILE B 29 17.78 50.10 5.25
CA ILE B 29 17.00 49.74 6.42
C ILE B 29 17.65 50.33 7.66
N GLU B 30 17.18 51.48 8.12
CA GLU B 30 17.75 52.15 9.28
C GLU B 30 17.16 51.56 10.55
N VAL B 31 17.90 50.65 11.19
CA VAL B 31 17.51 50.06 12.46
C VAL B 31 18.74 49.84 13.31
N GLU B 32 18.54 49.86 14.63
CA GLU B 32 19.64 49.74 15.58
C GLU B 32 19.98 48.27 15.86
N GLY B 33 21.26 48.01 16.07
CA GLY B 33 21.70 46.69 16.45
C GLY B 33 21.70 45.70 15.29
N ASN B 34 21.62 44.43 15.64
CA ASN B 34 21.66 43.34 14.67
C ASN B 34 20.22 42.96 14.31
N LEU B 35 19.75 43.48 13.18
CA LEU B 35 18.39 43.18 12.74
C LEU B 35 18.21 41.69 12.49
N ALA B 36 19.15 41.07 11.76
CA ALA B 36 19.04 39.64 11.49
C ALA B 36 18.75 38.84 12.77
N LEU B 37 19.42 39.20 13.87
CA LEU B 37 19.14 38.54 15.14
C LEU B 37 17.80 38.96 15.72
N SER B 38 17.38 40.21 15.50
CA SER B 38 16.07 40.63 15.99
C SER B 38 14.96 39.76 15.40
N ILE B 39 15.07 39.44 14.12
CA ILE B 39 14.03 38.64 13.46
C ILE B 39 13.99 37.24 14.06
N ALA B 40 15.14 36.56 14.09
CA ALA B 40 15.17 35.20 14.62
C ALA B 40 14.64 35.15 16.05
N ASN B 41 15.01 36.13 16.88
CA ASN B 41 14.54 36.15 18.26
C ASN B 41 13.02 36.25 18.32
N ASP B 42 12.45 37.25 17.62
CA ASP B 42 10.99 37.36 17.60
C ASP B 42 10.34 36.09 17.06
N LEU B 43 10.99 35.41 16.12
CA LEU B 43 10.45 34.18 15.58
C LEU B 43 10.49 33.05 16.60
N LEU B 44 11.60 32.91 17.31
CA LEU B 44 11.66 31.92 18.38
C LEU B 44 10.59 32.19 19.43
N LEU B 45 10.38 33.46 19.77
CA LEU B 45 9.36 33.84 20.74
C LEU B 45 7.96 33.52 20.22
N ALA B 46 7.66 33.90 18.99
CA ALA B 46 6.34 33.61 18.42
C ALA B 46 6.06 32.11 18.43
N TYR B 47 7.10 31.29 18.30
CA TYR B 47 6.97 29.85 18.40
C TYR B 47 7.16 29.34 19.82
N GLY B 48 7.24 30.23 20.81
CA GLY B 48 7.36 29.84 22.20
C GLY B 48 8.67 29.18 22.54
N GLN B 49 9.78 29.88 22.26
CA GLN B 49 11.11 29.35 22.42
C GLN B 49 11.97 30.34 23.18
N SER B 50 13.05 29.84 23.78
CA SER B 50 13.98 30.67 24.55
C SER B 50 14.88 31.46 23.60
N PRO B 51 14.74 32.79 23.56
CA PRO B 51 15.50 33.57 22.58
C PRO B 51 17.01 33.46 22.81
N PHE B 52 17.75 33.96 21.83
CA PHE B 52 19.21 33.92 21.88
C PHE B 52 19.73 34.82 22.98
N ASN B 53 20.57 34.27 23.85
CA ASN B 53 21.18 35.04 24.93
C ASN B 53 22.05 36.15 24.37
N SER B 54 23.06 35.78 23.58
CA SER B 54 23.92 36.73 22.90
C SER B 54 24.26 36.16 21.53
N GLU B 55 24.99 36.94 20.73
CA GLU B 55 25.48 36.43 19.47
C GLU B 55 26.22 35.12 19.64
N ALA B 56 26.81 34.91 20.82
CA ALA B 56 27.57 33.68 21.06
C ALA B 56 26.68 32.45 20.96
N GLU B 57 25.51 32.47 21.61
CA GLU B 57 24.67 31.28 21.64
C GLU B 57 24.15 30.89 20.26
N CYS B 58 24.20 31.80 19.28
CA CYS B 58 23.70 31.49 17.95
C CYS B 58 24.45 30.31 17.34
N ILE B 59 25.79 30.34 17.40
CA ILE B 59 26.61 29.33 16.74
C ILE B 59 26.94 28.17 17.67
N SER B 60 26.43 28.18 18.90
CA SER B 60 26.69 27.12 19.87
C SER B 60 25.44 26.33 20.26
N PHE B 61 24.25 26.86 19.98
CA PHE B 61 23.02 26.17 20.35
C PHE B 61 22.90 24.87 19.57
N SER B 62 22.61 23.78 20.27
CA SER B 62 22.48 22.47 19.65
C SER B 62 21.07 21.93 19.82
N PRO B 63 20.59 21.17 18.85
CA PRO B 63 19.18 20.77 18.84
C PRO B 63 18.92 19.52 19.67
N ARG B 64 17.64 19.34 20.00
CA ARG B 64 17.15 18.16 20.71
C ARG B 64 16.45 17.24 19.71
N PHE B 65 17.09 16.11 19.41
CA PHE B 65 16.52 15.16 18.45
C PHE B 65 15.40 14.34 19.07
N ASP B 66 14.48 14.99 19.78
CA ASP B 66 13.32 14.31 20.33
C ASP B 66 12.15 15.29 20.33
N GLY B 67 11.03 14.87 20.91
CA GLY B 67 9.83 15.67 20.86
C GLY B 67 9.09 15.50 19.55
N THR B 68 7.91 16.12 19.46
CA THR B 68 7.10 16.00 18.27
C THR B 68 7.82 16.62 17.07
N PRO B 69 7.41 16.26 15.86
CA PRO B 69 8.02 16.88 14.67
C PRO B 69 7.97 18.39 14.70
N ASP B 70 6.86 18.96 15.18
CA ASP B 70 6.75 20.41 15.28
C ASP B 70 7.72 20.97 16.32
N ASP B 71 7.81 20.32 17.49
CA ASP B 71 8.79 20.74 18.49
C ASP B 71 10.20 20.71 17.95
N PHE B 72 10.51 19.76 17.06
CA PHE B 72 11.85 19.67 16.49
C PHE B 72 12.06 20.61 15.32
N ARG B 73 11.03 20.84 14.50
CA ARG B 73 11.20 21.71 13.34
C ARG B 73 11.57 23.12 13.77
N ILE B 74 10.97 23.63 14.85
CA ILE B 74 11.35 24.93 15.36
C ILE B 74 12.65 24.83 16.15
N ASN B 75 12.87 23.70 16.82
CA ASN B 75 14.11 23.47 17.54
C ASN B 75 15.30 23.49 16.60
N TYR B 76 15.26 22.66 15.56
CA TYR B 76 16.38 22.55 14.64
C TYR B 76 16.63 23.88 13.91
N LEU B 77 15.58 24.67 13.68
CA LEU B 77 15.77 25.97 13.04
C LEU B 77 16.59 26.89 13.93
N LYS B 78 16.40 26.80 15.25
CA LYS B 78 17.14 27.67 16.16
C LYS B 78 18.63 27.38 16.11
N ALA B 79 19.00 26.11 16.07
CA ALA B 79 20.42 25.72 16.06
C ALA B 79 21.09 25.95 14.71
N GLU B 80 20.36 26.43 13.71
CA GLU B 80 20.90 26.47 12.35
C GLU B 80 20.73 27.85 11.72
N ILE B 81 19.71 28.59 12.13
CA ILE B 81 19.30 29.78 11.40
C ILE B 81 20.43 30.81 11.34
N MET B 82 20.99 31.17 12.50
CA MET B 82 22.08 32.13 12.56
C MET B 82 23.45 31.47 12.52
N SER B 83 23.50 30.15 12.38
CA SER B 83 24.78 29.43 12.47
C SER B 83 25.77 29.89 11.42
N LYS B 84 25.29 30.38 10.27
CA LYS B 84 26.14 30.83 9.18
C LYS B 84 26.17 32.35 9.06
N TYR B 85 25.90 33.06 10.15
CA TYR B 85 25.75 34.50 10.07
C TYR B 85 27.10 35.15 9.82
N ASP B 86 27.10 36.07 8.86
CA ASP B 86 28.33 36.65 8.33
C ASP B 86 28.96 37.64 9.31
N ASP B 87 28.14 38.51 9.90
CA ASP B 87 28.64 39.71 10.57
C ASP B 87 28.43 39.66 12.08
N PHE B 88 29.02 38.67 12.74
CA PHE B 88 29.13 38.70 14.18
C PHE B 88 30.36 39.51 14.58
N SER B 89 30.41 39.91 15.85
CA SER B 89 31.53 40.67 16.37
C SER B 89 32.22 39.95 17.52
N LEU B 90 32.23 38.62 17.48
CA LEU B 90 32.84 37.83 18.54
C LEU B 90 34.36 37.89 18.53
N GLY B 91 34.97 38.44 17.48
CA GLY B 91 36.41 38.44 17.38
C GLY B 91 37.00 37.10 17.05
N ILE B 92 36.23 36.23 16.41
CA ILE B 92 36.67 34.89 16.05
C ILE B 92 37.27 34.94 14.64
N ASP B 93 38.48 34.40 14.50
CA ASP B 93 39.22 34.48 13.25
C ASP B 93 38.77 33.35 12.34
N THR B 94 37.81 33.65 11.44
CA THR B 94 37.30 32.60 10.57
C THR B 94 38.39 32.05 9.67
N GLU B 95 39.35 32.87 9.24
CA GLU B 95 40.37 32.40 8.32
C GLU B 95 41.43 31.57 9.01
N ALA B 96 41.83 31.94 10.23
CA ALA B 96 42.88 31.21 10.93
C ALA B 96 42.43 29.80 11.29
N VAL B 97 41.21 29.66 11.80
CA VAL B 97 40.68 28.32 12.08
C VAL B 97 40.57 27.50 10.80
N ALA B 98 40.44 28.18 9.66
CA ALA B 98 40.40 27.47 8.38
C ALA B 98 41.74 26.81 8.08
N TRP B 99 42.83 27.58 8.19
CA TRP B 99 44.14 27.02 7.88
C TRP B 99 44.61 26.03 8.94
N GLU B 100 44.10 26.12 10.18
CA GLU B 100 44.43 25.12 11.17
C GLU B 100 43.86 23.75 10.77
N LYS B 101 42.59 23.73 10.35
CA LYS B 101 41.99 22.49 9.86
C LYS B 101 42.64 22.04 8.56
N PHE B 102 43.10 22.99 7.74
CA PHE B 102 43.78 22.64 6.50
C PHE B 102 45.10 21.94 6.78
N LEU B 103 45.98 22.61 7.53
CA LEU B 103 47.27 22.01 7.85
C LEU B 103 47.12 20.74 8.66
N ALA B 104 46.06 20.64 9.45
CA ALA B 104 45.81 19.42 10.22
C ALA B 104 45.33 18.30 9.32
N ALA B 105 44.36 18.59 8.45
CA ALA B 105 43.91 17.58 7.49
C ALA B 105 45.04 17.16 6.57
N GLU B 106 45.96 18.07 6.27
CA GLU B 106 47.13 17.71 5.47
C GLU B 106 48.05 16.78 6.25
N ALA B 107 48.32 17.09 7.53
CA ALA B 107 49.12 16.19 8.35
C ALA B 107 48.44 14.84 8.51
N GLU B 108 47.11 14.81 8.41
CA GLU B 108 46.38 13.55 8.52
C GLU B 108 46.65 12.63 7.33
N CYS B 109 46.83 13.20 6.14
CA CYS B 109 47.20 12.38 4.98
C CYS B 109 48.58 11.76 5.15
N ALA B 110 49.54 12.52 5.67
CA ALA B 110 50.88 11.96 5.87
C ALA B 110 50.83 10.71 6.74
N LEU B 111 50.12 10.78 7.87
CA LEU B 111 49.92 9.59 8.67
C LEU B 111 49.18 8.51 7.88
N THR B 112 48.15 8.90 7.15
CA THR B 112 47.39 7.95 6.35
C THR B 112 48.24 7.41 5.21
N ASN B 113 48.94 8.30 4.49
CA ASN B 113 49.86 7.85 3.43
C ASN B 113 50.87 6.86 3.97
N ALA B 114 51.46 7.16 5.12
CA ALA B 114 52.42 6.23 5.72
C ALA B 114 51.77 4.89 6.01
N ARG B 115 50.62 4.90 6.67
CA ARG B 115 49.98 3.65 7.08
C ARG B 115 49.62 2.79 5.88
N LEU B 116 49.07 3.39 4.83
CA LEU B 116 48.61 2.60 3.69
C LEU B 116 49.78 2.07 2.85
N TYR B 117 50.85 2.86 2.71
CA TYR B 117 51.98 2.39 1.92
C TYR B 117 52.69 1.23 2.59
N ARG B 118 52.80 1.26 3.92
CA ARG B 118 53.41 0.17 4.68
C ARG B 118 52.80 0.15 6.07
N PRO B 119 51.79 -0.70 6.29
CA PRO B 119 51.05 -0.67 7.57
C PRO B 119 51.94 -0.98 8.77
N ASP B 120 51.48 -0.52 9.93
CA ASP B 120 52.11 -0.75 11.23
C ASP B 120 51.11 -1.51 12.08
N TYR B 121 51.19 -2.84 12.05
CA TYR B 121 50.18 -3.69 12.65
C TYR B 121 50.12 -3.58 14.18
N SER B 122 51.03 -2.84 14.79
CA SER B 122 50.94 -2.57 16.23
C SER B 122 49.94 -1.47 16.55
N GLU B 123 49.36 -0.83 15.53
CA GLU B 123 48.44 0.28 15.72
C GLU B 123 47.00 -0.23 15.87
N ASP B 124 46.09 0.71 16.14
CA ASP B 124 44.74 0.37 16.58
C ASP B 124 43.81 -0.04 15.44
N PHE B 125 44.14 0.33 14.20
CA PHE B 125 43.22 0.13 13.08
C PHE B 125 42.90 -1.34 12.88
N ASN B 126 41.74 -1.60 12.26
CA ASN B 126 41.31 -2.97 11.94
C ASN B 126 41.80 -3.31 10.55
N PHE B 127 43.01 -3.85 10.47
CA PHE B 127 43.65 -4.08 9.18
C PHE B 127 42.91 -5.11 8.35
N SER B 128 42.36 -6.14 9.00
CA SER B 128 41.75 -7.26 8.26
C SER B 128 40.61 -6.78 7.37
N LEU B 129 39.57 -6.20 7.97
CA LEU B 129 38.42 -5.77 7.20
C LEU B 129 38.79 -4.68 6.19
N GLY B 130 39.70 -3.78 6.57
CA GLY B 130 40.05 -2.68 5.67
C GLY B 130 40.84 -3.13 4.47
N GLU B 131 41.82 -4.01 4.67
CA GLU B 131 42.63 -4.49 3.55
C GLU B 131 41.80 -5.32 2.58
N SER B 132 40.95 -6.21 3.11
CA SER B 132 40.07 -6.99 2.24
C SER B 132 39.03 -6.11 1.56
N CYS B 133 38.67 -5.00 2.19
CA CYS B 133 37.71 -4.08 1.57
C CYS B 133 38.37 -3.28 0.45
N ILE B 134 39.60 -2.81 0.66
CA ILE B 134 40.32 -2.11 -0.40
C ILE B 134 40.48 -3.02 -1.62
N HIS B 135 41.04 -4.21 -1.41
CA HIS B 135 41.26 -5.14 -2.51
C HIS B 135 39.97 -5.38 -3.30
N MET B 136 38.83 -5.45 -2.61
CA MET B 136 37.56 -5.68 -3.28
C MET B 136 37.06 -4.44 -4.00
N ALA B 137 37.09 -3.29 -3.32
CA ALA B 137 36.68 -2.05 -3.97
C ALA B 137 37.54 -1.78 -5.20
N ARG B 138 38.83 -2.07 -5.12
CA ARG B 138 39.72 -1.90 -6.27
C ARG B 138 39.23 -2.69 -7.46
N ARG B 139 38.77 -3.92 -7.23
CA ARG B 139 38.25 -4.75 -8.32
C ARG B 139 36.98 -4.14 -8.91
N LYS B 140 36.02 -3.78 -8.05
CA LYS B 140 34.78 -3.17 -8.54
C LYS B 140 35.05 -1.85 -9.25
N ILE B 141 36.10 -1.14 -8.84
CA ILE B 141 36.45 0.12 -9.51
C ILE B 141 37.04 -0.17 -10.89
N ALA B 142 37.99 -1.11 -10.97
CA ALA B 142 38.64 -1.39 -12.24
C ALA B 142 37.67 -1.93 -13.27
N LYS B 143 36.59 -2.59 -12.82
CA LYS B 143 35.56 -3.05 -13.76
C LYS B 143 34.72 -1.90 -14.28
N LEU B 144 34.59 -0.82 -13.50
CA LEU B 144 33.69 0.27 -13.86
C LEU B 144 34.37 1.28 -14.78
N ILE B 145 35.57 1.73 -14.43
CA ILE B 145 36.24 2.78 -15.19
C ILE B 145 37.23 2.24 -16.20
N GLY B 146 37.57 0.96 -16.15
CA GLY B 146 38.52 0.39 -17.09
C GLY B 146 39.96 0.63 -16.68
N ASP B 147 40.87 0.18 -17.54
CA ASP B 147 42.30 0.31 -17.25
C ASP B 147 42.80 1.73 -17.42
N VAL B 148 42.29 2.46 -18.41
CA VAL B 148 42.73 3.84 -18.62
C VAL B 148 41.55 4.71 -19.04
N PRO B 149 41.57 6.00 -18.71
CA PRO B 149 40.51 6.90 -19.17
C PRO B 149 40.56 7.08 -20.68
N SER B 150 39.39 6.95 -21.31
CA SER B 150 39.31 7.14 -22.75
C SER B 150 39.82 8.52 -23.12
N VAL B 151 40.83 8.55 -23.98
CA VAL B 151 41.37 9.83 -24.45
C VAL B 151 40.34 10.60 -25.25
N GLU B 152 39.33 9.93 -25.81
CA GLU B 152 38.27 10.64 -26.50
C GLU B 152 37.23 11.16 -25.53
N GLY B 153 36.76 10.29 -24.62
CA GLY B 153 35.79 10.72 -23.64
C GLY B 153 36.27 11.87 -22.78
N MET B 154 37.58 11.95 -22.54
CA MET B 154 38.12 13.05 -21.75
C MET B 154 37.98 14.38 -22.49
N LEU B 155 38.41 14.41 -23.76
CA LEU B 155 38.21 15.61 -24.56
C LEU B 155 36.72 15.92 -24.75
N ARG B 156 35.88 14.89 -24.68
CA ARG B 156 34.44 15.07 -24.76
C ARG B 156 33.91 15.91 -23.61
N HIS B 157 34.64 15.98 -22.50
CA HIS B 157 34.25 16.76 -21.33
C HIS B 157 35.24 17.85 -20.98
N CYS B 158 36.28 18.06 -21.80
CA CYS B 158 37.22 19.14 -21.54
C CYS B 158 36.57 20.49 -21.83
N ARG B 159 36.79 21.44 -20.92
CA ARG B 159 36.17 22.75 -20.99
C ARG B 159 36.83 23.62 -19.93
N PHE B 160 36.44 24.89 -19.89
CA PHE B 160 36.92 25.82 -18.89
C PHE B 160 35.83 26.13 -17.88
N SER B 161 36.20 26.11 -16.61
CA SER B 161 35.28 26.49 -15.55
C SER B 161 35.05 28.00 -15.58
N GLY B 162 33.90 28.42 -15.05
CA GLY B 162 33.64 29.83 -14.91
C GLY B 162 34.38 30.51 -13.78
N GLY B 163 35.17 29.77 -13.00
CA GLY B 163 35.84 30.31 -11.84
C GLY B 163 37.18 30.93 -12.16
N ALA B 164 37.89 31.31 -11.11
CA ALA B 164 39.23 31.89 -11.25
C ALA B 164 40.30 30.81 -11.32
N THR B 165 41.43 31.17 -11.90
CA THR B 165 42.58 30.28 -12.04
C THR B 165 43.82 31.00 -11.51
N THR B 166 44.95 30.29 -11.56
CA THR B 166 46.22 30.89 -11.12
C THR B 166 46.58 32.14 -11.92
N THR B 167 45.94 32.35 -13.06
CA THR B 167 46.27 33.45 -13.95
C THR B 167 45.10 34.39 -14.23
N ASN B 168 43.92 34.14 -13.65
CA ASN B 168 42.73 34.94 -13.90
C ASN B 168 41.95 35.09 -12.60
N ASN B 169 41.78 36.33 -12.13
CA ASN B 169 40.88 36.56 -11.02
C ASN B 169 39.43 36.39 -11.48
N ARG B 170 38.52 36.23 -10.51
CA ARG B 170 37.13 35.91 -10.84
C ARG B 170 36.46 36.97 -11.71
N SER B 171 37.05 38.17 -11.83
CA SER B 171 36.56 39.15 -12.79
C SER B 171 36.94 38.79 -14.22
N TYR B 172 37.94 37.94 -14.40
CA TYR B 172 38.33 37.37 -15.68
C TYR B 172 38.14 35.87 -15.67
N GLY B 173 37.10 35.41 -14.98
CA GLY B 173 36.83 34.00 -14.85
C GLY B 173 35.99 33.39 -15.94
N HIS B 174 35.37 34.21 -16.78
CA HIS B 174 34.55 33.66 -17.86
C HIS B 174 35.44 32.88 -18.82
N PRO B 175 34.96 31.75 -19.33
CA PRO B 175 35.80 30.93 -20.23
C PRO B 175 36.42 31.71 -21.36
N SER B 176 35.72 32.70 -21.93
CA SER B 176 36.30 33.44 -23.05
C SER B 176 37.66 34.04 -22.68
N PHE B 177 37.90 34.35 -21.41
CA PHE B 177 39.20 34.84 -20.98
C PHE B 177 40.22 33.73 -20.74
N LYS B 178 39.76 32.50 -20.47
CA LYS B 178 40.68 31.36 -20.45
C LYS B 178 41.25 31.10 -21.83
N PHE B 179 40.42 31.12 -22.86
CA PHE B 179 40.90 30.95 -24.23
C PHE B 179 41.63 32.18 -24.75
N ALA B 180 41.38 33.34 -24.16
CA ALA B 180 42.03 34.56 -24.63
C ALA B 180 43.41 34.74 -24.00
N LEU B 181 43.50 34.58 -22.70
CA LEU B 181 44.75 34.78 -21.98
C LEU B 181 45.48 33.46 -21.81
N PRO B 182 46.78 33.43 -22.09
CA PRO B 182 47.58 32.21 -21.87
C PRO B 182 47.47 31.73 -20.43
N GLN B 183 46.99 30.50 -20.25
CA GLN B 183 46.86 29.91 -18.93
C GLN B 183 48.18 29.27 -18.51
N ALA B 184 48.19 28.78 -17.28
CA ALA B 184 49.33 28.09 -16.70
C ALA B 184 49.07 26.58 -16.68
N CYS B 185 50.14 25.82 -16.45
CA CYS B 185 50.02 24.38 -16.31
C CYS B 185 51.23 23.82 -15.59
N THR B 186 51.05 22.67 -14.96
CA THR B 186 52.12 21.96 -14.28
C THR B 186 52.91 21.12 -15.28
N PRO B 187 54.09 20.63 -14.87
CA PRO B 187 54.96 19.96 -15.85
C PRO B 187 54.40 18.64 -16.37
N ARG B 188 53.78 17.85 -15.50
CA ARG B 188 53.23 16.57 -15.95
C ARG B 188 52.02 16.73 -16.84
N ALA B 189 51.38 17.89 -16.81
CA ALA B 189 50.24 18.18 -17.68
C ALA B 189 50.63 18.99 -18.90
N LEU B 190 51.93 19.22 -19.11
CA LEU B 190 52.38 20.02 -20.25
C LEU B 190 51.97 19.39 -21.57
N LYS B 191 52.24 18.10 -21.74
CA LYS B 191 52.00 17.47 -23.03
C LYS B 191 50.55 17.59 -23.46
N TYR B 192 49.61 17.48 -22.52
CA TYR B 192 48.21 17.67 -22.88
C TYR B 192 48.00 19.00 -23.58
N VAL B 193 48.54 20.08 -23.00
CA VAL B 193 48.43 21.40 -23.65
C VAL B 193 49.14 21.40 -24.99
N LEU B 194 50.34 20.82 -25.04
CA LEU B 194 51.11 20.82 -26.28
C LEU B 194 50.46 19.95 -27.34
N ALA B 195 49.86 18.82 -26.92
CA ALA B 195 49.10 18.01 -27.86
C ALA B 195 47.93 18.80 -28.43
N LEU B 196 47.20 19.53 -27.56
CA LEU B 196 46.10 20.35 -28.02
C LEU B 196 46.58 21.46 -28.95
N ARG B 197 47.70 22.11 -28.59
CA ARG B 197 48.26 23.14 -29.45
C ARG B 197 48.50 22.61 -30.86
N ALA B 198 48.80 21.33 -31.00
CA ALA B 198 49.03 20.70 -32.29
C ALA B 198 47.76 20.14 -32.92
N SER B 199 46.60 20.31 -32.28
CA SER B 199 45.34 19.79 -32.80
C SER B 199 44.40 20.89 -33.28
N THR B 200 44.81 22.15 -33.21
CA THR B 200 44.02 23.28 -33.68
C THR B 200 44.94 24.27 -34.36
N HIS B 201 44.38 25.07 -35.26
CA HIS B 201 45.16 26.15 -35.84
C HIS B 201 45.16 27.40 -34.98
N PHE B 202 44.24 27.51 -34.04
CA PHE B 202 44.24 28.64 -33.12
C PHE B 202 45.39 28.53 -32.14
N ASP B 203 46.04 29.66 -31.87
CA ASP B 203 47.27 29.70 -31.09
C ASP B 203 46.95 29.35 -29.63
N THR B 204 46.74 28.06 -29.37
CA THR B 204 46.67 27.59 -28.00
C THR B 204 48.01 27.80 -27.32
N ARG B 205 48.02 28.57 -26.24
CA ARG B 205 49.27 29.06 -25.68
C ARG B 205 49.31 28.89 -24.17
N ILE B 206 50.54 28.89 -23.64
CA ILE B 206 50.81 28.67 -22.22
C ILE B 206 51.52 29.89 -21.66
N SER B 207 51.15 30.27 -20.43
CA SER B 207 51.83 31.37 -19.75
C SER B 207 53.13 30.86 -19.13
N ASP B 208 53.03 30.24 -17.97
CA ASP B 208 54.18 29.75 -17.24
C ASP B 208 53.97 28.29 -16.86
N ILE B 209 55.07 27.55 -16.74
CA ILE B 209 55.03 26.17 -16.29
C ILE B 209 55.39 26.17 -14.80
N SER B 210 54.48 25.70 -13.96
CA SER B 210 54.74 25.70 -12.53
C SER B 210 53.92 24.61 -11.87
N PRO B 211 54.45 23.97 -10.83
CA PRO B 211 53.71 22.92 -10.10
C PRO B 211 52.79 23.45 -9.02
N PHE B 212 52.65 24.76 -8.88
CA PHE B 212 51.91 25.36 -7.78
C PHE B 212 50.46 25.64 -8.16
N ASN B 213 49.58 25.50 -7.18
CA ASN B 213 48.22 26.01 -7.27
C ASN B 213 47.97 26.89 -6.06
N LYS B 214 47.07 27.85 -6.21
CA LYS B 214 46.80 28.83 -5.18
C LYS B 214 45.75 28.29 -4.22
N ALA B 215 46.10 28.21 -2.94
CA ALA B 215 45.15 27.88 -1.88
C ALA B 215 44.60 29.16 -1.27
N VAL B 216 43.27 29.21 -1.13
CA VAL B 216 42.60 30.42 -0.64
C VAL B 216 41.52 30.04 0.34
N THR B 217 40.68 31.01 0.72
CA THR B 217 39.64 30.83 1.72
C THR B 217 38.33 31.42 1.22
N VAL B 218 37.24 30.68 1.43
CA VAL B 218 35.91 31.14 1.03
C VAL B 218 34.89 30.84 2.13
N PRO B 219 34.16 31.84 2.60
CA PRO B 219 33.31 31.68 3.79
C PRO B 219 32.44 30.42 3.74
N LYS B 220 32.34 29.76 4.89
CA LYS B 220 31.51 28.58 5.08
C LYS B 220 30.48 28.75 6.17
N ASN B 221 30.86 29.33 7.31
CA ASN B 221 29.91 29.67 8.37
C ASN B 221 30.55 30.62 9.38
N SER B 222 29.93 30.76 10.55
CA SER B 222 30.34 31.75 11.54
C SER B 222 31.55 31.33 12.36
N LYS B 223 31.93 30.06 12.31
CA LYS B 223 33.08 29.57 13.07
C LYS B 223 34.33 29.40 12.23
N THR B 224 34.18 29.14 10.93
CA THR B 224 35.33 28.87 10.08
C THR B 224 35.01 29.24 8.64
N ASP B 225 36.05 29.60 7.90
CA ASP B 225 35.97 29.70 6.45
C ASP B 225 36.18 28.32 5.84
N ARG B 226 36.45 28.27 4.54
CA ARG B 226 36.63 27.01 3.82
C ARG B 226 37.86 27.15 2.94
N CYS B 227 38.78 26.19 3.05
CA CYS B 227 40.01 26.21 2.28
C CYS B 227 39.80 25.45 0.98
N ILE B 228 39.95 26.14 -0.13
CA ILE B 228 39.79 25.56 -1.45
C ILE B 228 41.06 25.81 -2.26
N ALA B 229 41.14 25.16 -3.42
CA ALA B 229 42.29 25.25 -4.30
C ALA B 229 41.90 25.97 -5.58
N ILE B 230 42.80 26.82 -6.07
CA ILE B 230 42.63 27.51 -7.34
C ILE B 230 43.62 26.88 -8.32
N GLU B 231 43.13 25.93 -9.11
CA GLU B 231 44.01 25.14 -9.96
C GLU B 231 44.56 25.98 -11.12
N PRO B 232 45.70 25.57 -11.67
CA PRO B 232 46.21 26.26 -12.86
C PRO B 232 45.26 26.12 -14.04
N GLY B 233 45.31 27.10 -14.94
CA GLY B 233 44.36 27.19 -16.02
C GLY B 233 44.18 25.92 -16.83
N TRP B 234 45.26 25.45 -17.47
CA TRP B 234 45.16 24.26 -18.32
C TRP B 234 44.97 22.99 -17.52
N ASN B 235 45.37 22.97 -16.24
CA ASN B 235 45.14 21.78 -15.43
C ASN B 235 43.65 21.58 -15.17
N MET B 236 42.95 22.65 -14.78
CA MET B 236 41.50 22.55 -14.62
C MET B 236 40.84 22.10 -15.93
N PHE B 237 41.36 22.56 -17.07
CA PHE B 237 40.80 22.21 -18.36
C PHE B 237 40.71 20.69 -18.54
N PHE B 238 41.74 19.97 -18.11
CA PHE B 238 41.75 18.52 -18.23
C PHE B 238 41.30 17.80 -16.97
N GLN B 239 41.48 18.40 -15.79
CA GLN B 239 40.88 17.83 -14.58
C GLN B 239 39.38 17.66 -14.74
N LEU B 240 38.73 18.58 -15.46
CA LEU B 240 37.31 18.43 -15.74
C LEU B 240 37.03 17.33 -16.75
N GLY B 241 37.88 17.19 -17.77
CA GLY B 241 37.73 16.08 -18.71
C GLY B 241 37.72 14.74 -18.01
N ILE B 242 38.52 14.58 -16.96
CA ILE B 242 38.52 13.35 -16.18
C ILE B 242 37.25 13.25 -15.33
N GLY B 243 36.84 14.35 -14.69
CA GLY B 243 35.59 14.33 -13.97
C GLY B 243 34.42 13.90 -14.83
N GLY B 244 34.35 14.41 -16.06
CA GLY B 244 33.24 14.05 -16.93
C GLY B 244 33.18 12.57 -17.22
N ILE B 245 34.34 11.93 -17.42
CA ILE B 245 34.37 10.49 -17.63
C ILE B 245 33.89 9.76 -16.38
N LEU B 246 34.35 10.22 -15.20
CA LEU B 246 33.91 9.59 -13.95
C LEU B 246 32.44 9.86 -13.67
N ARG B 247 31.95 11.05 -14.06
CA ARG B 247 30.53 11.36 -13.89
C ARG B 247 29.66 10.42 -14.72
N ASP B 248 30.12 10.07 -15.93
CA ASP B 248 29.36 9.17 -16.78
C ASP B 248 29.41 7.74 -16.27
N ARG B 249 30.58 7.27 -15.84
CA ARG B 249 30.70 5.88 -15.41
C ARG B 249 29.96 5.62 -14.10
N LEU B 250 29.85 6.62 -13.23
CA LEU B 250 29.21 6.41 -11.93
C LEU B 250 27.73 6.10 -12.05
N ARG B 251 27.07 6.53 -13.13
CA ARG B 251 25.66 6.21 -13.31
C ARG B 251 25.41 4.71 -13.28
N CYS B 252 26.42 3.90 -13.57
CA CYS B 252 26.25 2.45 -13.54
C CYS B 252 25.96 1.95 -12.13
N TRP B 253 26.59 2.54 -11.12
CA TRP B 253 26.28 2.23 -9.74
C TRP B 253 25.04 2.95 -9.24
N GLY B 254 24.24 3.51 -10.15
CA GLY B 254 23.08 4.29 -9.76
C GLY B 254 23.42 5.59 -9.07
N ILE B 255 24.45 6.28 -9.55
CA ILE B 255 24.93 7.50 -8.92
C ILE B 255 24.91 8.60 -9.97
N ASP B 256 23.85 9.41 -9.96
CA ASP B 256 23.72 10.57 -10.84
C ASP B 256 24.14 11.79 -10.05
N LEU B 257 25.37 12.26 -10.27
CA LEU B 257 25.86 13.45 -9.61
C LEU B 257 25.19 14.73 -10.11
N ASN B 258 24.29 14.63 -11.08
CA ASN B 258 23.52 15.77 -11.55
C ASN B 258 22.18 15.90 -10.86
N ASP B 259 21.84 14.98 -9.95
CA ASP B 259 20.51 14.94 -9.35
C ASP B 259 20.66 14.69 -7.85
N GLN B 260 20.47 15.74 -7.05
CA GLN B 260 20.53 15.61 -5.61
C GLN B 260 19.26 15.01 -5.03
N THR B 261 18.15 15.01 -5.79
CA THR B 261 16.89 14.54 -5.24
C THR B 261 16.91 13.06 -4.90
N ILE B 262 17.86 12.29 -5.46
CA ILE B 262 17.99 10.89 -5.06
C ILE B 262 18.30 10.78 -3.58
N ASN B 263 19.46 11.29 -3.17
CA ASN B 263 19.84 11.25 -1.76
C ASN B 263 18.80 11.93 -0.88
N GLN B 264 18.13 12.98 -1.40
CA GLN B 264 17.09 13.64 -0.63
C GLN B 264 15.97 12.67 -0.26
N ARG B 265 15.34 12.06 -1.27
CA ARG B 265 14.27 11.11 -1.00
C ARG B 265 14.76 9.98 -0.11
N ARG B 266 16.00 9.52 -0.31
CA ARG B 266 16.55 8.47 0.54
C ARG B 266 16.69 8.95 1.99
N ALA B 267 17.13 10.19 2.18
CA ALA B 267 17.18 10.75 3.53
C ALA B 267 15.79 10.84 4.13
N HIS B 268 14.80 11.21 3.32
CA HIS B 268 13.40 11.20 3.77
C HIS B 268 12.97 9.79 4.13
N GLU B 269 13.28 8.81 3.27
CA GLU B 269 12.93 7.42 3.55
C GLU B 269 13.56 6.95 4.86
N GLY B 270 14.84 7.25 5.07
CA GLY B 270 15.52 6.80 6.27
C GLY B 270 14.96 7.41 7.55
N SER B 271 14.43 8.63 7.46
CA SER B 271 13.80 9.24 8.62
C SER B 271 12.50 8.56 9.00
N VAL B 272 11.95 7.71 8.13
CA VAL B 272 10.68 7.01 8.38
C VAL B 272 10.94 5.53 8.67
N THR B 273 11.46 4.80 7.68
CA THR B 273 11.76 3.39 7.88
C THR B 273 12.81 3.19 8.97
N ASN B 274 13.73 4.14 9.10
CA ASN B 274 14.82 4.09 10.07
C ASN B 274 15.83 2.99 9.76
N ASN B 275 15.78 2.41 8.57
CA ASN B 275 16.72 1.39 8.14
C ASN B 275 17.83 1.93 7.24
N LEU B 276 17.73 3.19 6.83
CA LEU B 276 18.75 3.86 6.03
C LEU B 276 19.44 4.93 6.85
N ALA B 277 20.73 5.13 6.58
CA ALA B 277 21.56 6.02 7.38
C ALA B 277 22.20 7.08 6.49
N THR B 278 22.41 8.26 7.08
CA THR B 278 23.08 9.38 6.42
C THR B 278 24.39 9.62 7.14
N VAL B 279 25.49 9.24 6.49
CA VAL B 279 26.83 9.41 7.05
C VAL B 279 27.34 10.80 6.74
N ASP B 280 28.11 11.37 7.66
CA ASP B 280 28.70 12.70 7.50
C ASP B 280 30.17 12.62 7.83
N LEU B 281 31.02 13.07 6.89
CA LEU B 281 32.47 13.04 7.04
C LEU B 281 33.00 14.45 7.23
N SER B 282 34.04 14.58 8.05
CA SER B 282 34.62 15.88 8.39
C SER B 282 35.82 16.17 7.49
N ALA B 283 35.74 17.25 6.71
CA ALA B 283 36.83 17.65 5.82
C ALA B 283 37.24 16.52 4.89
N ALA B 284 36.24 15.75 4.43
CA ALA B 284 36.54 14.57 3.64
C ALA B 284 37.23 14.92 2.31
N SER B 285 36.88 16.05 1.71
CA SER B 285 37.51 16.40 0.44
C SER B 285 39.00 16.64 0.60
N ASP B 286 39.43 17.15 1.75
CA ASP B 286 40.85 17.35 2.01
C ASP B 286 41.54 16.09 2.53
N SER B 287 40.82 14.97 2.65
CA SER B 287 41.34 13.77 3.28
C SER B 287 41.62 12.64 2.28
N ILE B 288 41.50 12.91 0.98
CA ILE B 288 41.68 11.88 -0.04
C ILE B 288 43.17 11.67 -0.28
N SER B 289 43.77 10.76 0.48
CA SER B 289 45.21 10.55 0.44
C SER B 289 45.68 10.08 -0.93
N LEU B 290 46.98 10.26 -1.18
CA LEU B 290 47.57 9.70 -2.40
C LEU B 290 47.63 8.18 -2.33
N ALA B 291 47.95 7.63 -1.16
CA ALA B 291 48.09 6.18 -1.03
C ALA B 291 46.79 5.47 -1.34
N LEU B 292 45.67 5.94 -0.75
CA LEU B 292 44.39 5.34 -1.08
C LEU B 292 44.08 5.46 -2.56
N CYS B 293 44.60 6.49 -3.22
CA CYS B 293 44.37 6.60 -4.66
C CYS B 293 45.23 5.62 -5.44
N GLU B 294 46.49 5.46 -5.05
CA GLU B 294 47.37 4.53 -5.76
C GLU B 294 46.99 3.08 -5.53
N LEU B 295 46.26 2.79 -4.45
CA LEU B 295 45.84 1.42 -4.15
C LEU B 295 44.49 1.06 -4.76
N LEU B 296 43.64 2.05 -5.03
CA LEU B 296 42.29 1.80 -5.54
C LEU B 296 42.17 2.01 -7.04
N LEU B 297 42.84 3.00 -7.59
CA LEU B 297 42.74 3.33 -9.00
C LEU B 297 43.71 2.50 -9.82
N PRO B 298 43.27 1.90 -10.91
CA PRO B 298 44.20 1.22 -11.83
C PRO B 298 45.25 2.19 -12.33
N PRO B 299 46.49 1.70 -12.51
CA PRO B 299 47.62 2.61 -12.79
C PRO B 299 47.39 3.57 -13.96
N GLY B 300 46.85 3.08 -15.08
CA GLY B 300 46.60 3.97 -16.20
C GLY B 300 45.82 5.21 -15.80
N TRP B 301 44.80 5.03 -14.97
CA TRP B 301 44.05 6.16 -14.43
C TRP B 301 44.90 6.99 -13.46
N PHE B 302 45.43 6.34 -12.44
CA PHE B 302 46.24 7.03 -11.45
C PHE B 302 47.32 7.87 -12.11
N GLU B 303 47.91 7.37 -13.20
CA GLU B 303 48.96 8.14 -13.88
C GLU B 303 48.40 9.45 -14.42
N VAL B 304 47.18 9.44 -14.95
CA VAL B 304 46.61 10.66 -15.50
C VAL B 304 46.21 11.62 -14.39
N LEU B 305 45.57 11.11 -13.32
CA LEU B 305 45.28 11.97 -12.17
C LEU B 305 46.56 12.62 -11.66
N MET B 306 47.64 11.86 -11.58
CA MET B 306 48.92 12.42 -11.15
C MET B 306 49.43 13.47 -12.13
N ASP B 307 49.18 13.29 -13.42
CA ASP B 307 49.58 14.29 -14.41
C ASP B 307 48.84 15.61 -14.20
N LEU B 308 47.55 15.53 -13.88
CA LEU B 308 46.69 16.70 -13.92
C LEU B 308 46.54 17.38 -12.56
N ARG B 309 46.82 16.69 -11.47
CA ARG B 309 46.77 17.30 -10.15
C ARG B 309 47.87 18.35 -10.01
N SER B 310 47.70 19.20 -9.00
CA SER B 310 48.74 20.16 -8.64
C SER B 310 49.54 19.58 -7.49
N PRO B 311 50.85 19.38 -7.65
CA PRO B 311 51.62 18.68 -6.61
C PRO B 311 51.90 19.57 -5.42
N LYS B 312 52.30 20.81 -5.71
CA LYS B 312 52.57 21.81 -4.70
C LYS B 312 51.51 22.90 -4.76
N GLY B 313 51.46 23.69 -3.71
CA GLY B 313 50.53 24.81 -3.66
C GLY B 313 51.05 25.90 -2.75
N ARG B 314 51.08 27.13 -3.24
CA ARG B 314 51.55 28.24 -2.44
C ARG B 314 50.38 28.87 -1.70
N LEU B 315 50.55 29.05 -0.39
CA LEU B 315 49.53 29.65 0.45
C LEU B 315 49.57 31.16 0.33
N PRO B 316 48.56 31.85 0.89
CA PRO B 316 48.60 33.32 0.90
C PRO B 316 49.74 33.91 1.71
N ASP B 317 50.48 33.08 2.44
CA ASP B 317 51.61 33.55 3.24
C ASP B 317 52.89 33.60 2.44
N GLY B 318 52.94 32.96 1.28
CA GLY B 318 54.16 32.71 0.55
C GLY B 318 54.73 31.32 0.79
N SER B 319 54.32 30.66 1.87
CA SER B 319 54.81 29.34 2.21
C SER B 319 54.21 28.30 1.25
N VAL B 320 55.06 27.40 0.76
CA VAL B 320 54.64 26.36 -0.17
C VAL B 320 54.45 25.06 0.60
N VAL B 321 53.39 24.34 0.26
CA VAL B 321 53.12 23.03 0.82
C VAL B 321 53.12 22.01 -0.30
N THR B 322 53.76 20.87 -0.06
CA THR B 322 53.69 19.74 -0.99
C THR B 322 52.58 18.82 -0.52
N TYR B 323 51.55 18.65 -1.36
CA TYR B 323 50.31 18.02 -0.94
C TYR B 323 50.51 16.52 -0.68
N GLU B 324 50.21 16.08 0.55
CA GLU B 324 50.06 14.66 0.81
C GLU B 324 48.76 14.13 0.22
N LYS B 325 47.75 14.99 0.11
CA LYS B 325 46.49 14.61 -0.50
C LYS B 325 46.62 14.60 -2.02
N ILE B 326 45.73 13.85 -2.66
CA ILE B 326 45.73 13.80 -4.12
C ILE B 326 45.35 15.17 -4.68
N SER B 327 44.28 15.77 -4.15
CA SER B 327 43.76 17.03 -4.65
C SER B 327 42.72 17.55 -3.66
N SER B 328 42.51 18.87 -3.69
CA SER B 328 41.61 19.54 -2.77
C SER B 328 40.26 19.77 -3.45
N MET B 329 39.39 20.54 -2.79
CA MET B 329 38.01 20.70 -3.27
C MET B 329 37.93 21.50 -4.56
N GLY B 330 38.91 22.37 -4.85
CA GLY B 330 38.83 23.20 -6.04
C GLY B 330 39.37 22.57 -7.31
N ASN B 331 39.39 21.25 -7.38
CA ASN B 331 39.96 20.50 -8.49
C ASN B 331 38.87 19.91 -9.38
N GLY B 332 39.20 19.71 -10.65
CA GLY B 332 38.18 19.35 -11.62
C GLY B 332 37.53 18.00 -11.38
N TYR B 333 38.33 17.02 -10.96
CA TYR B 333 37.81 15.67 -10.76
C TYR B 333 37.65 15.30 -9.29
N THR B 334 37.97 16.21 -8.36
CA THR B 334 37.91 15.86 -6.94
C THR B 334 36.50 15.47 -6.52
N PHE B 335 35.49 16.19 -7.00
CA PHE B 335 34.12 15.85 -6.64
C PHE B 335 33.75 14.48 -7.16
N GLU B 336 34.06 14.21 -8.44
CA GLU B 336 33.79 12.88 -8.99
C GLU B 336 34.64 11.83 -8.31
N LEU B 337 35.93 12.11 -8.10
CA LEU B 337 36.83 11.12 -7.51
C LEU B 337 36.32 10.65 -6.14
N GLU B 338 36.04 11.60 -5.24
CA GLU B 338 35.60 11.20 -3.89
C GLU B 338 34.29 10.42 -3.93
N SER B 339 33.38 10.76 -4.85
CA SER B 339 32.19 9.94 -5.02
C SER B 339 32.55 8.50 -5.36
N LEU B 340 33.47 8.33 -6.32
CA LEU B 340 33.89 7.00 -6.73
C LEU B 340 34.49 6.21 -5.57
N ILE B 341 35.37 6.84 -4.81
CA ILE B 341 36.05 6.15 -3.72
C ILE B 341 35.05 5.77 -2.63
N PHE B 342 34.27 6.74 -2.15
CA PHE B 342 33.27 6.43 -1.12
C PHE B 342 32.25 5.43 -1.63
N ALA B 343 31.89 5.50 -2.92
CA ALA B 343 30.92 4.56 -3.47
C ALA B 343 31.48 3.14 -3.47
N SER B 344 32.69 2.96 -4.00
CA SER B 344 33.29 1.63 -4.06
C SER B 344 33.47 1.05 -2.66
N LEU B 345 33.99 1.87 -1.73
CA LEU B 345 34.17 1.39 -0.37
C LEU B 345 32.84 1.04 0.28
N ALA B 346 31.79 1.82 -0.01
CA ALA B 346 30.48 1.52 0.54
C ALA B 346 29.87 0.30 -0.12
N ARG B 347 29.95 0.22 -1.46
CA ARG B 347 29.43 -0.95 -2.16
C ARG B 347 30.17 -2.22 -1.75
N SER B 348 31.46 -2.10 -1.45
CA SER B 348 32.23 -3.28 -1.03
C SER B 348 31.90 -3.67 0.41
N VAL B 349 31.69 -2.69 1.30
CA VAL B 349 31.31 -3.00 2.66
C VAL B 349 30.06 -3.87 2.68
N CYS B 350 29.11 -3.60 1.78
CA CYS B 350 27.87 -4.36 1.76
C CYS B 350 28.11 -5.79 1.28
N GLU B 351 28.77 -5.95 0.13
CA GLU B 351 29.07 -7.30 -0.35
C GLU B 351 29.77 -8.14 0.70
N ILE B 352 30.53 -7.51 1.59
CA ILE B 352 31.20 -8.26 2.65
C ILE B 352 30.24 -8.58 3.79
N LEU B 353 29.24 -7.75 4.01
CA LEU B 353 28.22 -8.00 5.03
C LEU B 353 27.00 -8.70 4.46
N ASP B 354 27.03 -9.09 3.19
CA ASP B 354 25.90 -9.75 2.52
C ASP B 354 24.69 -8.82 2.43
N LEU B 355 24.94 -7.52 2.30
CA LEU B 355 23.89 -6.53 2.12
C LEU B 355 23.74 -6.18 0.65
N ASP B 356 22.69 -5.42 0.35
CA ASP B 356 22.41 -5.00 -1.02
C ASP B 356 23.31 -3.82 -1.36
N SER B 357 24.34 -4.07 -2.17
CA SER B 357 25.27 -3.02 -2.58
C SER B 357 24.63 -1.96 -3.45
N SER B 358 23.32 -2.07 -3.72
CA SER B 358 22.60 -1.07 -4.48
C SER B 358 21.98 0.00 -3.60
N GLU B 359 21.88 -0.24 -2.30
CA GLU B 359 21.41 0.77 -1.35
C GLU B 359 22.46 1.84 -1.08
N VAL B 360 23.61 1.75 -1.71
CA VAL B 360 24.68 2.73 -1.55
C VAL B 360 24.43 3.87 -2.55
N THR B 361 24.18 5.06 -2.02
CA THR B 361 24.07 6.27 -2.82
C THR B 361 25.07 7.29 -2.31
N VAL B 362 25.77 7.93 -3.23
CA VAL B 362 26.87 8.84 -2.90
C VAL B 362 26.73 10.11 -3.72
N TYR B 363 26.92 11.25 -3.05
CA TYR B 363 26.96 12.54 -3.71
C TYR B 363 28.21 13.28 -3.22
N GLY B 364 29.37 12.83 -3.71
CA GLY B 364 30.62 13.39 -3.26
C GLY B 364 30.87 13.13 -1.80
N ASP B 365 30.72 14.17 -0.97
CA ASP B 365 30.96 14.03 0.47
C ASP B 365 29.80 13.38 1.20
N ASP B 366 28.62 13.31 0.57
CA ASP B 366 27.37 12.95 1.23
C ASP B 366 27.02 11.50 0.90
N ILE B 367 26.91 10.66 1.92
CA ILE B 367 26.69 9.23 1.73
C ILE B 367 25.42 8.80 2.46
N ILE B 368 24.62 7.99 1.77
CA ILE B 368 23.48 7.29 2.36
C ILE B 368 23.76 5.79 2.24
N LEU B 369 23.33 5.04 3.25
CA LEU B 369 23.79 3.66 3.41
C LEU B 369 22.80 2.91 4.28
N PRO B 370 22.76 1.58 4.16
CA PRO B 370 22.00 0.80 5.14
C PRO B 370 22.57 1.00 6.54
N SER B 371 21.67 1.26 7.50
CA SER B 371 22.13 1.50 8.86
C SER B 371 22.97 0.34 9.39
N CYS B 372 22.74 -0.87 8.90
CA CYS B 372 23.46 -2.03 9.39
C CYS B 372 24.91 -2.09 8.92
N ALA B 373 25.34 -1.17 8.06
CA ALA B 373 26.72 -1.14 7.57
C ALA B 373 27.52 0.03 8.10
N VAL B 374 26.87 1.02 8.72
CA VAL B 374 27.61 2.16 9.28
C VAL B 374 28.69 1.71 10.25
N PRO B 375 28.43 0.80 11.19
CA PRO B 375 29.51 0.37 12.11
C PRO B 375 30.75 -0.12 11.37
N ALA B 376 30.57 -1.00 10.38
CA ALA B 376 31.72 -1.50 9.63
C ALA B 376 32.30 -0.44 8.71
N LEU B 377 31.44 0.37 8.07
CA LEU B 377 31.93 1.43 7.20
C LEU B 377 32.81 2.41 7.95
N ARG B 378 32.47 2.68 9.21
CA ARG B 378 33.26 3.63 10.00
C ARG B 378 34.69 3.11 10.22
N GLU B 379 34.82 1.80 10.47
CA GLU B 379 36.15 1.24 10.64
C GLU B 379 36.98 1.35 9.37
N VAL B 380 36.34 1.21 8.20
CA VAL B 380 37.06 1.29 6.94
C VAL B 380 37.58 2.70 6.70
N PHE B 381 36.71 3.70 6.83
CA PHE B 381 37.11 5.09 6.61
C PHE B 381 38.24 5.48 7.56
N LYS B 382 38.12 5.13 8.84
CA LYS B 382 39.18 5.46 9.80
C LYS B 382 40.52 4.90 9.36
N TYR B 383 40.51 3.74 8.69
CA TYR B 383 41.75 3.11 8.23
C TYR B 383 42.31 3.82 7.00
N VAL B 384 41.44 4.23 6.07
CA VAL B 384 41.86 4.85 4.82
C VAL B 384 42.00 6.36 4.99
N GLY B 385 41.92 6.84 6.23
CA GLY B 385 42.17 8.23 6.50
C GLY B 385 40.99 9.17 6.38
N PHE B 386 39.77 8.67 6.59
CA PHE B 386 38.57 9.48 6.57
C PHE B 386 37.98 9.54 7.96
N THR B 387 37.76 10.76 8.47
CA THR B 387 37.24 10.97 9.81
C THR B 387 35.72 11.05 9.75
N THR B 388 35.06 10.15 10.47
CA THR B 388 33.60 10.13 10.54
C THR B 388 33.17 10.98 11.73
N ASN B 389 32.28 11.95 11.48
CA ASN B 389 31.77 12.81 12.54
C ASN B 389 30.53 12.17 13.13
N THR B 390 30.66 11.63 14.35
CA THR B 390 29.57 10.89 14.96
C THR B 390 28.33 11.77 15.17
N LYS B 391 28.53 13.07 15.39
CA LYS B 391 27.41 13.94 15.74
C LYS B 391 26.37 13.99 14.62
N LYS B 392 26.82 14.26 13.39
CA LYS B 392 25.92 14.44 12.26
C LYS B 392 25.86 13.20 11.35
N THR B 393 26.03 12.02 11.92
CA THR B 393 25.88 10.75 11.20
C THR B 393 24.78 9.96 11.88
N PHE B 394 23.66 9.77 11.18
CA PHE B 394 22.44 9.22 11.76
C PHE B 394 22.16 7.85 11.14
N SER B 395 22.46 6.81 11.92
CA SER B 395 22.17 5.44 11.53
C SER B 395 20.85 4.94 12.13
N GLU B 396 20.44 5.49 13.27
CA GLU B 396 19.14 5.20 13.86
C GLU B 396 18.59 6.48 14.47
N GLY B 397 17.26 6.53 14.59
CA GLY B 397 16.59 7.68 15.12
C GLY B 397 15.72 8.35 14.08
N PRO B 398 14.94 9.35 14.51
CA PRO B 398 13.96 9.98 13.60
C PRO B 398 14.56 10.94 12.59
N PHE B 399 15.84 11.29 12.69
CA PHE B 399 16.41 12.38 11.90
C PHE B 399 17.33 11.85 10.82
N ARG B 400 17.26 12.47 9.64
CA ARG B 400 18.15 12.19 8.52
C ARG B 400 18.48 13.51 7.84
N GLU B 401 19.53 13.49 7.03
CA GLU B 401 19.97 14.71 6.34
C GLU B 401 20.88 14.33 5.18
N SER B 402 20.61 14.90 4.01
CA SER B 402 21.39 14.58 2.83
C SER B 402 21.12 15.61 1.74
N CYS B 403 22.16 16.33 1.33
CA CYS B 403 22.11 17.20 0.15
C CYS B 403 21.10 18.34 0.32
N GLY B 404 21.22 19.04 1.45
CA GLY B 404 20.41 20.20 1.72
C GLY B 404 19.06 19.92 2.33
N LYS B 405 18.58 18.68 2.29
CA LYS B 405 17.28 18.32 2.83
C LYS B 405 17.44 17.66 4.20
N HIS B 406 16.60 18.07 5.14
CA HIS B 406 16.59 17.56 6.50
C HIS B 406 15.18 17.08 6.83
N TYR B 407 15.06 15.83 7.28
CA TYR B 407 13.74 15.25 7.55
C TYR B 407 13.70 14.66 8.95
N TYR B 408 12.51 14.73 9.56
CA TYR B 408 12.27 14.25 10.91
C TYR B 408 10.96 13.46 10.91
N SER B 409 11.07 12.14 10.84
CA SER B 409 9.88 11.28 10.78
C SER B 409 9.07 11.56 9.52
N GLY B 410 9.74 11.69 8.38
CA GLY B 410 9.12 12.05 7.13
C GLY B 410 8.87 13.53 6.94
N VAL B 411 8.81 14.30 8.03
CA VAL B 411 8.55 15.73 7.95
C VAL B 411 9.78 16.45 7.42
N ASP B 412 9.56 17.38 6.49
CA ASP B 412 10.65 18.23 6.00
C ASP B 412 10.94 19.29 7.05
N VAL B 413 12.10 19.17 7.70
CA VAL B 413 12.51 20.11 8.74
C VAL B 413 13.73 20.88 8.26
N THR B 414 13.80 21.12 6.95
CA THR B 414 14.92 21.88 6.39
C THR B 414 14.86 23.33 6.86
N PRO B 415 15.92 23.86 7.45
CA PRO B 415 15.89 25.25 7.95
C PRO B 415 16.22 26.25 6.87
N PHE B 416 16.27 27.53 7.23
CA PHE B 416 16.78 28.58 6.35
C PHE B 416 17.85 29.38 7.09
N TYR B 417 18.72 30.02 6.31
CA TYR B 417 19.89 30.70 6.84
C TYR B 417 19.84 32.18 6.52
N ILE B 418 20.01 33.00 7.56
CA ILE B 418 20.25 34.43 7.41
C ILE B 418 21.77 34.61 7.46
N ARG B 419 22.38 34.90 6.32
CA ARG B 419 23.83 34.88 6.24
C ARG B 419 24.45 36.24 6.49
N HIS B 420 23.92 37.29 5.86
CA HIS B 420 24.55 38.60 5.86
C HIS B 420 23.72 39.61 6.64
N ARG B 421 24.33 40.75 6.92
CA ARG B 421 23.63 41.82 7.61
C ARG B 421 22.56 42.40 6.69
N ILE B 422 21.31 42.34 7.13
CA ILE B 422 20.19 42.86 6.35
C ILE B 422 20.33 44.37 6.26
N VAL B 423 20.77 44.87 5.10
CA VAL B 423 21.02 46.30 4.90
C VAL B 423 20.01 46.90 3.93
N SER B 424 20.01 46.46 2.69
CA SER B 424 19.14 47.01 1.67
C SER B 424 17.79 46.31 1.68
N PRO B 425 16.73 47.00 1.22
CA PRO B 425 15.41 46.36 1.15
C PRO B 425 15.46 45.04 0.40
N ALA B 426 16.37 44.91 -0.56
CA ALA B 426 16.57 43.62 -1.22
C ALA B 426 16.89 42.53 -0.20
N ASP B 427 17.82 42.81 0.71
CA ASP B 427 18.25 41.81 1.69
C ASP B 427 17.11 41.43 2.62
N LEU B 428 16.28 42.40 3.01
CA LEU B 428 15.17 42.11 3.91
C LEU B 428 14.11 41.29 3.23
N ILE B 429 13.86 41.55 1.94
CA ILE B 429 12.83 40.80 1.22
C ILE B 429 13.24 39.34 1.11
N LEU B 430 14.52 39.08 0.89
CA LEU B 430 14.99 37.69 0.83
C LEU B 430 14.77 36.98 2.16
N VAL B 431 15.17 37.62 3.27
CA VAL B 431 14.92 37.03 4.58
C VAL B 431 13.42 36.78 4.77
N LEU B 432 12.61 37.79 4.46
CA LEU B 432 11.17 37.62 4.59
C LEU B 432 10.65 36.49 3.71
N ASN B 433 11.21 36.34 2.51
CA ASN B 433 10.76 35.28 1.60
C ASN B 433 11.21 33.92 2.08
N ASN B 434 12.47 33.78 2.49
CA ASN B 434 12.92 32.51 3.06
C ASN B 434 12.05 32.10 4.23
N LEU B 435 11.66 33.08 5.06
CA LEU B 435 10.74 32.79 6.16
C LEU B 435 9.37 32.38 5.63
N TYR B 436 8.87 33.12 4.64
CA TYR B 436 7.60 32.75 4.00
C TYR B 436 7.63 31.29 3.56
N ARG B 437 8.61 30.92 2.74
CA ARG B 437 8.66 29.57 2.21
C ARG B 437 8.77 28.55 3.33
N TRP B 438 9.50 28.88 4.39
CA TRP B 438 9.69 27.92 5.48
C TRP B 438 8.41 27.71 6.27
N ALA B 439 7.54 28.71 6.37
CA ALA B 439 6.37 28.62 7.24
C ALA B 439 5.07 28.35 6.50
N THR B 440 4.96 28.71 5.23
CA THR B 440 3.73 28.50 4.48
C THR B 440 3.55 27.03 4.13
N ILE B 441 2.30 26.64 3.93
CA ILE B 441 1.93 25.31 3.44
C ILE B 441 0.91 25.52 2.34
N ASP B 442 1.37 25.56 1.10
CA ASP B 442 0.48 25.70 -0.05
C ASP B 442 -0.17 27.08 -0.08
N GLY B 443 0.62 28.10 0.27
CA GLY B 443 0.14 29.47 0.32
C GLY B 443 -0.46 29.90 1.64
N VAL B 444 -0.76 28.97 2.53
CA VAL B 444 -1.41 29.27 3.80
C VAL B 444 -0.34 29.56 4.85
N TRP B 445 -0.49 30.65 5.57
CA TRP B 445 0.50 31.06 6.55
C TRP B 445 0.35 30.28 7.85
N ASP B 446 1.47 30.15 8.56
CA ASP B 446 1.45 29.63 9.92
C ASP B 446 1.27 30.80 10.87
N PRO B 447 0.18 30.86 11.64
CA PRO B 447 -0.08 32.04 12.48
C PRO B 447 1.09 32.42 13.38
N ARG B 448 1.82 31.42 13.90
CA ARG B 448 2.92 31.71 14.81
C ARG B 448 4.00 32.54 14.12
N ALA B 449 4.45 32.09 12.95
CA ALA B 449 5.45 32.85 12.19
C ALA B 449 4.85 34.03 11.46
N HIS B 450 3.54 34.03 11.22
CA HIS B 450 2.93 35.06 10.39
C HIS B 450 3.06 36.45 11.00
N SER B 451 2.76 36.58 12.30
CA SER B 451 2.86 37.88 12.97
C SER B 451 4.26 38.47 12.83
N VAL B 452 5.30 37.64 13.02
CA VAL B 452 6.67 38.12 12.88
C VAL B 452 6.92 38.63 11.47
N TYR B 453 6.38 37.93 10.47
CA TYR B 453 6.58 38.34 9.08
C TYR B 453 5.95 39.70 8.81
N LEU B 454 4.68 39.88 9.21
CA LEU B 454 4.02 41.16 9.03
C LEU B 454 4.80 42.27 9.70
N LYS B 455 5.41 42.00 10.85
CA LYS B 455 6.10 43.04 11.60
C LYS B 455 7.32 43.55 10.85
N TYR B 456 8.29 42.67 10.58
CA TYR B 456 9.50 43.14 9.93
C TYR B 456 9.30 43.46 8.46
N ARG B 457 8.13 43.12 7.90
CA ARG B 457 7.80 43.61 6.57
C ARG B 457 7.55 45.12 6.56
N LYS B 458 7.06 45.67 7.67
CA LYS B 458 6.84 47.10 7.77
C LYS B 458 8.13 47.90 7.69
N LEU B 459 9.29 47.24 7.85
CA LEU B 459 10.57 47.93 7.69
C LEU B 459 10.87 48.25 6.23
N LEU B 460 10.19 47.60 5.30
CA LEU B 460 10.37 47.89 3.90
C LEU B 460 9.68 49.20 3.52
N PRO B 461 10.21 49.93 2.54
CA PRO B 461 9.47 51.08 2.01
C PRO B 461 8.02 50.70 1.71
N LYS B 462 7.12 51.69 1.83
CA LYS B 462 5.69 51.38 1.74
C LYS B 462 5.38 50.65 0.45
N GLN B 463 5.97 51.07 -0.66
CA GLN B 463 5.61 50.48 -1.95
C GLN B 463 6.07 49.03 -2.05
N LEU B 464 7.30 48.74 -1.64
CA LEU B 464 7.85 47.39 -1.75
C LEU B 464 7.14 46.41 -0.82
N GLN B 465 6.14 46.90 -0.08
CA GLN B 465 5.42 46.06 0.86
C GLN B 465 4.24 45.34 0.22
N ARG B 466 3.43 46.05 -0.56
CA ARG B 466 2.32 45.43 -1.27
C ARG B 466 2.73 44.88 -2.64
N ASN B 467 4.00 45.02 -3.02
CA ASN B 467 4.51 44.56 -4.31
C ASN B 467 4.97 43.11 -4.18
N THR B 468 4.15 42.18 -4.69
CA THR B 468 4.39 40.75 -4.52
C THR B 468 4.50 40.06 -5.87
N ILE B 469 5.10 38.87 -5.84
CA ILE B 469 5.19 38.00 -7.01
C ILE B 469 4.88 36.58 -6.59
N PRO B 470 4.62 35.67 -7.54
CA PRO B 470 4.41 34.27 -7.19
C PRO B 470 5.70 33.60 -6.75
N ASP B 471 5.57 32.54 -5.96
CA ASP B 471 6.75 31.82 -5.52
C ASP B 471 7.42 31.15 -6.71
N GLY B 472 8.75 31.11 -6.67
CA GLY B 472 9.53 30.54 -7.74
C GLY B 472 9.95 31.51 -8.83
N TYR B 473 9.67 32.80 -8.66
CA TYR B 473 10.17 33.83 -9.58
C TYR B 473 11.34 34.60 -8.98
N GLY B 474 12.04 34.00 -8.02
CA GLY B 474 13.15 34.65 -7.35
C GLY B 474 12.71 35.40 -6.13
N ASP B 475 13.64 36.20 -5.61
CA ASP B 475 13.41 36.98 -4.41
C ASP B 475 13.63 38.48 -4.66
N GLY B 476 13.35 38.92 -5.88
CA GLY B 476 13.37 40.33 -6.20
C GLY B 476 12.17 41.11 -5.75
N ALA B 477 11.28 40.46 -4.99
CA ALA B 477 10.05 41.05 -4.50
C ALA B 477 9.47 40.06 -3.50
N LEU B 478 8.57 40.56 -2.65
CA LEU B 478 7.94 39.69 -1.66
C LEU B 478 7.07 38.65 -2.36
N VAL B 479 7.08 37.44 -1.81
CA VAL B 479 6.31 36.33 -2.36
C VAL B 479 4.88 36.40 -1.82
N GLY B 480 3.92 36.42 -2.72
CA GLY B 480 2.53 36.43 -2.32
C GLY B 480 1.64 36.19 -3.52
N SER B 481 0.39 36.62 -3.40
CA SER B 481 -0.53 36.57 -4.53
C SER B 481 -0.26 37.77 -5.43
N VAL B 482 0.23 37.49 -6.65
CA VAL B 482 0.49 38.54 -7.62
C VAL B 482 -0.79 39.12 -8.20
N LEU B 483 -1.93 38.48 -7.96
CA LEU B 483 -3.19 38.97 -8.50
C LEU B 483 -3.59 40.31 -7.89
N ILE B 484 -3.25 40.54 -6.63
CA ILE B 484 -3.58 41.78 -5.94
C ILE B 484 -2.45 42.79 -5.96
N ASN B 485 -1.34 42.47 -6.61
CA ASN B 485 -0.22 43.39 -6.71
C ASN B 485 -0.60 44.61 -7.53
N PRO B 486 -0.76 45.78 -6.94
CA PRO B 486 -1.21 46.96 -7.72
C PRO B 486 -0.18 47.46 -8.72
N PHE B 487 1.04 46.94 -8.71
CA PHE B 487 2.08 47.41 -9.62
C PHE B 487 2.20 46.56 -10.87
N ALA B 488 1.48 45.46 -10.95
CA ALA B 488 1.59 44.53 -12.07
C ALA B 488 0.76 45.02 -13.24
N LYS B 489 1.37 45.06 -14.43
CA LYS B 489 0.70 45.45 -15.66
C LYS B 489 0.31 44.20 -16.44
N ASN B 490 -0.98 44.05 -16.74
CA ASN B 490 -1.45 42.91 -17.52
C ASN B 490 -1.72 43.33 -18.97
N ARG B 491 -0.66 43.74 -19.66
CA ARG B 491 -0.76 44.14 -21.05
C ARG B 491 -0.26 43.03 -21.96
N GLY B 492 -1.01 42.80 -23.04
CA GLY B 492 -0.78 41.68 -23.93
C GLY B 492 -1.42 40.40 -23.49
N TRP B 493 -2.21 40.41 -22.42
CA TRP B 493 -2.70 39.19 -21.77
C TRP B 493 -1.58 38.45 -21.05
N ILE B 494 -0.58 39.21 -20.59
CA ILE B 494 0.57 38.68 -19.86
C ILE B 494 0.91 39.69 -18.79
N ARG B 495 0.59 39.39 -17.53
CA ARG B 495 0.89 40.31 -16.46
C ARG B 495 2.39 40.35 -16.21
N TYR B 496 2.96 41.55 -16.22
CA TYR B 496 4.35 41.78 -15.90
C TYR B 496 4.47 42.39 -14.52
N VAL B 497 5.47 41.97 -13.76
CA VAL B 497 5.66 42.45 -12.41
C VAL B 497 7.04 43.09 -12.27
N PRO B 498 7.15 44.24 -11.60
CA PRO B 498 8.46 44.82 -11.34
C PRO B 498 9.17 44.09 -10.22
N VAL B 499 10.43 43.70 -10.48
CA VAL B 499 11.27 43.02 -9.50
C VAL B 499 12.58 43.77 -9.38
N ILE B 500 13.23 43.62 -8.23
CA ILE B 500 14.53 44.27 -7.98
C ILE B 500 15.64 43.40 -8.54
N THR B 501 16.64 44.03 -9.16
CA THR B 501 17.75 43.31 -9.76
C THR B 501 19.03 44.11 -9.57
N ASP B 502 20.17 43.47 -9.84
CA ASP B 502 21.48 44.09 -9.64
C ASP B 502 21.81 44.97 -10.84
N HIS B 503 21.98 46.27 -10.60
CA HIS B 503 22.38 47.20 -11.65
C HIS B 503 23.81 46.87 -12.13
N THR B 504 23.98 46.77 -13.44
CA THR B 504 25.23 46.31 -14.02
C THR B 504 25.76 47.32 -15.03
N ARG B 505 27.09 47.37 -15.16
CA ARG B 505 27.76 48.18 -16.16
C ARG B 505 28.49 47.25 -17.12
N ASP B 506 28.32 47.50 -18.42
CA ASP B 506 28.86 46.60 -19.43
C ASP B 506 30.38 46.68 -19.50
N ARG B 507 31.00 45.51 -19.63
CA ARG B 507 32.44 45.38 -19.83
C ARG B 507 32.68 44.72 -21.18
N GLU B 508 33.74 45.16 -21.86
CA GLU B 508 34.02 44.62 -23.19
C GLU B 508 34.63 43.23 -23.05
N ARG B 509 34.06 42.28 -23.79
CA ARG B 509 34.51 40.89 -23.76
C ARG B 509 35.78 40.71 -24.59
N ALA B 510 36.41 39.56 -24.42
CA ALA B 510 37.52 39.16 -25.28
C ALA B 510 36.93 38.66 -26.59
N GLU B 511 37.04 39.46 -27.65
CA GLU B 511 36.40 39.09 -28.90
C GLU B 511 36.94 37.76 -29.42
N LEU B 512 38.26 37.69 -29.68
CA LEU B 512 38.82 36.42 -30.16
C LEU B 512 38.69 35.32 -29.12
N GLY B 513 38.87 35.65 -27.84
CA GLY B 513 38.63 34.67 -26.80
C GLY B 513 37.25 34.07 -26.88
N SER B 514 36.23 34.92 -27.04
CA SER B 514 34.86 34.43 -27.11
C SER B 514 34.60 33.64 -28.37
N TYR B 515 35.23 34.02 -29.49
CA TYR B 515 35.09 33.26 -30.72
C TYR B 515 35.52 31.81 -30.53
N LEU B 516 36.71 31.60 -29.96
CA LEU B 516 37.17 30.24 -29.69
C LEU B 516 36.22 29.50 -28.75
N TYR B 517 35.86 30.14 -27.64
CA TYR B 517 34.93 29.53 -26.71
C TYR B 517 33.67 29.05 -27.42
N ASP B 518 33.20 29.80 -28.42
CA ASP B 518 32.07 29.34 -29.23
C ASP B 518 32.48 28.17 -30.10
N LEU B 519 33.44 28.39 -31.00
CA LEU B 519 33.88 27.32 -31.90
C LEU B 519 34.16 26.04 -31.14
N PHE B 520 34.80 26.15 -29.98
CA PHE B 520 35.17 24.96 -29.21
C PHE B 520 33.95 24.27 -28.62
N SER B 521 32.93 25.02 -28.22
CA SER B 521 31.74 24.40 -27.65
C SER B 521 30.92 23.66 -28.70
N ARG B 522 31.03 24.03 -29.96
CA ARG B 522 30.36 23.33 -31.06
C ARG B 522 31.16 22.12 -31.52
N CYS B 523 32.48 22.16 -31.35
CA CYS B 523 33.33 21.04 -31.76
C CYS B 523 33.23 19.87 -30.80
N LEU B 524 32.94 20.12 -29.52
CA LEU B 524 32.76 19.07 -28.54
C LEU B 524 31.35 18.49 -28.55
N SER B 525 30.60 18.68 -29.63
CA SER B 525 29.27 18.12 -29.74
C SER B 525 29.12 17.43 -31.08
N SER B 541 6.13 12.65 -22.42
CA SER B 541 5.68 13.73 -23.29
C SER B 541 6.44 13.74 -24.61
N ALA B 542 6.02 12.88 -25.54
CA ALA B 542 6.68 12.72 -26.83
C ALA B 542 6.24 13.77 -27.87
N ASP B 543 5.56 14.83 -27.43
CA ASP B 543 5.12 15.91 -28.30
C ASP B 543 5.74 17.24 -27.88
N LEU B 544 5.72 17.55 -26.58
CA LEU B 544 6.41 18.71 -26.04
C LEU B 544 7.91 18.67 -26.29
N PHE B 545 8.46 17.51 -26.67
CA PHE B 545 9.89 17.39 -26.89
C PHE B 545 10.34 18.17 -28.13
N ALA B 546 9.59 18.05 -29.22
CA ALA B 546 10.00 18.68 -30.47
C ALA B 546 9.97 20.20 -30.41
N ILE B 547 9.09 20.76 -29.58
CA ILE B 547 9.00 22.22 -29.47
C ILE B 547 10.29 22.79 -28.89
N ASP B 548 10.85 22.14 -27.87
CA ASP B 548 12.09 22.63 -27.29
C ASP B 548 13.24 22.56 -28.26
N GLN B 549 13.11 21.75 -29.32
CA GLN B 549 14.14 21.70 -30.35
C GLN B 549 14.30 23.04 -31.06
N LEU B 550 13.21 23.80 -31.17
CA LEU B 550 13.27 25.06 -31.89
C LEU B 550 14.22 26.05 -31.20
N ILE B 551 14.35 25.95 -29.88
CA ILE B 551 15.08 26.94 -29.10
C ILE B 551 16.58 26.65 -29.15
N CYS B 552 17.36 27.60 -29.66
CA CYS B 552 18.81 27.50 -29.67
C CYS B 552 19.34 27.90 -28.29
N ARG B 553 19.85 26.94 -27.54
CA ARG B 553 20.19 27.16 -26.14
C ARG B 553 21.63 27.60 -25.91
N SER B 554 22.22 28.35 -26.85
CA SER B 554 23.57 28.88 -26.72
C SER B 554 23.51 30.37 -26.44
N ASN B 555 24.28 30.82 -25.45
CA ASN B 555 24.22 32.21 -25.01
C ASN B 555 25.45 32.97 -25.48
N PRO B 556 25.26 34.00 -26.32
CA PRO B 556 26.40 34.82 -26.75
C PRO B 556 27.10 35.44 -25.55
N THR B 557 28.42 35.31 -25.53
CA THR B 557 29.20 35.77 -24.39
C THR B 557 29.11 37.28 -24.24
N LYS B 558 28.66 37.73 -23.06
CA LYS B 558 28.51 39.15 -22.75
C LYS B 558 28.89 39.35 -21.29
N ILE B 559 29.93 40.14 -21.05
CA ILE B 559 30.47 40.34 -19.70
C ILE B 559 29.85 41.60 -19.09
N SER B 560 29.52 41.51 -17.81
CA SER B 560 28.92 42.62 -17.07
C SER B 560 29.58 42.74 -15.71
N ARG B 561 29.45 43.91 -15.10
CA ARG B 561 29.98 44.19 -13.77
C ARG B 561 28.86 44.69 -12.88
N SER B 562 28.61 43.98 -11.79
CA SER B 562 27.65 44.46 -10.80
C SER B 562 28.23 45.67 -10.07
N THR B 563 27.34 46.60 -9.70
CA THR B 563 27.77 47.86 -9.12
C THR B 563 27.28 48.09 -7.69
N GLY B 564 26.52 47.15 -7.11
CA GLY B 564 25.96 47.35 -5.79
C GLY B 564 24.76 48.28 -5.75
N LYS B 565 24.40 48.89 -6.87
CA LYS B 565 23.13 49.59 -7.00
C LYS B 565 22.07 48.63 -7.51
N PHE B 566 20.81 49.02 -7.32
CA PHE B 566 19.69 48.16 -7.69
C PHE B 566 18.93 48.77 -8.86
N ASP B 567 18.51 47.90 -9.78
CA ASP B 567 17.64 48.26 -10.88
C ASP B 567 16.30 47.55 -10.74
N ILE B 568 15.30 48.11 -11.40
CA ILE B 568 13.95 47.56 -11.41
C ILE B 568 13.60 47.21 -12.85
N GLN B 569 13.37 45.92 -13.11
CA GLN B 569 12.92 45.46 -14.41
C GLN B 569 11.71 44.57 -14.25
N TYR B 570 10.73 44.76 -15.13
CA TYR B 570 9.51 43.97 -15.12
C TYR B 570 9.74 42.61 -15.74
N ILE B 571 9.06 41.60 -15.21
CA ILE B 571 9.16 40.24 -15.71
C ILE B 571 7.76 39.68 -15.90
N ALA B 572 7.62 38.75 -16.85
CA ALA B 572 6.35 38.08 -17.08
C ALA B 572 6.06 37.08 -15.97
N CYS B 573 4.82 37.09 -15.47
CA CYS B 573 4.43 36.31 -14.30
C CYS B 573 3.12 35.57 -14.56
N SER B 574 2.81 34.64 -13.66
CA SER B 574 1.67 33.76 -13.83
C SER B 574 1.06 33.43 -12.48
N SER B 575 -0.20 33.82 -12.28
CA SER B 575 -0.93 33.39 -11.10
C SER B 575 -0.91 31.88 -10.99
N ARG B 576 -0.41 31.37 -9.86
CA ARG B 576 -0.28 29.93 -9.64
C ARG B 576 -1.59 29.40 -9.07
N VAL B 577 -2.64 29.48 -9.88
CA VAL B 577 -3.96 28.99 -9.48
C VAL B 577 -4.23 27.62 -10.10
N ALA C 2 -64.90 10.36 -22.86
CA ALA C 2 -63.58 10.02 -22.33
C ALA C 2 -63.56 10.07 -20.81
N GLU C 3 -64.75 9.87 -20.21
CA GLU C 3 -64.92 9.88 -18.77
C GLU C 3 -63.97 8.91 -18.07
N ILE C 4 -62.96 9.45 -17.38
CA ILE C 4 -61.96 8.64 -16.69
C ILE C 4 -62.56 8.18 -15.35
N THR C 5 -62.83 6.89 -15.24
CA THR C 5 -63.42 6.32 -14.03
C THR C 5 -62.54 5.17 -13.52
N ALA C 6 -62.92 4.66 -12.34
CA ALA C 6 -62.19 3.53 -11.77
C ALA C 6 -62.48 2.24 -12.54
N SER C 7 -63.65 2.15 -13.16
CA SER C 7 -63.97 0.97 -13.98
C SER C 7 -63.05 0.90 -15.20
N LEU C 8 -62.80 2.04 -15.85
CA LEU C 8 -61.97 2.04 -17.04
C LEU C 8 -60.52 1.69 -16.71
N VAL C 9 -59.96 2.32 -15.67
CA VAL C 9 -58.57 2.06 -15.32
C VAL C 9 -58.37 0.60 -14.94
N LYS C 10 -59.38 -0.01 -14.31
CA LYS C 10 -59.28 -1.43 -13.97
C LYS C 10 -59.28 -2.30 -15.21
N GLU C 11 -60.01 -1.90 -16.25
CA GLU C 11 -60.04 -2.67 -17.49
C GLU C 11 -58.69 -2.60 -18.20
N LEU C 12 -58.00 -1.47 -18.11
CA LEU C 12 -56.65 -1.37 -18.68
C LEU C 12 -55.63 -2.15 -17.86
N ARG C 13 -55.82 -2.19 -16.54
CA ARG C 13 -54.95 -3.00 -15.69
C ARG C 13 -55.04 -4.48 -16.00
N GLU C 14 -56.11 -4.91 -16.66
CA GLU C 14 -56.34 -6.33 -16.90
C GLU C 14 -55.53 -6.86 -18.08
N ARG C 15 -55.62 -6.19 -19.22
CA ARG C 15 -54.90 -6.62 -20.41
C ARG C 15 -53.52 -5.97 -20.53
N THR C 16 -52.99 -5.43 -19.44
CA THR C 16 -51.69 -4.76 -19.46
C THR C 16 -50.84 -5.15 -18.27
N GLY C 17 -51.42 -5.13 -17.07
CA GLY C 17 -50.65 -5.41 -15.89
C GLY C 17 -49.67 -4.32 -15.50
N ALA C 18 -49.86 -3.10 -16.00
CA ALA C 18 -49.02 -1.97 -15.66
C ALA C 18 -49.56 -1.27 -14.41
N GLY C 19 -48.80 -0.29 -13.93
CA GLY C 19 -49.17 0.37 -12.70
C GLY C 19 -50.48 1.12 -12.82
N MET C 20 -51.16 1.29 -11.68
CA MET C 20 -52.42 2.02 -11.66
C MET C 20 -52.24 3.41 -12.25
N MET C 21 -51.30 4.18 -11.71
CA MET C 21 -51.08 5.54 -12.20
C MET C 21 -50.55 5.55 -13.62
N ASP C 22 -49.76 4.54 -14.00
CA ASP C 22 -49.37 4.42 -15.40
C ASP C 22 -50.59 4.22 -16.30
N CYS C 23 -51.61 3.53 -15.80
CA CYS C 23 -52.82 3.31 -16.59
C CYS C 23 -53.67 4.58 -16.67
N LYS C 24 -53.83 5.29 -15.55
CA LYS C 24 -54.66 6.49 -15.57
C LYS C 24 -54.03 7.57 -16.45
N LYS C 25 -52.74 7.84 -16.26
CA LYS C 25 -52.06 8.81 -17.11
C LYS C 25 -52.08 8.38 -18.57
N ALA C 26 -52.04 7.07 -18.83
CA ALA C 26 -52.17 6.58 -20.21
C ALA C 26 -53.59 6.77 -20.73
N LEU C 27 -54.59 6.69 -19.85
CA LEU C 27 -55.96 6.91 -20.26
C LEU C 27 -56.34 8.39 -20.30
N THR C 28 -55.85 9.18 -19.34
CA THR C 28 -56.08 10.61 -19.38
C THR C 28 -55.56 11.20 -20.68
N GLU C 29 -54.43 10.72 -21.16
CA GLU C 29 -53.91 11.12 -22.46
C GLU C 29 -53.78 9.88 -23.33
N ALA C 30 -54.80 9.61 -24.14
CA ALA C 30 -56.02 10.41 -24.19
C ALA C 30 -57.00 9.74 -25.13
N ASN C 31 -58.28 10.09 -25.03
CA ASN C 31 -58.81 10.84 -23.91
C ASN C 31 -59.54 9.86 -23.01
N GLY C 32 -59.74 8.67 -23.56
CA GLY C 32 -60.42 7.59 -22.88
C GLY C 32 -60.38 6.35 -23.74
N ASP C 33 -59.57 6.40 -24.80
CA ASP C 33 -59.44 5.29 -25.75
C ASP C 33 -58.61 4.19 -25.11
N ILE C 34 -59.29 3.17 -24.56
CA ILE C 34 -58.59 2.09 -23.89
C ILE C 34 -57.63 1.38 -24.84
N GLU C 35 -58.01 1.26 -26.11
CA GLU C 35 -57.12 0.61 -27.07
C GLU C 35 -55.92 1.50 -27.40
N LEU C 36 -56.14 2.80 -27.54
CA LEU C 36 -55.02 3.71 -27.78
C LEU C 36 -54.06 3.71 -26.60
N ALA C 37 -54.60 3.71 -25.37
CA ALA C 37 -53.75 3.65 -24.19
C ALA C 37 -52.84 2.42 -24.24
N ILE C 38 -53.41 1.26 -24.59
CA ILE C 38 -52.62 0.04 -24.68
C ILE C 38 -51.40 0.25 -25.58
N GLU C 39 -51.59 0.91 -26.72
CA GLU C 39 -50.49 1.12 -27.64
C GLU C 39 -49.44 2.06 -27.05
N ASN C 40 -49.87 3.18 -26.48
CA ASN C 40 -48.93 4.18 -25.98
C ASN C 40 -48.19 3.74 -24.72
N MET C 41 -48.75 2.80 -23.95
CA MET C 41 -47.99 2.25 -22.84
C MET C 41 -46.95 1.25 -23.31
N ARG C 42 -47.22 0.56 -24.42
CA ARG C 42 -46.19 -0.27 -25.04
C ARG C 42 -45.06 0.58 -25.58
N LYS C 43 -45.41 1.65 -26.31
CA LYS C 43 -44.40 2.58 -26.80
C LYS C 43 -43.70 3.29 -25.65
N SER C 44 -44.45 3.63 -24.60
CA SER C 44 -43.90 4.28 -23.42
C SER C 44 -43.33 3.29 -22.41
N GLY C 45 -43.23 2.02 -22.77
CA GLY C 45 -42.70 1.01 -21.88
C GLY C 45 -41.20 0.86 -22.02
N ALA C 46 -40.70 1.06 -23.24
CA ALA C 46 -39.26 0.97 -23.48
C ALA C 46 -38.50 1.97 -22.62
N ILE C 47 -39.09 3.13 -22.35
CA ILE C 47 -38.42 4.13 -21.52
C ILE C 47 -38.34 3.64 -20.07
N LYS C 48 -39.45 3.15 -19.53
CA LYS C 48 -39.43 2.60 -18.18
C LYS C 48 -38.43 1.47 -18.07
N ALA C 49 -38.33 0.63 -19.11
CA ALA C 49 -37.38 -0.48 -19.08
C ALA C 49 -35.95 -0.02 -19.30
N ALA C 50 -35.73 0.99 -20.14
CA ALA C 50 -34.38 1.53 -20.33
C ALA C 50 -33.87 2.23 -19.09
N LYS C 51 -34.76 2.65 -18.19
CA LYS C 51 -34.35 3.31 -16.97
C LYS C 51 -33.94 2.32 -15.88
N LYS C 52 -34.60 1.15 -15.84
CA LYS C 52 -34.21 0.07 -14.96
C LYS C 52 -32.89 -0.59 -15.38
N ALA C 53 -32.29 -0.13 -16.49
CA ALA C 53 -31.09 -0.77 -17.02
C ALA C 53 -29.90 -0.64 -16.07
N GLY C 54 -29.85 0.43 -15.27
CA GLY C 54 -28.71 0.64 -14.40
C GLY C 54 -28.70 -0.25 -13.17
N ASN C 55 -29.84 -0.82 -12.80
CA ASN C 55 -29.93 -1.65 -11.60
C ASN C 55 -29.22 -2.97 -11.82
N VAL C 56 -28.31 -3.31 -10.91
CA VAL C 56 -27.60 -4.58 -10.98
C VAL C 56 -28.60 -5.73 -10.83
N ALA C 57 -28.38 -6.82 -11.58
CA ALA C 57 -29.27 -7.99 -11.56
C ALA C 57 -28.41 -9.26 -11.54
N ALA C 58 -27.87 -9.58 -10.36
CA ALA C 58 -27.01 -10.73 -10.19
C ALA C 58 -27.77 -11.99 -9.75
N ASP C 59 -29.08 -12.03 -9.99
CA ASP C 59 -29.90 -13.22 -9.76
C ASP C 59 -30.49 -13.66 -11.11
N GLY C 60 -31.27 -14.73 -11.08
CA GLY C 60 -31.88 -15.20 -12.32
C GLY C 60 -31.93 -16.71 -12.45
N VAL C 61 -31.64 -17.24 -13.64
CA VAL C 61 -31.80 -18.65 -13.91
C VAL C 61 -30.78 -19.13 -14.92
N ILE C 62 -30.47 -20.42 -14.83
CA ILE C 62 -29.69 -21.15 -15.83
C ILE C 62 -30.60 -22.21 -16.44
N LYS C 63 -30.71 -22.21 -17.77
CA LYS C 63 -31.55 -23.14 -18.51
C LYS C 63 -30.69 -23.96 -19.45
N THR C 64 -31.04 -25.24 -19.62
CA THR C 64 -30.32 -26.14 -20.51
C THR C 64 -31.31 -26.96 -21.34
N LYS C 65 -31.03 -27.07 -22.63
CA LYS C 65 -31.88 -27.85 -23.55
C LYS C 65 -30.99 -28.65 -24.49
N ILE C 66 -31.31 -29.92 -24.65
CA ILE C 66 -30.58 -30.83 -25.53
C ILE C 66 -31.55 -31.43 -26.54
N ASP C 67 -31.23 -31.32 -27.82
CA ASP C 67 -32.02 -31.89 -28.92
C ASP C 67 -31.10 -32.73 -29.78
N GLY C 68 -30.98 -34.01 -29.46
CA GLY C 68 -30.08 -34.89 -30.19
C GLY C 68 -28.63 -34.58 -29.93
N ASN C 69 -27.87 -34.30 -31.00
CA ASN C 69 -26.44 -34.02 -30.92
C ASN C 69 -26.14 -32.53 -30.84
N TYR C 70 -26.95 -31.78 -30.09
CA TYR C 70 -26.79 -30.33 -30.01
C TYR C 70 -27.44 -29.85 -28.73
N GLY C 71 -26.67 -29.19 -27.88
CA GLY C 71 -27.17 -28.70 -26.61
C GLY C 71 -26.92 -27.22 -26.45
N ILE C 72 -27.84 -26.56 -25.74
CA ILE C 72 -27.76 -25.12 -25.49
C ILE C 72 -27.90 -24.88 -23.99
N ILE C 73 -27.08 -23.97 -23.48
CA ILE C 73 -27.16 -23.51 -22.09
C ILE C 73 -27.37 -22.00 -22.09
N LEU C 74 -28.18 -21.52 -21.14
CA LEU C 74 -28.67 -20.16 -21.15
C LEU C 74 -28.63 -19.57 -19.74
N GLU C 75 -28.38 -18.28 -19.64
CA GLU C 75 -28.47 -17.55 -18.37
C GLU C 75 -29.26 -16.27 -18.59
N VAL C 76 -30.40 -16.16 -17.89
CA VAL C 76 -31.23 -14.96 -17.91
C VAL C 76 -31.24 -14.38 -16.51
N ASN C 77 -30.91 -13.11 -16.39
CA ASN C 77 -30.75 -12.46 -15.10
C ASN C 77 -31.90 -11.51 -14.81
N CYS C 78 -32.40 -11.57 -13.59
CA CYS C 78 -33.31 -10.59 -13.01
C CYS C 78 -32.68 -10.11 -11.71
N GLN C 79 -33.42 -9.29 -10.96
CA GLN C 79 -32.84 -8.67 -9.77
C GLN C 79 -32.97 -9.53 -8.52
N THR C 80 -34.17 -10.04 -8.23
CA THR C 80 -34.38 -10.87 -7.05
C THR C 80 -34.92 -12.23 -7.46
N ASP C 81 -34.59 -13.24 -6.65
CA ASP C 81 -35.07 -14.59 -6.91
C ASP C 81 -36.57 -14.74 -6.75
N PHE C 82 -37.25 -13.75 -6.17
CA PHE C 82 -38.71 -13.74 -6.19
C PHE C 82 -39.22 -13.62 -7.62
N VAL C 83 -38.57 -12.79 -8.42
CA VAL C 83 -38.93 -12.67 -9.83
C VAL C 83 -38.49 -13.91 -10.61
N ALA C 84 -37.29 -14.41 -10.32
CA ALA C 84 -36.78 -15.57 -11.03
C ALA C 84 -37.70 -16.78 -10.84
N LYS C 85 -38.39 -16.86 -9.71
CA LYS C 85 -39.36 -17.92 -9.48
C LYS C 85 -40.76 -17.58 -9.99
N ASP C 86 -40.92 -16.41 -10.63
CA ASP C 86 -42.23 -16.01 -11.09
C ASP C 86 -42.57 -16.64 -12.44
N ALA C 87 -43.86 -16.91 -12.63
CA ALA C 87 -44.31 -17.61 -13.84
C ALA C 87 -43.99 -16.81 -15.09
N GLY C 88 -44.26 -15.50 -15.08
CA GLY C 88 -44.03 -14.69 -16.26
C GLY C 88 -42.56 -14.65 -16.65
N PHE C 89 -41.67 -14.52 -15.66
CA PHE C 89 -40.24 -14.53 -15.94
C PHE C 89 -39.80 -15.90 -16.45
N GLN C 90 -40.18 -16.97 -15.74
CA GLN C 90 -39.86 -18.31 -16.20
C GLN C 90 -40.27 -18.51 -17.65
N ALA C 91 -41.50 -18.09 -18.00
CA ALA C 91 -42.00 -18.27 -19.35
C ALA C 91 -41.10 -17.59 -20.38
N PHE C 92 -40.55 -16.43 -20.02
CA PHE C 92 -39.65 -15.71 -20.93
C PHE C 92 -38.40 -16.52 -21.19
N ALA C 93 -37.69 -16.92 -20.14
CA ALA C 93 -36.44 -17.67 -20.31
C ALA C 93 -36.66 -18.92 -21.15
N ASP C 94 -37.71 -19.69 -20.86
CA ASP C 94 -37.98 -20.90 -21.63
C ASP C 94 -38.19 -20.58 -23.12
N LYS C 95 -38.92 -19.51 -23.41
CA LYS C 95 -39.11 -19.11 -24.80
C LYS C 95 -37.77 -18.77 -25.44
N VAL C 96 -36.89 -18.11 -24.69
CA VAL C 96 -35.55 -17.80 -25.22
C VAL C 96 -34.75 -19.08 -25.41
N LEU C 97 -34.79 -19.98 -24.43
CA LEU C 97 -34.10 -21.26 -24.57
C LEU C 97 -34.58 -22.02 -25.79
N ASP C 98 -35.91 -22.16 -25.93
CA ASP C 98 -36.48 -22.83 -27.09
C ASP C 98 -36.00 -22.23 -28.40
N ALA C 99 -35.96 -20.90 -28.48
CA ALA C 99 -35.56 -20.23 -29.71
C ALA C 99 -34.09 -20.49 -30.02
N ALA C 100 -33.24 -20.47 -28.99
CA ALA C 100 -31.81 -20.73 -29.21
C ALA C 100 -31.59 -22.11 -29.81
N VAL C 101 -32.15 -23.14 -29.17
CA VAL C 101 -31.98 -24.51 -29.64
C VAL C 101 -32.54 -24.68 -31.04
N ALA C 102 -33.69 -24.06 -31.30
CA ALA C 102 -34.36 -24.27 -32.58
C ALA C 102 -33.55 -23.71 -33.73
N GLY C 103 -33.08 -22.48 -33.61
CA GLY C 103 -32.34 -21.82 -34.67
C GLY C 103 -30.84 -21.98 -34.61
N LYS C 104 -30.31 -22.79 -33.68
CA LYS C 104 -28.87 -22.94 -33.53
C LYS C 104 -28.22 -21.59 -33.25
N ILE C 105 -28.83 -20.83 -32.34
CA ILE C 105 -28.37 -19.48 -32.04
C ILE C 105 -27.26 -19.56 -31.00
N THR C 106 -26.05 -19.22 -31.42
CA THR C 106 -24.90 -19.21 -30.54
C THR C 106 -24.45 -17.79 -30.19
N ASP C 107 -24.80 -16.82 -31.03
CA ASP C 107 -24.50 -15.41 -30.81
C ASP C 107 -25.55 -14.82 -29.88
N VAL C 108 -25.15 -14.44 -28.67
CA VAL C 108 -26.12 -13.91 -27.71
C VAL C 108 -26.75 -12.62 -28.21
N GLU C 109 -26.13 -11.94 -29.17
CA GLU C 109 -26.66 -10.66 -29.62
C GLU C 109 -27.91 -10.83 -30.47
N VAL C 110 -27.91 -11.80 -31.39
CA VAL C 110 -29.12 -12.10 -32.14
C VAL C 110 -30.22 -12.58 -31.20
N LEU C 111 -29.84 -13.42 -30.22
CA LEU C 111 -30.81 -13.91 -29.24
C LEU C 111 -31.43 -12.76 -28.46
N LYS C 112 -30.60 -11.82 -28.00
CA LYS C 112 -31.14 -10.66 -27.28
C LYS C 112 -31.97 -9.78 -28.20
N ALA C 113 -31.49 -9.52 -29.43
CA ALA C 113 -32.23 -8.67 -30.35
C ALA C 113 -33.57 -9.28 -30.73
N GLN C 114 -33.67 -10.61 -30.69
CA GLN C 114 -34.92 -11.27 -31.08
C GLN C 114 -36.00 -11.07 -30.02
N PHE C 115 -35.64 -11.24 -28.74
CA PHE C 115 -36.61 -11.19 -27.65
C PHE C 115 -36.64 -9.83 -26.96
N GLU C 116 -36.28 -8.76 -27.67
CA GLU C 116 -36.21 -7.46 -27.03
C GLU C 116 -37.61 -6.95 -26.66
N GLU C 117 -38.52 -6.89 -27.64
CA GLU C 117 -39.85 -6.37 -27.36
C GLU C 117 -40.56 -7.17 -26.28
N GLU C 118 -40.39 -8.50 -26.29
CA GLU C 118 -40.96 -9.30 -25.21
C GLU C 118 -40.34 -8.95 -23.88
N ARG C 119 -39.02 -8.70 -23.88
CA ARG C 119 -38.32 -8.40 -22.63
C ARG C 119 -38.80 -7.08 -22.04
N VAL C 120 -38.87 -6.04 -22.86
CA VAL C 120 -39.24 -4.71 -22.36
C VAL C 120 -40.67 -4.70 -21.85
N ALA C 121 -41.59 -5.31 -22.59
CA ALA C 121 -42.96 -5.44 -22.09
C ALA C 121 -43.02 -6.27 -20.82
N LEU C 122 -42.00 -7.11 -20.58
CA LEU C 122 -41.91 -7.87 -19.34
C LEU C 122 -41.28 -7.04 -18.22
N VAL C 123 -40.24 -6.26 -18.53
CA VAL C 123 -39.63 -5.40 -17.52
C VAL C 123 -40.65 -4.41 -16.98
N ALA C 124 -41.28 -3.64 -17.88
CA ALA C 124 -42.27 -2.66 -17.44
C ALA C 124 -43.36 -3.31 -16.60
N LYS C 125 -43.71 -4.56 -16.89
CA LYS C 125 -44.77 -5.24 -16.14
C LYS C 125 -44.26 -5.79 -14.81
N ILE C 126 -42.99 -6.14 -14.73
CA ILE C 126 -42.39 -6.67 -13.51
C ILE C 126 -41.68 -5.59 -12.71
N GLY C 127 -40.98 -4.68 -13.39
CA GLY C 127 -40.30 -3.59 -12.73
C GLY C 127 -38.88 -3.88 -12.29
N GLU C 128 -38.28 -4.98 -12.72
CA GLU C 128 -36.88 -5.27 -12.43
C GLU C 128 -36.10 -5.30 -13.74
N ASN C 129 -34.77 -5.22 -13.61
CA ASN C 129 -33.88 -5.25 -14.76
C ASN C 129 -33.65 -6.71 -15.18
N ILE C 130 -34.26 -7.11 -16.28
CA ILE C 130 -34.16 -8.47 -16.80
C ILE C 130 -33.39 -8.44 -18.11
N ASN C 131 -32.43 -9.35 -18.25
CA ASN C 131 -31.59 -9.35 -19.43
C ASN C 131 -31.15 -10.76 -19.77
N ILE C 132 -31.01 -11.03 -21.07
CA ILE C 132 -30.44 -12.27 -21.58
C ILE C 132 -28.92 -12.14 -21.52
N ARG C 133 -28.29 -12.88 -20.62
CA ARG C 133 -26.89 -12.62 -20.32
C ARG C 133 -25.95 -13.26 -21.34
N ARG C 134 -25.93 -14.59 -21.41
CA ARG C 134 -25.00 -15.32 -22.24
C ARG C 134 -25.65 -16.62 -22.69
N VAL C 135 -25.20 -17.14 -23.82
CA VAL C 135 -25.68 -18.42 -24.31
C VAL C 135 -24.54 -19.14 -25.01
N ALA C 136 -24.38 -20.41 -24.71
CA ALA C 136 -23.36 -21.25 -25.32
C ALA C 136 -23.98 -22.57 -25.77
N ALA C 137 -23.44 -23.11 -26.86
CA ALA C 137 -23.91 -24.36 -27.43
C ALA C 137 -22.80 -25.40 -27.35
N LEU C 138 -23.19 -26.65 -27.06
CA LEU C 138 -22.26 -27.75 -26.97
C LEU C 138 -22.72 -28.88 -27.88
N GLU C 139 -21.76 -29.59 -28.49
CA GLU C 139 -22.06 -30.71 -29.37
C GLU C 139 -21.16 -31.88 -29.02
N GLY C 140 -21.63 -33.07 -29.39
CA GLY C 140 -20.88 -34.29 -29.11
C GLY C 140 -21.67 -35.51 -29.54
N ASP C 141 -21.06 -36.68 -29.28
CA ASP C 141 -21.74 -37.93 -29.62
C ASP C 141 -22.88 -38.22 -28.67
N VAL C 142 -22.68 -37.95 -27.37
CA VAL C 142 -23.72 -38.14 -26.36
C VAL C 142 -23.67 -36.96 -25.41
N LEU C 143 -24.78 -36.24 -25.28
CA LEU C 143 -24.88 -35.10 -24.39
C LEU C 143 -25.67 -35.44 -23.15
N GLY C 144 -25.32 -34.79 -22.05
CA GLY C 144 -26.06 -34.93 -20.81
C GLY C 144 -26.08 -33.62 -20.08
N SER C 145 -27.11 -33.43 -19.25
CA SER C 145 -27.30 -32.16 -18.57
C SER C 145 -27.73 -32.40 -17.13
N TYR C 146 -27.23 -31.54 -16.24
CA TYR C 146 -27.64 -31.50 -14.85
C TYR C 146 -27.97 -30.08 -14.46
N GLN C 147 -29.06 -29.92 -13.72
CA GLN C 147 -29.54 -28.61 -13.26
C GLN C 147 -29.61 -28.64 -11.74
N HIS C 148 -28.64 -28.01 -11.06
CA HIS C 148 -28.67 -27.97 -9.61
C HIS C 148 -29.57 -26.82 -9.19
N GLY C 149 -30.85 -27.12 -8.98
CA GLY C 149 -31.76 -26.01 -8.81
C GLY C 149 -31.77 -25.16 -10.07
N ALA C 150 -32.07 -23.89 -9.90
CA ALA C 150 -32.07 -22.94 -11.00
C ALA C 150 -30.79 -22.12 -11.07
N ARG C 151 -29.87 -22.29 -10.11
CA ARG C 151 -28.71 -21.44 -10.00
C ARG C 151 -27.48 -22.00 -10.73
N ILE C 152 -27.41 -23.31 -10.95
CA ILE C 152 -26.26 -23.96 -11.56
C ILE C 152 -26.74 -24.95 -12.62
N GLY C 153 -26.08 -24.98 -13.76
CA GLY C 153 -26.43 -25.90 -14.83
C GLY C 153 -25.22 -26.30 -15.64
N VAL C 154 -25.24 -27.53 -16.15
CA VAL C 154 -24.08 -28.12 -16.82
C VAL C 154 -24.49 -28.86 -18.09
N LEU C 155 -23.61 -28.82 -19.08
CA LEU C 155 -23.68 -29.65 -20.27
C LEU C 155 -22.38 -30.44 -20.42
N VAL C 156 -22.50 -31.70 -20.84
CA VAL C 156 -21.35 -32.60 -20.93
C VAL C 156 -21.46 -33.41 -22.22
N ALA C 157 -20.34 -33.55 -22.93
CA ALA C 157 -20.27 -34.33 -24.16
C ALA C 157 -19.26 -35.46 -24.01
N ALA C 158 -19.57 -36.62 -24.59
CA ALA C 158 -18.70 -37.77 -24.47
C ALA C 158 -18.89 -38.70 -25.67
N LYS C 159 -18.04 -39.72 -25.74
CA LYS C 159 -18.08 -40.75 -26.77
C LYS C 159 -18.01 -42.12 -26.12
N GLY C 160 -18.75 -43.08 -26.67
CA GLY C 160 -18.78 -44.43 -26.13
C GLY C 160 -19.24 -44.47 -24.69
N ALA C 161 -19.82 -43.37 -24.21
CA ALA C 161 -20.28 -43.27 -22.84
C ALA C 161 -21.80 -43.28 -22.79
N ASP C 162 -22.34 -44.05 -21.85
CA ASP C 162 -23.78 -44.11 -21.63
C ASP C 162 -24.29 -42.73 -21.22
N GLU C 163 -25.58 -42.50 -21.44
CA GLU C 163 -26.18 -41.22 -21.05
C GLU C 163 -26.23 -41.07 -19.53
N GLU C 164 -26.45 -42.18 -18.81
CA GLU C 164 -26.38 -42.14 -17.35
C GLU C 164 -25.02 -41.65 -16.88
N LEU C 165 -23.94 -42.22 -17.45
CA LEU C 165 -22.60 -41.77 -17.11
C LEU C 165 -22.41 -40.30 -17.46
N VAL C 166 -22.93 -39.88 -18.62
CA VAL C 166 -22.76 -38.49 -19.03
C VAL C 166 -23.46 -37.55 -18.06
N LYS C 167 -24.70 -37.88 -17.67
CA LYS C 167 -25.39 -37.01 -16.72
C LYS C 167 -24.68 -36.98 -15.38
N HIS C 168 -24.07 -38.09 -14.97
CA HIS C 168 -23.33 -38.10 -13.70
C HIS C 168 -22.10 -37.22 -13.78
N ILE C 169 -21.39 -37.25 -14.91
CA ILE C 169 -20.30 -36.29 -15.11
C ILE C 169 -20.79 -34.88 -14.91
N ALA C 170 -21.97 -34.56 -15.45
CA ALA C 170 -22.52 -33.22 -15.30
C ALA C 170 -22.73 -32.86 -13.84
N MET C 171 -23.20 -33.82 -13.04
CA MET C 171 -23.32 -33.59 -11.60
C MET C 171 -21.97 -33.30 -10.97
N HIS C 172 -20.96 -34.13 -11.31
CA HIS C 172 -19.63 -33.89 -10.77
C HIS C 172 -19.08 -32.55 -11.22
N VAL C 173 -19.31 -32.20 -12.50
CA VAL C 173 -18.86 -30.90 -12.99
C VAL C 173 -19.53 -29.78 -12.22
N ALA C 174 -20.82 -29.95 -11.88
CA ALA C 174 -21.53 -28.89 -11.18
C ALA C 174 -21.02 -28.70 -9.77
N ALA C 175 -20.54 -29.76 -9.12
CA ALA C 175 -20.11 -29.68 -7.73
C ALA C 175 -18.60 -29.52 -7.55
N SER C 176 -17.82 -29.73 -8.60
CA SER C 176 -16.37 -29.64 -8.48
C SER C 176 -15.76 -28.47 -9.24
N LYS C 177 -16.52 -27.82 -10.13
CA LYS C 177 -16.06 -26.65 -10.86
C LYS C 177 -14.72 -26.85 -11.54
N PRO C 178 -14.54 -27.94 -12.30
CA PRO C 178 -13.29 -28.10 -13.05
C PRO C 178 -13.19 -27.07 -14.15
N GLU C 179 -11.95 -26.81 -14.59
CA GLU C 179 -11.71 -25.83 -15.64
C GLU C 179 -11.18 -26.45 -16.93
N PHE C 180 -10.69 -27.69 -16.89
CA PHE C 180 -10.19 -28.38 -18.08
C PHE C 180 -10.65 -29.84 -18.02
N ILE C 181 -10.47 -30.52 -19.15
CA ILE C 181 -10.80 -31.94 -19.23
C ILE C 181 -9.66 -32.75 -18.61
N LYS C 182 -8.57 -32.91 -19.35
CA LYS C 182 -7.34 -33.53 -18.91
C LYS C 182 -6.35 -32.46 -18.42
N PRO C 183 -5.47 -32.79 -17.48
CA PRO C 183 -4.46 -31.80 -17.08
C PRO C 183 -3.63 -31.32 -18.25
N GLU C 184 -3.47 -32.15 -19.29
CA GLU C 184 -2.74 -31.76 -20.49
C GLU C 184 -3.44 -30.65 -21.25
N ASP C 185 -4.76 -30.51 -21.10
CA ASP C 185 -5.48 -29.45 -21.80
C ASP C 185 -5.09 -28.05 -21.36
N VAL C 186 -4.40 -27.92 -20.22
CA VAL C 186 -4.02 -26.59 -19.75
C VAL C 186 -2.96 -26.00 -20.68
N SER C 187 -3.01 -24.68 -20.84
CA SER C 187 -2.12 -24.01 -21.77
C SER C 187 -0.67 -24.17 -21.35
N ALA C 188 0.16 -24.65 -22.28
CA ALA C 188 1.59 -24.80 -22.00
C ALA C 188 2.24 -23.48 -21.64
N GLU C 189 1.61 -22.36 -21.98
CA GLU C 189 2.12 -21.03 -21.64
C GLU C 189 1.46 -20.43 -20.41
N VAL C 190 0.25 -20.88 -20.07
CA VAL C 190 -0.40 -20.40 -18.86
C VAL C 190 0.29 -20.94 -17.62
N VAL C 191 0.95 -22.10 -17.74
CA VAL C 191 1.70 -22.65 -16.62
C VAL C 191 3.04 -21.95 -16.47
N GLU C 192 3.60 -21.44 -17.57
CA GLU C 192 4.90 -20.77 -17.51
C GLU C 192 4.88 -19.50 -16.67
N LYS C 193 3.71 -18.87 -16.53
CA LYS C 193 3.61 -17.69 -15.68
C LYS C 193 3.58 -18.06 -14.21
N GLU C 194 2.70 -19.00 -13.84
CA GLU C 194 2.61 -19.40 -12.45
C GLU C 194 3.89 -20.10 -11.97
N TYR C 195 4.58 -20.80 -12.88
CA TYR C 195 5.84 -21.44 -12.51
C TYR C 195 6.94 -20.40 -12.29
N GLN C 196 6.96 -19.35 -13.11
CA GLN C 196 7.99 -18.33 -12.99
C GLN C 196 7.67 -17.32 -11.90
N VAL C 197 6.37 -17.01 -11.70
CA VAL C 197 5.98 -16.10 -10.63
C VAL C 197 6.15 -16.78 -9.27
N GLN C 198 5.95 -18.10 -9.22
CA GLN C 198 6.04 -18.86 -7.98
C GLN C 198 7.44 -19.39 -7.72
N LEU C 199 8.34 -19.31 -8.70
CA LEU C 199 9.72 -19.70 -8.49
C LEU C 199 10.48 -18.68 -7.65
N ASP C 200 10.05 -17.41 -7.67
CA ASP C 200 10.68 -16.39 -6.84
C ASP C 200 10.10 -16.41 -5.42
N ILE C 201 8.80 -16.66 -5.28
CA ILE C 201 8.22 -16.88 -3.97
C ILE C 201 8.89 -18.06 -3.28
N ALA C 202 9.49 -18.97 -4.06
CA ALA C 202 10.29 -20.07 -3.54
C ALA C 202 11.77 -19.72 -3.47
N MET C 203 12.28 -18.99 -4.46
CA MET C 203 13.64 -18.45 -4.38
C MET C 203 13.75 -17.35 -3.33
N GLN C 204 12.62 -16.85 -2.83
CA GLN C 204 12.64 -15.85 -1.76
C GLN C 204 13.28 -16.42 -0.50
N SER C 205 12.71 -17.50 0.04
CA SER C 205 13.24 -18.18 1.21
C SER C 205 14.04 -19.42 0.83
N GLY C 206 13.51 -20.27 -0.04
CA GLY C 206 14.20 -21.46 -0.50
C GLY C 206 15.56 -21.18 -1.08
N LYS C 207 16.60 -21.72 -0.44
CA LYS C 207 17.98 -21.42 -0.83
C LYS C 207 18.26 -21.86 -2.26
N PRO C 208 18.45 -23.16 -2.51
CA PRO C 208 19.05 -23.57 -3.78
C PRO C 208 18.10 -23.43 -4.95
N LYS C 209 18.70 -23.45 -6.15
CA LYS C 209 17.93 -23.33 -7.38
C LYS C 209 17.19 -24.63 -7.69
N GLU C 210 17.87 -25.77 -7.53
CA GLU C 210 17.28 -27.06 -7.85
C GLU C 210 16.21 -27.47 -6.85
N ILE C 211 16.21 -26.89 -5.65
CA ILE C 211 15.19 -27.18 -4.65
C ILE C 211 13.97 -26.29 -4.81
N ALA C 212 14.18 -25.00 -5.10
CA ALA C 212 13.04 -24.11 -5.31
C ALA C 212 12.20 -24.54 -6.51
N GLU C 213 12.87 -24.96 -7.59
CA GLU C 213 12.15 -25.38 -8.78
C GLU C 213 11.48 -26.73 -8.57
N LYS C 214 12.18 -27.66 -7.92
CA LYS C 214 11.60 -28.98 -7.67
C LYS C 214 10.33 -28.90 -6.83
N MET C 215 10.30 -27.97 -5.86
CA MET C 215 9.10 -27.78 -5.06
C MET C 215 8.00 -27.10 -5.86
N VAL C 216 8.36 -26.14 -6.71
CA VAL C 216 7.37 -25.47 -7.55
C VAL C 216 6.75 -26.46 -8.52
N GLU C 217 7.58 -27.20 -9.26
CA GLU C 217 7.05 -28.14 -10.24
C GLU C 217 6.19 -29.21 -9.60
N GLY C 218 6.46 -29.54 -8.33
CA GLY C 218 5.59 -30.48 -7.64
C GLY C 218 4.23 -29.90 -7.34
N ARG C 219 4.21 -28.75 -6.65
CA ARG C 219 2.94 -28.06 -6.41
C ARG C 219 2.23 -27.71 -7.70
N MET C 220 2.96 -27.64 -8.82
CA MET C 220 2.35 -27.31 -10.10
C MET C 220 1.47 -28.46 -10.60
N LYS C 221 2.01 -29.67 -10.64
CA LYS C 221 1.24 -30.83 -11.08
C LYS C 221 0.03 -31.10 -10.20
N LYS C 222 0.05 -30.61 -8.95
CA LYS C 222 -1.05 -30.85 -8.04
C LYS C 222 -2.21 -29.89 -8.28
N PHE C 223 -1.94 -28.59 -8.30
CA PHE C 223 -2.97 -27.59 -8.55
C PHE C 223 -3.23 -27.38 -10.03
N THR C 224 -2.79 -28.32 -10.86
CA THR C 224 -3.22 -28.41 -12.25
C THR C 224 -3.86 -29.76 -12.52
N GLY C 225 -4.09 -30.57 -11.48
CA GLY C 225 -4.87 -31.77 -11.56
C GLY C 225 -6.09 -31.67 -10.66
N GLU C 226 -6.09 -30.69 -9.77
CA GLU C 226 -7.27 -30.35 -8.99
C GLU C 226 -8.23 -29.48 -9.78
N VAL C 227 -7.79 -28.95 -10.91
CA VAL C 227 -8.65 -28.15 -11.77
C VAL C 227 -9.06 -28.90 -13.03
N SER C 228 -8.36 -29.97 -13.39
CA SER C 228 -8.73 -30.79 -14.53
C SER C 228 -9.78 -31.82 -14.14
N LEU C 229 -10.70 -32.10 -15.07
CA LEU C 229 -11.78 -33.03 -14.78
C LEU C 229 -11.25 -34.43 -14.50
N THR C 230 -10.27 -34.89 -15.28
CA THR C 230 -9.73 -36.23 -15.09
C THR C 230 -9.06 -36.38 -13.73
N GLY C 231 -8.51 -35.30 -13.19
CA GLY C 231 -7.74 -35.38 -11.97
C GLY C 231 -8.54 -35.24 -10.69
N GLN C 232 -9.78 -34.75 -10.79
CA GLN C 232 -10.60 -34.53 -9.61
C GLN C 232 -11.15 -35.85 -9.08
N PRO C 233 -11.24 -36.00 -7.76
CA PRO C 233 -11.95 -37.17 -7.20
C PRO C 233 -13.42 -37.14 -7.60
N PHE C 234 -13.87 -38.23 -8.22
CA PHE C 234 -15.27 -38.31 -8.65
C PHE C 234 -16.20 -38.07 -7.46
N VAL C 235 -17.09 -37.09 -7.61
CA VAL C 235 -17.94 -36.66 -6.50
C VAL C 235 -18.78 -37.80 -5.94
N MET C 236 -19.07 -38.81 -6.76
CA MET C 236 -19.84 -39.96 -6.30
C MET C 236 -18.94 -41.08 -5.80
N GLU C 237 -17.63 -40.93 -5.91
CA GLU C 237 -16.67 -41.91 -5.42
C GLU C 237 -15.33 -41.23 -5.23
N PRO C 238 -15.11 -40.59 -4.07
CA PRO C 238 -13.89 -39.79 -3.89
C PRO C 238 -12.61 -40.60 -3.96
N SER C 239 -12.68 -41.90 -3.64
CA SER C 239 -11.50 -42.75 -3.71
C SER C 239 -10.97 -42.86 -5.14
N LYS C 240 -11.85 -42.78 -6.11
CA LYS C 240 -11.53 -43.01 -7.52
C LYS C 240 -11.57 -41.70 -8.28
N THR C 241 -10.74 -41.61 -9.32
CA THR C 241 -10.70 -40.42 -10.16
C THR C 241 -11.71 -40.53 -11.29
N VAL C 242 -12.12 -39.38 -11.81
CA VAL C 242 -13.00 -39.37 -12.98
C VAL C 242 -12.33 -40.05 -14.16
N GLY C 243 -11.02 -39.85 -14.31
CA GLY C 243 -10.31 -40.54 -15.38
C GLY C 243 -10.48 -42.05 -15.30
N GLN C 244 -10.30 -42.62 -14.10
CA GLN C 244 -10.51 -44.05 -13.93
C GLN C 244 -11.93 -44.45 -14.24
N LEU C 245 -12.90 -43.58 -13.95
CA LEU C 245 -14.30 -43.89 -14.24
C LEU C 245 -14.51 -44.07 -15.74
N LEU C 246 -13.97 -43.16 -16.55
CA LEU C 246 -14.07 -43.31 -18.00
C LEU C 246 -13.30 -44.53 -18.47
N LYS C 247 -12.12 -44.77 -17.90
CA LYS C 247 -11.33 -45.95 -18.26
C LYS C 247 -12.12 -47.25 -18.09
N GLU C 248 -13.20 -47.23 -17.29
CA GLU C 248 -14.05 -48.40 -17.15
C GLU C 248 -15.08 -48.49 -18.27
N HIS C 249 -15.79 -47.40 -18.54
CA HIS C 249 -16.78 -47.37 -19.61
C HIS C 249 -16.18 -47.15 -20.98
N ASN C 250 -14.84 -47.14 -21.10
CA ASN C 250 -14.17 -46.87 -22.36
C ASN C 250 -14.60 -45.54 -22.96
N ALA C 251 -14.90 -44.56 -22.10
CA ALA C 251 -15.50 -43.30 -22.51
C ALA C 251 -14.48 -42.18 -22.48
N GLU C 252 -14.88 -41.04 -23.06
CA GLU C 252 -14.02 -39.86 -23.12
C GLU C 252 -14.90 -38.63 -23.27
N VAL C 253 -14.62 -37.60 -22.48
CA VAL C 253 -15.39 -36.37 -22.53
C VAL C 253 -14.90 -35.51 -23.68
N THR C 254 -15.85 -35.00 -24.48
CA THR C 254 -15.55 -34.10 -25.58
C THR C 254 -15.58 -32.64 -25.17
N GLY C 255 -16.26 -32.31 -24.08
CA GLY C 255 -16.39 -30.94 -23.64
C GLY C 255 -17.49 -30.81 -22.61
N PHE C 256 -17.48 -29.68 -21.90
CA PHE C 256 -18.48 -29.44 -20.86
C PHE C 256 -18.59 -27.94 -20.63
N ILE C 257 -19.77 -27.52 -20.17
CA ILE C 257 -20.07 -26.12 -19.87
C ILE C 257 -20.81 -26.05 -18.55
N ARG C 258 -20.38 -25.14 -17.67
CA ARG C 258 -21.00 -24.95 -16.37
C ARG C 258 -21.33 -23.48 -16.18
N PHE C 259 -22.62 -23.16 -16.17
CA PHE C 259 -23.09 -21.82 -15.88
C PHE C 259 -23.60 -21.74 -14.45
N GLU C 260 -23.25 -20.64 -13.78
CA GLU C 260 -23.80 -20.32 -12.46
C GLU C 260 -24.30 -18.88 -12.49
N VAL C 261 -25.48 -18.66 -11.91
CA VAL C 261 -26.10 -17.34 -11.99
C VAL C 261 -25.28 -16.33 -11.22
N GLY C 262 -24.94 -15.22 -11.87
CA GLY C 262 -24.22 -14.15 -11.22
C GLY C 262 -22.72 -14.31 -11.18
N GLU C 263 -22.19 -15.42 -11.69
CA GLU C 263 -20.74 -15.57 -11.82
C GLU C 263 -20.12 -14.33 -12.42
N GLY C 264 -19.21 -13.70 -11.68
CA GLY C 264 -18.50 -12.55 -12.16
C GLY C 264 -19.30 -11.26 -12.17
N ILE C 265 -20.60 -11.30 -11.84
CA ILE C 265 -21.37 -10.07 -11.72
C ILE C 265 -21.11 -9.43 -10.37
N GLU C 266 -21.15 -8.10 -10.34
CA GLU C 266 -20.91 -7.31 -9.13
C GLU C 266 -21.92 -7.64 -8.05
N LYS C 267 -21.53 -8.45 -7.07
CA LYS C 267 -22.39 -8.85 -5.96
C LYS C 267 -22.49 -7.69 -4.97
N VAL C 268 -23.31 -6.70 -5.32
CA VAL C 268 -23.47 -5.51 -4.49
C VAL C 268 -23.95 -5.90 -3.11
N GLU C 269 -23.12 -5.66 -2.10
CA GLU C 269 -23.48 -5.99 -0.72
C GLU C 269 -24.39 -4.91 -0.15
N THR C 270 -25.38 -5.33 0.63
CA THR C 270 -26.39 -4.43 1.17
C THR C 270 -26.44 -4.54 2.68
N ASP C 271 -26.40 -3.39 3.36
CA ASP C 271 -26.51 -3.29 4.81
C ASP C 271 -27.84 -2.61 5.12
N PHE C 272 -28.88 -3.43 5.30
CA PHE C 272 -30.22 -2.89 5.53
C PHE C 272 -30.25 -2.01 6.77
N ALA C 273 -29.64 -2.46 7.86
CA ALA C 273 -29.57 -1.63 9.06
C ALA C 273 -28.88 -0.31 8.77
N ALA C 274 -27.78 -0.34 8.02
CA ALA C 274 -27.07 0.89 7.69
C ALA C 274 -27.92 1.79 6.81
N GLU C 275 -28.59 1.22 5.80
CA GLU C 275 -29.38 2.03 4.89
C GLU C 275 -30.58 2.64 5.59
N VAL C 276 -31.24 1.88 6.47
CA VAL C 276 -32.37 2.42 7.23
C VAL C 276 -31.90 3.52 8.16
N ALA C 277 -30.82 3.28 8.89
CA ALA C 277 -30.32 4.28 9.83
C ALA C 277 -29.94 5.57 9.11
N ALA C 278 -29.26 5.47 7.96
CA ALA C 278 -28.85 6.66 7.24
C ALA C 278 -30.04 7.46 6.76
N MET C 279 -31.13 6.79 6.41
CA MET C 279 -32.32 7.45 5.88
C MET C 279 -33.25 7.97 6.96
N SER C 280 -33.13 7.45 8.19
CA SER C 280 -33.99 7.91 9.28
C SER C 280 -33.85 9.41 9.49
N LYS C 281 -32.62 9.91 9.52
CA LYS C 281 -32.38 11.34 9.67
C LYS C 281 -31.07 11.74 8.99
N LYS C 287 -45.85 -0.03 37.12
CA LYS C 287 -44.65 -0.64 37.72
C LYS C 287 -43.42 -0.34 36.87
N GLU C 288 -42.24 -0.46 37.50
CA GLU C 288 -41.00 -0.32 36.75
C GLU C 288 -40.73 -1.54 35.90
N LYS C 289 -41.03 -2.73 36.43
CA LYS C 289 -40.76 -3.98 35.70
C LYS C 289 -41.62 -4.12 34.45
N PHE C 290 -42.70 -3.35 34.33
CA PHE C 290 -43.47 -3.35 33.09
C PHE C 290 -42.56 -3.03 31.91
N GLU C 291 -41.72 -2.02 32.05
CA GLU C 291 -40.82 -1.63 30.97
C GLU C 291 -39.81 -2.73 30.68
N ARG C 292 -39.35 -3.42 31.73
CA ARG C 292 -38.39 -4.52 31.58
C ARG C 292 -39.05 -5.87 31.34
N THR C 293 -40.39 -5.92 31.35
CA THR C 293 -41.13 -7.14 31.04
C THR C 293 -41.76 -7.07 29.65
N LYS C 294 -41.44 -6.05 28.88
CA LYS C 294 -42.06 -5.84 27.58
C LYS C 294 -41.89 -7.05 26.69
N PRO C 295 -42.96 -7.54 26.04
CA PRO C 295 -42.79 -8.61 25.07
C PRO C 295 -41.88 -8.19 23.94
N HIS C 296 -41.13 -9.15 23.40
CA HIS C 296 -40.26 -8.92 22.26
C HIS C 296 -40.88 -9.61 21.06
N VAL C 297 -41.00 -8.88 19.95
CA VAL C 297 -41.69 -9.36 18.76
C VAL C 297 -40.83 -9.09 17.54
N ASN C 298 -40.84 -10.03 16.59
CA ASN C 298 -40.07 -9.96 15.36
C ASN C 298 -41.00 -9.73 14.18
N VAL C 299 -40.62 -8.81 13.30
CA VAL C 299 -41.36 -8.51 12.09
C VAL C 299 -40.39 -8.36 10.93
N GLY C 300 -40.94 -8.25 9.73
CA GLY C 300 -40.13 -8.03 8.55
C GLY C 300 -40.92 -7.44 7.40
N THR C 301 -40.31 -6.53 6.66
CA THR C 301 -40.90 -5.99 5.45
C THR C 301 -40.57 -6.89 4.27
N ILE C 302 -41.56 -7.09 3.39
CA ILE C 302 -41.37 -7.96 2.23
C ILE C 302 -42.18 -7.42 1.05
N GLY C 303 -41.49 -6.95 0.03
CA GLY C 303 -42.15 -6.40 -1.14
C GLY C 303 -41.16 -6.01 -2.20
N HIS C 304 -41.69 -5.45 -3.28
CA HIS C 304 -40.88 -5.07 -4.43
C HIS C 304 -39.76 -4.10 -4.02
N VAL C 305 -38.69 -4.09 -4.82
CA VAL C 305 -37.52 -3.28 -4.49
C VAL C 305 -37.88 -1.80 -4.52
N ASP C 306 -38.48 -1.35 -5.62
CA ASP C 306 -38.70 0.07 -5.87
C ASP C 306 -39.86 0.65 -5.07
N HIS C 307 -40.54 -0.16 -4.26
CA HIS C 307 -41.64 0.33 -3.43
C HIS C 307 -41.16 0.88 -2.09
N GLY C 308 -39.85 0.92 -1.87
CA GLY C 308 -39.29 1.58 -0.71
C GLY C 308 -39.62 0.93 0.62
N LYS C 309 -39.37 -0.38 0.75
CA LYS C 309 -39.39 -0.98 2.08
C LYS C 309 -38.35 -0.34 2.99
N THR C 310 -37.19 0.00 2.43
CA THR C 310 -36.14 0.65 3.20
C THR C 310 -36.54 2.04 3.68
N THR C 311 -37.44 2.72 2.97
CA THR C 311 -37.92 4.02 3.41
C THR C 311 -39.07 3.92 4.41
N LEU C 312 -39.96 2.94 4.26
CA LEU C 312 -40.99 2.73 5.27
C LEU C 312 -40.36 2.47 6.64
N THR C 313 -39.34 1.61 6.69
CA THR C 313 -38.68 1.31 7.96
C THR C 313 -37.94 2.53 8.50
N ALA C 314 -37.41 3.38 7.62
CA ALA C 314 -36.78 4.61 8.09
C ALA C 314 -37.82 5.58 8.65
N ALA C 315 -39.05 5.54 8.14
CA ALA C 315 -40.12 6.36 8.69
C ALA C 315 -40.73 5.72 9.92
N ILE C 316 -40.93 4.40 9.89
CA ILE C 316 -41.55 3.69 11.00
C ILE C 316 -40.69 3.76 12.25
N THR C 317 -39.38 3.91 12.08
CA THR C 317 -38.49 3.96 13.24
C THR C 317 -38.46 5.35 13.86
N THR C 318 -38.50 6.39 13.04
CA THR C 318 -38.33 7.76 13.55
C THR C 318 -39.64 8.32 14.08
N VAL C 319 -40.78 7.99 13.44
CA VAL C 319 -42.03 8.61 13.84
C VAL C 319 -42.47 8.13 15.22
N LEU C 320 -42.34 6.84 15.50
CA LEU C 320 -42.64 6.38 16.85
C LEU C 320 -41.52 6.73 17.83
N ALA C 321 -40.33 7.08 17.34
CA ALA C 321 -39.28 7.59 18.20
C ALA C 321 -39.49 9.07 18.51
N LYS C 322 -39.88 9.86 17.51
CA LYS C 322 -40.19 11.26 17.74
C LYS C 322 -41.42 11.44 18.62
N THR C 323 -42.30 10.44 18.67
CA THR C 323 -43.55 10.53 19.41
C THR C 323 -43.44 9.98 20.83
N TYR C 324 -42.70 8.89 21.01
CA TYR C 324 -42.56 8.26 22.31
C TYR C 324 -41.14 8.34 22.88
N GLY C 325 -40.16 8.71 22.08
CA GLY C 325 -38.81 8.93 22.58
C GLY C 325 -37.97 7.69 22.74
N GLY C 326 -38.04 6.77 21.78
CA GLY C 326 -37.27 5.54 21.85
C GLY C 326 -37.73 4.61 22.95
N THR C 349 -27.37 -10.81 9.70
CA THR C 349 -28.25 -10.36 10.77
C THR C 349 -28.47 -8.85 10.69
N SER C 350 -28.58 -8.32 9.47
CA SER C 350 -28.84 -6.89 9.31
C SER C 350 -30.15 -6.55 9.99
N HIS C 351 -30.06 -5.92 11.16
CA HIS C 351 -31.14 -5.88 12.13
C HIS C 351 -31.46 -4.45 12.50
N VAL C 352 -32.75 -4.18 12.72
CA VAL C 352 -33.23 -2.86 13.12
C VAL C 352 -34.31 -3.03 14.18
N GLU C 353 -34.35 -2.13 15.15
CA GLU C 353 -35.25 -2.25 16.28
C GLU C 353 -35.83 -0.90 16.68
N TYR C 354 -37.10 -0.92 17.09
CA TYR C 354 -37.80 0.28 17.54
C TYR C 354 -38.73 -0.10 18.70
N ASP C 355 -39.40 0.90 19.25
CA ASP C 355 -40.21 0.74 20.45
C ASP C 355 -41.59 1.37 20.26
N THR C 356 -42.62 0.62 20.62
CA THR C 356 -43.94 1.19 20.87
C THR C 356 -44.26 1.10 22.36
N PRO C 357 -45.25 1.85 22.84
CA PRO C 357 -45.53 1.85 24.29
C PRO C 357 -45.79 0.48 24.86
N THR C 358 -46.31 -0.45 24.06
CA THR C 358 -46.72 -1.76 24.56
C THR C 358 -45.70 -2.86 24.27
N ARG C 359 -44.85 -2.70 23.26
CA ARG C 359 -43.95 -3.78 22.86
C ARG C 359 -42.66 -3.20 22.29
N HIS C 360 -41.63 -4.05 22.28
CA HIS C 360 -40.36 -3.75 21.64
C HIS C 360 -40.21 -4.66 20.42
N TYR C 361 -39.87 -4.06 19.29
CA TYR C 361 -39.86 -4.77 18.01
C TYR C 361 -38.44 -4.93 17.47
N ALA C 362 -38.26 -5.97 16.67
CA ALA C 362 -37.02 -6.25 15.95
C ALA C 362 -37.37 -6.46 14.49
N HIS C 363 -36.80 -5.64 13.61
CA HIS C 363 -37.25 -5.52 12.23
C HIS C 363 -36.15 -5.96 11.27
N VAL C 364 -36.44 -7.00 10.48
CA VAL C 364 -35.52 -7.47 9.44
C VAL C 364 -36.19 -7.29 8.09
N ASP C 365 -35.37 -7.33 7.03
CA ASP C 365 -35.86 -7.20 5.67
C ASP C 365 -35.61 -8.50 4.93
N CYS C 366 -36.55 -8.88 4.06
CA CYS C 366 -36.46 -10.11 3.27
C CYS C 366 -36.13 -9.77 1.84
N PRO C 367 -34.86 -9.58 1.48
CA PRO C 367 -34.53 -9.24 0.09
C PRO C 367 -34.67 -10.41 -0.86
N GLY C 368 -34.43 -11.64 -0.39
CA GLY C 368 -34.52 -12.80 -1.24
C GLY C 368 -35.32 -13.91 -0.57
N HIS C 369 -35.74 -14.87 -1.38
CA HIS C 369 -36.54 -15.98 -0.87
C HIS C 369 -35.66 -17.06 -0.24
N ALA C 370 -34.57 -17.43 -0.91
CA ALA C 370 -33.68 -18.45 -0.36
C ALA C 370 -32.92 -17.94 0.85
N ASP C 371 -32.48 -16.67 0.81
CA ASP C 371 -31.78 -16.09 1.96
C ASP C 371 -32.61 -16.18 3.22
N TYR C 372 -33.92 -15.93 3.12
CA TYR C 372 -34.75 -15.89 4.32
C TYR C 372 -35.01 -17.28 4.86
N VAL C 373 -35.33 -18.23 3.99
CA VAL C 373 -35.49 -19.61 4.43
C VAL C 373 -34.20 -20.09 5.09
N LYS C 374 -33.06 -19.58 4.62
CA LYS C 374 -31.78 -19.91 5.25
C LYS C 374 -31.76 -19.45 6.70
N ASN C 375 -32.22 -18.22 6.95
CA ASN C 375 -32.18 -17.65 8.29
C ASN C 375 -33.25 -18.22 9.20
N MET C 376 -34.42 -18.57 8.65
CA MET C 376 -35.45 -19.19 9.48
C MET C 376 -35.00 -20.56 9.96
N ILE C 377 -34.10 -21.21 9.22
CA ILE C 377 -33.61 -22.52 9.62
C ILE C 377 -32.50 -22.40 10.64
N THR C 378 -31.49 -21.58 10.35
CA THR C 378 -30.40 -21.39 11.31
C THR C 378 -30.91 -20.78 12.61
N GLY C 379 -32.06 -20.10 12.57
CA GLY C 379 -32.62 -19.46 13.74
C GLY C 379 -32.26 -17.99 13.89
N ALA C 380 -31.51 -17.43 12.95
CA ALA C 380 -31.08 -16.04 13.02
C ALA C 380 -32.16 -15.05 12.60
N ALA C 381 -33.39 -15.51 12.39
CA ALA C 381 -34.47 -14.64 11.95
C ALA C 381 -35.81 -15.37 11.96
N GLN C 382 -36.56 -15.26 13.06
CA GLN C 382 -37.84 -15.94 13.23
C GLN C 382 -38.93 -14.90 13.45
N MET C 383 -39.80 -14.72 12.46
CA MET C 383 -40.79 -13.66 12.49
C MET C 383 -42.07 -14.10 13.20
N ASP C 384 -42.67 -13.16 13.92
CA ASP C 384 -44.03 -13.30 14.43
C ASP C 384 -45.07 -12.71 13.48
N GLY C 385 -44.63 -11.89 12.52
CA GLY C 385 -45.50 -11.35 11.50
C GLY C 385 -44.70 -10.54 10.52
N ALA C 386 -45.24 -10.39 9.31
CA ALA C 386 -44.56 -9.71 8.22
C ALA C 386 -45.41 -8.56 7.71
N ILE C 387 -44.74 -7.55 7.16
CA ILE C 387 -45.40 -6.36 6.64
C ILE C 387 -45.23 -6.29 5.13
N LEU C 388 -46.21 -6.80 4.39
CA LEU C 388 -46.20 -6.67 2.94
C LEU C 388 -46.33 -5.20 2.55
N VAL C 389 -45.42 -4.74 1.69
CA VAL C 389 -45.32 -3.33 1.31
C VAL C 389 -45.56 -3.21 -0.18
N VAL C 390 -46.69 -2.61 -0.55
CA VAL C 390 -47.04 -2.38 -1.96
C VAL C 390 -47.17 -0.88 -2.17
N ALA C 391 -46.40 -0.34 -3.11
CA ALA C 391 -46.59 1.05 -3.52
C ALA C 391 -47.94 1.18 -4.21
N ALA C 392 -48.81 2.04 -3.66
CA ALA C 392 -50.15 2.17 -4.21
C ALA C 392 -50.12 2.65 -5.65
N THR C 393 -49.12 3.47 -6.01
CA THR C 393 -49.04 4.03 -7.36
C THR C 393 -48.86 2.96 -8.43
N ASP C 394 -48.40 1.76 -8.05
CA ASP C 394 -48.28 0.65 -8.98
C ASP C 394 -49.30 -0.46 -8.74
N GLY C 395 -49.69 -0.69 -7.49
CA GLY C 395 -50.48 -1.84 -7.15
C GLY C 395 -49.59 -3.05 -6.97
N PRO C 396 -50.19 -4.22 -6.76
CA PRO C 396 -49.37 -5.43 -6.64
C PRO C 396 -48.64 -5.73 -7.95
N MET C 397 -47.50 -6.39 -7.82
CA MET C 397 -46.71 -6.80 -8.97
C MET C 397 -46.96 -8.27 -9.26
N PRO C 398 -46.51 -8.75 -10.43
CA PRO C 398 -46.64 -10.19 -10.70
C PRO C 398 -45.88 -11.04 -9.70
N GLN C 399 -44.69 -10.60 -9.29
CA GLN C 399 -43.92 -11.29 -8.26
C GLN C 399 -44.44 -11.04 -6.86
N THR C 400 -45.50 -10.26 -6.70
CA THR C 400 -46.16 -10.17 -5.40
C THR C 400 -46.76 -11.52 -4.99
N ARG C 401 -47.13 -12.35 -5.96
CA ARG C 401 -47.59 -13.70 -5.65
C ARG C 401 -46.51 -14.48 -4.91
N GLU C 402 -45.28 -14.43 -5.41
CA GLU C 402 -44.19 -15.17 -4.76
C GLU C 402 -43.84 -14.59 -3.40
N HIS C 403 -44.00 -13.27 -3.22
CA HIS C 403 -43.82 -12.67 -1.91
C HIS C 403 -44.77 -13.27 -0.89
N ILE C 404 -46.07 -13.20 -1.18
CA ILE C 404 -47.07 -13.73 -0.26
C ILE C 404 -46.89 -15.24 -0.10
N LEU C 405 -46.52 -15.93 -1.19
CA LEU C 405 -46.31 -17.37 -1.11
C LEU C 405 -45.23 -17.71 -0.10
N LEU C 406 -44.14 -16.94 -0.10
CA LEU C 406 -43.06 -17.15 0.86
C LEU C 406 -43.59 -17.16 2.30
N GLY C 407 -44.38 -16.15 2.65
CA GLY C 407 -44.95 -16.10 3.98
C GLY C 407 -45.65 -17.38 4.38
N ARG C 408 -46.38 -17.99 3.44
CA ARG C 408 -46.97 -19.29 3.72
C ARG C 408 -45.89 -20.35 3.96
N GLN C 409 -44.82 -20.31 3.18
CA GLN C 409 -43.82 -21.38 3.21
C GLN C 409 -42.93 -21.32 4.45
N VAL C 410 -42.70 -20.12 5.00
CA VAL C 410 -42.00 -20.00 6.27
C VAL C 410 -42.96 -19.99 7.46
N GLY C 411 -44.26 -19.95 7.21
CA GLY C 411 -45.23 -20.04 8.28
C GLY C 411 -45.51 -18.74 9.01
N VAL C 412 -45.46 -17.61 8.31
CA VAL C 412 -45.70 -16.32 8.96
C VAL C 412 -47.14 -16.28 9.48
N PRO C 413 -47.33 -16.20 10.80
CA PRO C 413 -48.69 -16.27 11.34
C PRO C 413 -49.64 -15.23 10.77
N TYR C 414 -49.17 -14.00 10.57
CA TYR C 414 -50.05 -12.90 10.20
C TYR C 414 -49.32 -11.96 9.24
N ILE C 415 -50.06 -11.38 8.30
CA ILE C 415 -49.53 -10.44 7.32
C ILE C 415 -50.30 -9.14 7.41
N ILE C 416 -49.56 -8.02 7.49
CA ILE C 416 -50.12 -6.68 7.51
C ILE C 416 -49.61 -5.94 6.29
N VAL C 417 -50.51 -5.30 5.55
CA VAL C 417 -50.20 -4.62 4.29
C VAL C 417 -50.08 -3.13 4.53
N PHE C 418 -49.06 -2.51 3.95
CA PHE C 418 -48.84 -1.07 4.03
C PHE C 418 -48.73 -0.50 2.61
N LEU C 419 -49.79 0.16 2.16
CA LEU C 419 -49.81 0.78 0.84
C LEU C 419 -49.00 2.07 0.89
N ASN C 420 -47.84 2.06 0.23
CA ASN C 420 -46.91 3.16 0.30
C ASN C 420 -47.09 4.12 -0.89
N LYS C 421 -46.56 5.32 -0.74
CA LYS C 421 -46.58 6.34 -1.78
C LYS C 421 -48.01 6.73 -2.14
N CYS C 422 -48.88 6.83 -1.13
CA CYS C 422 -50.25 7.26 -1.38
C CYS C 422 -50.34 8.75 -1.69
N ASP C 423 -49.26 9.51 -1.50
CA ASP C 423 -49.25 10.92 -1.87
C ASP C 423 -49.50 11.14 -3.34
N MET C 424 -49.28 10.11 -4.17
CA MET C 424 -49.37 10.25 -5.62
C MET C 424 -50.68 9.69 -6.18
N VAL C 425 -51.52 9.09 -5.35
CA VAL C 425 -52.81 8.56 -5.78
C VAL C 425 -53.87 9.61 -5.54
N ASP C 426 -54.34 10.26 -6.62
CA ASP C 426 -55.30 11.34 -6.49
C ASP C 426 -56.65 10.84 -5.99
N ASP C 427 -57.27 9.94 -6.75
CA ASP C 427 -58.62 9.48 -6.44
C ASP C 427 -58.57 8.24 -5.55
N GLU C 428 -59.41 8.24 -4.51
CA GLU C 428 -59.41 7.11 -3.58
C GLU C 428 -60.00 5.85 -4.19
N GLU C 429 -60.84 5.96 -5.22
CA GLU C 429 -61.34 4.77 -5.89
C GLU C 429 -60.21 3.90 -6.41
N LEU C 430 -59.11 4.52 -6.85
CA LEU C 430 -57.93 3.74 -7.22
C LEU C 430 -57.35 3.02 -6.02
N LEU C 431 -57.44 3.61 -4.83
CA LEU C 431 -56.90 2.98 -3.63
C LEU C 431 -57.71 1.73 -3.25
N GLU C 432 -59.03 1.81 -3.37
CA GLU C 432 -59.86 0.67 -2.98
C GLU C 432 -59.65 -0.52 -3.91
N LEU C 433 -59.66 -0.28 -5.23
CA LEU C 433 -59.43 -1.37 -6.17
C LEU C 433 -58.02 -1.93 -6.08
N VAL C 434 -57.09 -1.22 -5.44
CA VAL C 434 -55.78 -1.79 -5.12
C VAL C 434 -55.88 -2.69 -3.90
N GLU C 435 -56.62 -2.28 -2.87
CA GLU C 435 -56.84 -3.13 -1.71
C GLU C 435 -57.50 -4.45 -2.12
N MET C 436 -58.53 -4.38 -2.97
CA MET C 436 -59.23 -5.59 -3.36
C MET C 436 -58.32 -6.56 -4.11
N GLU C 437 -57.39 -6.04 -4.90
CA GLU C 437 -56.37 -6.91 -5.51
C GLU C 437 -55.58 -7.64 -4.43
N VAL C 438 -55.02 -6.88 -3.48
CA VAL C 438 -54.15 -7.47 -2.47
C VAL C 438 -54.91 -8.49 -1.63
N ARG C 439 -56.12 -8.13 -1.19
CA ARG C 439 -56.92 -9.07 -0.41
C ARG C 439 -57.16 -10.35 -1.20
N GLU C 440 -57.41 -10.24 -2.51
CA GLU C 440 -57.59 -11.42 -3.34
C GLU C 440 -56.32 -12.26 -3.41
N LEU C 441 -55.17 -11.60 -3.59
CA LEU C 441 -53.90 -12.33 -3.59
C LEU C 441 -53.68 -13.06 -2.27
N LEU C 442 -53.87 -12.35 -1.15
CA LEU C 442 -53.71 -12.99 0.16
C LEU C 442 -54.65 -14.18 0.31
N SER C 443 -55.91 -14.04 -0.12
CA SER C 443 -56.86 -15.13 0.02
C SER C 443 -56.45 -16.37 -0.77
N GLN C 444 -55.80 -16.17 -1.92
CA GLN C 444 -55.33 -17.29 -2.74
C GLN C 444 -54.25 -18.09 -2.02
N TYR C 445 -53.83 -17.62 -0.84
CA TYR C 445 -52.81 -18.31 -0.06
C TYR C 445 -53.21 -18.40 1.41
N ASP C 446 -54.52 -18.47 1.68
CA ASP C 446 -55.09 -18.84 2.96
C ASP C 446 -55.02 -17.71 3.98
N PHE C 447 -54.55 -16.52 3.61
CA PHE C 447 -54.48 -15.43 4.56
C PHE C 447 -55.82 -14.70 4.63
N PRO C 448 -56.25 -14.32 5.83
CA PRO C 448 -57.54 -13.63 5.97
C PRO C 448 -57.61 -12.31 5.22
N GLY C 449 -57.66 -12.40 3.88
CA GLY C 449 -57.58 -11.19 3.07
C GLY C 449 -58.70 -10.20 3.34
N ASP C 450 -59.91 -10.70 3.58
CA ASP C 450 -61.03 -9.81 3.88
C ASP C 450 -60.86 -9.11 5.22
N ASP C 451 -60.03 -9.66 6.11
CA ASP C 451 -59.80 -9.08 7.42
C ASP C 451 -58.41 -8.47 7.57
N THR C 452 -57.60 -8.52 6.53
CA THR C 452 -56.21 -8.08 6.65
C THR C 452 -56.14 -6.57 6.84
N PRO C 453 -55.48 -6.08 7.89
CA PRO C 453 -55.31 -4.63 8.06
C PRO C 453 -54.41 -4.07 6.97
N ILE C 454 -54.93 -3.09 6.24
CA ILE C 454 -54.20 -2.41 5.17
C ILE C 454 -54.13 -0.94 5.51
N VAL C 455 -52.91 -0.43 5.70
CA VAL C 455 -52.71 0.97 6.10
C VAL C 455 -52.37 1.78 4.86
N ARG C 456 -53.21 2.76 4.54
CA ARG C 456 -52.96 3.68 3.44
C ARG C 456 -52.11 4.83 3.97
N GLY C 457 -50.80 4.72 3.80
CA GLY C 457 -49.91 5.75 4.32
C GLY C 457 -48.87 6.23 3.31
N SER C 458 -47.86 6.93 3.81
CA SER C 458 -46.74 7.37 2.97
C SER C 458 -45.50 7.45 3.83
N ALA C 459 -44.47 6.68 3.48
CA ALA C 459 -43.24 6.70 4.26
C ALA C 459 -42.46 7.98 4.03
N LEU C 460 -42.17 8.31 2.77
CA LEU C 460 -41.34 9.47 2.47
C LEU C 460 -41.99 10.79 2.90
N LYS C 461 -43.30 10.80 3.10
CA LYS C 461 -43.97 12.00 3.60
C LYS C 461 -43.90 12.12 5.12
N ALA C 462 -43.90 11.00 5.83
CA ALA C 462 -43.74 11.04 7.29
C ALA C 462 -42.31 11.34 7.71
N LEU C 463 -41.35 11.19 6.81
CA LEU C 463 -39.97 11.55 7.08
C LEU C 463 -39.69 13.03 6.87
N GLU C 464 -40.59 13.76 6.23
CA GLU C 464 -40.39 15.18 5.95
C GLU C 464 -40.53 16.07 7.19
N GLY C 465 -41.63 15.93 7.93
CA GLY C 465 -42.70 14.99 7.62
C GLY C 465 -44.10 15.53 7.82
N ASP C 466 -44.95 15.33 6.81
CA ASP C 466 -46.33 15.79 6.88
C ASP C 466 -47.10 14.95 7.90
N ALA C 467 -47.56 15.60 8.97
CA ALA C 467 -48.27 14.89 10.03
C ALA C 467 -49.47 14.11 9.50
N GLU C 468 -50.12 14.62 8.45
CA GLU C 468 -51.24 13.89 7.86
C GLU C 468 -50.83 12.46 7.52
N TRP C 469 -49.61 12.30 6.99
CA TRP C 469 -49.05 10.98 6.68
C TRP C 469 -48.21 10.41 7.80
N GLU C 470 -47.72 11.25 8.72
CA GLU C 470 -47.02 10.73 9.88
C GLU C 470 -47.94 9.92 10.78
N ALA C 471 -49.23 10.29 10.83
CA ALA C 471 -50.17 9.57 11.67
C ALA C 471 -50.49 8.19 11.11
N LYS C 472 -50.35 8.02 9.80
CA LYS C 472 -50.60 6.72 9.19
C LYS C 472 -49.52 5.71 9.56
N ILE C 473 -48.28 6.17 9.73
CA ILE C 473 -47.23 5.28 10.21
C ILE C 473 -47.55 4.80 11.63
N LEU C 474 -47.98 5.71 12.50
CA LEU C 474 -48.43 5.30 13.82
C LEU C 474 -49.59 4.32 13.75
N GLU C 475 -50.46 4.47 12.75
CA GLU C 475 -51.52 3.49 12.53
C GLU C 475 -50.94 2.09 12.38
N LEU C 476 -49.96 1.94 11.48
CA LEU C 476 -49.31 0.65 11.32
C LEU C 476 -48.73 0.16 12.63
N ALA C 477 -48.08 1.05 13.40
CA ALA C 477 -47.59 0.68 14.71
C ALA C 477 -48.71 0.18 15.61
N GLY C 478 -49.93 0.69 15.42
CA GLY C 478 -51.05 0.22 16.21
C GLY C 478 -51.49 -1.18 15.83
N PHE C 479 -51.43 -1.50 14.54
CA PHE C 479 -51.85 -2.84 14.11
C PHE C 479 -50.85 -3.90 14.56
N LEU C 480 -49.56 -3.63 14.40
CA LEU C 480 -48.55 -4.54 14.95
C LEU C 480 -48.82 -4.83 16.42
N ASP C 481 -49.28 -3.82 17.17
CA ASP C 481 -49.61 -4.04 18.57
C ASP C 481 -50.89 -4.85 18.73
N SER C 482 -51.82 -4.74 17.79
CA SER C 482 -53.14 -5.34 17.92
C SER C 482 -53.30 -6.61 17.11
N TYR C 483 -52.77 -6.66 15.89
CA TYR C 483 -53.00 -7.80 15.01
C TYR C 483 -52.01 -8.94 15.25
N ILE C 484 -50.73 -8.61 15.43
CA ILE C 484 -49.71 -9.62 15.68
C ILE C 484 -49.71 -9.97 17.17
N PRO C 485 -50.07 -11.19 17.54
CA PRO C 485 -50.19 -11.53 18.96
C PRO C 485 -48.85 -11.75 19.63
N GLU C 486 -48.82 -11.47 20.92
CA GLU C 486 -47.60 -11.62 21.70
C GLU C 486 -47.29 -13.10 21.87
N PRO C 487 -46.14 -13.59 21.41
CA PRO C 487 -45.82 -15.01 21.58
C PRO C 487 -45.86 -15.41 23.05
N GLU C 488 -46.17 -16.67 23.30
CA GLU C 488 -46.28 -17.15 24.67
C GLU C 488 -44.87 -17.33 25.25
N ARG C 489 -44.62 -16.67 26.37
CA ARG C 489 -43.32 -16.77 27.02
C ARG C 489 -43.02 -18.22 27.39
N ALA C 490 -41.74 -18.58 27.38
CA ALA C 490 -41.33 -19.93 27.76
C ALA C 490 -41.91 -20.33 29.10
N ILE C 491 -42.12 -19.35 29.99
CA ILE C 491 -42.60 -19.64 31.34
C ILE C 491 -44.02 -20.19 31.32
N ASP C 492 -44.83 -19.79 30.33
CA ASP C 492 -46.22 -20.22 30.27
C ASP C 492 -46.42 -21.57 29.60
N LYS C 493 -45.36 -22.16 29.05
CA LYS C 493 -45.45 -23.43 28.35
C LYS C 493 -45.33 -24.60 29.31
N PRO C 494 -45.62 -25.81 28.85
CA PRO C 494 -45.48 -26.99 29.72
C PRO C 494 -44.02 -27.27 30.05
N PHE C 495 -43.81 -27.76 31.27
CA PHE C 495 -42.46 -27.88 31.80
C PHE C 495 -41.60 -28.84 30.98
N LEU C 496 -40.35 -28.43 30.73
CA LEU C 496 -39.40 -29.25 29.99
C LEU C 496 -37.99 -28.87 30.42
N LEU C 497 -37.23 -29.86 30.89
CA LEU C 497 -35.84 -29.65 31.31
C LEU C 497 -34.93 -30.63 30.59
N PRO C 498 -34.10 -30.18 29.65
CA PRO C 498 -33.15 -31.10 29.01
C PRO C 498 -32.10 -31.61 30.00
N ILE C 499 -32.13 -32.92 30.24
CA ILE C 499 -31.15 -33.54 31.12
C ILE C 499 -29.76 -33.41 30.50
N GLU C 500 -28.80 -32.93 31.29
CA GLU C 500 -27.42 -32.87 30.86
C GLU C 500 -26.53 -33.89 31.56
N ASP C 501 -26.98 -34.43 32.69
CA ASP C 501 -26.19 -35.39 33.46
C ASP C 501 -27.01 -35.86 34.66
N VAL C 502 -26.73 -37.06 35.14
CA VAL C 502 -27.47 -37.65 36.26
C VAL C 502 -26.49 -38.05 37.35
N PHE C 503 -26.97 -38.00 38.59
CA PHE C 503 -26.14 -38.29 39.76
C PHE C 503 -26.95 -39.08 40.77
N SER C 504 -26.26 -39.95 41.51
CA SER C 504 -26.88 -40.76 42.55
C SER C 504 -26.27 -40.33 43.89
N ILE C 505 -26.83 -39.27 44.46
CA ILE C 505 -26.33 -38.73 45.73
C ILE C 505 -26.53 -39.75 46.83
N SER C 506 -25.45 -40.46 47.18
CA SER C 506 -25.52 -41.49 48.21
C SER C 506 -26.18 -40.94 49.48
N GLY C 507 -27.21 -41.65 49.94
CA GLY C 507 -27.96 -41.26 51.11
C GLY C 507 -29.21 -40.45 50.81
N ARG C 508 -29.31 -39.85 49.62
CA ARG C 508 -30.45 -39.00 49.28
C ARG C 508 -31.25 -39.60 48.13
N GLY C 509 -30.68 -39.70 46.95
CA GLY C 509 -31.40 -40.20 45.80
C GLY C 509 -30.80 -39.67 44.51
N THR C 510 -31.47 -40.00 43.41
CA THR C 510 -31.00 -39.62 42.09
C THR C 510 -31.39 -38.18 41.77
N VAL C 511 -30.54 -37.50 41.00
CA VAL C 511 -30.76 -36.10 40.63
C VAL C 511 -30.21 -35.85 39.25
N VAL C 512 -30.98 -35.11 38.44
CA VAL C 512 -30.56 -34.69 37.12
C VAL C 512 -30.37 -33.17 37.11
N THR C 513 -29.65 -32.68 36.11
CA THR C 513 -29.30 -31.27 36.03
C THR C 513 -29.45 -30.76 34.60
N GLY C 514 -29.65 -29.45 34.49
CA GLY C 514 -29.88 -28.79 33.22
C GLY C 514 -30.61 -27.49 33.44
N ARG C 515 -30.74 -26.72 32.37
CA ARG C 515 -31.52 -25.49 32.41
C ARG C 515 -32.95 -25.78 32.00
N VAL C 516 -33.90 -25.34 32.82
CA VAL C 516 -35.31 -25.49 32.50
C VAL C 516 -35.60 -24.74 31.21
N GLU C 517 -35.86 -25.48 30.13
CA GLU C 517 -36.10 -24.85 28.84
C GLU C 517 -37.44 -24.12 28.82
N ARG C 518 -38.48 -24.72 29.40
CA ARG C 518 -39.78 -24.09 29.46
C ARG C 518 -40.57 -24.67 30.63
N GLY C 519 -41.44 -23.84 31.19
CA GLY C 519 -42.38 -24.28 32.20
C GLY C 519 -41.93 -23.98 33.62
N ILE C 520 -42.50 -24.75 34.56
CA ILE C 520 -42.20 -24.63 35.98
C ILE C 520 -42.33 -26.00 36.62
N ILE C 521 -41.29 -26.41 37.35
CA ILE C 521 -41.29 -27.67 38.09
C ILE C 521 -41.30 -27.34 39.57
N LYS C 522 -42.31 -27.84 40.27
CA LYS C 522 -42.44 -27.66 41.71
C LYS C 522 -42.24 -28.99 42.42
N VAL C 523 -41.70 -28.93 43.64
CA VAL C 523 -41.49 -30.14 44.41
C VAL C 523 -42.83 -30.80 44.70
N GLY C 524 -42.86 -32.13 44.59
CA GLY C 524 -44.08 -32.89 44.71
C GLY C 524 -44.77 -33.14 43.38
N GLU C 525 -44.53 -32.28 42.39
CA GLU C 525 -45.10 -32.48 41.07
C GLU C 525 -44.54 -33.73 40.42
N GLU C 526 -45.39 -34.42 39.67
CA GLU C 526 -44.98 -35.61 38.94
C GLU C 526 -44.44 -35.24 37.57
N VAL C 527 -43.57 -36.10 37.02
CA VAL C 527 -42.88 -35.83 35.77
C VAL C 527 -42.65 -37.13 35.02
N GLU C 528 -42.30 -36.98 33.74
CA GLU C 528 -41.91 -38.08 32.87
C GLU C 528 -40.47 -37.86 32.40
N ILE C 529 -39.79 -38.96 32.09
CA ILE C 529 -38.45 -38.93 31.51
C ILE C 529 -38.60 -39.44 30.08
N VAL C 530 -38.56 -38.53 29.10
CA VAL C 530 -38.91 -38.84 27.72
C VAL C 530 -37.67 -38.82 26.85
N GLY C 531 -37.55 -39.82 25.97
CA GLY C 531 -36.49 -39.83 24.99
C GLY C 531 -35.54 -41.01 25.11
N ILE C 532 -34.98 -41.42 23.97
CA ILE C 532 -33.92 -42.44 23.93
C ILE C 532 -34.46 -43.79 24.37
N LYS C 533 -34.97 -43.88 25.60
CA LYS C 533 -35.47 -45.12 26.16
C LYS C 533 -36.98 -45.02 26.40
N GLU C 534 -37.54 -46.05 27.01
CA GLU C 534 -38.96 -46.06 27.32
C GLU C 534 -39.31 -44.87 28.21
N THR C 535 -40.45 -44.24 27.91
CA THR C 535 -40.92 -43.14 28.72
C THR C 535 -41.25 -43.64 30.13
N GLN C 536 -40.77 -42.91 31.14
CA GLN C 536 -40.87 -43.35 32.52
C GLN C 536 -41.47 -42.24 33.37
N LYS C 537 -42.02 -42.63 34.52
CA LYS C 537 -42.67 -41.71 35.44
C LYS C 537 -41.84 -41.58 36.72
N SER C 538 -41.88 -40.38 37.30
CA SER C 538 -41.19 -40.13 38.55
C SER C 538 -41.81 -38.92 39.23
N THR C 539 -41.53 -38.78 40.52
CA THR C 539 -42.03 -37.67 41.32
C THR C 539 -40.88 -36.76 41.71
N CYS C 540 -41.02 -35.47 41.44
CA CYS C 540 -40.00 -34.50 41.82
C CYS C 540 -39.93 -34.39 43.33
N THR C 541 -38.82 -34.84 43.91
CA THR C 541 -38.65 -34.76 45.36
C THR C 541 -38.07 -33.43 45.81
N GLY C 542 -37.54 -32.62 44.89
CA GLY C 542 -37.03 -31.31 45.26
C GLY C 542 -36.20 -30.65 44.18
N VAL C 543 -36.23 -29.32 44.13
CA VAL C 543 -35.45 -28.53 43.18
C VAL C 543 -34.30 -27.88 43.93
N GLU C 544 -33.14 -27.81 43.28
CA GLU C 544 -31.91 -27.46 43.98
C GLU C 544 -31.01 -26.61 43.09
N MET C 545 -30.40 -25.60 43.71
CA MET C 545 -29.31 -24.81 43.14
C MET C 545 -28.09 -24.94 44.04
N PHE C 546 -27.04 -24.17 43.71
CA PHE C 546 -25.87 -24.17 44.59
C PHE C 546 -26.10 -23.23 45.78
N ARG C 547 -26.64 -22.05 45.53
CA ARG C 547 -26.80 -21.08 46.61
C ARG C 547 -27.72 -21.60 47.70
N LYS C 548 -28.80 -22.28 47.33
CA LYS C 548 -29.76 -22.78 48.31
C LYS C 548 -30.61 -23.86 47.64
N LEU C 549 -31.64 -24.31 48.35
CA LEU C 549 -32.66 -25.21 47.80
C LEU C 549 -33.94 -24.42 47.56
N LEU C 550 -34.61 -24.73 46.46
CA LEU C 550 -35.75 -23.95 45.99
C LEU C 550 -37.04 -24.75 46.10
N ASP C 551 -38.15 -24.05 45.93
CA ASP C 551 -39.46 -24.68 45.85
C ASP C 551 -39.91 -24.93 44.42
N GLU C 552 -39.46 -24.11 43.47
CA GLU C 552 -39.78 -24.29 42.07
C GLU C 552 -38.51 -24.28 41.24
N GLY C 553 -38.61 -24.87 40.06
CA GLY C 553 -37.64 -24.64 39.01
C GLY C 553 -38.31 -23.88 37.88
N ARG C 554 -38.06 -22.58 37.82
CA ARG C 554 -38.71 -21.74 36.81
C ARG C 554 -37.88 -21.68 35.53
N ALA C 555 -38.56 -21.38 34.43
CA ALA C 555 -37.93 -21.43 33.12
C ALA C 555 -36.78 -20.45 33.04
N GLY C 556 -35.65 -20.91 32.49
CA GLY C 556 -34.45 -20.12 32.41
C GLY C 556 -33.47 -20.32 33.55
N GLU C 557 -33.86 -21.05 34.60
CA GLU C 557 -33.02 -21.27 35.75
C GLU C 557 -32.24 -22.57 35.61
N ASN C 558 -30.93 -22.51 35.90
CA ASN C 558 -30.11 -23.72 36.00
C ASN C 558 -30.32 -24.34 37.37
N VAL C 559 -30.79 -25.59 37.40
CA VAL C 559 -31.16 -26.25 38.65
C VAL C 559 -30.88 -27.73 38.54
N GLY C 560 -30.91 -28.40 39.69
CA GLY C 560 -30.93 -29.85 39.76
C GLY C 560 -32.32 -30.29 40.22
N VAL C 561 -32.81 -31.37 39.64
CA VAL C 561 -34.14 -31.89 39.95
C VAL C 561 -33.97 -33.23 40.64
N LEU C 562 -34.36 -33.30 41.91
CA LEU C 562 -34.34 -34.54 42.65
C LEU C 562 -35.53 -35.40 42.22
N LEU C 563 -35.28 -36.68 41.96
CA LEU C 563 -36.29 -37.59 41.45
C LEU C 563 -36.48 -38.76 42.42
N ARG C 564 -37.73 -39.18 42.59
CA ARG C 564 -38.06 -40.23 43.54
C ARG C 564 -38.05 -41.60 42.87
N GLY C 565 -37.51 -42.58 43.58
CA GLY C 565 -37.57 -43.96 43.16
C GLY C 565 -36.60 -44.34 42.06
N ILE C 566 -36.65 -43.62 40.94
CA ILE C 566 -35.83 -43.95 39.78
C ILE C 566 -34.35 -43.89 40.16
N LYS C 567 -33.60 -44.88 39.68
CA LYS C 567 -32.16 -44.94 39.92
C LYS C 567 -31.40 -44.29 38.76
N ARG C 568 -30.13 -43.98 39.03
CA ARG C 568 -29.32 -43.28 38.04
C ARG C 568 -29.14 -44.08 36.76
N GLU C 569 -29.08 -45.41 36.86
CA GLU C 569 -28.84 -46.24 35.70
C GLU C 569 -29.93 -46.13 34.65
N GLU C 570 -31.11 -45.66 35.03
CA GLU C 570 -32.27 -45.59 34.15
C GLU C 570 -32.42 -44.25 33.45
N ILE C 571 -31.51 -43.30 33.71
CA ILE C 571 -31.52 -41.99 33.07
C ILE C 571 -30.20 -41.79 32.35
N GLU C 572 -30.19 -40.91 31.36
CA GLU C 572 -28.98 -40.58 30.63
C GLU C 572 -29.17 -39.28 29.87
N ARG C 573 -28.06 -38.57 29.69
CA ARG C 573 -28.08 -37.31 28.95
C ARG C 573 -28.74 -37.49 27.59
N GLY C 574 -29.47 -36.47 27.16
CA GLY C 574 -30.27 -36.50 25.95
C GLY C 574 -31.76 -36.65 26.23
N GLN C 575 -32.11 -37.35 27.29
CA GLN C 575 -33.50 -37.41 27.74
C GLN C 575 -33.93 -36.03 28.25
N VAL C 576 -35.22 -35.90 28.52
CA VAL C 576 -35.79 -34.66 29.05
C VAL C 576 -36.83 -34.99 30.10
N LEU C 577 -36.86 -34.20 31.16
CA LEU C 577 -37.98 -34.22 32.08
C LEU C 577 -39.09 -33.34 31.55
N ALA C 578 -40.34 -33.75 31.79
CA ALA C 578 -41.46 -33.00 31.24
C ALA C 578 -42.72 -33.30 32.04
N LYS C 579 -43.68 -32.39 31.93
CA LYS C 579 -44.98 -32.60 32.53
C LYS C 579 -45.62 -33.87 31.94
N PRO C 580 -46.30 -34.66 32.75
CA PRO C 580 -46.87 -35.93 32.26
C PRO C 580 -47.80 -35.76 31.06
N GLY C 581 -47.38 -36.31 29.92
CA GLY C 581 -48.22 -36.32 28.74
C GLY C 581 -48.17 -35.08 27.89
N THR C 582 -47.08 -34.30 27.96
CA THR C 582 -46.96 -33.05 27.20
C THR C 582 -46.23 -33.28 25.87
N ILE C 583 -44.99 -33.75 25.95
CA ILE C 583 -44.17 -34.02 24.77
C ILE C 583 -43.93 -35.53 24.71
N LYS C 584 -43.84 -36.06 23.50
CA LYS C 584 -43.67 -37.49 23.31
C LYS C 584 -42.49 -37.78 22.41
N PRO C 585 -42.00 -39.02 22.40
CA PRO C 585 -40.79 -39.36 21.64
C PRO C 585 -41.09 -39.72 20.20
N HIS C 586 -40.11 -39.47 19.35
CA HIS C 586 -40.25 -39.70 17.92
C HIS C 586 -38.94 -40.19 17.33
N THR C 587 -39.05 -40.82 16.16
CA THR C 587 -37.90 -41.33 15.43
C THR C 587 -37.91 -40.84 13.99
N LYS C 588 -39.10 -40.71 13.41
CA LYS C 588 -39.28 -40.21 12.05
C LYS C 588 -39.91 -38.82 12.09
N PHE C 589 -39.41 -37.93 11.24
CA PHE C 589 -39.91 -36.56 11.17
C PHE C 589 -39.41 -35.94 9.88
N GLU C 590 -40.22 -35.05 9.31
CA GLU C 590 -39.78 -34.26 8.16
C GLU C 590 -39.35 -32.87 8.61
N SER C 591 -38.35 -32.32 7.92
CA SER C 591 -37.71 -31.10 8.38
C SER C 591 -37.17 -30.29 7.21
N GLU C 592 -37.14 -28.98 7.41
CA GLU C 592 -36.33 -28.09 6.58
C GLU C 592 -34.90 -28.10 7.11
N VAL C 593 -33.93 -28.08 6.19
CA VAL C 593 -32.53 -28.21 6.55
C VAL C 593 -31.69 -27.24 5.73
N TYR C 594 -30.62 -26.74 6.36
CA TYR C 594 -29.62 -25.92 5.69
C TYR C 594 -28.25 -26.56 5.88
N ILE C 595 -27.56 -26.82 4.78
CA ILE C 595 -26.23 -27.41 4.79
C ILE C 595 -25.22 -26.29 4.65
N LEU C 596 -24.33 -26.15 5.63
CA LEU C 596 -23.35 -25.07 5.62
C LEU C 596 -22.50 -25.12 4.36
N SER C 597 -22.04 -23.95 3.94
CA SER C 597 -21.19 -23.80 2.78
C SER C 597 -19.73 -24.07 3.17
N LYS C 598 -18.85 -24.06 2.16
CA LYS C 598 -17.43 -24.22 2.42
C LYS C 598 -16.89 -23.08 3.27
N ASP C 599 -17.04 -21.84 2.78
CA ASP C 599 -16.55 -20.68 3.52
C ASP C 599 -17.20 -20.55 4.89
N GLU C 600 -18.34 -21.20 5.11
CA GLU C 600 -18.96 -21.27 6.42
C GLU C 600 -18.41 -22.42 7.27
N GLY C 601 -17.27 -22.98 6.88
CA GLY C 601 -16.69 -24.08 7.62
C GLY C 601 -17.46 -25.38 7.55
N GLY C 602 -18.23 -25.58 6.48
CA GLY C 602 -19.05 -26.76 6.32
C GLY C 602 -18.40 -27.82 5.47
N ARG C 603 -19.23 -28.71 4.94
CA ARG C 603 -18.72 -29.78 4.10
C ARG C 603 -17.97 -29.21 2.91
N HIS C 604 -16.92 -29.93 2.52
CA HIS C 604 -16.12 -29.58 1.35
C HIS C 604 -16.70 -30.15 0.06
N THR C 605 -17.49 -31.20 0.15
CA THR C 605 -18.01 -31.95 -0.99
C THR C 605 -19.49 -32.21 -0.81
N PRO C 606 -20.19 -32.61 -1.87
CA PRO C 606 -21.62 -32.92 -1.75
C PRO C 606 -21.86 -34.34 -1.25
N PHE C 607 -23.08 -34.54 -0.72
CA PHE C 607 -23.54 -35.87 -0.33
C PHE C 607 -24.77 -36.23 -1.14
N PHE C 608 -25.10 -37.52 -1.14
CA PHE C 608 -26.12 -38.07 -2.02
C PHE C 608 -27.13 -38.90 -1.23
N LYS C 609 -27.79 -39.82 -1.93
CA LYS C 609 -29.00 -40.45 -1.43
C LYS C 609 -28.81 -41.09 -0.05
N GLY C 610 -27.63 -41.66 0.21
CA GLY C 610 -27.45 -42.43 1.43
C GLY C 610 -26.78 -41.73 2.60
N TYR C 611 -26.94 -40.41 2.70
CA TYR C 611 -26.31 -39.64 3.77
C TYR C 611 -26.70 -40.18 5.14
N ARG C 612 -25.71 -40.34 6.03
CA ARG C 612 -25.93 -40.94 7.33
C ARG C 612 -25.13 -40.20 8.41
N PRO C 613 -25.48 -38.92 8.65
CA PRO C 613 -24.77 -38.15 9.67
C PRO C 613 -25.40 -38.24 11.04
N GLN C 614 -25.00 -37.37 11.96
CA GLN C 614 -25.53 -37.35 13.32
C GLN C 614 -26.39 -36.11 13.52
N PHE C 615 -27.49 -36.27 14.25
CA PHE C 615 -28.43 -35.19 14.51
C PHE C 615 -28.39 -34.83 15.99
N TYR C 616 -28.09 -33.57 16.29
CA TYR C 616 -27.87 -33.09 17.65
C TYR C 616 -29.15 -32.46 18.18
N PHE C 617 -29.65 -32.99 19.29
CA PHE C 617 -30.90 -32.52 19.89
C PHE C 617 -30.67 -32.10 21.34
N ARG C 618 -30.62 -30.79 21.55
CA ARG C 618 -30.54 -30.21 22.89
C ARG C 618 -29.18 -30.46 23.54
N THR C 619 -28.90 -31.73 23.88
CA THR C 619 -27.69 -32.05 24.62
C THR C 619 -26.86 -33.18 24.01
N THR C 620 -27.35 -33.86 22.97
CA THR C 620 -26.65 -35.06 22.53
C THR C 620 -26.86 -35.30 21.04
N ASP C 621 -26.03 -36.17 20.49
CA ASP C 621 -26.09 -36.61 19.10
C ASP C 621 -26.90 -37.88 18.99
N VAL C 622 -27.61 -38.02 17.86
CA VAL C 622 -28.31 -39.26 17.52
C VAL C 622 -28.20 -39.49 16.03
N THR C 623 -27.71 -40.66 15.64
CA THR C 623 -27.49 -40.98 14.24
C THR C 623 -28.82 -41.19 13.51
N GLY C 624 -28.87 -40.77 12.25
CA GLY C 624 -30.09 -40.92 11.48
C GLY C 624 -29.80 -41.04 10.00
N THR C 625 -30.84 -41.42 9.26
CA THR C 625 -30.81 -41.58 7.82
C THR C 625 -31.92 -40.71 7.21
N ILE C 626 -31.71 -40.28 5.97
CA ILE C 626 -32.56 -39.23 5.39
C ILE C 626 -33.29 -39.75 4.15
N GLU C 627 -34.41 -39.08 3.84
CA GLU C 627 -35.18 -39.27 2.62
C GLU C 627 -35.16 -37.95 1.84
N LEU C 628 -34.34 -37.86 0.81
CA LEU C 628 -34.36 -36.68 -0.04
C LEU C 628 -35.67 -36.59 -0.81
N PRO C 629 -36.07 -35.39 -1.21
CA PRO C 629 -37.26 -35.23 -2.04
C PRO C 629 -37.03 -35.79 -3.45
N GLU C 630 -38.16 -36.03 -4.15
CA GLU C 630 -38.09 -36.51 -5.52
C GLU C 630 -37.39 -35.50 -6.42
N GLY C 631 -36.56 -36.01 -7.33
CA GLY C 631 -35.79 -35.18 -8.24
C GLY C 631 -34.46 -34.76 -7.67
N VAL C 632 -34.42 -34.45 -6.38
CA VAL C 632 -33.18 -34.10 -5.70
C VAL C 632 -32.31 -35.34 -5.60
N GLU C 633 -31.13 -35.31 -6.22
CA GLU C 633 -30.20 -36.41 -6.13
C GLU C 633 -28.87 -36.03 -5.50
N MET C 634 -28.49 -34.75 -5.53
CA MET C 634 -27.23 -34.31 -4.97
C MET C 634 -27.44 -33.02 -4.20
N VAL C 635 -26.98 -32.99 -2.94
CA VAL C 635 -27.03 -31.81 -2.10
C VAL C 635 -25.63 -31.25 -1.99
N MET C 636 -25.48 -29.95 -2.25
CA MET C 636 -24.19 -29.30 -2.16
C MET C 636 -24.10 -28.42 -0.92
N PRO C 637 -22.90 -28.02 -0.53
CA PRO C 637 -22.78 -27.10 0.61
C PRO C 637 -23.47 -25.79 0.30
N GLY C 638 -24.19 -25.26 1.30
CA GLY C 638 -24.94 -24.04 1.12
C GLY C 638 -26.32 -24.22 0.52
N ASP C 639 -26.89 -25.42 0.62
CA ASP C 639 -28.17 -25.74 0.02
C ASP C 639 -29.29 -25.69 1.06
N ASN C 640 -30.41 -25.09 0.68
CA ASN C 640 -31.66 -25.34 1.37
C ASN C 640 -32.26 -26.64 0.87
N ILE C 641 -32.94 -27.35 1.76
CA ILE C 641 -33.55 -28.62 1.36
C ILE C 641 -34.44 -29.16 2.47
N LYS C 642 -35.49 -29.88 2.08
CA LYS C 642 -36.30 -30.63 3.00
C LYS C 642 -35.83 -32.09 2.99
N MET C 643 -36.03 -32.78 4.11
CA MET C 643 -35.66 -34.19 4.17
C MET C 643 -36.31 -34.84 5.39
N VAL C 644 -36.70 -36.10 5.23
CA VAL C 644 -37.38 -36.87 6.27
C VAL C 644 -36.35 -37.72 6.98
N VAL C 645 -35.99 -37.32 8.19
CA VAL C 645 -34.95 -37.98 8.97
C VAL C 645 -35.54 -39.12 9.78
N THR C 646 -34.76 -40.19 9.92
CA THR C 646 -35.11 -41.34 10.74
C THR C 646 -33.98 -41.57 11.74
N LEU C 647 -34.25 -41.34 13.01
CA LEU C 647 -33.23 -41.50 14.04
C LEU C 647 -33.11 -42.95 14.48
N ILE C 648 -31.92 -43.32 14.95
CA ILE C 648 -31.71 -44.66 15.49
C ILE C 648 -32.48 -44.85 16.77
N HIS C 649 -32.60 -43.80 17.58
CA HIS C 649 -33.29 -43.83 18.85
C HIS C 649 -34.32 -42.71 18.89
N PRO C 650 -35.40 -42.90 19.64
CA PRO C 650 -36.40 -41.83 19.77
C PRO C 650 -35.82 -40.63 20.52
N ILE C 651 -36.46 -39.48 20.30
CA ILE C 651 -36.05 -38.22 20.92
C ILE C 651 -37.29 -37.40 21.21
N ALA C 652 -37.40 -36.91 22.44
CA ALA C 652 -38.52 -36.02 22.79
C ALA C 652 -38.49 -34.79 21.90
N MET C 653 -39.45 -34.68 20.98
CA MET C 653 -39.44 -33.58 20.02
C MET C 653 -40.87 -33.16 19.71
N ASP C 654 -40.99 -31.93 19.21
CA ASP C 654 -42.24 -31.42 18.69
C ASP C 654 -41.94 -30.46 17.55
N ASP C 655 -42.99 -30.00 16.88
CA ASP C 655 -42.83 -29.15 15.71
C ASP C 655 -42.20 -27.82 16.09
N GLY C 656 -41.12 -27.46 15.40
CA GLY C 656 -40.37 -26.25 15.66
C GLY C 656 -39.04 -26.46 16.36
N LEU C 657 -38.80 -27.66 16.88
CA LEU C 657 -37.54 -27.95 17.54
C LEU C 657 -36.39 -27.85 16.55
N ARG C 658 -35.31 -27.18 16.97
CA ARG C 658 -34.14 -26.98 16.13
C ARG C 658 -33.04 -27.98 16.47
N PHE C 659 -32.31 -28.40 15.42
CA PHE C 659 -31.26 -29.41 15.58
C PHE C 659 -30.11 -29.10 14.65
N ALA C 660 -28.91 -29.47 15.08
CA ALA C 660 -27.70 -29.37 14.26
C ALA C 660 -27.41 -30.71 13.60
N ILE C 661 -26.85 -30.65 12.39
CA ILE C 661 -26.39 -31.84 11.68
C ILE C 661 -24.87 -31.88 11.78
N ARG C 662 -24.35 -32.96 12.36
CA ARG C 662 -22.93 -33.03 12.70
C ARG C 662 -22.29 -34.28 12.14
N GLU C 663 -21.01 -34.17 11.83
CA GLU C 663 -20.17 -35.29 11.42
C GLU C 663 -19.07 -35.45 12.47
N GLY C 664 -19.44 -36.06 13.59
CA GLY C 664 -18.51 -36.29 14.68
C GLY C 664 -17.88 -35.02 15.23
N GLY C 665 -18.73 -34.12 15.73
CA GLY C 665 -18.23 -32.90 16.33
C GLY C 665 -18.28 -31.70 15.40
N ARG C 666 -17.83 -31.87 14.17
CA ARG C 666 -17.88 -30.78 13.20
C ARG C 666 -19.34 -30.57 12.78
N THR C 667 -19.88 -29.39 13.07
CA THR C 667 -21.22 -29.06 12.62
C THR C 667 -21.17 -28.73 11.14
N VAL C 668 -21.96 -29.45 10.35
CA VAL C 668 -21.98 -29.29 8.91
C VAL C 668 -23.30 -28.73 8.40
N GLY C 669 -24.29 -28.56 9.27
CA GLY C 669 -25.55 -27.97 8.87
C GLY C 669 -26.51 -27.98 10.04
N ALA C 670 -27.68 -27.39 9.82
CA ALA C 670 -28.69 -27.30 10.86
C ALA C 670 -30.08 -27.38 10.23
N GLY C 671 -31.06 -27.78 11.04
CA GLY C 671 -32.40 -28.00 10.55
C GLY C 671 -33.46 -27.69 11.59
N VAL C 672 -34.72 -27.87 11.19
CA VAL C 672 -35.87 -27.55 12.02
C VAL C 672 -36.95 -28.62 11.81
N VAL C 673 -37.46 -29.18 12.90
CA VAL C 673 -38.50 -30.20 12.82
C VAL C 673 -39.78 -29.53 12.32
N ALA C 674 -40.24 -29.93 11.13
CA ALA C 674 -41.47 -29.40 10.57
C ALA C 674 -42.68 -30.26 10.93
N LYS C 675 -42.53 -31.59 10.96
CA LYS C 675 -43.64 -32.46 11.30
C LYS C 675 -43.13 -33.77 11.87
N VAL C 676 -43.65 -34.16 13.02
CA VAL C 676 -43.37 -35.50 13.54
C VAL C 676 -44.22 -36.50 12.77
N LEU C 677 -43.69 -37.71 12.62
CA LEU C 677 -44.39 -38.80 11.95
C LEU C 677 -44.68 -39.93 12.94
N SER C 678 -44.65 -39.64 14.23
CA SER C 678 -44.95 -40.61 15.27
C SER C 678 -43.88 -41.70 15.33
N SER D 13 -13.45 -62.76 14.60
CA SER D 13 -13.51 -61.30 14.50
C SER D 13 -12.10 -60.70 14.50
N ARG D 14 -11.10 -61.56 14.76
CA ARG D 14 -9.72 -61.10 14.76
C ARG D 14 -9.25 -60.79 13.34
N ASN D 15 -8.03 -60.28 13.23
CA ASN D 15 -7.45 -59.93 11.95
C ASN D 15 -8.26 -58.83 11.26
N SER D 16 -9.38 -58.45 11.86
CA SER D 16 -10.14 -57.31 11.36
C SER D 16 -9.24 -56.08 11.30
N LEU D 17 -9.52 -55.20 10.34
CA LEU D 17 -8.65 -54.06 10.08
C LEU D 17 -8.31 -53.31 11.36
N SER D 18 -9.27 -53.22 12.29
CA SER D 18 -8.98 -52.60 13.58
C SER D 18 -8.01 -53.45 14.39
N ALA D 19 -8.24 -54.76 14.44
CA ALA D 19 -7.39 -55.64 15.25
C ALA D 19 -5.94 -55.59 14.78
N GLN D 20 -5.72 -55.54 13.47
CA GLN D 20 -4.35 -55.48 12.97
C GLN D 20 -3.70 -54.14 13.30
N LEU D 21 -4.41 -53.03 13.09
CA LEU D 21 -3.86 -51.73 13.39
C LEU D 21 -3.65 -51.55 14.90
N ARG D 22 -4.57 -52.08 15.72
CA ARG D 22 -4.37 -52.04 17.15
C ARG D 22 -3.17 -52.89 17.55
N ARG D 23 -3.13 -54.15 17.11
CA ARG D 23 -1.99 -55.01 17.39
C ARG D 23 -0.69 -54.37 16.95
N ALA D 24 -0.65 -53.80 15.74
CA ALA D 24 0.54 -53.17 15.22
C ALA D 24 0.86 -51.84 15.89
N ALA D 25 -0.08 -51.27 16.63
CA ALA D 25 0.18 -50.01 17.33
C ALA D 25 0.82 -50.23 18.69
N ASN D 26 0.57 -51.38 19.31
CA ASN D 26 1.23 -51.73 20.56
C ASN D 26 2.55 -52.45 20.35
N THR D 27 2.99 -52.60 19.10
CA THR D 27 4.35 -53.07 18.83
C THR D 27 5.36 -51.99 19.23
N ARG D 28 6.63 -52.34 19.17
CA ARG D 28 7.69 -51.45 19.64
C ARG D 28 8.73 -51.25 18.54
N ILE D 29 9.17 -50.00 18.38
CA ILE D 29 10.17 -49.63 17.40
C ILE D 29 11.51 -50.25 17.78
N GLU D 30 11.88 -51.34 17.12
CA GLU D 30 13.11 -52.06 17.43
C GLU D 30 14.28 -51.39 16.74
N VAL D 31 14.95 -50.49 17.46
CA VAL D 31 16.19 -49.88 16.99
C VAL D 31 17.10 -49.66 18.20
N GLU D 32 18.40 -49.67 17.95
CA GLU D 32 19.38 -49.49 19.00
C GLU D 32 19.64 -48.02 19.26
N GLY D 33 19.92 -47.70 20.52
CA GLY D 33 20.44 -46.39 20.88
C GLY D 33 19.40 -45.29 20.87
N ASN D 34 19.88 -44.07 20.63
CA ASN D 34 19.06 -42.86 20.72
C ASN D 34 18.53 -42.53 19.33
N LEU D 35 17.29 -42.92 19.06
CA LEU D 35 16.70 -42.69 17.74
C LEU D 35 16.49 -41.20 17.48
N ALA D 36 15.97 -40.47 18.47
CA ALA D 36 15.69 -39.05 18.28
C ALA D 36 16.94 -38.30 17.82
N LEU D 37 18.10 -38.63 18.40
CA LEU D 37 19.35 -38.02 17.97
C LEU D 37 19.76 -38.54 16.60
N SER D 38 19.50 -39.82 16.31
CA SER D 38 19.81 -40.35 14.98
C SER D 38 19.06 -39.57 13.91
N ILE D 39 17.79 -39.26 14.14
CA ILE D 39 16.98 -38.55 13.14
C ILE D 39 17.54 -37.15 12.92
N ALA D 40 17.74 -36.40 14.01
CA ALA D 40 18.22 -35.02 13.89
C ALA D 40 19.53 -34.98 13.11
N ASN D 41 20.47 -35.88 13.43
CA ASN D 41 21.75 -35.91 12.72
C ASN D 41 21.56 -36.18 11.22
N ASP D 42 20.72 -37.17 10.88
CA ASP D 42 20.46 -37.43 9.46
C ASP D 42 19.74 -36.26 8.81
N LEU D 43 18.89 -35.57 9.55
CA LEU D 43 18.24 -34.38 9.01
C LEU D 43 19.25 -33.28 8.72
N LEU D 44 20.24 -33.12 9.61
CA LEU D 44 21.29 -32.13 9.37
C LEU D 44 22.19 -32.53 8.20
N LEU D 45 22.41 -33.82 8.01
CA LEU D 45 23.25 -34.28 6.91
C LEU D 45 22.60 -33.98 5.57
N ALA D 46 21.29 -34.17 5.47
CA ALA D 46 20.60 -33.93 4.21
C ALA D 46 20.55 -32.44 3.86
N TYR D 47 20.57 -31.58 4.88
CA TYR D 47 20.64 -30.13 4.68
C TYR D 47 22.07 -29.64 4.57
N GLY D 48 23.05 -30.54 4.44
CA GLY D 48 24.44 -30.16 4.32
C GLY D 48 24.97 -29.41 5.53
N GLN D 49 24.81 -29.99 6.72
CA GLN D 49 25.16 -29.36 7.97
C GLN D 49 25.99 -30.30 8.82
N SER D 50 26.79 -29.71 9.72
CA SER D 50 27.68 -30.48 10.57
C SER D 50 26.90 -31.19 11.67
N PRO D 51 26.85 -32.52 11.66
CA PRO D 51 26.07 -33.23 12.68
C PRO D 51 26.58 -32.96 14.08
N PHE D 52 25.81 -33.42 15.06
CA PHE D 52 26.14 -33.20 16.46
C PHE D 52 27.34 -34.05 16.86
N ASN D 53 28.34 -33.42 17.49
CA ASN D 53 29.53 -34.13 17.93
C ASN D 53 29.20 -35.23 18.92
N SER D 54 28.56 -34.85 20.03
CA SER D 54 28.12 -35.78 21.06
C SER D 54 26.76 -35.29 21.56
N GLU D 55 26.15 -36.07 22.45
CA GLU D 55 24.91 -35.63 23.07
C GLU D 55 25.05 -34.27 23.71
N ALA D 56 26.26 -33.92 24.14
CA ALA D 56 26.47 -32.65 24.85
C ALA D 56 26.21 -31.46 23.95
N GLU D 57 26.74 -31.49 22.72
CA GLU D 57 26.62 -30.32 21.85
C GLU D 57 25.17 -29.98 21.50
N CYS D 58 24.24 -30.91 21.70
CA CYS D 58 22.83 -30.61 21.47
C CYS D 58 22.38 -29.39 22.25
N ILE D 59 22.66 -29.38 23.57
CA ILE D 59 22.13 -28.35 24.45
C ILE D 59 23.07 -27.16 24.58
N SER D 60 24.22 -27.19 23.89
CA SER D 60 25.16 -26.08 23.90
C SER D 60 25.27 -25.36 22.56
N PHE D 61 24.80 -25.97 21.48
CA PHE D 61 24.96 -25.41 20.15
C PHE D 61 24.22 -24.09 20.02
N SER D 62 24.90 -23.07 19.52
CA SER D 62 24.25 -21.78 19.39
C SER D 62 24.14 -21.37 17.92
N PRO D 63 23.09 -20.64 17.57
CA PRO D 63 22.84 -20.30 16.17
C PRO D 63 23.56 -19.04 15.72
N ARG D 64 23.67 -18.91 14.40
CA ARG D 64 24.23 -17.73 13.74
C ARG D 64 23.07 -16.89 13.21
N PHE D 65 22.83 -15.75 13.86
CA PHE D 65 21.73 -14.88 13.45
C PHE D 65 22.13 -14.05 12.22
N ASP D 66 22.68 -14.70 11.19
CA ASP D 66 23.02 -14.05 9.95
C ASP D 66 22.84 -15.03 8.81
N GLY D 67 23.20 -14.61 7.60
CA GLY D 67 23.01 -15.44 6.43
C GLY D 67 21.58 -15.39 5.92
N THR D 68 21.34 -16.11 4.83
CA THR D 68 20.02 -16.11 4.23
C THR D 68 19.01 -16.77 5.16
N PRO D 69 17.73 -16.47 4.99
CA PRO D 69 16.71 -17.07 5.86
C PRO D 69 16.76 -18.59 5.90
N ASP D 70 16.95 -19.23 4.74
CA ASP D 70 17.01 -20.68 4.70
C ASP D 70 18.22 -21.22 5.46
N ASP D 71 19.39 -20.57 5.29
CA ASP D 71 20.56 -20.98 6.05
C ASP D 71 20.33 -20.85 7.55
N PHE D 72 19.48 -19.92 7.97
CA PHE D 72 19.18 -19.74 9.38
C PHE D 72 18.05 -20.63 9.87
N ARG D 73 17.03 -20.89 9.03
CA ARG D 73 15.94 -21.75 9.46
C ARG D 73 16.44 -23.16 9.79
N ILE D 74 17.48 -23.61 9.11
CA ILE D 74 18.10 -24.89 9.44
C ILE D 74 19.11 -24.71 10.58
N ASN D 75 19.83 -23.58 10.58
CA ASN D 75 20.72 -23.23 11.66
C ASN D 75 19.99 -23.24 13.00
N TYR D 76 18.91 -22.44 13.08
CA TYR D 76 18.16 -22.32 14.33
C TYR D 76 17.57 -23.65 14.76
N LEU D 77 17.12 -24.47 13.80
CA LEU D 77 16.59 -25.79 14.15
C LEU D 77 17.64 -26.64 14.85
N LYS D 78 18.88 -26.59 14.36
CA LYS D 78 19.95 -27.39 14.97
C LYS D 78 20.16 -27.00 16.42
N ALA D 79 20.14 -25.72 16.73
CA ALA D 79 20.32 -25.26 18.10
C ALA D 79 19.10 -25.48 18.98
N GLU D 80 18.01 -26.05 18.44
CA GLU D 80 16.76 -26.04 19.16
C GLU D 80 16.09 -27.42 19.21
N ILE D 81 16.35 -28.27 18.22
CA ILE D 81 15.56 -29.50 18.07
C ILE D 81 15.76 -30.42 19.27
N MET D 82 17.00 -30.77 19.58
CA MET D 82 17.31 -31.67 20.68
C MET D 82 17.60 -30.94 21.97
N SER D 83 17.41 -29.62 22.01
CA SER D 83 17.69 -28.85 23.21
C SER D 83 16.75 -29.20 24.36
N LYS D 84 15.56 -29.71 24.07
CA LYS D 84 14.60 -30.09 25.10
C LYS D 84 14.49 -31.60 25.27
N TYR D 85 15.55 -32.33 24.89
CA TYR D 85 15.50 -33.79 24.91
C TYR D 85 15.44 -34.29 26.35
N ASP D 86 14.40 -35.09 26.63
CA ASP D 86 14.09 -35.48 27.99
C ASP D 86 15.12 -36.45 28.56
N ASP D 87 15.58 -37.40 27.74
CA ASP D 87 16.27 -38.58 28.23
C ASP D 87 17.72 -38.65 27.74
N PHE D 88 18.54 -37.71 28.19
CA PHE D 88 19.98 -37.77 27.93
C PHE D 88 20.69 -38.43 29.11
N SER D 89 21.93 -38.84 28.87
CA SER D 89 22.72 -39.50 29.89
C SER D 89 23.98 -38.69 30.19
N LEU D 90 23.82 -37.39 30.37
CA LEU D 90 24.93 -36.50 30.71
C LEU D 90 25.33 -36.58 32.17
N GLY D 91 24.71 -37.48 32.95
CA GLY D 91 25.07 -37.62 34.34
C GLY D 91 24.87 -36.38 35.17
N ILE D 92 24.06 -35.44 34.69
CA ILE D 92 23.75 -34.21 35.41
C ILE D 92 22.43 -34.41 36.13
N ASP D 93 22.39 -34.07 37.41
CA ASP D 93 21.18 -34.18 38.21
C ASP D 93 20.22 -33.09 37.76
N THR D 94 19.31 -33.44 36.83
CA THR D 94 18.37 -32.47 36.31
C THR D 94 17.56 -31.80 37.42
N GLU D 95 17.27 -32.53 38.50
CA GLU D 95 16.48 -31.97 39.58
C GLU D 95 17.32 -31.12 40.52
N ALA D 96 18.57 -31.55 40.78
CA ALA D 96 19.43 -30.80 41.70
C ALA D 96 19.69 -29.39 41.19
N VAL D 97 20.05 -29.26 39.91
CA VAL D 97 20.24 -27.92 39.34
C VAL D 97 18.98 -27.09 39.44
N ALA D 98 17.81 -27.74 39.53
CA ALA D 98 16.56 -27.01 39.67
C ALA D 98 16.49 -26.31 41.01
N TRP D 99 16.75 -27.04 42.10
CA TRP D 99 16.72 -26.43 43.43
C TRP D 99 17.85 -25.42 43.60
N GLU D 100 18.96 -25.59 42.88
CA GLU D 100 20.00 -24.55 42.89
C GLU D 100 19.46 -23.25 42.32
N LYS D 101 18.74 -23.32 41.19
CA LYS D 101 18.09 -22.13 40.65
C LYS D 101 17.04 -21.60 41.60
N PHE D 102 16.31 -22.49 42.26
CA PHE D 102 15.23 -22.10 43.17
C PHE D 102 15.75 -21.27 44.33
N LEU D 103 16.70 -21.83 45.10
CA LEU D 103 17.25 -21.10 46.24
C LEU D 103 17.97 -19.83 45.79
N ALA D 104 18.51 -19.81 44.58
CA ALA D 104 19.17 -18.62 44.08
C ALA D 104 18.16 -17.52 43.80
N ALA D 105 17.10 -17.84 43.04
CA ALA D 105 16.06 -16.85 42.76
C ALA D 105 15.38 -16.40 44.05
N GLU D 106 15.21 -17.32 45.01
CA GLU D 106 14.64 -16.94 46.30
C GLU D 106 15.57 -15.97 47.04
N ALA D 107 16.86 -16.29 47.09
CA ALA D 107 17.82 -15.39 47.71
C ALA D 107 17.89 -14.06 46.98
N GLU D 108 17.67 -14.07 45.66
CA GLU D 108 17.63 -12.82 44.91
C GLU D 108 16.43 -11.97 45.30
N CYS D 109 15.33 -12.59 45.69
CA CYS D 109 14.18 -11.84 46.21
C CYS D 109 14.54 -11.12 47.50
N ALA D 110 15.29 -11.79 48.38
CA ALA D 110 15.71 -11.16 49.63
C ALA D 110 16.46 -9.86 49.36
N LEU D 111 17.42 -9.90 48.42
CA LEU D 111 18.15 -8.69 48.07
C LEU D 111 17.23 -7.63 47.49
N THR D 112 16.27 -8.05 46.65
CA THR D 112 15.36 -7.09 46.03
C THR D 112 14.40 -6.52 47.07
N ASN D 113 13.80 -7.39 47.88
CA ASN D 113 12.93 -6.92 48.96
C ASN D 113 13.61 -5.87 49.82
N ALA D 114 14.86 -6.11 50.21
CA ALA D 114 15.58 -5.16 51.03
C ALA D 114 15.75 -3.83 50.30
N ARG D 115 16.15 -3.88 49.04
CA ARG D 115 16.43 -2.65 48.29
C ARG D 115 15.16 -1.84 48.07
N LEU D 116 14.05 -2.50 47.73
CA LEU D 116 12.82 -1.77 47.43
C LEU D 116 12.20 -1.18 48.69
N TYR D 117 12.30 -1.88 49.82
CA TYR D 117 11.77 -1.33 51.06
C TYR D 117 12.55 -0.10 51.50
N ARG D 118 13.87 -0.11 51.34
CA ARG D 118 14.70 1.05 51.67
C ARG D 118 15.93 1.07 50.78
N PRO D 119 15.91 1.86 49.70
CA PRO D 119 17.02 1.86 48.74
C PRO D 119 18.34 2.24 49.40
N ASP D 120 19.43 1.86 48.72
CA ASP D 120 20.78 2.19 49.13
C ASP D 120 21.43 2.97 47.98
N TYR D 121 21.36 4.30 48.05
CA TYR D 121 21.73 5.15 46.94
C TYR D 121 23.19 5.06 46.56
N SER D 122 24.02 4.35 47.31
CA SER D 122 25.41 4.13 46.95
C SER D 122 25.60 2.96 46.00
N GLU D 123 24.53 2.23 45.68
CA GLU D 123 24.59 1.08 44.79
C GLU D 123 24.44 1.54 43.33
N ASP D 124 24.59 0.58 42.42
CA ASP D 124 24.76 0.91 41.00
C ASP D 124 23.44 1.22 40.29
N PHE D 125 22.30 0.86 40.88
CA PHE D 125 21.01 0.99 40.21
C PHE D 125 20.73 2.44 39.80
N ASN D 126 19.84 2.60 38.83
CA ASN D 126 19.39 3.93 38.39
C ASN D 126 18.10 4.27 39.13
N PHE D 127 18.28 4.77 40.37
CA PHE D 127 17.14 5.01 41.24
C PHE D 127 16.17 6.03 40.66
N SER D 128 16.70 7.09 40.03
CA SER D 128 15.84 8.15 39.52
C SER D 128 14.78 7.59 38.58
N LEU D 129 15.22 6.90 37.53
CA LEU D 129 14.29 6.38 36.53
C LEU D 129 13.45 5.23 37.09
N GLY D 130 13.99 4.49 38.05
CA GLY D 130 13.25 3.36 38.60
C GLY D 130 12.13 3.78 39.54
N GLU D 131 12.40 4.78 40.39
CA GLU D 131 11.39 5.21 41.36
C GLU D 131 10.24 5.94 40.68
N SER D 132 10.52 6.72 39.64
CA SER D 132 9.46 7.38 38.90
C SER D 132 8.61 6.38 38.13
N CYS D 133 9.21 5.26 37.72
CA CYS D 133 8.43 4.21 37.06
C CYS D 133 7.50 3.52 38.04
N ILE D 134 8.00 3.16 39.22
CA ILE D 134 7.15 2.55 40.23
C ILE D 134 5.99 3.48 40.55
N HIS D 135 6.30 4.73 40.89
CA HIS D 135 5.26 5.69 41.26
C HIS D 135 4.27 5.90 40.13
N MET D 136 4.77 5.93 38.88
CA MET D 136 3.90 6.16 37.73
C MET D 136 3.10 4.92 37.35
N ALA D 137 3.78 3.78 37.24
CA ALA D 137 3.07 2.52 37.00
C ALA D 137 2.05 2.24 38.09
N ARG D 138 2.36 2.62 39.33
CA ARG D 138 1.42 2.45 40.42
C ARG D 138 0.09 3.15 40.13
N ARG D 139 0.15 4.39 39.62
CA ARG D 139 -1.06 5.11 39.26
C ARG D 139 -1.79 4.40 38.11
N LYS D 140 -1.07 4.08 37.03
CA LYS D 140 -1.69 3.38 35.91
C LYS D 140 -2.30 2.05 36.36
N ILE D 141 -1.65 1.37 37.30
CA ILE D 141 -2.15 0.08 37.76
C ILE D 141 -3.35 0.27 38.68
N ALA D 142 -3.25 1.19 39.64
CA ALA D 142 -4.34 1.40 40.58
C ALA D 142 -5.57 1.98 39.89
N LYS D 143 -5.36 2.69 38.78
CA LYS D 143 -6.48 3.20 38.00
C LYS D 143 -7.16 2.09 37.21
N LEU D 144 -6.43 1.01 36.89
CA LEU D 144 -6.99 -0.04 36.05
C LEU D 144 -7.79 -1.05 36.87
N ILE D 145 -7.24 -1.50 38.01
CA ILE D 145 -7.89 -2.53 38.81
C ILE D 145 -8.69 -1.95 39.98
N GLY D 146 -8.50 -0.69 40.33
CA GLY D 146 -9.23 -0.09 41.42
C GLY D 146 -8.58 -0.32 42.77
N ASP D 147 -9.31 0.06 43.81
CA ASP D 147 -8.76 -0.05 45.16
C ASP D 147 -8.86 -1.47 45.70
N VAL D 148 -9.94 -2.19 45.39
CA VAL D 148 -10.12 -3.54 45.92
C VAL D 148 -10.69 -4.45 44.85
N PRO D 149 -10.34 -5.73 44.91
CA PRO D 149 -10.91 -6.69 43.97
C PRO D 149 -12.39 -6.89 44.21
N SER D 150 -13.14 -6.99 43.12
CA SER D 150 -14.59 -7.15 43.23
C SER D 150 -14.93 -8.47 43.92
N VAL D 151 -15.58 -8.38 45.08
CA VAL D 151 -16.01 -9.59 45.78
C VAL D 151 -16.97 -10.39 44.94
N GLU D 152 -17.75 -9.71 44.09
CA GLU D 152 -18.66 -10.40 43.17
C GLU D 152 -17.92 -10.93 41.97
N GLY D 153 -17.11 -10.08 41.32
CA GLY D 153 -16.35 -10.53 40.16
C GLY D 153 -15.38 -11.65 40.49
N MET D 154 -14.89 -11.69 41.73
CA MET D 154 -13.98 -12.77 42.12
C MET D 154 -14.69 -14.12 42.09
N LEU D 155 -15.88 -14.19 42.70
CA LEU D 155 -16.65 -15.43 42.67
C LEU D 155 -17.02 -15.83 41.25
N ARG D 156 -17.05 -14.87 40.32
CA ARG D 156 -17.36 -15.18 38.93
C ARG D 156 -16.25 -15.97 38.24
N HIS D 157 -15.02 -15.90 38.76
CA HIS D 157 -13.89 -16.65 38.22
C HIS D 157 -13.34 -17.68 39.20
N CYS D 158 -13.99 -17.88 40.34
CA CYS D 158 -13.54 -18.89 41.28
C CYS D 158 -13.82 -20.28 40.75
N ARG D 159 -12.84 -21.17 40.89
CA ARG D 159 -12.94 -22.51 40.36
C ARG D 159 -11.75 -23.30 40.86
N PHE D 160 -11.72 -24.59 40.53
CA PHE D 160 -10.62 -25.46 40.90
C PHE D 160 -9.80 -25.80 39.67
N SER D 161 -8.47 -25.80 39.84
CA SER D 161 -7.61 -26.24 38.77
C SER D 161 -7.70 -27.77 38.62
N GLY D 162 -7.39 -28.24 37.42
CA GLY D 162 -7.30 -29.66 37.22
C GLY D 162 -6.04 -30.29 37.77
N GLY D 163 -5.17 -29.48 38.37
CA GLY D 163 -3.89 -29.96 38.86
C GLY D 163 -3.98 -30.59 40.24
N ALA D 164 -2.81 -30.87 40.80
CA ALA D 164 -2.70 -31.47 42.12
C ALA D 164 -2.68 -30.39 43.19
N THR D 165 -3.08 -30.78 44.39
CA THR D 165 -3.09 -29.89 45.55
C THR D 165 -2.35 -30.58 46.70
N THR D 166 -2.28 -29.89 47.84
CA THR D 166 -1.67 -30.48 49.03
C THR D 166 -2.41 -31.72 49.49
N THR D 167 -3.64 -31.93 49.01
CA THR D 167 -4.47 -33.06 49.43
C THR D 167 -4.92 -33.94 48.27
N ASN D 168 -4.56 -33.60 47.04
CA ASN D 168 -4.97 -34.36 45.85
C ASN D 168 -3.80 -34.42 44.89
N ASN D 169 -3.29 -35.63 44.64
CA ASN D 169 -2.28 -35.78 43.62
C ASN D 169 -2.91 -35.65 42.23
N ARG D 170 -2.06 -35.44 41.22
CA ARG D 170 -2.58 -35.11 39.90
C ARG D 170 -3.54 -36.15 39.34
N SER D 171 -3.55 -37.37 39.88
CA SER D 171 -4.53 -38.36 39.44
C SER D 171 -5.92 -38.09 40.00
N TYR D 172 -6.02 -37.43 41.15
CA TYR D 172 -7.27 -36.96 41.73
C TYR D 172 -7.37 -35.43 41.66
N GLY D 173 -6.84 -34.85 40.59
CA GLY D 173 -6.84 -33.41 40.43
C GLY D 173 -8.04 -32.84 39.74
N HIS D 174 -8.95 -33.70 39.26
CA HIS D 174 -10.16 -33.22 38.62
C HIS D 174 -11.00 -32.44 39.63
N PRO D 175 -11.60 -31.31 39.22
CA PRO D 175 -12.34 -30.49 40.19
C PRO D 175 -13.41 -31.25 40.97
N SER D 176 -14.00 -32.29 40.38
CA SER D 176 -15.05 -33.03 41.09
C SER D 176 -14.54 -33.59 42.41
N PHE D 177 -13.26 -33.95 42.47
CA PHE D 177 -12.67 -34.43 43.72
C PHE D 177 -12.40 -33.30 44.70
N LYS D 178 -12.28 -32.06 44.22
CA LYS D 178 -12.06 -30.93 45.12
C LYS D 178 -13.31 -30.62 45.93
N PHE D 179 -14.49 -30.74 45.31
CA PHE D 179 -15.73 -30.53 46.04
C PHE D 179 -16.10 -31.74 46.89
N ALA D 180 -15.59 -32.91 46.58
CA ALA D 180 -15.89 -34.10 47.38
C ALA D 180 -14.95 -34.21 48.58
N LEU D 181 -13.66 -33.98 48.39
CA LEU D 181 -12.70 -34.19 49.45
C LEU D 181 -12.34 -32.88 50.13
N PRO D 182 -12.34 -32.83 51.46
CA PRO D 182 -11.97 -31.59 52.16
C PRO D 182 -10.59 -31.10 51.74
N GLN D 183 -10.53 -29.83 51.38
CA GLN D 183 -9.27 -29.21 50.97
C GLN D 183 -8.60 -28.51 52.15
N ALA D 184 -7.38 -28.06 51.92
CA ALA D 184 -6.63 -27.31 52.92
C ALA D 184 -6.69 -25.81 52.60
N CYS D 185 -6.19 -25.01 53.54
CA CYS D 185 -6.13 -23.57 53.34
C CYS D 185 -5.14 -22.97 54.34
N THR D 186 -4.60 -21.81 53.98
CA THR D 186 -3.71 -21.09 54.87
C THR D 186 -4.52 -20.37 55.94
N PRO D 187 -3.86 -19.88 57.00
CA PRO D 187 -4.62 -19.18 58.04
C PRO D 187 -5.25 -17.89 57.55
N ARG D 188 -4.52 -17.10 56.77
CA ARG D 188 -5.07 -15.83 56.29
C ARG D 188 -6.20 -16.04 55.29
N ALA D 189 -6.30 -17.24 54.70
CA ALA D 189 -7.35 -17.54 53.74
C ALA D 189 -8.51 -18.31 54.35
N LEU D 190 -8.53 -18.48 55.67
CA LEU D 190 -9.59 -19.26 56.32
C LEU D 190 -10.94 -18.59 56.17
N LYS D 191 -11.00 -17.27 56.43
CA LYS D 191 -12.29 -16.58 56.37
C LYS D 191 -12.93 -16.72 54.99
N TYR D 192 -12.13 -16.72 53.94
CA TYR D 192 -12.69 -16.90 52.60
C TYR D 192 -13.40 -18.24 52.48
N VAL D 193 -12.80 -19.30 53.04
CA VAL D 193 -13.45 -20.61 53.01
C VAL D 193 -14.71 -20.60 53.86
N LEU D 194 -14.63 -20.04 55.07
CA LEU D 194 -15.78 -20.01 55.96
C LEU D 194 -16.90 -19.13 55.41
N ALA D 195 -16.55 -18.05 54.71
CA ALA D 195 -17.57 -17.25 54.03
C ALA D 195 -18.32 -18.10 53.01
N LEU D 196 -17.60 -18.90 52.23
CA LEU D 196 -18.26 -19.82 51.30
C LEU D 196 -19.11 -20.84 52.04
N ARG D 197 -18.56 -21.40 53.12
CA ARG D 197 -19.30 -22.39 53.91
C ARG D 197 -20.63 -21.85 54.40
N ALA D 198 -20.74 -20.53 54.57
CA ALA D 198 -21.95 -19.89 55.07
C ALA D 198 -22.90 -19.44 53.97
N SER D 199 -22.57 -19.68 52.70
CA SER D 199 -23.40 -19.25 51.59
C SER D 199 -24.06 -20.40 50.84
N THR D 200 -23.86 -21.64 51.27
CA THR D 200 -24.49 -22.79 50.64
C THR D 200 -24.84 -23.84 51.68
N HIS D 201 -25.75 -24.73 51.31
CA HIS D 201 -26.17 -25.83 52.16
C HIS D 201 -25.35 -27.09 51.96
N PHE D 202 -24.54 -27.16 50.90
CA PHE D 202 -23.62 -28.28 50.71
C PHE D 202 -22.46 -28.16 51.70
N ASP D 203 -22.08 -29.30 52.30
CA ASP D 203 -21.10 -29.31 53.38
C ASP D 203 -19.73 -28.93 52.85
N THR D 204 -19.53 -27.62 52.65
CA THR D 204 -18.21 -27.10 52.31
C THR D 204 -17.29 -27.24 53.51
N ARG D 205 -16.24 -28.06 53.36
CA ARG D 205 -15.45 -28.51 54.49
C ARG D 205 -13.96 -28.32 54.22
N ILE D 206 -13.20 -28.21 55.31
CA ILE D 206 -11.75 -28.01 55.26
C ILE D 206 -11.07 -29.20 55.91
N SER D 207 -9.94 -29.62 55.34
CA SER D 207 -9.15 -30.67 55.97
C SER D 207 -8.30 -30.07 57.08
N ASP D 208 -7.20 -29.40 56.72
CA ASP D 208 -6.29 -28.83 57.70
C ASP D 208 -5.98 -27.38 57.34
N ILE D 209 -5.72 -26.59 58.37
CA ILE D 209 -5.31 -25.19 58.23
C ILE D 209 -3.80 -25.15 58.37
N SER D 210 -3.10 -24.78 57.30
CA SER D 210 -1.64 -24.77 57.34
C SER D 210 -1.12 -23.72 56.37
N PRO D 211 -0.02 -23.05 56.73
CA PRO D 211 0.56 -22.03 55.86
C PRO D 211 1.48 -22.59 54.78
N PHE D 212 1.60 -23.91 54.70
CA PHE D 212 2.57 -24.56 53.84
C PHE D 212 1.95 -24.95 52.50
N ASN D 213 2.74 -24.79 51.43
CA ASN D 213 2.41 -25.33 50.12
C ASN D 213 3.57 -26.22 49.68
N LYS D 214 3.24 -27.22 48.86
CA LYS D 214 4.21 -28.24 48.48
C LYS D 214 4.98 -27.78 47.25
N ALA D 215 6.30 -27.66 47.39
CA ALA D 215 7.19 -27.32 46.29
C ALA D 215 7.79 -28.59 45.71
N VAL D 216 7.74 -28.72 44.39
CA VAL D 216 8.17 -29.95 43.73
C VAL D 216 8.92 -29.62 42.44
N THR D 217 9.21 -30.65 41.65
CA THR D 217 10.01 -30.53 40.44
C THR D 217 9.37 -31.36 39.34
N VAL D 218 9.37 -30.83 38.12
CA VAL D 218 8.85 -31.56 36.96
C VAL D 218 9.77 -31.34 35.77
N PRO D 219 10.26 -32.42 35.15
CA PRO D 219 11.28 -32.29 34.10
C PRO D 219 10.95 -31.22 33.07
N LYS D 220 11.97 -30.45 32.69
CA LYS D 220 11.86 -29.41 31.68
C LYS D 220 12.80 -29.60 30.50
N ASN D 221 14.00 -30.13 30.72
CA ASN D 221 14.92 -30.41 29.63
C ASN D 221 16.08 -31.25 30.13
N SER D 222 17.17 -31.31 29.37
CA SER D 222 18.30 -32.14 29.72
C SER D 222 19.22 -31.50 30.76
N LYS D 223 19.06 -30.21 31.02
CA LYS D 223 19.93 -29.49 31.94
C LYS D 223 19.32 -29.30 33.33
N THR D 224 17.99 -29.19 33.42
CA THR D 224 17.35 -28.85 34.68
C THR D 224 15.90 -29.29 34.64
N ASP D 225 15.36 -29.58 35.82
CA ASP D 225 13.91 -29.72 35.96
C ASP D 225 13.27 -28.35 36.09
N ARG D 226 12.04 -28.31 36.59
CA ARG D 226 11.30 -27.07 36.75
C ARG D 226 10.66 -27.05 38.13
N CYS D 227 10.90 -25.98 38.88
CA CYS D 227 10.33 -25.84 40.22
C CYS D 227 8.93 -25.23 40.10
N ILE D 228 7.93 -25.90 40.67
CA ILE D 228 6.57 -25.40 40.67
C ILE D 228 6.00 -25.47 42.08
N ALA D 229 4.85 -24.82 42.25
CA ALA D 229 4.15 -24.76 43.51
C ALA D 229 2.87 -25.57 43.43
N ILE D 230 2.62 -26.39 44.44
CA ILE D 230 1.36 -27.13 44.59
C ILE D 230 0.60 -26.46 45.73
N GLU D 231 -0.35 -25.59 45.37
CA GLU D 231 -1.02 -24.76 46.36
C GLU D 231 -2.08 -25.55 47.13
N PRO D 232 -2.42 -25.08 48.32
CA PRO D 232 -3.51 -25.73 49.07
C PRO D 232 -4.80 -25.70 48.27
N GLY D 233 -5.67 -26.67 48.56
CA GLY D 233 -6.94 -26.79 47.85
C GLY D 233 -7.72 -25.50 47.74
N TRP D 234 -8.19 -24.96 48.87
CA TRP D 234 -9.06 -23.80 48.83
C TRP D 234 -8.34 -22.52 48.43
N ASN D 235 -7.02 -22.45 48.61
CA ASN D 235 -6.30 -21.25 48.20
C ASN D 235 -6.26 -21.12 46.70
N MET D 236 -5.93 -22.21 45.99
CA MET D 236 -6.04 -22.21 44.54
C MET D 236 -7.43 -21.80 44.09
N PHE D 237 -8.46 -22.21 44.83
CA PHE D 237 -9.83 -21.88 44.47
C PHE D 237 -10.03 -20.38 44.34
N PHE D 238 -9.52 -19.60 45.30
CA PHE D 238 -9.65 -18.16 45.25
C PHE D 238 -8.51 -17.46 44.55
N GLN D 239 -7.32 -18.07 44.50
CA GLN D 239 -6.26 -17.52 43.66
C GLN D 239 -6.73 -17.39 42.22
N LEU D 240 -7.59 -18.30 41.76
CA LEU D 240 -8.09 -18.24 40.39
C LEU D 240 -9.16 -17.17 40.21
N GLY D 241 -9.98 -16.92 41.23
CA GLY D 241 -10.92 -15.81 41.14
C GLY D 241 -10.23 -14.48 40.94
N ILE D 242 -9.05 -14.32 41.54
CA ILE D 242 -8.29 -13.08 41.38
C ILE D 242 -7.66 -13.00 40.01
N GLY D 243 -6.98 -14.07 39.58
CA GLY D 243 -6.40 -14.09 38.25
C GLY D 243 -7.39 -13.69 37.17
N GLY D 244 -8.61 -14.24 37.25
CA GLY D 244 -9.61 -13.91 36.25
C GLY D 244 -9.94 -12.42 36.23
N ILE D 245 -9.98 -11.79 37.40
CA ILE D 245 -10.25 -10.35 37.45
C ILE D 245 -9.14 -9.58 36.78
N LEU D 246 -7.88 -9.95 37.04
CA LEU D 246 -6.78 -9.31 36.33
C LEU D 246 -6.79 -9.64 34.85
N ARG D 247 -7.19 -10.87 34.49
CA ARG D 247 -7.28 -11.25 33.09
C ARG D 247 -8.27 -10.38 32.33
N ASP D 248 -9.38 -10.03 32.97
CA ASP D 248 -10.39 -9.19 32.33
C ASP D 248 -9.95 -7.74 32.24
N ARG D 249 -9.34 -7.20 33.30
CA ARG D 249 -8.95 -5.80 33.28
C ARG D 249 -7.81 -5.56 32.31
N LEU D 250 -6.92 -6.54 32.12
CA LEU D 250 -5.84 -6.40 31.16
C LEU D 250 -6.35 -6.20 29.74
N ARG D 251 -7.55 -6.68 29.43
CA ARG D 251 -8.10 -6.46 28.10
C ARG D 251 -8.18 -4.99 27.76
N CYS D 252 -8.27 -4.11 28.76
CA CYS D 252 -8.30 -2.67 28.50
C CYS D 252 -6.97 -2.19 27.94
N TRP D 253 -5.85 -2.64 28.50
CA TRP D 253 -4.54 -2.33 27.94
C TRP D 253 -4.23 -3.13 26.68
N GLY D 254 -5.22 -3.79 26.08
CA GLY D 254 -5.01 -4.58 24.88
C GLY D 254 -4.22 -5.84 25.13
N ILE D 255 -4.51 -6.54 26.22
CA ILE D 255 -3.73 -7.70 26.65
C ILE D 255 -4.71 -8.86 26.85
N ASP D 256 -4.91 -9.64 25.80
CA ASP D 256 -5.78 -10.81 25.88
C ASP D 256 -4.91 -12.03 26.19
N LEU D 257 -4.84 -12.38 27.47
CA LEU D 257 -4.10 -13.58 27.87
C LEU D 257 -4.76 -14.87 27.40
N ASN D 258 -5.92 -14.79 26.76
CA ASN D 258 -6.56 -15.94 26.12
C ASN D 258 -6.17 -16.08 24.66
N ASP D 259 -5.31 -15.19 24.15
CA ASP D 259 -4.96 -15.17 22.73
C ASP D 259 -3.47 -14.84 22.61
N GLN D 260 -2.68 -15.82 22.19
CA GLN D 260 -1.26 -15.60 21.98
C GLN D 260 -0.94 -15.00 20.62
N THR D 261 -1.88 -15.07 19.67
CA THR D 261 -1.60 -14.66 18.30
C THR D 261 -1.29 -13.17 18.19
N ILE D 262 -1.79 -12.36 19.12
CA ILE D 262 -1.41 -10.95 19.13
C ILE D 262 0.11 -10.82 19.22
N ASN D 263 0.68 -11.31 20.33
CA ASN D 263 2.12 -11.24 20.51
C ASN D 263 2.87 -11.91 19.37
N GLN D 264 2.29 -12.94 18.76
CA GLN D 264 2.94 -13.62 17.64
C GLN D 264 3.09 -12.70 16.45
N ARG D 265 1.98 -12.15 15.96
CA ARG D 265 2.05 -11.25 14.81
C ARG D 265 2.95 -10.06 15.08
N ARG D 266 2.88 -9.49 16.30
CA ARG D 266 3.78 -8.40 16.65
C ARG D 266 5.24 -8.83 16.53
N ALA D 267 5.56 -10.05 16.99
CA ALA D 267 6.92 -10.55 16.84
C ALA D 267 7.30 -10.66 15.37
N HIS D 268 6.38 -11.15 14.53
CA HIS D 268 6.64 -11.19 13.10
C HIS D 268 6.87 -9.80 12.53
N GLU D 269 6.02 -8.84 12.92
CA GLU D 269 6.21 -7.46 12.47
C GLU D 269 7.58 -6.93 12.89
N GLY D 270 7.94 -7.12 14.16
CA GLY D 270 9.20 -6.57 14.65
C GLY D 270 10.41 -7.14 13.94
N SER D 271 10.30 -8.36 13.41
CA SER D 271 11.40 -8.92 12.64
C SER D 271 11.58 -8.24 11.30
N VAL D 272 10.63 -7.39 10.88
CA VAL D 272 10.69 -6.75 9.58
C VAL D 272 10.93 -5.24 9.77
N THR D 273 9.98 -4.56 10.40
CA THR D 273 10.15 -3.13 10.65
C THR D 273 11.34 -2.87 11.57
N ASN D 274 11.67 -3.84 12.43
CA ASN D 274 12.76 -3.70 13.40
C ASN D 274 12.49 -2.59 14.40
N ASN D 275 11.25 -2.11 14.47
CA ASN D 275 10.85 -1.12 15.46
C ASN D 275 10.23 -1.75 16.71
N LEU D 276 9.93 -3.05 16.67
CA LEU D 276 9.41 -3.78 17.81
C LEU D 276 10.47 -4.74 18.34
N ALA D 277 10.40 -5.03 19.63
CA ALA D 277 11.40 -5.85 20.31
C ALA D 277 10.70 -6.95 21.11
N THR D 278 11.37 -8.10 21.20
CA THR D 278 10.90 -9.23 22.00
C THR D 278 11.87 -9.44 23.15
N VAL D 279 11.43 -9.09 24.36
CA VAL D 279 12.22 -9.23 25.58
C VAL D 279 12.00 -10.60 26.18
N ASP D 280 13.06 -11.18 26.76
CA ASP D 280 12.99 -12.48 27.40
C ASP D 280 13.59 -12.40 28.80
N LEU D 281 12.85 -12.88 29.79
CA LEU D 281 13.24 -12.78 31.19
C LEU D 281 13.63 -14.16 31.74
N SER D 282 14.64 -14.18 32.60
CA SER D 282 15.14 -15.42 33.18
C SER D 282 14.46 -15.69 34.52
N ALA D 283 13.81 -16.85 34.63
CA ALA D 283 13.12 -17.25 35.86
C ALA D 283 12.17 -16.16 36.33
N ALA D 284 11.45 -15.56 35.38
CA ALA D 284 10.59 -14.42 35.71
C ALA D 284 9.49 -14.79 36.68
N SER D 285 8.98 -16.03 36.61
CA SER D 285 7.88 -16.44 37.47
C SER D 285 8.28 -16.50 38.93
N ASP D 286 9.54 -16.82 39.22
CA ASP D 286 10.01 -16.97 40.59
C ASP D 286 10.58 -15.68 41.18
N SER D 287 10.62 -14.59 40.41
CA SER D 287 11.33 -13.38 40.81
C SER D 287 10.40 -12.24 41.24
N ILE D 288 9.09 -12.49 41.32
CA ILE D 288 8.12 -11.45 41.62
C ILE D 288 8.17 -11.16 43.13
N SER D 289 8.94 -10.15 43.51
CA SER D 289 9.21 -9.85 44.90
C SER D 289 7.96 -9.38 45.64
N LEU D 290 7.99 -9.55 46.97
CA LEU D 290 6.90 -9.03 47.78
C LEU D 290 6.93 -7.51 47.84
N ALA D 291 8.12 -6.91 47.93
CA ALA D 291 8.21 -5.45 48.01
C ALA D 291 7.65 -4.81 46.75
N LEU D 292 8.05 -5.31 45.58
CA LEU D 292 7.54 -4.76 44.33
C LEU D 292 6.02 -4.84 44.26
N CYS D 293 5.43 -5.88 44.85
CA CYS D 293 3.98 -6.02 44.82
C CYS D 293 3.31 -5.02 45.74
N GLU D 294 3.91 -4.76 46.91
CA GLU D 294 3.36 -3.78 47.83
C GLU D 294 3.52 -2.36 47.32
N LEU D 295 4.44 -2.12 46.39
CA LEU D 295 4.67 -0.78 45.86
C LEU D 295 3.82 -0.47 44.63
N LEU D 296 3.44 -1.48 43.86
CA LEU D 296 2.62 -1.26 42.67
C LEU D 296 1.13 -1.48 42.90
N LEU D 297 0.78 -2.45 43.73
CA LEU D 297 -0.62 -2.81 43.92
C LEU D 297 -1.26 -1.92 44.99
N PRO D 298 -2.46 -1.39 44.76
CA PRO D 298 -3.16 -0.68 45.81
C PRO D 298 -3.39 -1.58 47.02
N PRO D 299 -3.39 -1.00 48.21
CA PRO D 299 -3.44 -1.83 49.44
C PRO D 299 -4.58 -2.83 49.49
N GLY D 300 -5.77 -2.46 49.03
CA GLY D 300 -6.89 -3.40 49.07
C GLY D 300 -6.59 -4.67 48.30
N TRP D 301 -5.89 -4.54 47.18
CA TRP D 301 -5.50 -5.70 46.38
C TRP D 301 -4.38 -6.48 47.07
N PHE D 302 -3.31 -5.78 47.44
CA PHE D 302 -2.16 -6.44 48.03
C PHE D 302 -2.54 -7.25 49.26
N GLU D 303 -3.48 -6.73 50.06
CA GLU D 303 -3.89 -7.44 51.27
C GLU D 303 -4.67 -8.71 50.94
N VAL D 304 -5.44 -8.70 49.85
CA VAL D 304 -6.14 -9.90 49.42
C VAL D 304 -5.14 -10.92 48.86
N LEU D 305 -4.19 -10.46 48.03
CA LEU D 305 -3.17 -11.37 47.53
C LEU D 305 -2.42 -12.04 48.68
N MET D 306 -2.16 -11.29 49.75
CA MET D 306 -1.45 -11.86 50.89
C MET D 306 -2.26 -12.93 51.61
N ASP D 307 -3.59 -12.82 51.60
CA ASP D 307 -4.42 -13.83 52.24
C ASP D 307 -4.39 -15.15 51.45
N LEU D 308 -4.45 -15.06 50.12
CA LEU D 308 -4.59 -16.24 49.28
C LEU D 308 -3.26 -16.89 48.93
N ARG D 309 -2.17 -16.13 48.94
CA ARG D 309 -0.87 -16.70 48.64
C ARG D 309 -0.44 -17.64 49.76
N SER D 310 0.53 -18.51 49.44
CA SER D 310 1.12 -19.38 50.44
C SER D 310 2.36 -18.73 51.01
N PRO D 311 2.42 -18.46 52.33
CA PRO D 311 3.54 -17.67 52.87
C PRO D 311 4.80 -18.49 53.05
N LYS D 312 4.64 -19.73 53.51
CA LYS D 312 5.73 -20.69 53.62
C LYS D 312 5.51 -21.83 52.63
N GLY D 313 6.55 -22.65 52.45
CA GLY D 313 6.44 -23.81 51.58
C GLY D 313 7.37 -24.93 52.00
N ARG D 314 6.88 -26.16 52.02
CA ARG D 314 7.69 -27.30 52.43
C ARG D 314 8.26 -27.99 51.20
N LEU D 315 9.58 -28.14 51.16
CA LEU D 315 10.27 -28.78 50.05
C LEU D 315 10.19 -30.29 50.16
N PRO D 316 10.58 -31.01 49.10
CA PRO D 316 10.64 -32.47 49.18
C PRO D 316 11.69 -32.98 50.16
N ASP D 317 12.54 -32.11 50.70
CA ASP D 317 13.52 -32.53 51.68
C ASP D 317 12.98 -32.53 53.10
N GLY D 318 11.78 -31.98 53.32
CA GLY D 318 11.28 -31.70 54.64
C GLY D 318 11.59 -30.29 55.12
N SER D 319 12.63 -29.66 54.57
CA SER D 319 12.97 -28.29 54.93
C SER D 319 11.89 -27.33 54.49
N VAL D 320 11.54 -26.40 55.37
CA VAL D 320 10.54 -25.37 55.10
C VAL D 320 11.25 -24.07 54.76
N VAL D 321 10.75 -23.36 53.76
CA VAL D 321 11.23 -22.04 53.40
C VAL D 321 10.08 -21.06 53.46
N THR D 322 10.36 -19.86 53.96
CA THR D 322 9.39 -18.77 54.00
C THR D 322 9.64 -17.86 52.80
N TYR D 323 8.67 -17.78 51.90
CA TYR D 323 8.89 -17.20 50.59
C TYR D 323 9.17 -15.71 50.66
N GLU D 324 10.33 -15.30 50.12
CA GLU D 324 10.59 -13.89 49.88
C GLU D 324 9.75 -13.37 48.73
N LYS D 325 9.41 -14.24 47.78
CA LYS D 325 8.61 -13.90 46.61
C LYS D 325 7.14 -13.87 46.97
N ILE D 326 6.36 -13.15 46.15
CA ILE D 326 4.92 -13.14 46.33
C ILE D 326 4.35 -14.53 46.10
N SER D 327 4.73 -15.17 44.99
CA SER D 327 4.18 -16.47 44.62
C SER D 327 4.93 -16.96 43.39
N SER D 328 4.91 -18.27 43.19
CA SER D 328 5.64 -18.91 42.10
C SER D 328 4.72 -19.18 40.92
N MET D 329 5.23 -19.94 39.95
CA MET D 329 4.50 -20.16 38.70
C MET D 329 3.24 -20.98 38.90
N GLY D 330 3.17 -21.78 39.96
CA GLY D 330 2.02 -22.63 40.17
C GLY D 330 0.89 -22.00 40.96
N ASN D 331 0.81 -20.66 40.95
CA ASN D 331 -0.20 -19.95 41.70
C ASN D 331 -1.34 -19.50 40.78
N GLY D 332 -2.53 -19.33 41.37
CA GLY D 332 -3.71 -19.05 40.58
C GLY D 332 -3.64 -17.73 39.84
N TYR D 333 -3.03 -16.71 40.45
CA TYR D 333 -2.98 -15.39 39.84
C TYR D 333 -1.58 -14.98 39.40
N THR D 334 -0.58 -15.83 39.58
CA THR D 334 0.80 -15.42 39.25
C THR D 334 0.93 -15.04 37.79
N PHE D 335 0.36 -15.85 36.89
CA PHE D 335 0.51 -15.56 35.47
C PHE D 335 -0.08 -14.20 35.12
N GLU D 336 -1.34 -13.95 35.51
CA GLU D 336 -1.91 -12.64 35.31
C GLU D 336 -1.09 -11.56 36.02
N LEU D 337 -0.71 -11.81 37.28
CA LEU D 337 -0.03 -10.77 38.06
C LEU D 337 1.27 -10.33 37.41
N GLU D 338 2.09 -11.27 36.93
CA GLU D 338 3.31 -10.86 36.26
C GLU D 338 3.02 -10.13 34.96
N SER D 339 2.01 -10.57 34.21
CA SER D 339 1.61 -9.82 33.02
C SER D 339 1.27 -8.38 33.37
N LEU D 340 0.46 -8.18 34.41
CA LEU D 340 0.11 -6.83 34.84
C LEU D 340 1.35 -6.03 35.20
N ILE D 341 2.28 -6.64 35.93
CA ILE D 341 3.45 -5.91 36.40
C ILE D 341 4.39 -5.59 35.25
N PHE D 342 4.67 -6.57 34.39
CA PHE D 342 5.50 -6.31 33.23
C PHE D 342 4.80 -5.36 32.26
N ALA D 343 3.48 -5.43 32.17
CA ALA D 343 2.75 -4.53 31.28
C ALA D 343 2.83 -3.09 31.78
N SER D 344 2.56 -2.88 33.07
CA SER D 344 2.54 -1.52 33.61
C SER D 344 3.92 -0.86 33.54
N LEU D 345 4.96 -1.59 33.94
CA LEU D 345 6.31 -1.03 33.89
C LEU D 345 6.73 -0.71 32.47
N ALA D 346 6.26 -1.51 31.49
CA ALA D 346 6.58 -1.22 30.10
C ALA D 346 5.75 -0.06 29.57
N ARG D 347 4.46 -0.04 29.88
CA ARG D 347 3.62 1.09 29.48
C ARG D 347 4.10 2.40 30.11
N SER D 348 4.66 2.33 31.32
CA SER D 348 5.14 3.53 31.99
C SER D 348 6.45 4.03 31.38
N VAL D 349 7.38 3.10 31.06
CA VAL D 349 8.64 3.50 30.44
C VAL D 349 8.38 4.22 29.12
N CYS D 350 7.30 3.87 28.42
CA CYS D 350 7.01 4.51 27.14
C CYS D 350 6.48 5.93 27.34
N GLU D 351 5.54 6.11 28.25
CA GLU D 351 5.05 7.46 28.53
C GLU D 351 6.17 8.38 28.98
N ILE D 352 7.21 7.81 29.62
CA ILE D 352 8.36 8.61 30.02
C ILE D 352 9.22 8.95 28.81
N LEU D 353 9.16 8.13 27.76
CA LEU D 353 9.93 8.33 26.54
C LEU D 353 9.10 8.97 25.43
N ASP D 354 7.88 9.42 25.74
CA ASP D 354 6.97 9.95 24.73
C ASP D 354 6.71 8.93 23.62
N LEU D 355 6.71 7.65 23.97
CA LEU D 355 6.44 6.58 23.03
C LEU D 355 4.99 6.11 23.17
N ASP D 356 4.55 5.33 22.19
CA ASP D 356 3.18 4.80 22.17
C ASP D 356 3.09 3.67 23.18
N SER D 357 2.51 3.96 24.35
CA SER D 357 2.36 2.94 25.38
C SER D 357 1.39 1.83 24.96
N SER D 358 0.79 1.93 23.77
CA SER D 358 -0.06 0.89 23.23
C SER D 358 0.70 -0.17 22.47
N GLU D 359 1.97 0.09 22.11
CA GLU D 359 2.81 -0.90 21.46
C GLU D 359 3.29 -2.00 22.40
N VAL D 360 2.89 -1.93 23.67
CA VAL D 360 3.31 -2.90 24.68
C VAL D 360 2.26 -4.00 24.75
N THR D 361 2.64 -5.21 24.33
CA THR D 361 1.82 -6.40 24.52
C THR D 361 2.59 -7.41 25.37
N VAL D 362 1.91 -8.01 26.32
CA VAL D 362 2.52 -8.86 27.33
C VAL D 362 1.74 -10.16 27.46
N TYR D 363 2.48 -11.28 27.49
CA TYR D 363 1.90 -12.60 27.77
C TYR D 363 2.67 -13.21 28.93
N GLY D 364 2.45 -12.68 30.13
CA GLY D 364 3.16 -13.14 31.31
C GLY D 364 4.65 -12.88 31.23
N ASP D 365 5.41 -13.92 30.88
CA ASP D 365 6.87 -13.82 30.80
C ASP D 365 7.33 -13.15 29.51
N ASP D 366 6.48 -13.13 28.47
CA ASP D 366 6.87 -12.75 27.12
C ASP D 366 6.43 -11.31 26.84
N ILE D 367 7.38 -10.46 26.46
CA ILE D 367 7.14 -9.02 26.32
C ILE D 367 7.51 -8.58 24.92
N ILE D 368 6.67 -7.74 24.32
CA ILE D 368 6.96 -7.04 23.07
C ILE D 368 6.84 -5.55 23.31
N LEU D 369 7.76 -4.80 22.71
CA LEU D 369 7.98 -3.41 23.14
C LEU D 369 8.62 -2.65 21.98
N PRO D 370 8.46 -1.32 21.96
CA PRO D 370 9.23 -0.51 21.01
C PRO D 370 10.72 -0.68 21.25
N SER D 371 11.46 -0.91 20.16
CA SER D 371 12.88 -1.20 20.28
C SER D 371 13.64 -0.09 21.00
N CYS D 372 13.18 1.15 20.87
CA CYS D 372 13.86 2.28 21.49
C CYS D 372 13.66 2.34 23.00
N ALA D 373 12.88 1.43 23.59
CA ALA D 373 12.64 1.41 25.03
C ALA D 373 13.34 0.27 25.75
N VAL D 374 13.91 -0.69 25.02
CA VAL D 374 14.60 -1.82 25.66
C VAL D 374 15.73 -1.34 26.58
N PRO D 375 16.61 -0.43 26.16
CA PRO D 375 17.68 0.00 27.06
C PRO D 375 17.18 0.52 28.40
N ALA D 376 16.12 1.33 28.38
CA ALA D 376 15.56 1.84 29.63
C ALA D 376 14.81 0.75 30.38
N LEU D 377 14.11 -0.13 29.66
CA LEU D 377 13.33 -1.17 30.30
C LEU D 377 14.22 -2.10 31.12
N ARG D 378 15.41 -2.41 30.60
CA ARG D 378 16.33 -3.28 31.33
C ARG D 378 16.75 -2.65 32.65
N GLU D 379 17.02 -1.35 32.65
CA GLU D 379 17.47 -0.67 33.87
C GLU D 379 16.39 -0.67 34.94
N VAL D 380 15.13 -0.54 34.55
CA VAL D 380 14.04 -0.59 35.52
C VAL D 380 13.92 -1.98 36.11
N PHE D 381 13.85 -3.00 35.24
CA PHE D 381 13.76 -4.38 35.71
C PHE D 381 14.92 -4.73 36.63
N LYS D 382 16.14 -4.37 36.23
CA LYS D 382 17.29 -4.64 37.08
C LYS D 382 17.13 -4.01 38.46
N TYR D 383 16.37 -2.91 38.54
CA TYR D 383 16.18 -2.25 39.82
C TYR D 383 15.06 -2.90 40.64
N VAL D 384 13.98 -3.31 39.99
CA VAL D 384 12.86 -3.94 40.68
C VAL D 384 13.10 -5.44 40.80
N GLY D 385 14.30 -5.88 40.45
CA GLY D 385 14.72 -7.25 40.72
C GLY D 385 14.40 -8.27 39.66
N PHE D 386 14.37 -7.88 38.39
CA PHE D 386 14.10 -8.80 37.29
C PHE D 386 15.31 -8.83 36.36
N THR D 387 15.86 -10.02 36.13
CA THR D 387 17.06 -10.18 35.32
C THR D 387 16.69 -10.38 33.86
N THR D 388 17.19 -9.50 33.00
CA THR D 388 16.99 -9.58 31.56
C THR D 388 18.04 -10.48 30.94
N ASN D 389 17.60 -11.43 30.12
CA ASN D 389 18.51 -12.37 29.45
C ASN D 389 18.90 -11.78 28.10
N THR D 390 20.12 -11.24 28.03
CA THR D 390 20.58 -10.56 26.81
C THR D 390 20.55 -11.48 25.60
N LYS D 391 20.84 -12.77 25.79
CA LYS D 391 20.98 -13.67 24.66
C LYS D 391 19.69 -13.81 23.88
N LYS D 392 18.58 -14.07 24.57
CA LYS D 392 17.29 -14.29 23.92
C LYS D 392 16.37 -13.07 24.00
N THR D 393 16.95 -11.86 24.02
CA THR D 393 16.20 -10.61 24.00
C THR D 393 16.67 -9.79 22.80
N PHE D 394 15.78 -9.59 21.83
CA PHE D 394 16.14 -9.00 20.54
C PHE D 394 15.48 -7.63 20.39
N SER D 395 16.28 -6.57 20.56
CA SER D 395 15.83 -5.21 20.32
C SER D 395 16.14 -4.74 18.91
N GLU D 396 17.19 -5.28 18.30
CA GLU D 396 17.55 -4.96 16.93
C GLU D 396 18.09 -6.20 16.24
N GLY D 397 17.95 -6.23 14.93
CA GLY D 397 18.39 -7.36 14.14
C GLY D 397 17.24 -8.03 13.42
N PRO D 398 17.56 -9.05 12.62
CA PRO D 398 16.53 -9.69 11.80
C PRO D 398 15.65 -10.68 12.54
N PHE D 399 15.93 -10.97 13.80
CA PHE D 399 15.28 -12.07 14.51
C PHE D 399 14.34 -11.53 15.59
N ARG D 400 13.21 -12.22 15.74
CA ARG D 400 12.24 -11.94 16.80
C ARG D 400 11.65 -13.26 17.26
N GLU D 401 11.00 -13.23 18.42
CA GLU D 401 10.42 -14.44 18.98
C GLU D 401 9.41 -14.10 20.08
N SER D 402 8.23 -14.72 20.01
CA SER D 402 7.23 -14.49 21.05
C SER D 402 6.18 -15.59 20.99
N CYS D 403 5.91 -16.20 22.15
CA CYS D 403 4.82 -17.15 22.30
C CYS D 403 4.92 -18.30 21.31
N GLY D 404 6.11 -18.90 21.23
CA GLY D 404 6.32 -20.09 20.43
C GLY D 404 6.57 -19.85 18.96
N LYS D 405 6.31 -18.65 18.44
CA LYS D 405 6.60 -18.34 17.05
C LYS D 405 7.94 -17.62 16.95
N HIS D 406 8.75 -18.05 15.99
CA HIS D 406 10.07 -17.51 15.76
C HIS D 406 10.15 -17.06 14.31
N TYR D 407 10.57 -15.81 14.09
CA TYR D 407 10.55 -15.24 12.76
C TYR D 407 11.92 -14.65 12.42
N TYR D 408 12.31 -14.76 11.15
CA TYR D 408 13.60 -14.28 10.67
C TYR D 408 13.37 -13.49 9.38
N SER D 409 13.29 -12.16 9.52
CA SER D 409 13.02 -11.28 8.39
C SER D 409 11.68 -11.62 7.75
N GLY D 410 10.66 -11.85 8.58
CA GLY D 410 9.35 -12.25 8.13
C GLY D 410 9.18 -13.74 7.93
N VAL D 411 10.27 -14.45 7.60
CA VAL D 411 10.19 -15.88 7.36
C VAL D 411 9.93 -16.60 8.68
N ASP D 412 8.96 -17.51 8.67
CA ASP D 412 8.69 -18.34 9.84
C ASP D 412 9.81 -19.36 10.01
N VAL D 413 10.55 -19.25 11.12
CA VAL D 413 11.63 -20.19 11.42
C VAL D 413 11.31 -20.92 12.71
N THR D 414 10.03 -21.21 12.95
CA THR D 414 9.62 -21.92 14.15
C THR D 414 10.10 -23.37 14.08
N PRO D 415 10.90 -23.83 15.03
CA PRO D 415 11.37 -25.22 15.01
C PRO D 415 10.35 -26.17 15.63
N PHE D 416 10.70 -27.45 15.60
CA PHE D 416 9.93 -28.50 16.27
C PHE D 416 10.86 -29.24 17.22
N TYR D 417 10.29 -29.80 18.28
CA TYR D 417 11.07 -30.37 19.39
C TYR D 417 10.77 -31.85 19.56
N ILE D 418 11.83 -32.65 19.61
CA ILE D 418 11.72 -34.03 20.06
C ILE D 418 12.00 -34.02 21.55
N ARG D 419 10.96 -34.19 22.35
CA ARG D 419 11.09 -34.01 23.79
C ARG D 419 11.47 -35.29 24.51
N HIS D 420 10.91 -36.42 24.10
CA HIS D 420 11.05 -37.66 24.84
C HIS D 420 11.66 -38.75 23.96
N ARG D 421 12.02 -39.85 24.62
CA ARG D 421 12.63 -40.99 23.96
C ARG D 421 11.61 -41.68 23.07
N ILE D 422 11.94 -41.82 21.78
CA ILE D 422 11.00 -42.38 20.80
C ILE D 422 10.89 -43.87 21.03
N VAL D 423 9.73 -44.32 21.52
CA VAL D 423 9.53 -45.73 21.84
C VAL D 423 8.45 -46.34 20.97
N SER D 424 7.22 -45.90 21.15
CA SER D 424 6.11 -46.52 20.43
C SER D 424 5.95 -45.89 19.05
N PRO D 425 5.36 -46.61 18.10
CA PRO D 425 5.14 -46.03 16.77
C PRO D 425 4.40 -44.71 16.83
N ALA D 426 3.51 -44.54 17.81
CA ALA D 426 2.83 -43.27 18.00
C ALA D 426 3.84 -42.14 18.19
N ASP D 427 4.82 -42.35 19.07
CA ASP D 427 5.84 -41.33 19.29
C ASP D 427 6.60 -41.02 18.01
N LEU D 428 6.91 -42.03 17.21
CA LEU D 428 7.63 -41.80 15.96
C LEU D 428 6.74 -41.05 14.97
N ILE D 429 5.45 -41.42 14.89
CA ILE D 429 4.54 -40.70 14.00
C ILE D 429 4.54 -39.21 14.34
N LEU D 430 4.47 -38.88 15.63
CA LEU D 430 4.51 -37.48 16.03
C LEU D 430 5.78 -36.80 15.53
N VAL D 431 6.94 -37.41 15.81
CA VAL D 431 8.20 -36.84 15.35
C VAL D 431 8.16 -36.65 13.84
N LEU D 432 7.69 -37.66 13.10
CA LEU D 432 7.59 -37.54 11.65
C LEU D 432 6.61 -36.45 11.25
N ASN D 433 5.47 -36.37 11.94
CA ASN D 433 4.47 -35.36 11.59
C ASN D 433 4.99 -33.95 11.84
N ASN D 434 5.55 -33.70 13.03
CA ASN D 434 6.20 -32.42 13.26
C ASN D 434 7.21 -32.11 12.16
N LEU D 435 7.97 -33.14 11.76
CA LEU D 435 8.89 -32.97 10.63
C LEU D 435 8.13 -32.69 9.34
N TYR D 436 6.99 -33.36 9.15
CA TYR D 436 6.15 -33.06 8.00
C TYR D 436 5.74 -31.59 7.99
N ARG D 437 5.19 -31.11 9.10
CA ARG D 437 4.70 -29.75 9.15
C ARG D 437 5.84 -28.74 8.97
N TRP D 438 7.02 -29.07 9.49
CA TRP D 438 8.13 -28.12 9.47
C TRP D 438 8.72 -27.96 8.07
N ALA D 439 8.67 -29.00 7.24
CA ALA D 439 9.31 -28.96 5.93
C ALA D 439 8.34 -28.76 4.78
N THR D 440 7.08 -29.17 4.94
CA THR D 440 6.11 -29.07 3.86
C THR D 440 5.69 -27.61 3.63
N ILE D 441 5.22 -27.34 2.42
CA ILE D 441 4.62 -26.05 2.06
C ILE D 441 3.35 -26.37 1.28
N ASP D 442 2.21 -26.39 1.97
CA ASP D 442 0.93 -26.59 1.33
C ASP D 442 0.82 -28.02 0.77
N GLY D 443 1.39 -28.98 1.49
CA GLY D 443 1.40 -30.36 1.07
C GLY D 443 2.60 -30.76 0.25
N VAL D 444 3.43 -29.82 -0.18
CA VAL D 444 4.58 -30.09 -1.03
C VAL D 444 5.82 -30.25 -0.15
N TRP D 445 6.46 -31.40 -0.25
CA TRP D 445 7.63 -31.70 0.57
C TRP D 445 8.86 -30.93 0.11
N ASP D 446 9.77 -30.69 1.05
CA ASP D 446 11.09 -30.18 0.73
C ASP D 446 12.00 -31.38 0.47
N PRO D 447 12.49 -31.58 -0.76
CA PRO D 447 13.29 -32.79 -1.04
C PRO D 447 14.39 -33.03 -0.03
N ARG D 448 15.00 -31.96 0.49
CA ARG D 448 16.07 -32.13 1.47
C ARG D 448 15.57 -32.88 2.70
N ALA D 449 14.43 -32.46 3.25
CA ALA D 449 13.87 -33.13 4.41
C ALA D 449 13.06 -34.38 4.04
N HIS D 450 12.59 -34.47 2.80
CA HIS D 450 11.72 -35.59 2.43
C HIS D 450 12.43 -36.93 2.57
N SER D 451 13.71 -36.98 2.14
CA SER D 451 14.44 -38.24 2.20
C SER D 451 14.52 -38.78 3.63
N VAL D 452 14.86 -37.91 4.58
CA VAL D 452 14.96 -38.33 5.97
C VAL D 452 13.62 -38.80 6.50
N TYR D 453 12.54 -38.15 6.07
CA TYR D 453 11.20 -38.58 6.47
C TYR D 453 10.90 -39.97 5.94
N LEU D 454 11.06 -40.17 4.63
CA LEU D 454 10.82 -41.49 4.05
C LEU D 454 11.68 -42.56 4.72
N LYS D 455 12.90 -42.21 5.13
CA LYS D 455 13.81 -43.21 5.69
C LYS D 455 13.32 -43.74 7.02
N TYR D 456 13.16 -42.85 8.01
CA TYR D 456 12.73 -43.29 9.34
C TYR D 456 11.26 -43.68 9.37
N ARG D 457 10.51 -43.39 8.31
CA ARG D 457 9.15 -43.91 8.21
C ARG D 457 9.14 -45.43 8.14
N LYS D 458 10.12 -46.03 7.45
CA LYS D 458 10.17 -47.48 7.33
C LYS D 458 10.33 -48.18 8.67
N LEU D 459 10.74 -47.46 9.71
CA LEU D 459 10.78 -48.02 11.05
C LEU D 459 9.38 -48.35 11.56
N LEU D 460 8.35 -47.80 10.96
CA LEU D 460 6.98 -48.06 11.34
C LEU D 460 6.49 -49.39 10.76
N PRO D 461 5.61 -50.08 11.46
CA PRO D 461 4.96 -51.26 10.89
C PRO D 461 4.39 -50.94 9.50
N LYS D 462 4.30 -51.98 8.67
CA LYS D 462 3.90 -51.78 7.27
C LYS D 462 2.54 -51.09 7.17
N GLN D 463 1.58 -51.49 8.00
CA GLN D 463 0.23 -50.97 7.88
C GLN D 463 0.16 -49.49 8.25
N LEU D 464 0.75 -49.12 9.40
CA LEU D 464 0.70 -47.75 9.87
C LEU D 464 1.46 -46.77 8.99
N GLN D 465 2.11 -47.23 7.93
CA GLN D 465 2.89 -46.36 7.05
C GLN D 465 2.03 -45.68 5.99
N ARG D 466 1.21 -46.45 5.28
CA ARG D 466 0.33 -45.87 4.27
C ARG D 466 -0.97 -45.32 4.86
N ASN D 467 -1.16 -45.45 6.17
CA ASN D 467 -2.36 -44.97 6.86
C ASN D 467 -2.17 -43.50 7.23
N THR D 468 -2.82 -42.61 6.48
CA THR D 468 -2.58 -41.18 6.58
C THR D 468 -3.87 -40.42 6.87
N ILE D 469 -3.71 -39.25 7.48
CA ILE D 469 -4.84 -38.34 7.72
C ILE D 469 -4.43 -36.93 7.33
N PRO D 470 -5.40 -36.06 7.07
CA PRO D 470 -5.10 -34.66 6.79
C PRO D 470 -4.55 -33.94 8.02
N ASP D 471 -3.84 -32.84 7.76
CA ASP D 471 -3.28 -32.06 8.85
C ASP D 471 -4.39 -31.43 9.68
N GLY D 472 -4.17 -31.35 10.98
CA GLY D 472 -5.16 -30.79 11.89
C GLY D 472 -6.07 -31.79 12.56
N TYR D 473 -5.86 -33.09 12.34
CA TYR D 473 -6.64 -34.13 13.00
C TYR D 473 -5.83 -34.87 14.06
N GLY D 474 -4.84 -34.21 14.63
CA GLY D 474 -4.00 -34.82 15.62
C GLY D 474 -2.85 -35.59 15.02
N ASP D 475 -2.18 -36.36 15.87
CA ASP D 475 -1.02 -37.14 15.47
C ASP D 475 -1.20 -38.62 15.76
N GLY D 476 -2.45 -39.09 15.72
CA GLY D 476 -2.74 -40.51 15.84
C GLY D 476 -2.44 -41.33 14.61
N ALA D 477 -1.84 -40.71 13.59
CA ALA D 477 -1.47 -41.37 12.35
C ALA D 477 -0.68 -40.37 11.51
N LEU D 478 0.06 -40.90 10.53
CA LEU D 478 0.90 -40.06 9.69
C LEU D 478 0.05 -39.08 8.88
N VAL D 479 0.58 -37.87 8.72
CA VAL D 479 -0.12 -36.83 7.98
C VAL D 479 0.21 -36.94 6.49
N GLY D 480 -0.84 -36.93 5.67
CA GLY D 480 -0.69 -37.01 4.24
C GLY D 480 -2.04 -36.80 3.60
N SER D 481 -2.21 -37.28 2.38
CA SER D 481 -3.51 -37.19 1.73
C SER D 481 -4.39 -38.34 2.19
N VAL D 482 -5.48 -38.01 2.88
CA VAL D 482 -6.45 -39.02 3.28
C VAL D 482 -7.18 -39.62 2.09
N LEU D 483 -7.03 -39.03 0.90
CA LEU D 483 -7.72 -39.54 -0.28
C LEU D 483 -7.16 -40.88 -0.74
N ILE D 484 -5.89 -41.16 -0.43
CA ILE D 484 -5.27 -42.42 -0.84
C ILE D 484 -5.12 -43.41 0.30
N ASN D 485 -5.62 -43.08 1.49
CA ASN D 485 -5.49 -43.98 2.63
C ASN D 485 -6.28 -45.26 2.39
N PRO D 486 -5.62 -46.42 2.30
CA PRO D 486 -6.34 -47.67 2.01
C PRO D 486 -7.15 -48.22 3.17
N PHE D 487 -6.98 -47.71 4.38
CA PHE D 487 -7.75 -48.18 5.52
C PHE D 487 -8.99 -47.34 5.79
N ALA D 488 -9.13 -46.21 5.10
CA ALA D 488 -10.23 -45.29 5.33
C ALA D 488 -11.53 -45.85 4.74
N LYS D 489 -12.57 -45.89 5.57
CA LYS D 489 -13.88 -46.38 5.16
C LYS D 489 -14.76 -45.18 4.84
N ASN D 490 -15.29 -45.15 3.61
CA ASN D 490 -16.09 -44.01 3.14
C ASN D 490 -17.57 -44.37 3.14
N ARG D 491 -18.10 -44.60 4.34
CA ARG D 491 -19.50 -44.99 4.49
C ARG D 491 -20.32 -43.85 5.05
N GLY D 492 -21.53 -43.69 4.52
CA GLY D 492 -22.42 -42.60 4.86
C GLY D 492 -22.19 -41.32 4.09
N TRP D 493 -21.23 -41.31 3.15
CA TRP D 493 -20.76 -40.11 2.48
C TRP D 493 -19.86 -39.28 3.40
N ILE D 494 -19.22 -39.94 4.37
CA ILE D 494 -18.33 -39.31 5.33
C ILE D 494 -17.18 -40.27 5.57
N ARG D 495 -16.00 -39.97 5.03
CA ARG D 495 -14.88 -40.89 5.18
C ARG D 495 -14.38 -40.88 6.63
N TYR D 496 -14.21 -42.07 7.19
CA TYR D 496 -13.65 -42.25 8.53
C TYR D 496 -12.25 -42.83 8.40
N VAL D 497 -11.39 -42.44 9.33
CA VAL D 497 -9.98 -42.81 9.31
C VAL D 497 -9.61 -43.43 10.65
N PRO D 498 -8.95 -44.58 10.68
CA PRO D 498 -8.52 -45.16 11.96
C PRO D 498 -7.28 -44.45 12.49
N VAL D 499 -7.32 -44.07 13.77
CA VAL D 499 -6.21 -43.35 14.41
C VAL D 499 -5.87 -44.03 15.73
N ILE D 500 -4.62 -43.87 16.14
CA ILE D 500 -4.14 -44.43 17.40
C ILE D 500 -4.53 -43.50 18.55
N THR D 501 -4.96 -44.10 19.66
CA THR D 501 -5.38 -43.36 20.83
C THR D 501 -4.94 -44.11 22.07
N ASP D 502 -5.00 -43.42 23.22
CA ASP D 502 -4.50 -43.99 24.47
C ASP D 502 -5.57 -44.84 25.12
N HIS D 503 -5.27 -46.12 25.33
CA HIS D 503 -6.20 -47.02 26.00
C HIS D 503 -6.36 -46.62 27.46
N THR D 504 -7.62 -46.51 27.90
CA THR D 504 -7.93 -46.07 29.24
C THR D 504 -8.88 -47.05 29.90
N ARG D 505 -8.82 -47.11 31.23
CA ARG D 505 -9.75 -47.88 32.04
C ARG D 505 -10.62 -46.91 32.84
N ASP D 506 -11.92 -47.18 32.85
CA ASP D 506 -12.87 -46.28 33.52
C ASP D 506 -12.72 -46.36 35.03
N ARG D 507 -12.63 -45.19 35.66
CA ARG D 507 -12.59 -45.07 37.11
C ARG D 507 -13.87 -44.38 37.59
N GLU D 508 -14.44 -44.86 38.69
CA GLU D 508 -15.68 -44.28 39.17
C GLU D 508 -15.42 -42.89 39.77
N ARG D 509 -16.25 -41.94 39.39
CA ARG D 509 -16.13 -40.55 39.82
C ARG D 509 -16.75 -40.36 41.20
N ALA D 510 -16.56 -39.15 41.74
CA ALA D 510 -17.22 -38.75 42.98
C ALA D 510 -18.61 -38.25 42.67
N GLU D 511 -19.63 -39.05 42.98
CA GLU D 511 -21.00 -38.74 42.58
C GLU D 511 -21.45 -37.42 43.17
N LEU D 512 -21.45 -37.30 44.50
CA LEU D 512 -21.79 -36.04 45.14
C LEU D 512 -20.80 -34.95 44.75
N GLY D 513 -19.53 -35.30 44.60
CA GLY D 513 -18.54 -34.32 44.20
C GLY D 513 -18.77 -33.77 42.81
N SER D 514 -19.04 -34.66 41.85
CA SER D 514 -19.33 -34.21 40.50
C SER D 514 -20.61 -33.37 40.47
N TYR D 515 -21.58 -33.71 41.31
CA TYR D 515 -22.83 -32.96 41.35
C TYR D 515 -22.59 -31.51 41.72
N LEU D 516 -21.81 -31.27 42.78
CA LEU D 516 -21.49 -29.89 43.16
C LEU D 516 -20.73 -29.18 42.06
N TYR D 517 -19.74 -29.85 41.48
CA TYR D 517 -18.96 -29.24 40.40
C TYR D 517 -19.87 -28.79 39.27
N ASP D 518 -20.91 -29.59 38.96
CA ASP D 518 -21.90 -29.20 37.98
C ASP D 518 -22.70 -27.99 38.46
N LEU D 519 -23.36 -28.12 39.61
CA LEU D 519 -24.19 -27.03 40.13
C LEU D 519 -23.43 -25.71 40.19
N PHE D 520 -22.17 -25.76 40.63
CA PHE D 520 -21.41 -24.54 40.85
C PHE D 520 -20.99 -23.89 39.54
N SER D 521 -20.81 -24.68 38.48
CA SER D 521 -20.46 -24.12 37.18
C SER D 521 -21.67 -23.49 36.49
N ARG D 522 -22.88 -23.83 36.92
CA ARG D 522 -24.08 -23.18 36.40
C ARG D 522 -24.44 -21.93 37.19
N CYS D 523 -24.13 -21.92 38.49
CA CYS D 523 -24.47 -20.79 39.35
C CYS D 523 -23.65 -19.55 39.01
N LEU D 524 -22.45 -19.72 38.48
CA LEU D 524 -21.63 -18.59 38.06
C LEU D 524 -22.00 -18.07 36.67
N SER D 525 -23.14 -18.49 36.14
CA SER D 525 -23.59 -18.03 34.83
C SER D 525 -25.02 -17.51 34.90
N CYS D 539 -14.37 -13.20 8.38
CA CYS D 539 -15.29 -13.46 9.46
C CYS D 539 -16.66 -12.85 9.17
N ASP D 540 -17.22 -12.14 10.14
CA ASP D 540 -18.53 -11.49 10.01
C ASP D 540 -19.65 -12.50 9.73
N SER D 541 -19.54 -13.70 10.32
CA SER D 541 -20.53 -14.75 10.11
C SER D 541 -21.61 -14.65 11.19
N ALA D 542 -22.55 -13.75 10.96
CA ALA D 542 -23.68 -13.53 11.87
C ALA D 542 -24.79 -14.56 11.69
N ASP D 543 -24.53 -15.63 10.96
CA ASP D 543 -25.48 -16.70 10.71
C ASP D 543 -25.02 -18.03 11.27
N LEU D 544 -23.73 -18.35 11.13
CA LEU D 544 -23.17 -19.55 11.75
C LEU D 544 -23.19 -19.47 13.27
N PHE D 545 -23.39 -18.28 13.84
CA PHE D 545 -23.42 -18.14 15.29
C PHE D 545 -24.69 -18.75 15.88
N ALA D 546 -25.83 -18.50 15.24
CA ALA D 546 -27.10 -19.03 15.74
C ALA D 546 -27.09 -20.56 15.76
N ILE D 547 -26.36 -21.18 14.85
CA ILE D 547 -26.26 -22.64 14.85
C ILE D 547 -25.52 -23.11 16.09
N ASP D 548 -24.44 -22.41 16.46
CA ASP D 548 -23.59 -22.84 17.56
C ASP D 548 -24.31 -22.81 18.90
N GLN D 549 -25.37 -22.01 19.02
CA GLN D 549 -26.13 -21.95 20.26
C GLN D 549 -26.79 -23.29 20.58
N LEU D 550 -27.19 -24.04 19.55
CA LEU D 550 -27.89 -25.29 19.79
C LEU D 550 -27.04 -26.28 20.58
N ILE D 551 -25.73 -26.27 20.36
CA ILE D 551 -24.83 -27.27 20.92
C ILE D 551 -24.57 -26.95 22.39
N CYS D 552 -24.99 -27.86 23.28
CA CYS D 552 -24.81 -27.70 24.71
C CYS D 552 -23.37 -28.05 25.09
N ARG D 553 -22.55 -27.03 25.37
CA ARG D 553 -21.10 -27.19 25.46
C ARG D 553 -20.61 -27.53 26.87
N SER D 554 -21.39 -28.27 27.65
CA SER D 554 -20.97 -28.72 28.98
C SER D 554 -20.73 -30.22 28.96
N ASN D 555 -19.60 -30.65 29.53
CA ASN D 555 -19.23 -32.05 29.46
C ASN D 555 -19.39 -32.72 30.82
N PRO D 556 -20.16 -33.81 30.88
CA PRO D 556 -20.34 -34.51 32.17
C PRO D 556 -19.05 -35.15 32.65
N THR D 557 -18.79 -35.00 33.94
CA THR D 557 -17.56 -35.51 34.53
C THR D 557 -17.47 -37.02 34.36
N LYS D 558 -16.39 -37.48 33.74
CA LYS D 558 -16.12 -38.91 33.57
C LYS D 558 -14.62 -39.11 33.63
N ILE D 559 -14.16 -39.92 34.59
CA ILE D 559 -12.74 -40.08 34.87
C ILE D 559 -12.19 -41.31 34.15
N SER D 560 -10.93 -41.22 33.75
CA SER D 560 -10.26 -42.30 33.03
C SER D 560 -8.83 -42.45 33.55
N ARG D 561 -8.28 -43.64 33.32
CA ARG D 561 -6.92 -43.98 33.72
C ARG D 561 -6.16 -44.47 32.49
N SER D 562 -5.14 -43.73 32.08
CA SER D 562 -4.30 -44.19 30.98
C SER D 562 -3.47 -45.39 31.44
N THR D 563 -3.28 -46.34 30.52
CA THR D 563 -2.60 -47.59 30.84
C THR D 563 -1.30 -47.79 30.08
N GLY D 564 -0.95 -46.91 29.13
CA GLY D 564 0.19 -47.13 28.30
C GLY D 564 -0.06 -47.98 27.07
N LYS D 565 -1.25 -48.52 26.92
CA LYS D 565 -1.66 -49.24 25.73
C LYS D 565 -2.33 -48.30 24.74
N PHE D 566 -2.34 -48.70 23.48
CA PHE D 566 -2.89 -47.90 22.40
C PHE D 566 -4.11 -48.58 21.80
N ASP D 567 -5.13 -47.77 21.50
CA ASP D 567 -6.35 -48.23 20.86
C ASP D 567 -6.46 -47.64 19.47
N ILE D 568 -7.30 -48.28 18.65
CA ILE D 568 -7.59 -47.82 17.29
C ILE D 568 -9.07 -47.45 17.24
N GLN D 569 -9.34 -46.16 17.05
CA GLN D 569 -10.70 -45.68 16.90
C GLN D 569 -10.81 -44.84 15.64
N TYR D 570 -11.87 -45.06 14.87
CA TYR D 570 -12.09 -44.33 13.64
C TYR D 570 -12.72 -42.97 13.92
N ILE D 571 -12.34 -41.98 13.12
CA ILE D 571 -12.79 -40.61 13.27
C ILE D 571 -13.30 -40.09 11.94
N ALA D 572 -14.30 -39.22 11.99
CA ALA D 572 -14.77 -38.56 10.78
C ALA D 572 -13.69 -37.61 10.25
N CYS D 573 -13.47 -37.65 8.94
CA CYS D 573 -12.37 -36.94 8.33
C CYS D 573 -12.86 -36.20 7.09
N SER D 574 -11.99 -35.33 6.55
CA SER D 574 -12.39 -34.43 5.48
C SER D 574 -11.21 -34.13 4.57
N SER D 575 -11.34 -34.51 3.30
CA SER D 575 -10.33 -34.16 2.31
C SER D 575 -10.18 -32.65 2.20
N ARG D 576 -8.96 -32.16 2.37
CA ARG D 576 -8.69 -30.71 2.35
C ARG D 576 -8.39 -30.26 0.93
N VAL D 577 -9.42 -30.34 0.08
CA VAL D 577 -9.30 -30.01 -1.33
C VAL D 577 -9.87 -28.62 -1.57
N LEU D 578 -9.21 -27.86 -2.45
CA LEU D 578 -9.61 -26.50 -2.79
C LEU D 578 -9.74 -25.61 -1.55
N GLY E 1 41.87 14.38 -42.71
CA GLY E 1 40.60 15.07 -42.50
C GLY E 1 39.44 14.42 -43.22
N THR E 2 38.66 13.62 -42.49
CA THR E 2 38.82 13.38 -41.06
C THR E 2 39.09 11.89 -40.85
N GLU E 3 39.75 11.45 -39.77
CA GLU E 3 40.40 12.21 -38.68
C GLU E 3 39.46 13.02 -37.78
N SER E 4 39.14 12.44 -36.63
CA SER E 4 38.39 13.14 -35.59
C SER E 4 39.36 13.94 -34.71
N PHE E 5 38.82 14.99 -34.08
CA PHE E 5 39.63 15.78 -33.16
C PHE E 5 40.24 14.89 -32.09
N ALA E 6 39.39 14.17 -31.34
CA ALA E 6 39.87 13.22 -30.35
C ALA E 6 40.85 12.20 -30.93
N GLN E 7 40.97 12.14 -32.25
CA GLN E 7 41.93 11.30 -32.94
C GLN E 7 43.22 12.02 -33.30
N LEU E 8 43.12 13.27 -33.77
CA LEU E 8 44.29 14.09 -34.01
C LEU E 8 45.02 14.40 -32.73
N PHE E 9 44.30 14.46 -31.61
CA PHE E 9 44.90 14.67 -30.31
C PHE E 9 45.69 13.44 -29.86
N GLU E 10 45.02 12.28 -29.82
CA GLU E 10 45.66 11.07 -29.31
C GLU E 10 47.00 10.80 -29.99
N GLU E 11 47.10 11.05 -31.30
CA GLU E 11 48.36 10.82 -31.97
C GLU E 11 49.36 11.94 -31.72
N SER E 12 48.88 13.18 -31.53
CA SER E 12 49.79 14.27 -31.17
C SER E 12 50.36 14.07 -29.77
N LEU E 13 49.52 13.60 -28.84
CA LEU E 13 50.01 13.28 -27.51
C LEU E 13 50.96 12.09 -27.53
N LYS E 14 50.67 11.10 -28.38
CA LYS E 14 51.53 9.93 -28.50
C LYS E 14 52.89 10.31 -29.07
N GLU E 15 52.91 11.22 -30.04
CA GLU E 15 54.19 11.67 -30.58
C GLU E 15 54.97 12.48 -29.55
N ILE E 16 54.27 13.31 -28.78
CA ILE E 16 54.94 14.14 -27.79
C ILE E 16 55.66 13.27 -26.75
N GLU E 17 55.17 12.06 -26.53
CA GLU E 17 55.80 11.15 -25.57
C GLU E 17 56.99 10.40 -26.17
N THR E 18 57.22 10.51 -27.47
CA THR E 18 58.41 9.93 -28.10
C THR E 18 59.64 10.80 -27.93
N ARG E 19 59.49 12.00 -27.38
CA ARG E 19 60.59 12.88 -27.06
C ARG E 19 60.76 12.99 -25.56
N PRO E 20 61.93 13.39 -25.08
CA PRO E 20 62.09 13.65 -23.65
C PRO E 20 61.27 14.85 -23.22
N GLY E 21 60.87 14.83 -21.96
CA GLY E 21 60.06 15.90 -21.39
C GLY E 21 60.74 17.24 -21.32
N SER E 22 61.98 17.35 -21.82
CA SER E 22 62.71 18.61 -21.81
C SER E 22 62.82 19.27 -23.18
N ILE E 23 62.57 18.54 -24.25
CA ILE E 23 62.59 19.08 -25.61
C ILE E 23 61.16 19.23 -26.10
N VAL E 24 60.90 20.31 -26.83
CA VAL E 24 59.54 20.66 -27.23
C VAL E 24 59.47 20.85 -28.73
N ARG E 25 58.28 20.60 -29.28
CA ARG E 25 57.98 20.82 -30.69
C ARG E 25 57.65 22.29 -30.90
N GLY E 26 58.56 23.03 -31.53
CA GLY E 26 58.36 24.45 -31.74
C GLY E 26 58.67 24.86 -33.16
N VAL E 27 58.04 25.95 -33.58
CA VAL E 27 58.19 26.49 -34.93
C VAL E 27 58.99 27.79 -34.87
N VAL E 28 59.87 27.98 -35.84
CA VAL E 28 60.72 29.17 -35.89
C VAL E 28 59.91 30.36 -36.41
N VAL E 29 60.27 31.55 -35.93
CA VAL E 29 59.65 32.80 -36.37
C VAL E 29 60.74 33.86 -36.45
N ALA E 30 60.96 34.39 -37.65
CA ALA E 30 61.88 35.51 -37.84
C ALA E 30 63.32 35.12 -37.50
N ILE E 31 64.14 34.91 -38.52
CA ILE E 31 65.55 34.58 -38.34
C ILE E 31 66.37 35.82 -38.66
N ASP E 32 67.08 36.34 -37.66
CA ASP E 32 67.87 37.55 -37.81
C ASP E 32 69.29 37.21 -38.24
N LYS E 33 70.04 38.27 -38.59
CA LYS E 33 71.44 38.13 -38.98
C LYS E 33 72.30 37.77 -37.77
N ASP E 34 71.82 36.84 -36.92
CA ASP E 34 72.59 36.43 -35.75
C ASP E 34 71.85 35.43 -34.88
N VAL E 35 70.53 35.56 -34.76
CA VAL E 35 69.75 34.72 -33.85
C VAL E 35 68.45 34.32 -34.53
N VAL E 36 67.99 33.10 -34.22
CA VAL E 36 66.73 32.57 -34.75
C VAL E 36 65.81 32.25 -33.59
N LEU E 37 64.58 32.75 -33.66
CA LEU E 37 63.61 32.62 -32.59
C LEU E 37 62.63 31.49 -32.92
N VAL E 38 62.42 30.60 -31.95
CA VAL E 38 61.46 29.51 -32.06
C VAL E 38 60.29 29.79 -31.12
N ASP E 39 59.09 29.42 -31.55
CA ASP E 39 57.88 29.56 -30.72
C ASP E 39 57.47 28.17 -30.27
N ALA E 40 57.87 27.79 -29.06
CA ALA E 40 57.45 26.51 -28.50
C ALA E 40 56.01 26.54 -28.00
N GLY E 41 55.38 27.70 -27.96
CA GLY E 41 54.07 27.85 -27.39
C GLY E 41 54.05 28.49 -26.01
N LEU E 42 55.14 29.11 -25.60
CA LEU E 42 55.27 29.69 -24.27
C LEU E 42 55.33 31.21 -24.39
N LYS E 43 55.42 31.87 -23.23
CA LYS E 43 55.39 33.33 -23.22
C LYS E 43 56.63 33.93 -23.88
N SER E 44 57.79 33.31 -23.68
CA SER E 44 59.05 33.84 -24.18
C SER E 44 59.53 32.95 -25.32
N GLU E 45 59.55 33.50 -26.54
CA GLU E 45 60.04 32.77 -27.69
C GLU E 45 61.50 32.37 -27.47
N SER E 46 61.82 31.11 -27.78
CA SER E 46 63.17 30.62 -27.61
C SER E 46 64.09 31.17 -28.70
N ALA E 47 65.26 31.64 -28.29
CA ALA E 47 66.27 32.15 -29.22
C ALA E 47 67.42 31.16 -29.28
N ILE E 48 67.88 30.85 -30.49
CA ILE E 48 68.98 29.92 -30.66
C ILE E 48 70.06 30.56 -31.54
N PRO E 49 71.33 30.33 -31.23
CA PRO E 49 72.42 30.89 -32.06
C PRO E 49 72.31 30.40 -33.49
N ALA E 50 72.12 31.35 -34.41
CA ALA E 50 71.96 31.03 -35.83
C ALA E 50 73.21 30.37 -36.41
N GLU E 51 74.35 30.44 -35.73
CA GLU E 51 75.58 29.89 -36.28
C GLU E 51 75.54 28.36 -36.31
N GLN E 52 74.98 27.73 -35.27
CA GLN E 52 74.95 26.27 -35.21
C GLN E 52 74.05 25.64 -36.25
N PHE E 53 73.31 26.45 -37.02
CA PHE E 53 72.43 25.95 -38.07
C PHE E 53 72.97 26.26 -39.46
N LYS E 54 74.29 26.44 -39.58
CA LYS E 54 74.93 26.71 -40.87
C LYS E 54 75.36 25.39 -41.51
N ASN E 55 76.14 25.47 -42.58
CA ASN E 55 76.61 24.32 -43.33
C ASN E 55 78.08 24.04 -42.99
N ALA E 56 78.75 23.25 -43.82
CA ALA E 56 80.19 23.05 -43.69
C ALA E 56 80.95 24.36 -43.89
N GLN E 57 80.35 25.31 -44.61
CA GLN E 57 80.94 26.63 -44.79
C GLN E 57 80.06 27.68 -44.13
N GLY E 58 79.41 28.53 -44.93
CA GLY E 58 78.49 29.52 -44.44
C GLY E 58 77.05 29.22 -44.84
N GLU E 59 76.19 30.21 -44.62
CA GLU E 59 74.78 30.12 -44.97
C GLU E 59 74.04 29.19 -44.04
N LEU E 60 72.72 29.36 -43.93
CA LEU E 60 71.88 28.54 -43.06
C LEU E 60 70.66 28.08 -43.85
N GLU E 61 70.54 26.77 -44.06
CA GLU E 61 69.50 26.23 -44.93
C GLU E 61 68.16 26.07 -44.24
N ILE E 62 68.03 26.50 -42.98
CA ILE E 62 66.75 26.49 -42.29
C ILE E 62 66.06 27.83 -42.47
N GLN E 63 64.73 27.82 -42.52
CA GLN E 63 63.94 29.01 -42.76
C GLN E 63 62.76 29.04 -41.80
N VAL E 64 62.08 30.19 -41.77
CA VAL E 64 60.91 30.34 -40.91
C VAL E 64 59.79 29.44 -41.40
N GLY E 65 59.09 28.82 -40.45
CA GLY E 65 58.04 27.87 -40.76
C GLY E 65 58.41 26.42 -40.49
N ASP E 66 59.66 26.15 -40.13
CA ASP E 66 60.14 24.81 -39.85
C ASP E 66 60.17 24.57 -38.35
N GLU E 67 59.77 23.37 -37.94
CA GLU E 67 59.77 23.04 -36.53
C GLU E 67 61.14 22.58 -36.09
N VAL E 68 61.56 23.04 -34.91
CA VAL E 68 62.84 22.69 -34.32
C VAL E 68 62.58 22.26 -32.89
N ASP E 69 63.39 21.32 -32.41
CA ASP E 69 63.26 20.83 -31.04
C ASP E 69 64.14 21.70 -30.14
N VAL E 70 63.52 22.39 -29.20
CA VAL E 70 64.22 23.30 -28.30
C VAL E 70 64.01 22.86 -26.86
N ALA E 71 65.02 23.08 -26.03
CA ALA E 71 65.00 22.64 -24.66
C ALA E 71 64.25 23.64 -23.77
N LEU E 72 63.61 23.11 -22.74
CA LEU E 72 62.89 23.91 -21.76
C LEU E 72 63.73 24.08 -20.50
N ASP E 73 63.52 25.21 -19.82
CA ASP E 73 64.22 25.47 -18.58
C ASP E 73 63.71 24.53 -17.50
N ALA E 74 64.62 23.77 -16.88
CA ALA E 74 64.24 22.81 -15.85
C ALA E 74 64.03 23.50 -14.51
N VAL E 75 63.51 24.73 -14.55
CA VAL E 75 63.29 25.52 -13.34
C VAL E 75 61.98 25.15 -12.66
N GLU E 76 62.05 24.72 -11.41
CA GLU E 76 63.34 24.51 -10.73
C GLU E 76 63.21 23.54 -9.58
N LEU E 83 60.00 14.51 -5.37
CA LEU E 83 59.90 15.35 -4.19
C LEU E 83 58.68 14.99 -3.35
N LEU E 84 58.04 13.87 -3.69
CA LEU E 84 56.94 13.33 -2.90
C LEU E 84 57.51 12.33 -1.91
N SER E 85 58.04 12.87 -0.81
CA SER E 85 58.76 12.09 0.19
C SER E 85 57.92 10.96 0.80
N ARG E 86 56.60 10.97 0.59
CA ARG E 86 55.74 9.98 1.23
C ARG E 86 55.84 8.61 0.55
N GLU E 87 55.72 8.59 -0.79
CA GLU E 87 55.94 7.34 -1.52
C GLU E 87 57.41 6.93 -1.50
N LYS E 88 58.32 7.86 -1.25
CA LYS E 88 59.73 7.58 -1.05
C LYS E 88 59.98 6.77 0.22
N ALA E 89 58.90 6.21 0.78
CA ALA E 89 58.99 5.26 1.88
C ALA E 89 59.47 3.91 1.38
N LYS E 90 60.28 3.93 0.33
CA LYS E 90 60.89 2.72 -0.22
C LYS E 90 59.84 1.77 -0.79
N ARG E 91 59.25 2.14 -1.93
CA ARG E 91 58.22 1.31 -2.55
C ARG E 91 58.46 1.00 -4.02
N HIS E 92 59.23 1.80 -4.74
CA HIS E 92 59.56 1.45 -6.13
C HIS E 92 60.43 0.20 -6.17
N GLU E 93 61.50 0.19 -5.37
CA GLU E 93 62.29 -1.02 -5.20
C GLU E 93 61.49 -2.12 -4.52
N ALA E 94 60.57 -1.75 -3.62
CA ALA E 94 59.69 -2.73 -2.99
C ALA E 94 58.91 -3.52 -4.04
N TRP E 95 58.63 -2.91 -5.20
CA TRP E 95 57.97 -3.60 -6.29
C TRP E 95 58.97 -4.33 -7.18
N ILE E 96 60.21 -3.85 -7.25
CA ILE E 96 61.25 -4.55 -7.99
C ILE E 96 61.73 -5.78 -7.23
N THR E 97 61.54 -5.82 -5.91
CA THR E 97 61.88 -7.01 -5.14
C THR E 97 61.04 -8.20 -5.59
N LEU E 98 59.75 -7.99 -5.85
CA LEU E 98 58.92 -9.06 -6.39
C LEU E 98 59.36 -9.46 -7.79
N GLU E 99 59.73 -8.48 -8.63
CA GLU E 99 60.11 -8.79 -10.00
C GLU E 99 61.42 -9.56 -10.05
N LYS E 100 62.35 -9.26 -9.13
CA LYS E 100 63.61 -10.00 -9.09
C LYS E 100 63.46 -11.35 -8.39
N ALA E 101 62.69 -11.39 -7.30
CA ALA E 101 62.45 -12.66 -6.62
C ALA E 101 61.51 -13.57 -7.38
N TYR E 102 60.84 -13.05 -8.42
CA TYR E 102 59.98 -13.85 -9.28
C TYR E 102 60.76 -14.51 -10.41
N GLU E 103 61.77 -13.80 -10.95
CA GLU E 103 62.59 -14.35 -12.02
C GLU E 103 63.62 -15.35 -11.49
N ASP E 104 64.07 -15.17 -10.25
CA ASP E 104 64.99 -16.10 -9.61
C ASP E 104 64.28 -17.26 -8.92
N ALA E 105 62.96 -17.21 -8.81
CA ALA E 105 62.18 -18.26 -8.17
C ALA E 105 62.55 -18.38 -6.68
N GLU E 106 62.32 -17.28 -5.95
CA GLU E 106 62.67 -17.20 -4.55
C GLU E 106 61.50 -16.67 -3.75
N THR E 107 61.61 -16.84 -2.43
CA THR E 107 60.55 -16.46 -1.49
C THR E 107 60.65 -14.98 -1.14
N VAL E 108 59.57 -14.45 -0.59
CA VAL E 108 59.51 -13.05 -0.16
C VAL E 108 58.61 -12.94 1.06
N THR E 109 59.09 -12.24 2.09
CA THR E 109 58.31 -12.06 3.31
C THR E 109 57.03 -11.27 3.04
N GLY E 110 55.91 -11.82 3.51
CA GLY E 110 54.61 -11.17 3.36
C GLY E 110 53.67 -11.59 4.48
N VAL E 111 52.57 -10.85 4.60
CA VAL E 111 51.62 -11.04 5.68
C VAL E 111 50.20 -11.09 5.12
N ILE E 112 49.42 -12.06 5.60
CA ILE E 112 48.02 -12.23 5.19
C ILE E 112 47.16 -11.36 6.09
N ASN E 113 46.63 -10.25 5.54
CA ASN E 113 45.84 -9.33 6.33
C ASN E 113 44.42 -9.86 6.56
N GLY E 114 43.70 -10.13 5.47
CA GLY E 114 42.31 -10.54 5.59
C GLY E 114 41.88 -11.42 4.42
N LYS E 115 40.69 -11.99 4.57
CA LYS E 115 40.12 -12.89 3.58
C LYS E 115 39.42 -12.10 2.48
N VAL E 116 39.28 -12.73 1.31
CA VAL E 116 38.64 -12.09 0.17
C VAL E 116 37.88 -13.13 -0.65
N LYS E 117 37.31 -12.71 -1.77
CA LYS E 117 36.52 -13.63 -2.60
C LYS E 117 37.37 -14.77 -3.12
N GLY E 118 38.39 -14.46 -3.92
CA GLY E 118 39.20 -15.50 -4.53
C GLY E 118 40.04 -16.29 -3.54
N GLY E 119 40.37 -15.69 -2.40
CA GLY E 119 41.20 -16.33 -1.40
C GLY E 119 41.59 -15.40 -0.29
N PHE E 120 42.69 -14.67 -0.45
CA PHE E 120 43.18 -13.79 0.60
C PHE E 120 43.96 -12.63 -0.01
N THR E 121 44.12 -11.58 0.79
CA THR E 121 44.93 -10.43 0.43
C THR E 121 46.24 -10.48 1.21
N VAL E 122 47.36 -10.31 0.51
CA VAL E 122 48.69 -10.38 1.11
C VAL E 122 49.44 -9.08 0.82
N GLU E 123 50.20 -8.62 1.81
CA GLU E 123 50.98 -7.39 1.72
C GLU E 123 52.45 -7.73 1.82
N LEU E 124 53.20 -7.47 0.75
CA LEU E 124 54.63 -7.76 0.66
C LEU E 124 55.39 -6.47 0.41
N ASN E 125 55.94 -5.88 1.47
CA ASN E 125 56.73 -4.65 1.37
C ASN E 125 55.90 -3.49 0.85
N GLY E 126 54.61 -3.48 1.18
CA GLY E 126 53.70 -2.45 0.73
C GLY E 126 52.92 -2.80 -0.51
N ILE E 127 53.23 -3.92 -1.16
CA ILE E 127 52.52 -4.35 -2.36
C ILE E 127 51.40 -5.29 -1.98
N ARG E 128 50.20 -5.03 -2.49
CA ARG E 128 49.07 -5.92 -2.29
C ARG E 128 49.07 -7.00 -3.36
N ALA E 129 48.96 -8.25 -2.93
CA ALA E 129 48.99 -9.41 -3.82
C ALA E 129 47.75 -10.26 -3.59
N PHE E 130 47.60 -11.29 -4.42
CA PHE E 130 46.45 -12.18 -4.34
C PHE E 130 46.91 -13.57 -3.93
N LEU E 131 46.36 -14.07 -2.83
CA LEU E 131 46.63 -15.44 -2.37
C LEU E 131 45.45 -16.33 -2.79
N PRO E 132 45.60 -17.15 -3.82
CA PRO E 132 44.44 -17.90 -4.33
C PRO E 132 43.75 -18.77 -3.31
N GLY E 133 44.37 -19.03 -2.16
CA GLY E 133 43.75 -19.88 -1.16
C GLY E 133 43.47 -21.29 -1.64
N SER E 134 44.23 -21.77 -2.62
CA SER E 134 44.00 -23.10 -3.17
C SER E 134 44.69 -24.26 -2.41
N LEU E 135 45.93 -24.14 -1.91
CA LEU E 135 46.85 -22.98 -1.93
C LEU E 135 46.45 -21.90 -0.93
N THR E 144 45.67 -22.35 12.11
CA THR E 144 44.52 -21.84 11.36
C THR E 144 44.34 -20.33 11.60
N LEU E 145 45.44 -19.59 11.52
CA LEU E 145 45.41 -18.13 11.68
C LEU E 145 45.25 -17.75 13.17
N HIS E 146 45.14 -16.46 13.50
CA HIS E 146 45.06 -15.35 12.54
C HIS E 146 46.06 -14.22 12.82
N LEU E 147 45.68 -13.31 13.72
CA LEU E 147 46.47 -12.11 14.02
C LEU E 147 47.89 -12.44 14.48
N GLU E 148 48.76 -11.43 14.53
CA GLU E 148 48.43 -10.05 14.15
C GLU E 148 48.71 -9.84 12.67
N GLY E 149 48.33 -10.80 11.85
CA GLY E 149 48.84 -10.86 10.49
C GLY E 149 50.26 -11.38 10.53
N LYS E 150 50.41 -12.64 10.95
CA LYS E 150 51.73 -13.22 11.09
C LYS E 150 52.45 -13.21 9.76
N GLU E 151 53.76 -12.95 9.79
CA GLU E 151 54.54 -12.95 8.57
C GLU E 151 54.76 -14.37 8.07
N LEU E 152 54.75 -14.54 6.75
CA LEU E 152 54.94 -15.83 6.13
C LEU E 152 55.76 -15.65 4.86
N GLU E 153 56.53 -16.69 4.53
CA GLU E 153 57.34 -16.68 3.32
C GLU E 153 56.49 -17.13 2.14
N PHE E 154 56.30 -16.23 1.18
CA PHE E 154 55.48 -16.47 0.00
C PHE E 154 56.37 -16.60 -1.24
N LYS E 155 55.84 -17.31 -2.24
CA LYS E 155 56.49 -17.43 -3.54
C LYS E 155 55.57 -16.81 -4.58
N VAL E 156 56.13 -15.92 -5.40
CA VAL E 156 55.35 -15.20 -6.41
C VAL E 156 55.20 -16.07 -7.66
N ILE E 157 53.97 -16.31 -8.08
CA ILE E 157 53.69 -17.15 -9.23
C ILE E 157 53.32 -16.33 -10.46
N LYS E 158 52.48 -15.30 -10.31
CA LYS E 158 52.02 -14.52 -11.45
C LYS E 158 52.05 -13.05 -11.08
N LEU E 159 52.81 -12.26 -11.85
CA LEU E 159 53.04 -10.85 -11.56
C LEU E 159 52.72 -10.04 -12.81
N ASP E 160 51.62 -9.30 -12.77
CA ASP E 160 51.21 -8.47 -13.90
C ASP E 160 52.00 -7.16 -13.85
N GLN E 161 52.82 -6.93 -14.88
CA GLN E 161 53.77 -5.81 -14.86
C GLN E 161 53.06 -4.46 -14.94
N LYS E 162 52.01 -4.36 -15.76
CA LYS E 162 51.42 -3.07 -16.07
C LYS E 162 50.30 -2.66 -15.10
N ARG E 163 49.54 -3.62 -14.57
CA ARG E 163 48.37 -3.30 -13.75
C ARG E 163 48.57 -3.67 -12.29
N ASN E 164 49.82 -3.79 -11.83
CA ASN E 164 50.11 -3.89 -10.40
C ASN E 164 49.61 -5.18 -9.75
N ASN E 165 48.88 -6.01 -10.49
CA ASN E 165 48.29 -7.21 -9.91
C ASN E 165 49.31 -8.35 -9.87
N VAL E 166 49.46 -8.97 -8.70
CA VAL E 166 50.39 -10.08 -8.50
C VAL E 166 49.67 -11.21 -7.77
N VAL E 167 49.97 -12.44 -8.17
CA VAL E 167 49.43 -13.66 -7.56
C VAL E 167 50.55 -14.37 -6.82
N VAL E 168 50.30 -14.72 -5.56
CA VAL E 168 51.33 -15.31 -4.70
C VAL E 168 50.90 -16.71 -4.27
N SER E 169 51.89 -17.57 -4.04
CA SER E 169 51.67 -18.94 -3.63
C SER E 169 52.14 -19.16 -2.20
N ARG E 170 51.49 -20.09 -1.50
CA ARG E 170 51.78 -20.35 -0.11
C ARG E 170 53.03 -21.21 0.05
N ARG E 171 52.85 -22.52 0.19
CA ARG E 171 53.96 -23.45 0.44
C ARG E 171 54.52 -23.28 1.84
N GLY F 1 -36.33 -15.63 45.33
CA GLY F 1 -35.39 -15.45 44.23
C GLY F 1 -35.59 -14.15 43.48
N THR F 2 -34.49 -13.52 43.08
CA THR F 2 -33.17 -14.07 43.35
C THR F 2 -32.45 -13.26 44.44
N GLU F 3 -31.48 -13.89 45.10
CA GLU F 3 -30.73 -13.25 46.17
C GLU F 3 -29.24 -13.15 45.89
N SER F 4 -28.74 -13.83 44.86
CA SER F 4 -27.34 -13.77 44.45
C SER F 4 -26.41 -14.42 45.46
N PHE F 5 -25.49 -15.25 44.96
CA PHE F 5 -24.45 -15.82 45.80
C PHE F 5 -23.50 -14.75 46.33
N ALA F 6 -23.25 -13.71 45.54
CA ALA F 6 -22.30 -12.68 45.94
C ALA F 6 -22.79 -11.89 47.16
N GLN F 7 -24.09 -11.64 47.26
CA GLN F 7 -24.62 -10.93 48.42
C GLN F 7 -24.41 -11.72 49.70
N LEU F 8 -25.02 -12.91 49.78
CA LEU F 8 -24.89 -13.74 50.98
C LEU F 8 -23.43 -13.97 51.35
N PHE F 9 -22.56 -14.12 50.36
CA PHE F 9 -21.16 -14.39 50.63
C PHE F 9 -20.44 -13.16 51.17
N GLU F 10 -20.69 -11.99 50.59
CA GLU F 10 -20.02 -10.77 51.04
C GLU F 10 -20.43 -10.44 52.47
N GLU F 11 -21.72 -10.55 52.79
CA GLU F 11 -22.18 -10.25 54.14
C GLU F 11 -21.71 -11.30 55.14
N SER F 12 -21.67 -12.58 54.73
CA SER F 12 -21.17 -13.63 55.62
C SER F 12 -19.68 -13.46 55.88
N LEU F 13 -18.93 -13.03 54.87
CA LEU F 13 -17.52 -12.73 55.06
C LEU F 13 -17.35 -11.57 56.04
N LYS F 14 -18.25 -10.59 55.98
CA LYS F 14 -18.17 -9.43 56.85
C LYS F 14 -18.31 -9.83 58.31
N GLU F 15 -19.18 -10.79 58.61
CA GLU F 15 -19.43 -11.17 59.99
C GLU F 15 -18.26 -11.97 60.57
N ILE F 16 -17.69 -12.89 59.79
CA ILE F 16 -16.56 -13.67 60.27
C ILE F 16 -15.39 -12.78 60.66
N GLU F 17 -15.30 -11.59 60.07
CA GLU F 17 -14.25 -10.64 60.40
C GLU F 17 -14.55 -9.85 61.67
N THR F 18 -15.77 -9.97 62.20
CA THR F 18 -16.11 -9.36 63.48
C THR F 18 -15.66 -10.18 64.68
N ARG F 19 -15.17 -11.40 64.44
CA ARG F 19 -14.60 -12.26 65.46
C ARG F 19 -13.10 -12.41 65.24
N PRO F 20 -12.37 -12.82 66.27
CA PRO F 20 -10.94 -13.08 66.07
C PRO F 20 -10.71 -14.26 65.15
N GLY F 21 -9.56 -14.26 64.51
CA GLY F 21 -9.24 -15.30 63.54
C GLY F 21 -8.90 -16.65 64.15
N SER F 22 -9.03 -16.77 65.48
CA SER F 22 -8.76 -18.05 66.14
C SER F 22 -10.02 -18.79 66.56
N ILE F 23 -11.16 -18.10 66.69
CA ILE F 23 -12.43 -18.73 67.01
C ILE F 23 -13.24 -18.86 65.73
N VAL F 24 -13.94 -19.98 65.60
CA VAL F 24 -14.72 -20.29 64.40
C VAL F 24 -16.16 -20.53 64.82
N ARG F 25 -17.07 -20.22 63.89
CA ARG F 25 -18.49 -20.49 64.11
C ARG F 25 -18.75 -21.96 63.79
N GLY F 26 -18.97 -22.76 64.83
CA GLY F 26 -19.24 -24.17 64.65
C GLY F 26 -20.50 -24.59 65.37
N VAL F 27 -21.11 -25.65 64.87
CA VAL F 27 -22.35 -26.20 65.41
C VAL F 27 -22.04 -27.48 66.15
N VAL F 28 -22.70 -27.68 67.28
CA VAL F 28 -22.46 -28.85 68.12
C VAL F 28 -23.16 -30.07 67.53
N VAL F 29 -22.51 -31.22 67.69
CA VAL F 29 -23.08 -32.49 67.25
C VAL F 29 -22.68 -33.56 68.27
N ALA F 30 -23.68 -34.13 68.95
CA ALA F 30 -23.48 -35.21 69.91
C ALA F 30 -22.71 -34.74 71.14
N ILE F 31 -23.44 -34.39 72.20
CA ILE F 31 -22.86 -33.93 73.46
C ILE F 31 -23.06 -35.03 74.50
N ASP F 32 -21.97 -35.54 75.07
CA ASP F 32 -22.12 -36.61 76.05
C ASP F 32 -20.78 -36.92 76.69
N LYS F 33 -20.86 -37.63 77.83
CA LYS F 33 -19.70 -38.18 78.53
C LYS F 33 -18.66 -37.10 78.87
N ASP F 34 -19.15 -35.97 79.38
CA ASP F 34 -18.28 -34.89 79.85
C ASP F 34 -17.55 -34.18 78.71
N VAL F 35 -17.89 -34.48 77.46
CA VAL F 35 -17.24 -33.89 76.30
C VAL F 35 -18.28 -33.53 75.26
N VAL F 36 -18.10 -32.39 74.60
CA VAL F 36 -18.98 -31.93 73.54
C VAL F 36 -18.15 -31.75 72.28
N LEU F 37 -18.61 -32.36 71.18
CA LEU F 37 -17.94 -32.27 69.89
C LEU F 37 -18.67 -31.27 69.01
N VAL F 38 -17.93 -30.29 68.51
CA VAL F 38 -18.47 -29.24 67.66
C VAL F 38 -17.93 -29.42 66.25
N ASP F 39 -18.75 -29.09 65.26
CA ASP F 39 -18.33 -29.16 63.86
C ASP F 39 -17.96 -27.75 63.41
N ALA F 40 -16.70 -27.39 63.62
CA ALA F 40 -16.20 -26.12 63.13
C ALA F 40 -16.07 -26.08 61.62
N GLY F 41 -16.23 -27.21 60.95
CA GLY F 41 -16.01 -27.31 59.51
C GLY F 41 -14.70 -27.94 59.12
N LEU F 42 -14.00 -28.59 60.05
CA LEU F 42 -12.73 -29.24 59.79
C LEU F 42 -12.89 -30.75 59.94
N LYS F 43 -11.90 -31.48 59.40
CA LYS F 43 -11.96 -32.94 59.45
C LYS F 43 -11.91 -33.45 60.89
N SER F 44 -11.20 -32.76 61.77
CA SER F 44 -11.07 -33.16 63.16
C SER F 44 -11.99 -32.29 64.02
N GLU F 45 -13.03 -32.91 64.56
CA GLU F 45 -14.00 -32.17 65.36
C GLU F 45 -13.36 -31.65 66.64
N SER F 46 -13.75 -30.44 67.03
CA SER F 46 -13.29 -29.86 68.28
C SER F 46 -14.08 -30.43 69.45
N ALA F 47 -13.38 -30.74 70.53
CA ALA F 47 -13.98 -31.26 71.74
C ALA F 47 -13.86 -30.25 72.86
N ILE F 48 -14.94 -30.06 73.61
CA ILE F 48 -14.97 -29.06 74.67
C ILE F 48 -15.46 -29.68 75.99
N PRO F 49 -14.89 -29.28 77.12
CA PRO F 49 -15.37 -29.79 78.41
C PRO F 49 -16.82 -29.40 78.68
N ALA F 50 -17.68 -30.40 78.85
CA ALA F 50 -19.11 -30.17 79.02
C ALA F 50 -19.46 -29.48 80.33
N GLU F 51 -18.54 -29.42 81.29
CA GLU F 51 -18.88 -28.85 82.59
C GLU F 51 -19.06 -27.34 82.52
N GLN F 52 -18.27 -26.67 81.68
CA GLN F 52 -18.35 -25.21 81.58
C GLN F 52 -19.66 -24.73 80.99
N PHE F 53 -20.51 -25.62 80.52
CA PHE F 53 -21.77 -25.26 79.87
C PHE F 53 -22.99 -25.56 80.74
N LYS F 54 -22.80 -25.60 82.06
CA LYS F 54 -23.89 -25.87 82.99
C LYS F 54 -24.56 -24.57 83.43
N ASN F 55 -25.45 -24.65 84.41
CA ASN F 55 -26.15 -23.50 84.96
C ASN F 55 -25.54 -23.15 86.33
N ALA F 56 -26.28 -22.39 87.13
CA ALA F 56 -25.83 -22.10 88.49
C ALA F 56 -25.79 -23.37 89.34
N GLN F 57 -26.62 -24.37 89.00
CA GLN F 57 -26.63 -25.63 89.72
C GLN F 57 -26.16 -26.77 88.80
N GLY F 58 -27.07 -27.67 88.45
CA GLY F 58 -26.74 -28.75 87.55
C GLY F 58 -27.52 -28.68 86.26
N GLU F 59 -27.47 -29.74 85.45
CA GLU F 59 -28.20 -29.79 84.19
C GLU F 59 -27.62 -28.81 83.18
N LEU F 60 -27.77 -29.11 81.90
CA LEU F 60 -27.27 -28.26 80.82
C LEU F 60 -28.39 -28.06 79.80
N GLU F 61 -28.91 -26.84 79.72
CA GLU F 61 -29.98 -26.53 78.80
C GLU F 61 -29.52 -26.28 77.37
N ILE F 62 -28.23 -26.49 77.09
CA ILE F 62 -27.70 -26.41 75.74
C ILE F 62 -27.71 -27.80 75.13
N GLN F 63 -27.97 -27.88 73.83
CA GLN F 63 -28.14 -29.16 73.16
C GLN F 63 -27.51 -29.10 71.77
N VAL F 64 -27.46 -30.26 71.12
CA VAL F 64 -26.93 -30.34 69.77
C VAL F 64 -27.83 -29.59 68.82
N GLY F 65 -27.21 -28.89 67.86
CA GLY F 65 -27.92 -28.02 66.94
C GLY F 65 -27.70 -26.55 67.20
N ASP F 66 -27.02 -26.19 68.27
CA ASP F 66 -26.71 -24.81 68.60
C ASP F 66 -25.25 -24.52 68.28
N GLU F 67 -24.99 -23.32 67.78
CA GLU F 67 -23.65 -22.94 67.38
C GLU F 67 -22.81 -22.57 68.61
N VAL F 68 -21.55 -23.02 68.62
CA VAL F 68 -20.60 -22.72 69.68
C VAL F 68 -19.31 -22.22 69.05
N ASP F 69 -18.73 -21.19 69.67
CA ASP F 69 -17.45 -20.66 69.22
C ASP F 69 -16.32 -21.51 69.80
N VAL F 70 -15.49 -22.07 68.92
CA VAL F 70 -14.40 -22.96 69.33
C VAL F 70 -13.09 -22.39 68.84
N ALA F 71 -12.06 -22.50 69.66
CA ALA F 71 -10.74 -21.99 69.31
C ALA F 71 -9.97 -23.03 68.49
N LEU F 72 -9.14 -22.53 67.59
CA LEU F 72 -8.22 -23.35 66.82
C LEU F 72 -6.83 -23.20 67.40
N ASP F 73 -6.06 -24.29 67.40
CA ASP F 73 -4.71 -24.25 67.93
C ASP F 73 -3.80 -23.46 66.98
N ALA F 74 -3.14 -22.43 67.51
CA ALA F 74 -2.29 -21.56 66.72
C ALA F 74 -0.89 -22.13 66.58
N VAL F 75 -0.78 -23.46 66.55
CA VAL F 75 0.52 -24.11 66.41
C VAL F 75 0.92 -24.19 64.94
N GLU F 81 1.49 -17.10 62.72
CA GLU F 81 1.93 -15.73 62.94
C GLU F 81 1.88 -14.92 61.64
N THR F 82 3.06 -14.61 61.09
CA THR F 82 3.17 -13.99 59.77
C THR F 82 4.64 -13.78 59.41
N LEU F 83 5.39 -13.13 60.30
CA LEU F 83 6.82 -12.83 60.15
C LEU F 83 7.27 -12.67 58.70
N LEU F 84 7.17 -11.44 58.18
CA LEU F 84 7.84 -11.07 56.92
C LEU F 84 9.19 -10.46 57.29
N SER F 85 10.17 -11.34 57.51
CA SER F 85 11.46 -10.90 58.04
C SER F 85 12.08 -9.75 57.26
N ARG F 86 11.60 -9.50 56.04
CA ARG F 86 12.16 -8.40 55.24
C ARG F 86 11.56 -7.06 55.63
N GLU F 87 10.24 -7.01 55.83
CA GLU F 87 9.60 -5.79 56.32
C GLU F 87 10.03 -5.47 57.74
N LYS F 88 10.63 -6.41 58.45
CA LYS F 88 11.14 -6.19 59.79
C LYS F 88 12.30 -5.22 59.78
N ALA F 89 12.58 -4.65 58.62
CA ALA F 89 13.47 -3.51 58.51
C ALA F 89 12.81 -2.22 58.99
N LYS F 90 11.80 -2.36 59.85
CA LYS F 90 11.11 -1.22 60.46
C LYS F 90 10.45 -0.36 59.39
N ARG F 91 9.36 -0.86 58.82
CA ARG F 91 8.55 -0.08 57.89
C ARG F 91 7.21 0.33 58.46
N HIS F 92 6.70 -0.40 59.46
CA HIS F 92 5.56 0.09 60.22
C HIS F 92 5.94 1.36 60.98
N GLU F 93 7.07 1.34 61.67
CA GLU F 93 7.57 2.54 62.32
C GLU F 93 7.83 3.64 61.30
N ALA F 94 8.36 3.28 60.13
CA ALA F 94 8.53 4.26 59.05
C ALA F 94 7.19 4.86 58.64
N TRP F 95 6.11 4.10 58.76
CA TRP F 95 4.78 4.61 58.45
C TRP F 95 4.17 5.39 59.60
N ILE F 96 4.49 5.00 60.84
CA ILE F 96 4.00 5.74 62.01
C ILE F 96 4.77 7.05 62.17
N THR F 97 5.95 7.16 61.58
CA THR F 97 6.67 8.43 61.57
C THR F 97 5.92 9.49 60.77
N LEU F 98 5.43 9.12 59.59
CA LEU F 98 4.60 10.04 58.81
C LEU F 98 3.31 10.37 59.56
N GLU F 99 2.71 9.37 60.20
CA GLU F 99 1.43 9.57 60.88
C GLU F 99 1.60 10.45 62.11
N LYS F 100 2.71 10.30 62.83
CA LYS F 100 2.94 11.13 64.01
C LYS F 100 3.50 12.50 63.64
N ALA F 101 4.42 12.55 62.68
CA ALA F 101 4.96 13.84 62.24
C ALA F 101 3.95 14.68 61.48
N TYR F 102 2.82 14.09 61.07
CA TYR F 102 1.76 14.82 60.39
C TYR F 102 0.81 15.49 61.38
N GLU F 103 0.50 14.81 62.48
CA GLU F 103 -0.39 15.38 63.49
C GLU F 103 0.32 16.41 64.34
N ASP F 104 1.63 16.26 64.55
CA ASP F 104 2.40 17.24 65.29
C ASP F 104 2.85 18.41 64.42
N ALA F 105 2.73 18.30 63.11
CA ALA F 105 3.15 19.35 62.18
C ALA F 105 4.66 19.59 62.29
N GLU F 106 5.42 18.53 62.06
CA GLU F 106 6.88 18.58 62.14
C GLU F 106 7.48 17.88 60.92
N THR F 107 8.78 18.07 60.75
CA THR F 107 9.47 17.63 59.54
C THR F 107 9.90 16.17 59.65
N VAL F 108 10.17 15.58 58.49
CA VAL F 108 10.64 14.19 58.39
C VAL F 108 11.60 14.08 57.22
N THR F 109 12.73 13.42 57.45
CA THR F 109 13.77 13.28 56.44
C THR F 109 13.30 12.39 55.29
N GLY F 110 13.54 12.86 54.06
CA GLY F 110 13.24 12.09 52.86
C GLY F 110 14.10 12.59 51.72
N VAL F 111 14.17 11.79 50.66
CA VAL F 111 15.03 12.08 49.52
C VAL F 111 14.21 12.04 48.24
N ILE F 112 14.43 13.03 47.37
CA ILE F 112 13.72 13.14 46.09
C ILE F 112 14.48 12.32 45.06
N ASN F 113 13.91 11.17 44.69
CA ASN F 113 14.58 10.26 43.77
C ASN F 113 14.51 10.74 42.33
N GLY F 114 13.30 10.87 41.79
CA GLY F 114 13.13 11.26 40.41
C GLY F 114 11.81 11.97 40.19
N LYS F 115 11.66 12.52 38.99
CA LYS F 115 10.50 13.30 38.62
C LYS F 115 9.37 12.39 38.16
N VAL F 116 8.15 12.92 38.18
CA VAL F 116 6.96 12.18 37.75
C VAL F 116 5.98 13.16 37.13
N LYS F 117 4.75 12.69 36.85
CA LYS F 117 3.77 13.53 36.17
C LYS F 117 3.44 14.77 36.99
N GLY F 118 2.89 14.57 38.20
CA GLY F 118 2.44 15.71 38.99
C GLY F 118 3.58 16.57 39.51
N GLY F 119 4.75 15.98 39.72
CA GLY F 119 5.88 16.71 40.26
C GLY F 119 7.10 15.87 40.47
N PHE F 120 7.18 15.19 41.62
CA PHE F 120 8.32 14.36 41.95
C PHE F 120 7.89 13.20 42.82
N THR F 121 8.75 12.18 42.88
CA THR F 121 8.60 11.06 43.78
C THR F 121 9.58 11.21 44.94
N VAL F 122 9.10 11.02 46.17
CA VAL F 122 9.92 11.16 47.35
C VAL F 122 9.79 9.90 48.19
N GLU F 123 10.90 9.51 48.82
CA GLU F 123 10.95 8.33 49.68
C GLU F 123 11.32 8.76 51.08
N LEU F 124 10.43 8.48 52.04
CA LEU F 124 10.64 8.84 53.45
C LEU F 124 10.58 7.55 54.27
N ASN F 125 11.75 7.04 54.63
CA ASN F 125 11.88 5.84 55.47
C ASN F 125 11.30 4.61 54.77
N GLY F 126 11.45 4.54 53.45
CA GLY F 126 10.86 3.48 52.67
C GLY F 126 9.45 3.75 52.20
N ILE F 127 8.84 4.85 52.62
CA ILE F 127 7.49 5.21 52.19
C ILE F 127 7.61 6.10 50.97
N ARG F 128 6.86 5.76 49.92
CA ARG F 128 6.79 6.57 48.72
C ARG F 128 5.71 7.63 48.88
N ALA F 129 6.08 8.89 48.68
CA ALA F 129 5.17 10.03 48.77
C ALA F 129 5.22 10.80 47.46
N PHE F 130 4.38 11.83 47.37
CA PHE F 130 4.23 12.62 46.15
C PHE F 130 4.53 14.09 46.47
N LEU F 131 5.51 14.66 45.77
CA LEU F 131 5.83 16.07 45.91
C LEU F 131 5.15 16.83 44.77
N PRO F 132 4.11 17.60 45.06
CA PRO F 132 3.27 18.17 44.00
C PRO F 132 4.01 19.14 43.08
N GLY F 133 3.32 19.52 42.00
CA GLY F 133 3.80 20.56 41.11
C GLY F 133 3.92 21.88 41.84
N SER F 134 5.08 22.52 41.75
CA SER F 134 5.40 23.62 42.65
C SER F 134 5.43 23.08 44.06
N LEU F 135 5.42 23.95 45.07
CA LEU F 135 5.49 23.51 46.45
C LEU F 135 6.80 22.77 46.72
N VAL F 136 7.79 22.97 45.86
CA VAL F 136 9.08 22.29 45.91
C VAL F 136 10.16 23.34 46.04
N ASP F 137 10.83 23.38 47.19
CA ASP F 137 11.93 24.30 47.41
C ASP F 137 11.46 25.75 47.46
N VAL F 138 12.38 26.66 47.76
CA VAL F 138 12.06 28.08 47.85
C VAL F 138 11.82 28.68 46.48
N HIS F 146 22.27 16.58 36.80
CA HIS F 146 23.29 15.55 36.93
C HIS F 146 23.62 15.27 38.39
N LEU F 147 22.75 14.51 39.05
CA LEU F 147 22.96 14.10 40.45
C LEU F 147 22.78 15.27 41.41
N GLU F 148 21.95 15.09 42.44
CA GLU F 148 21.16 13.87 42.64
C GLU F 148 19.72 14.34 43.00
N GLY F 149 19.01 13.80 44.01
CA GLY F 149 19.42 12.74 44.92
C GLY F 149 20.07 13.26 46.19
N LYS F 150 19.29 13.98 47.00
CA LYS F 150 19.82 14.59 48.22
C LYS F 150 18.79 14.46 49.33
N GLU F 151 19.29 14.30 50.55
CA GLU F 151 18.41 14.21 51.71
C GLU F 151 17.84 15.59 52.05
N LEU F 152 16.55 15.63 52.36
CA LEU F 152 15.87 16.88 52.63
C LEU F 152 14.79 16.67 53.68
N GLU F 153 14.49 17.72 54.43
CA GLU F 153 13.45 17.71 55.44
C GLU F 153 12.12 18.09 54.80
N PHE F 154 11.18 17.16 54.81
CA PHE F 154 9.86 17.34 54.22
C PHE F 154 8.80 17.47 55.31
N LYS F 155 7.69 18.13 54.96
CA LYS F 155 6.52 18.24 55.81
C LYS F 155 5.33 17.61 55.10
N VAL F 156 4.59 16.79 55.83
CA VAL F 156 3.47 16.03 55.26
C VAL F 156 2.20 16.88 55.33
N ILE F 157 1.52 17.01 54.20
CA ILE F 157 0.32 17.84 54.09
C ILE F 157 -0.94 16.98 54.05
N LYS F 158 -0.95 15.94 53.21
CA LYS F 158 -2.13 15.08 53.05
C LYS F 158 -1.67 13.64 53.04
N LEU F 159 -2.22 12.83 53.96
CA LEU F 159 -1.75 11.47 54.20
C LEU F 159 -2.95 10.54 54.21
N ASP F 160 -3.16 9.81 53.12
CA ASP F 160 -4.25 8.83 53.05
C ASP F 160 -3.79 7.56 53.74
N GLN F 161 -4.41 7.27 54.88
CA GLN F 161 -3.98 6.15 55.72
C GLN F 161 -4.17 4.80 55.03
N LYS F 162 -5.27 4.66 54.28
CA LYS F 162 -5.69 3.36 53.77
C LYS F 162 -5.19 3.04 52.38
N ARG F 163 -4.95 4.05 51.53
CA ARG F 163 -4.63 3.82 50.13
C ARG F 163 -3.18 4.19 49.78
N ASN F 164 -2.30 4.28 50.78
CA ASN F 164 -0.87 4.42 50.55
C ASN F 164 -0.47 5.73 49.89
N ASN F 165 -1.45 6.52 49.45
CA ASN F 165 -1.14 7.78 48.78
C ASN F 165 -0.82 8.85 49.81
N VAL F 166 0.37 9.44 49.70
CA VAL F 166 0.83 10.48 50.62
C VAL F 166 1.42 11.61 49.79
N VAL F 167 1.01 12.84 50.08
CA VAL F 167 1.56 14.03 49.46
C VAL F 167 2.29 14.83 50.52
N VAL F 168 3.54 15.20 50.22
CA VAL F 168 4.37 15.99 51.11
C VAL F 168 4.77 17.28 50.40
N SER F 169 4.96 18.33 51.18
CA SER F 169 5.39 19.61 50.67
C SER F 169 6.77 19.93 51.21
N ARG F 170 7.61 20.55 50.38
CA ARG F 170 8.92 20.98 50.82
C ARG F 170 8.78 22.25 51.65
N ARG F 171 9.86 22.99 51.83
CA ARG F 171 9.84 24.22 52.64
C ARG F 171 9.81 23.88 54.13
#